data_6H67
#
_entry.id   6H67
#
_cell.length_a   1.00
_cell.length_b   1.00
_cell.length_c   1.00
_cell.angle_alpha   90.00
_cell.angle_beta   90.00
_cell.angle_gamma   90.00
#
_symmetry.space_group_name_H-M   'P 1'
#
loop_
_entity.id
_entity.type
_entity.pdbx_description
1 polymer 'DNA-directed RNA polymerase I subunit RPA190'
2 polymer 'DNA-directed RNA polymerase I subunit RPA135'
3 polymer 'DNA-directed RNA polymerases I and III subunit RPAC1'
4 polymer 'DNA-directed RNA polymerase I subunit RPA14'
5 polymer 'DNA-directed RNA polymerases I, II, and III subunit RPABC1'
6 polymer 'DNA-directed RNA polymerases I, II, and III subunit RPABC2'
7 polymer 'DNA-directed RNA polymerase I subunit RPA43'
8 polymer 'DNA-directed RNA polymerases I, II, and III subunit RPABC3'
9 polymer 'DNA-directed RNA polymerase I subunit RPA12'
10 polymer 'DNA-directed RNA polymerases I, II, and III subunit RPABC5'
11 polymer 'DNA-directed RNA polymerases I and III subunit RPAC2'
12 polymer 'DNA-directed RNA polymerases I, II, and III subunit RPABC4'
13 polymer 'DNA-directed RNA polymerase I subunit RPA49'
14 polymer 'DNA-directed RNA polymerase I subunit RPA34'
15 polymer RNA
16 polymer 'Template DNA'
17 polymer 'Non-template DNA'
18 non-polymer 'ZINC ION'
19 non-polymer 'MAGNESIUM ION'
#
loop_
_entity_poly.entity_id
_entity_poly.type
_entity_poly.pdbx_seq_one_letter_code
_entity_poly.pdbx_strand_id
1 'polypeptide(L)'
;MDISKPVGSEITSVDFGILTAKEIRNLSAKQITNPTVLDNLGHPVSGGLYDLALGAFLRNLCSTCGLDEKFCPGHQGHIE
LPVPCYNPLFFNQLYIYLRASCLFCHHFRLKSVEVHRYACKLRLLQYGLIDESYKLDEITLGSLNSSMYTDDEAIEDNED
EMDGEGSKQSKDISSTLLNELKSKRSEYVDMAIAKALSDGRTTERGSFTATVNDERKKLVHEFHKKLLSRGKCDNCGMFS
PKFRKDGFTKIFETALNEKQITNNRVKGFIRQDMIKKQKQAKKLDGSNEASANDEESFDVGRNPTTRPKTGSTYILSTEV
KNILDTVFRKEQCVLQYVFHSRPNLSRKLVKADSFFMDVLVVPPTRFRLPSKLGEEVHENSQNQLLSKVLTTSLLIRDLN
DDLSKLQKDKVSLEDRRVIFSRLMNAFVTIQNDVNAFIDSTKAQGRTSGKVPIPGVKQALEKKEGLFRKHMMGKRVNYAA
RSVISPDPNIETNEIGVPPVFAVKLTYPEPVTAYNIAELRQAVINGPDKWPGATQIQNEDGSLVSLIGMSVEQRKALANQ
LLTPSSNVSTHTLNKKVYRHIKNRDVVLMNRQPTLHKASMMGHKVRVLPNEKTLRLHYANTGAYNADFDGDEMNMHFPQN
ENARAEALNLANTDSQYLTPTSGSPVRGLIQDHISAGVWLTSKDSFFTREQYQQYIYGCIRPEDGHTTRSKIVTLPPTIF
KPYPLWTGKQIITTVLLNVTPPDMPGINLISKNKIKNEYWGKGSLENEVLFKDGALLCGILDKSQYGASKYGIVHSLHEV
YGPEVAAKVLSVLGRLFTNYITATAFTCGMDDLRLTAEGNKWRTDILKTSVDTGREAAAEVTNLDKDTPADDPELLKRLQ
EILRDNNKSGILDAVTSSKVNAITSQVVSKCVPDGTMKKFPCNSMQAMALSGAKGSNVNVSQIMCLLGQQALEGRRVPVM
VSGKTLPSFKPYETDAMAGGYVKGRFYSGIKPQEYYFHCMAGREGLIDTAVKTSRSGYLQRCLTKQLEGVHVSYDNSIRD
ADGTLVQFMYGGDAIDITKESHMTQFEFCLDNYYALLKKYNPSALIEHLDVESALKYSKKTLKYRKKHSKEPHYKQSVKY
DPVLAKYNPAKYLGSVSENFQDKLESFLDKNSKLFKSSDGVNEKKFRALMQLKYMRSLINPGEAVGIIASQSVGEPSTQM
TLNTFHFAGHGAANVTLGIPRLREIVMTASAAIKTPQMTLPIWNDVSDEQADTFCKSISKVLLSEVIDKVIVTETTGTSN
TAGGNAARSYVIHMRFFDNNEYSEEYDVSKEELQNVISNQFIHLLEAAIVKEIKKQKRTTGPDIGVAVPRLQTDVANSSS
NSKRLEEDNDEEQSHKKTKQAVSYDEPDEDEIETMREAEKSSDEEGIDSDKESDSDSEDEDVDMNEQINKSIVEANNNMN
KVQRDRQSAIISHHRFITKYNFDDESGKWCEFKLELAADTEKLLMVNIVEEICRKSIIRQIPHIDRCVHPEPENGKRVLV
TEGVNFQAMWDQEAFIDVDGITSNDVAAVLKTYGVEAARNTIVNEINNVFSRYAISVSFRHLDLIADMMTRQGTYLAFNR
QGMETSTSSFMKMSYETTCQFLTKAVLDNEREQLDSPSARIVVGKLNNVGTGSFDVLAKVPNAA
;
A
2 'polypeptide(L)'
;MSKVIKPPGQARTADFRTLERESRFINPPKDKSAFPLLQEAVQPHIGSFNALTEGPDGGLLNLGVKDIGEKVIFDGKPLN
SEDEISNSGYLGNKLSVSVEQVSIAKPMSNDGVSSAVERKVYPSESRQRLTSYRGKLLLKLKWSVNNGEENLFEVRDCGG
LPVMLQSNRCHLNKMSPYELVQHKEESDEIGGYFIVNGIEKLIRMLIVQRRNHPMAIIRPSFANRGASYSHYGIQIRSVR
PDQTSQTNVLHYLNDGQVTFRFSWRKNEYLVPVVMILKALCHTSDREIFDGIIGNDVKDSFLTDRLELLLRGFKKRYPHL
QNRTQVLQYLGDKFRVVFQASPDQSDLEVGQEVLDRIVLVHLGKDGSQDKFRMLLFMIRKLYSLVAGECSPDNPDATQHQ
EVLLGGFLYGMILKEKIDEYLQNIIAQVRMDINRGMAINFKDKRYMSRVLMRVNENIGSKMQYFLSTGNLVSQSGLDLQQ
VSGYTVVAEKINFYRFISHFRMVHRGSFFAQLKTTTVRKLLPESWGFLCPVHTPDGSPCGLLNHFAHKCRISTQQSDVSR
IPSILYSLGVAPASHTFAAGPSLCCVQIDGKIIGWVSHEQGKIIADTLRYWKVEGKTPGLPIDLEIGYVPPSTRGQYPGL
YLFGGHSRMLRPVRYLPLDKEDIVGPFEQVYMNIAVTPQEIQNNVHTHVEFTPTNILSILANLTPFSDFNQSPRNMYQCQ
MGKQTMGTPGVALCHRSDNKLYRLQTGQTPIVKANLYDDYGMDNFPNGFNAVVAVISYTGYDMDDAMIINKSADERGFGY
GTMYKTEKVDLALNRNRGDPITQHFGFGNDEWPKEWLEKLDEDGLPYIGTYVEEGDPICAYFDDTLNKTKIKTYHSSEPA
YIEEVNLIGDESNKFQELQTVSIKYRIRRTPQIGDKFSSRHGQKGVCSRKWPTIDMPFSETGIQPDIIINPHAFPSRMTI
GMFVESLAGKAGALHGIAQDSTPWIFNEDDTPADYFGEQLAKAGYNYHGNEPMYSGATGEELRADIYVGVVYYQRLRHMV
NDKFQVRSTGPVNSLTMQPVKGRKRHGGIRVGEMERDALIGHGTSFLLQDRLLNSSDYTQASVCRECGSILTTQQSVPRI
GSISTVCCRRCSMRFEDAKKLLTKSEDGEKIFIDDSQIWEDGQGNKFVGGNETTTVAIPFVLKYLDSELSAMGIRLRYNV
EPK
;
B
3 'polypeptide(L)'
;MSNIVGIEYNRVTNTTSTDFPGFSKDAENEWNVEKFKKDFEVNISSLDAREANFDLINIDTSIANAFRRIMISEVPSVAA
EYVYFFNNTSVIQDEVLAHRIGLVPLKVDPDMLTWVDSNLPDDEKFTDENTIVLSLNVKCTRNPDAPKGSTDPKELYNNA
HVYARDLKFEPQGRQSTTFADCPVVPADPDILLAKLRPGQEISLKAHCILGIGGDHAKFSPVSTASYRLLPQINILQPIK
GESARRFQKCFPPGVIGIDEGSDEAYVKDARKDTVSREVLRYEEFADKVKLGRVRNHFIFNVESAGAMTPEEIFFKSVRI
LKNKAEYLKNCPITQ
;
C
4 'polypeptide(L)'
;MMKGSRRTGNNTATTLNTPVVIHATQLPQHVSTDEVLQFLESFIDEKENIIDSTTMNTISGNAADADAAAVANTSLNIDT
NLSSSISQLKRIQRDFKGLPPAQDFSAAPIQVSTTEKKETSIGVSATGGKKTTFADE
;
D
5 'polypeptide(L)'
;MDQENERNISRLWRAFRTVKEMVKDRGYFITQEEVELPLEDFKAKYCDSMGRPQRKMMSFQANPTEESISKFPDMGSLWV
EFCDEPSVGVKTMKTFVIHIQEKNFQTGIFVYQNNITPSAMKLVPSIPPATIETFNEAALVVNITHHELVPKHIRLSSDE
KRELLKRYRLKESQLPRIQRADPVALYLGLKRGEVVKIIRKSETSGRYASYRICM
;
E
6 'polypeptide(L)'
;MSDYEEAFNDGNENFEDFDVEHFSDEETYEEKPQFKDGETTDANGKTIVTGGNGPEDFQQHEQIRRKTLKEKAIPKDQRA
TTPYMTKYERARILGTRALQISMNAPVFVDLEGETDPLRIAMKELAEKKIPLVIRRYLPDGSFEDWSVEELIVDL
;
F
7 'polypeptide(L)'
;MSQVKRANENRETARFIKKHKKQVTNPIDEKNGTSNCIVRVPIALYVSLAPMYLENPLQGVMKQHLNPLVMKYNNKVGGV
VLGYEGLKILDADPLSKEDTSEKLIKITPDTPFGFTWCHVNLYVWQPQVGDVLEGYIFIQSASHIGLLIHDAFNASIKKN
NIPVDWTFVHNDVEEDADVINTDENNGNNNNEDNKDSNGGSNSLGKFSFGNRSLGHWVDSNGEPIDGKLRFTVRNVHTTG
RVVSVDGTLISDADEEGNGYNSSRSQAESLPIVSNKKIVFDDEVSIENKESHKELDLPEVKEDNGSEIVYEENTSESNDG
ESSDSD
;
G
8 'polypeptide(L)'
;MSNTLFDDIFQVSEVDPGRYNKVCRIEAASTTQDQCKLTLDINVELFPVAAQDSLTVTIASSLNLEDTPANDSSATRSWR
PPQAGDRSLADDYDYVMYGTAYKFEEVSKDLIAVYYSFGGLLMRLEGNYRNLNNLKQENAYLLIRR
;
H
9 'polypeptide(L)'
;MSVVGSLIFCLDCGDLLENPNAVLGSNVECSQCKAIYPKSQFSNLKVVTTTADDAFPSSLRAKKSVVKTSLKKNELKDGA
TIKEKCPQCGNEEMNYHTLQLRSADEGATVFYTCTSCGYKFRTNN
;
I
10 'polypeptide(L)' MIVPVRCFSCGKVVGDKWESYLNLLQEDELDEGTALSRLGLKRYCCRRMILTHVDLIEKFLRYNPLEKRD J
11 'polypeptide(L)'
;MTEDIEQKKTATEVTPQEPKHIQEEEEQDVDMTGDEEQEEEPDREKIKLLTQATSEDGTSASFQIVEEDHTLGNALRYVI
MKNPDVEFCGYSIPHPSENLLNIRIQTYGETTAVDALQKGLKDLMDLCDVVESKFTEKIKSM
;
K
12 'polypeptide(L)' MSREGFQIPTNLDAAAAGTSQARTATLKYICAECSSKLSLSRTDAVRCKDCGHRILLKARTKRLVQFEAR L
13 'polypeptide(L)'
;MSVKRSVSEIEIESVQDQPSVAVGSFFKGFRAPSDTTFDLYKKKKSEKDEFVLHGENERLEYEGYTDSSSQASNQYVVGL
FNPEKKSIQLYKAPVLVSKVVSKSSKNLRGPKIKSKSDTRPSALRNALGEAFGTKKAKKAIADLERNRIDSDKLTDSAID
IVDSVRTASKDLPTRAQLDEITSNDRPTPLANIDATDVEQIYPIESIIPKKELQFIRVSSILKEADKEKKLELFPYQNNS
KYVAKKLDSLTQPSQMTKLQLLYYLSLLLGVYENRRVNNKTKLLERLNSPPEILVDGILSRFTVIKPGQFGRSKDRSYFI
DPQNEDKILCYILAIIMHLDNFIVEITPLAHELNLKPSKVVSLFRVLGAIVKGATVAQAEAFGIPKSTAASYKIATMKVP
FKLPEMTRRGRGPRR
;
M
14 'polypeptide(L)'
;MSKLSKDYVSDSDSDDEVISNEFSIPDGFKKCKHLKNFPLNGDNKKKAKQQQVWLIKFPSNVDISKLKSLPVDFESSTTM
TIDKHDYKIMDDTDIESSLTQDNLSNMTLLVPSESKESLKIASTAKDNAPLQFDKVFSVSETAKIPAIDYSKVRVPRKDV
PKVEGLKLEHFATGYDAEDFHVAEEVKENKKEPKKRSHHDDEEESSEKKKKKKEKREKREKKDKKDKKKKHRD
;
N
15 'polyribonucleotide' AUCGAGAGGA R
16 'polydeoxyribonucleotide'
;(DC)(DG)(DC)(DT)(DC)(DT)(DG)(DC)(DT)(DC)(DC)(DT)(DT)(DC)(DT)(DC)(DC)(TTD)(DT)
(DC)(DC)(DT)(DC)(DT)(DC)(DG)(DA)(DT)(DG)(DG)(DC)(DT)(DA)(DT)(DG)(DA)(DG)(DA)(DT)
(DC)(DA)(DA)(DC)(DT)(DA)(DG)(DG)(DC)(DT)(DG)(DC)
;
T
17 'polydeoxyribonucleotide'
;(DG)(DC)(DA)(DG)(DC)(DC)(DT)(DA)(DG)(DT)(DT)(DG)(DA)(DT)(DC)(DT)(DC)(DA)(DT)(DA)
(DG)(DC)(DC)(DC)(DA)(DT)(DT)(DC)(DC)(DT)(DA)(DC)(DT)(DC)(DA)(DG)(DG)(DA)(DG)(DA)
(DA)(DG)(DG)(DA)(DG)(DC)(DA)(DG)(DA)(DG)(DC)(DG)
;
U
#
loop_
_chem_comp.id
_chem_comp.type
_chem_comp.name
_chem_comp.formula
A RNA linking ADENOSINE-5'-MONOPHOSPHATE 'C10 H14 N5 O7 P'
C RNA linking CYTIDINE-5'-MONOPHOSPHATE 'C9 H14 N3 O8 P'
DA DNA linking 2'-DEOXYADENOSINE-5'-MONOPHOSPHATE 'C10 H14 N5 O6 P'
DC DNA linking 2'-DEOXYCYTIDINE-5'-MONOPHOSPHATE 'C9 H14 N3 O7 P'
DG DNA linking 2'-DEOXYGUANOSINE-5'-MONOPHOSPHATE 'C10 H14 N5 O7 P'
DT DNA linking THYMIDINE-5'-MONOPHOSPHATE 'C10 H15 N2 O8 P'
G RNA linking GUANOSINE-5'-MONOPHOSPHATE 'C10 H14 N5 O8 P'
MG non-polymer 'MAGNESIUM ION' 'Mg 2'
TTD DNA linking 'CIS-SYN CYCLOBUTANE THYMINE DIMER' 'C20 H28 N4 O15 P2'
U RNA linking URIDINE-5'-MONOPHOSPHATE 'C9 H13 N2 O9 P'
ZN non-polymer 'ZINC ION' 'Zn 2'
#
# COMPACT_ATOMS: atom_id res chain seq x y z
N MET A 1 -7.08 -16.24 28.62
CA MET A 1 -7.12 -15.40 29.80
C MET A 1 -8.17 -15.90 30.75
N ASP A 2 -7.90 -15.83 32.05
CA ASP A 2 -8.90 -16.15 33.04
C ASP A 2 -8.69 -15.26 34.25
N ILE A 3 -9.76 -15.08 35.03
CA ILE A 3 -9.71 -14.30 36.24
C ILE A 3 -9.89 -15.17 37.48
N SER A 4 -10.64 -16.27 37.37
CA SER A 4 -10.82 -17.19 38.50
C SER A 4 -9.54 -17.91 38.90
N LYS A 5 -8.54 -17.95 38.02
CA LYS A 5 -7.26 -18.56 38.34
C LYS A 5 -6.15 -17.52 38.19
N PRO A 6 -5.57 -17.04 39.27
CA PRO A 6 -4.50 -16.05 39.17
C PRO A 6 -3.14 -16.67 38.89
N VAL A 7 -2.33 -15.93 38.15
CA VAL A 7 -0.98 -16.37 37.79
C VAL A 7 -0.10 -16.18 39.02
N GLY A 8 0.37 -17.29 39.58
CA GLY A 8 1.12 -17.26 40.82
C GLY A 8 2.49 -16.64 40.74
N SER A 9 3.34 -17.17 39.87
CA SER A 9 4.73 -16.75 39.79
C SER A 9 4.88 -15.63 38.77
N GLU A 10 6.13 -15.31 38.43
CA GLU A 10 6.42 -14.06 37.74
C GLU A 10 7.80 -14.15 37.10
N ILE A 11 7.85 -14.01 35.78
CA ILE A 11 9.12 -14.12 35.06
C ILE A 11 9.84 -12.79 35.10
N THR A 12 11.10 -12.81 35.55
CA THR A 12 11.85 -11.58 35.81
C THR A 12 12.91 -11.28 34.75
N SER A 13 13.72 -12.25 34.36
CA SER A 13 14.80 -11.95 33.43
C SER A 13 15.18 -13.20 32.66
N VAL A 14 15.76 -13.01 31.47
CA VAL A 14 16.01 -14.07 30.52
C VAL A 14 17.52 -14.14 30.24
N ASP A 15 18.09 -15.34 30.36
CA ASP A 15 19.52 -15.59 30.19
C ASP A 15 19.76 -16.47 28.98
N PHE A 16 20.90 -16.29 28.32
CA PHE A 16 21.19 -16.95 27.04
C PHE A 16 22.35 -17.93 27.22
N GLY A 17 22.04 -19.14 27.69
CA GLY A 17 23.04 -20.18 27.87
C GLY A 17 23.13 -21.11 26.68
N ILE A 18 24.08 -22.04 26.76
CA ILE A 18 24.35 -22.98 25.69
C ILE A 18 24.13 -24.40 26.19
N LEU A 19 23.35 -25.18 25.45
CA LEU A 19 23.30 -26.61 25.64
C LEU A 19 24.57 -27.25 25.07
N THR A 20 25.22 -28.06 25.89
CA THR A 20 26.24 -29.00 25.41
C THR A 20 25.72 -30.41 25.61
N ALA A 21 26.41 -31.36 24.98
CA ALA A 21 25.93 -32.74 24.90
C ALA A 21 25.90 -33.43 26.27
N LYS A 22 26.71 -32.98 27.22
CA LYS A 22 26.62 -33.47 28.58
C LYS A 22 25.28 -33.10 29.21
N GLU A 23 24.76 -31.92 28.87
CA GLU A 23 23.42 -31.54 29.34
C GLU A 23 22.34 -32.27 28.56
N ILE A 24 22.55 -32.44 27.25
CA ILE A 24 21.49 -32.93 26.37
C ILE A 24 21.24 -34.43 26.59
N ARG A 25 22.31 -35.20 26.82
CA ARG A 25 22.12 -36.64 27.00
C ARG A 25 21.41 -36.96 28.31
N ASN A 26 21.62 -36.16 29.35
CA ASN A 26 20.79 -36.30 30.54
C ASN A 26 19.41 -35.72 30.29
N LEU A 27 19.31 -34.76 29.37
CA LEU A 27 18.06 -34.04 29.14
C LEU A 27 17.06 -34.88 28.37
N SER A 28 17.44 -35.35 27.18
CA SER A 28 16.50 -35.85 26.20
C SER A 28 15.96 -37.24 26.57
N ALA A 29 14.95 -37.66 25.82
CA ALA A 29 14.22 -38.90 26.11
C ALA A 29 14.46 -40.01 25.12
N LYS A 30 14.78 -39.70 23.86
CA LYS A 30 14.93 -40.76 22.87
C LYS A 30 15.96 -40.36 21.83
N GLN A 31 16.90 -41.26 21.54
CA GLN A 31 17.80 -41.09 20.43
C GLN A 31 17.10 -41.47 19.14
N ILE A 32 17.34 -40.68 18.09
CA ILE A 32 16.67 -40.86 16.81
C ILE A 32 17.71 -41.20 15.76
N THR A 33 17.74 -42.46 15.33
CA THR A 33 18.72 -42.94 14.35
C THR A 33 18.09 -43.69 13.18
N ASN A 34 16.77 -43.67 13.04
CA ASN A 34 16.08 -44.50 12.08
C ASN A 34 15.32 -43.63 11.09
N PRO A 35 15.54 -43.78 9.78
CA PRO A 35 14.71 -43.08 8.80
C PRO A 35 13.34 -43.72 8.59
N THR A 36 13.03 -44.83 9.26
CA THR A 36 11.72 -45.46 9.18
C THR A 36 10.75 -44.63 10.02
N VAL A 37 10.23 -43.57 9.39
CA VAL A 37 9.32 -42.67 10.07
C VAL A 37 7.96 -43.34 10.24
N LEU A 38 7.33 -43.70 9.14
CA LEU A 38 6.09 -44.48 9.14
C LEU A 38 6.29 -45.68 8.24
N ASP A 39 5.76 -46.83 8.69
CA ASP A 39 5.88 -48.07 7.93
C ASP A 39 4.90 -48.09 6.77
N ASN A 40 4.82 -49.23 6.07
CA ASN A 40 3.80 -49.38 5.03
C ASN A 40 2.40 -49.48 5.62
N LEU A 41 2.29 -49.89 6.88
CA LEU A 41 0.99 -49.82 7.57
C LEU A 41 0.62 -48.38 7.89
N GLY A 42 1.60 -47.52 8.11
CA GLY A 42 1.35 -46.14 8.47
C GLY A 42 1.54 -45.82 9.93
N HIS A 43 1.90 -46.80 10.75
CA HIS A 43 2.04 -46.63 12.18
C HIS A 43 3.39 -46.01 12.53
N PRO A 44 3.48 -45.32 13.67
CA PRO A 44 4.77 -44.76 14.10
C PRO A 44 5.75 -45.86 14.49
N VAL A 45 6.93 -45.82 13.88
CA VAL A 45 7.96 -46.81 14.11
C VAL A 45 8.97 -46.22 15.08
N SER A 46 9.16 -46.88 16.22
CA SER A 46 10.02 -46.38 17.28
C SER A 46 11.47 -46.38 16.85
N GLY A 47 12.23 -45.42 17.38
CA GLY A 47 13.55 -45.12 16.90
C GLY A 47 13.60 -44.14 15.74
N GLY A 48 12.46 -43.89 15.09
CA GLY A 48 12.38 -42.97 13.98
C GLY A 48 11.88 -41.60 14.39
N LEU A 49 11.65 -40.77 13.37
CA LEU A 49 11.39 -39.35 13.60
C LEU A 49 10.02 -39.11 14.24
N TYR A 50 9.00 -39.84 13.82
CA TYR A 50 7.70 -39.73 14.47
C TYR A 50 7.55 -40.78 15.57
N ASP A 51 8.52 -40.85 16.46
CA ASP A 51 8.47 -41.81 17.55
C ASP A 51 7.38 -41.39 18.55
N LEU A 52 6.88 -42.39 19.27
CA LEU A 52 5.83 -42.17 20.25
C LEU A 52 6.37 -41.74 21.61
N ALA A 53 7.68 -41.70 21.76
CA ALA A 53 8.29 -41.16 22.96
C ALA A 53 8.66 -39.70 22.82
N LEU A 54 8.49 -39.11 21.63
CA LEU A 54 8.67 -37.69 21.41
C LEU A 54 7.36 -36.93 21.49
N GLY A 55 6.39 -37.45 22.22
CA GLY A 55 5.06 -36.87 22.31
C GLY A 55 3.99 -37.85 21.86
N ALA A 56 2.76 -37.36 21.85
CA ALA A 56 1.62 -38.17 21.47
C ALA A 56 1.46 -38.13 19.95
N PHE A 57 0.35 -38.67 19.47
CA PHE A 57 -0.03 -38.57 18.07
C PHE A 57 -1.56 -38.55 18.06
N LEU A 58 -2.16 -38.79 16.89
CA LEU A 58 -3.58 -38.58 16.71
C LEU A 58 -4.39 -39.64 17.46
N ARG A 59 -4.22 -40.90 17.08
CA ARG A 59 -4.89 -42.00 17.77
C ARG A 59 -4.01 -42.64 18.82
N ASN A 60 -2.71 -42.36 18.80
CA ASN A 60 -1.76 -42.99 19.70
C ASN A 60 -1.77 -42.29 21.05
N LEU A 61 -0.81 -42.64 21.90
CA LEU A 61 -0.53 -41.91 23.12
C LEU A 61 0.96 -41.60 23.13
N CYS A 62 1.42 -40.92 24.19
CA CYS A 62 2.82 -40.65 24.36
C CYS A 62 3.48 -41.77 25.15
N SER A 63 4.65 -42.19 24.70
CA SER A 63 5.39 -43.21 25.43
C SER A 63 6.18 -42.62 26.59
N THR A 64 6.46 -41.32 26.55
CA THR A 64 7.23 -40.67 27.60
C THR A 64 6.35 -40.20 28.75
N CYS A 65 5.31 -39.43 28.46
CA CYS A 65 4.47 -38.88 29.51
C CYS A 65 3.15 -39.61 29.69
N GLY A 66 2.63 -40.24 28.64
CA GLY A 66 1.43 -41.04 28.77
C GLY A 66 0.15 -40.24 28.94
N LEU A 67 -0.09 -39.30 28.04
CA LEU A 67 -1.32 -38.51 28.03
C LEU A 67 -1.80 -38.34 26.60
N ASP A 68 -3.04 -37.87 26.47
CA ASP A 68 -3.65 -37.60 25.17
C ASP A 68 -3.03 -36.35 24.52
N GLU A 69 -3.28 -36.21 23.21
CA GLU A 69 -2.63 -35.15 22.42
C GLU A 69 -3.14 -33.76 22.78
N LYS A 70 -4.31 -33.67 23.41
CA LYS A 70 -4.77 -32.40 23.96
C LYS A 70 -3.86 -31.91 25.08
N PHE A 71 -3.25 -32.83 25.83
CA PHE A 71 -2.52 -32.49 27.05
C PHE A 71 -1.04 -32.82 26.98
N CYS A 72 -0.52 -33.22 25.81
CA CYS A 72 0.87 -33.63 25.71
C CYS A 72 1.70 -32.55 25.04
N PRO A 73 2.60 -31.88 25.75
CA PRO A 73 3.41 -30.82 25.12
C PRO A 73 4.55 -31.33 24.26
N GLY A 74 4.82 -32.63 24.25
CA GLY A 74 5.88 -33.16 23.42
C GLY A 74 7.25 -33.07 24.04
N HIS A 75 8.14 -33.99 23.66
CA HIS A 75 9.47 -34.09 24.24
C HIS A 75 10.48 -34.18 23.11
N GLN A 76 11.72 -33.77 23.37
CA GLN A 76 12.70 -33.55 22.33
C GLN A 76 13.77 -34.63 22.31
N GLY A 77 14.21 -34.98 21.10
CA GLY A 77 15.15 -36.06 20.91
C GLY A 77 16.55 -35.57 20.60
N HIS A 78 17.49 -36.50 20.54
CA HIS A 78 18.87 -36.15 20.24
C HIS A 78 19.44 -37.14 19.22
N ILE A 79 19.91 -36.60 18.10
CA ILE A 79 20.66 -37.37 17.11
C ILE A 79 22.12 -37.33 17.53
N GLU A 80 22.66 -38.48 17.94
CA GLU A 80 24.08 -38.61 18.23
C GLU A 80 24.86 -38.51 16.93
N LEU A 81 25.53 -37.38 16.72
CA LEU A 81 26.37 -37.21 15.55
C LEU A 81 27.58 -38.14 15.62
N PRO A 82 28.07 -38.60 14.48
CA PRO A 82 29.32 -39.37 14.45
C PRO A 82 30.54 -38.51 14.75
N VAL A 83 30.59 -37.35 14.12
CA VAL A 83 31.74 -36.47 14.13
C VAL A 83 31.31 -35.23 14.90
N PRO A 84 32.18 -34.63 15.71
CA PRO A 84 31.90 -33.28 16.21
C PRO A 84 31.78 -32.28 15.07
N CYS A 85 30.58 -31.74 14.88
CA CYS A 85 30.28 -30.89 13.74
C CYS A 85 30.21 -29.43 14.15
N TYR A 86 30.59 -28.57 13.21
CA TYR A 86 30.54 -27.13 13.44
C TYR A 86 29.11 -26.66 13.59
N ASN A 87 28.83 -25.92 14.65
CA ASN A 87 27.58 -25.20 14.74
C ASN A 87 27.66 -24.05 13.75
N PRO A 88 26.80 -24.00 12.73
CA PRO A 88 26.98 -22.98 11.67
C PRO A 88 26.65 -21.56 12.09
N LEU A 89 26.11 -21.36 13.28
CA LEU A 89 26.00 -19.99 13.82
C LEU A 89 27.37 -19.47 14.21
N PHE A 90 28.14 -20.28 14.93
CA PHE A 90 29.34 -19.84 15.64
C PHE A 90 30.60 -19.95 14.79
N PHE A 91 30.47 -19.94 13.47
CA PHE A 91 31.59 -20.40 12.66
C PHE A 91 32.69 -19.37 12.51
N ASN A 92 32.35 -18.09 12.32
CA ASN A 92 33.39 -17.10 12.09
C ASN A 92 34.20 -16.83 13.34
N GLN A 93 33.61 -16.99 14.52
CA GLN A 93 34.36 -16.86 15.77
C GLN A 93 35.36 -18.00 15.91
N LEU A 94 34.95 -19.22 15.56
CA LEU A 94 35.87 -20.34 15.53
C LEU A 94 36.98 -20.12 14.52
N TYR A 95 36.65 -19.54 13.38
CA TYR A 95 37.64 -19.23 12.35
C TYR A 95 38.64 -18.20 12.84
N ILE A 96 38.18 -17.23 13.64
CA ILE A 96 39.08 -16.25 14.24
C ILE A 96 39.99 -16.89 15.27
N TYR A 97 39.43 -17.64 16.22
CA TYR A 97 40.26 -18.23 17.27
C TYR A 97 41.17 -19.34 16.75
N LEU A 98 40.85 -19.94 15.60
CA LEU A 98 41.75 -20.92 15.02
C LEU A 98 42.82 -20.25 14.17
N ARG A 99 42.47 -19.21 13.41
CA ARG A 99 43.47 -18.54 12.58
C ARG A 99 44.44 -17.71 13.40
N ALA A 100 44.07 -17.33 14.62
CA ALA A 100 44.92 -16.53 15.49
C ALA A 100 45.44 -17.30 16.69
N SER A 101 45.71 -18.60 16.51
CA SER A 101 46.28 -19.42 17.57
C SER A 101 47.65 -19.91 17.18
N CYS A 102 48.42 -20.32 18.19
CA CYS A 102 49.75 -20.88 18.00
C CYS A 102 49.69 -22.36 18.36
N LEU A 103 50.04 -23.22 17.39
CA LEU A 103 49.84 -24.66 17.52
C LEU A 103 50.77 -25.30 18.53
N PHE A 104 51.85 -24.63 18.90
CA PHE A 104 52.94 -25.24 19.66
C PHE A 104 52.85 -24.93 21.15
N CYS A 105 52.82 -23.64 21.50
CA CYS A 105 52.72 -23.26 22.91
C CYS A 105 51.30 -23.39 23.44
N HIS A 106 50.31 -23.49 22.54
CA HIS A 106 48.89 -23.61 22.86
C HIS A 106 48.36 -22.41 23.66
N HIS A 107 48.95 -21.25 23.40
CA HIS A 107 48.42 -19.94 23.73
C HIS A 107 48.23 -19.19 22.42
N PHE A 108 47.94 -17.90 22.50
CA PHE A 108 47.79 -17.14 21.28
C PHE A 108 49.15 -16.72 20.73
N ARG A 109 49.14 -16.25 19.47
CA ARG A 109 50.37 -15.76 18.85
C ARG A 109 50.85 -14.47 19.48
N LEU A 110 49.92 -13.64 19.95
CA LEU A 110 50.28 -12.34 20.49
C LEU A 110 50.89 -12.53 21.88
N LYS A 111 51.70 -11.56 22.28
CA LYS A 111 52.47 -11.64 23.52
C LYS A 111 51.56 -11.63 24.74
N SER A 112 52.02 -12.27 25.82
CA SER A 112 51.16 -12.54 26.96
C SER A 112 50.85 -11.29 27.79
N VAL A 113 51.70 -10.26 27.70
CA VAL A 113 51.48 -9.06 28.49
C VAL A 113 50.28 -8.29 27.96
N GLU A 114 50.17 -8.19 26.63
CA GLU A 114 49.02 -7.53 26.03
C GLU A 114 47.73 -8.31 26.27
N VAL A 115 47.83 -9.64 26.32
CA VAL A 115 46.66 -10.46 26.63
C VAL A 115 46.22 -10.23 28.07
N HIS A 116 47.19 -10.08 28.99
CA HIS A 116 46.86 -9.83 30.38
C HIS A 116 46.26 -8.43 30.57
N ARG A 117 46.73 -7.44 29.82
CA ARG A 117 46.14 -6.11 30.00
C ARG A 117 44.77 -6.00 29.34
N TYR A 118 44.52 -6.71 28.23
CA TYR A 118 43.16 -6.75 27.72
C TYR A 118 42.24 -7.52 28.66
N ALA A 119 42.79 -8.52 29.37
CA ALA A 119 42.00 -9.20 30.40
C ALA A 119 41.64 -8.26 31.54
N CYS A 120 42.59 -7.44 31.97
CA CYS A 120 42.31 -6.51 33.06
C CYS A 120 41.34 -5.41 32.64
N LYS A 121 41.47 -4.91 31.41
CA LYS A 121 40.54 -3.89 30.93
C LYS A 121 39.13 -4.44 30.77
N LEU A 122 38.99 -5.62 30.20
CA LEU A 122 37.66 -6.18 30.06
C LEU A 122 37.13 -6.77 31.37
N ARG A 123 37.96 -6.90 32.41
CA ARG A 123 37.43 -7.17 33.73
C ARG A 123 36.91 -5.88 34.38
N LEU A 124 37.62 -4.76 34.17
CA LEU A 124 37.13 -3.47 34.65
C LEU A 124 35.85 -3.05 33.93
N LEU A 125 35.64 -3.52 32.71
CA LEU A 125 34.40 -3.21 31.99
C LEU A 125 33.24 -4.14 32.36
N GLN A 126 33.26 -4.78 33.53
CA GLN A 126 32.10 -5.52 33.99
C GLN A 126 31.36 -4.84 35.13
N TYR A 127 32.06 -4.07 35.96
CA TYR A 127 31.43 -3.25 36.99
C TYR A 127 31.21 -1.83 36.53
N GLY A 128 31.41 -1.57 35.24
CA GLY A 128 31.23 -0.24 34.69
C GLY A 128 32.39 0.70 34.93
N LEU A 129 33.51 0.21 35.45
CA LEU A 129 34.58 1.09 35.88
C LEU A 129 35.39 1.55 34.66
N ILE A 130 34.84 2.56 33.99
CA ILE A 130 35.55 3.23 32.90
C ILE A 130 36.40 4.35 33.45
N ASP A 131 36.20 4.73 34.71
CA ASP A 131 37.09 5.66 35.40
C ASP A 131 38.48 5.07 35.56
N GLU A 132 38.56 3.76 35.70
CA GLU A 132 39.84 3.08 35.90
C GLU A 132 40.34 2.36 34.66
N SER A 133 39.53 2.22 33.62
CA SER A 133 39.92 1.44 32.44
C SER A 133 40.93 2.16 31.57
N TYR A 134 41.16 3.46 31.79
CA TYR A 134 42.20 4.17 31.08
C TYR A 134 43.31 4.65 31.99
N LYS A 135 43.14 4.52 33.32
CA LYS A 135 44.24 4.71 34.26
C LYS A 135 45.25 3.58 34.18
N LEU A 136 44.83 2.41 33.67
CA LEU A 136 45.69 1.24 33.63
C LEU A 136 46.81 1.39 32.60
N ASP A 137 46.63 2.22 31.58
CA ASP A 137 47.71 2.45 30.62
C ASP A 137 48.84 3.29 31.21
N GLU A 138 48.59 3.98 32.32
CA GLU A 138 49.60 4.76 33.02
C GLU A 138 50.37 3.94 34.04
N ILE A 139 50.39 2.63 33.91
CA ILE A 139 51.18 1.75 34.77
C ILE A 139 52.19 1.06 33.86
N THR A 140 53.43 1.56 33.85
CA THR A 140 54.52 1.02 33.06
C THR A 140 55.82 1.36 33.77
N LEU A 141 56.69 0.36 33.93
CA LEU A 141 57.99 0.59 34.55
C LEU A 141 58.91 1.39 33.63
N SER A 174 62.23 -7.73 30.12
CA SER A 174 63.08 -8.57 30.95
C SER A 174 62.53 -9.99 31.01
N SER A 175 62.63 -10.61 32.18
CA SER A 175 62.07 -11.95 32.37
C SER A 175 61.21 -12.04 33.62
N THR A 176 61.56 -11.30 34.67
CA THR A 176 60.86 -11.38 35.94
C THR A 176 60.21 -10.08 36.39
N LEU A 177 60.66 -8.92 35.89
CA LEU A 177 59.99 -7.68 36.21
C LEU A 177 58.63 -7.57 35.52
N LEU A 178 58.44 -8.29 34.41
CA LEU A 178 57.13 -8.34 33.78
C LEU A 178 56.13 -9.09 34.66
N ASN A 179 56.61 -10.06 35.44
CA ASN A 179 55.74 -10.73 36.40
C ASN A 179 55.30 -9.77 37.50
N GLU A 180 56.21 -8.89 37.94
CA GLU A 180 55.85 -7.87 38.91
C GLU A 180 54.90 -6.84 38.32
N LEU A 181 55.09 -6.51 37.03
CA LEU A 181 54.17 -5.64 36.31
C LEU A 181 52.77 -6.21 36.28
N LYS A 182 52.66 -7.50 35.96
CA LYS A 182 51.34 -8.13 35.87
C LYS A 182 50.71 -8.29 37.26
N SER A 183 51.53 -8.56 38.29
CA SER A 183 50.99 -8.64 39.64
C SER A 183 50.53 -7.28 40.15
N LYS A 184 51.22 -6.21 39.77
CA LYS A 184 50.83 -4.89 40.22
C LYS A 184 49.60 -4.38 39.48
N ARG A 185 49.50 -4.68 38.17
CA ARG A 185 48.26 -4.45 37.43
C ARG A 185 47.09 -5.20 38.05
N SER A 186 47.31 -6.47 38.42
CA SER A 186 46.22 -7.28 38.98
C SER A 186 45.78 -6.75 40.34
N GLU A 187 46.71 -6.38 41.22
CA GLU A 187 46.29 -5.83 42.50
C GLU A 187 45.76 -4.41 42.38
N TYR A 188 46.15 -3.67 41.33
CA TYR A 188 45.54 -2.37 41.06
C TYR A 188 44.09 -2.51 40.68
N VAL A 189 43.80 -3.44 39.75
CA VAL A 189 42.43 -3.74 39.37
C VAL A 189 41.63 -4.26 40.57
N ASP A 190 42.27 -5.07 41.41
CA ASP A 190 41.62 -5.59 42.62
C ASP A 190 41.23 -4.47 43.57
N MET A 191 42.16 -3.54 43.84
CA MET A 191 41.87 -2.48 44.79
C MET A 191 40.87 -1.48 44.21
N ALA A 192 40.89 -1.26 42.89
CA ALA A 192 39.92 -0.37 42.26
C ALA A 192 38.50 -0.94 42.34
N ILE A 193 38.35 -2.22 42.00
CA ILE A 193 37.02 -2.83 42.02
C ILE A 193 36.53 -2.99 43.46
N ALA A 194 37.44 -3.30 44.40
CA ALA A 194 37.04 -3.40 45.80
C ALA A 194 36.65 -2.05 46.38
N LYS A 195 37.30 -0.97 45.94
CA LYS A 195 36.88 0.36 46.38
C LYS A 195 35.53 0.73 45.80
N ALA A 196 35.29 0.40 44.53
CA ALA A 196 34.00 0.74 43.92
C ALA A 196 32.86 -0.10 44.47
N LEU A 197 33.15 -1.32 44.92
CA LEU A 197 32.12 -2.13 45.56
C LEU A 197 31.97 -1.83 47.04
N SER A 198 32.95 -1.15 47.65
CA SER A 198 32.84 -0.77 49.05
C SER A 198 31.78 0.30 49.25
N ASP A 199 31.79 1.33 48.39
CA ASP A 199 30.76 2.36 48.42
C ASP A 199 29.65 1.96 47.45
N GLY A 200 28.75 2.90 47.16
CA GLY A 200 27.61 2.59 46.31
C GLY A 200 27.80 2.93 44.85
N ARG A 201 28.99 2.69 44.30
CA ARG A 201 29.20 2.92 42.88
C ARG A 201 28.56 1.82 42.04
N THR A 202 28.68 0.57 42.47
CA THR A 202 28.26 -0.57 41.68
C THR A 202 27.77 -1.65 42.65
N THR A 203 26.66 -2.29 42.30
CA THR A 203 26.08 -3.32 43.14
C THR A 203 26.83 -4.64 42.94
N GLU A 204 26.27 -5.73 43.46
CA GLU A 204 26.97 -7.02 43.50
C GLU A 204 27.13 -7.62 42.11
N ARG A 205 26.12 -7.49 41.27
CA ARG A 205 26.08 -8.17 39.97
C ARG A 205 26.40 -7.22 38.81
N GLY A 206 27.30 -6.28 39.02
CA GLY A 206 27.78 -5.43 37.95
C GLY A 206 26.76 -4.39 37.50
N SER A 207 27.11 -3.73 36.40
CA SER A 207 26.25 -2.74 35.76
C SER A 207 26.62 -2.66 34.29
N PHE A 208 25.62 -2.71 33.41
CA PHE A 208 25.87 -2.87 31.98
C PHE A 208 24.92 -2.00 31.18
N THR A 209 25.45 -0.92 30.61
CA THR A 209 24.66 0.08 29.88
C THR A 209 25.22 0.26 28.47
N ALA A 210 24.73 1.29 27.77
CA ALA A 210 25.12 1.50 26.37
C ALA A 210 26.56 2.03 26.26
N THR A 211 26.99 2.83 27.23
CA THR A 211 28.37 3.31 27.25
C THR A 211 29.35 2.17 27.49
N VAL A 212 29.06 1.34 28.49
CA VAL A 212 29.83 0.15 28.80
C VAL A 212 29.90 -0.79 27.61
N ASN A 213 28.76 -1.00 26.96
CA ASN A 213 28.70 -1.92 25.83
C ASN A 213 29.42 -1.36 24.61
N ASP A 214 29.39 -0.04 24.41
CA ASP A 214 30.11 0.57 23.31
C ASP A 214 31.62 0.41 23.50
N GLU A 215 32.12 0.73 24.70
CA GLU A 215 33.54 0.58 24.98
C GLU A 215 33.98 -0.88 24.87
N ARG A 216 33.14 -1.80 25.33
CA ARG A 216 33.49 -3.21 25.29
C ARG A 216 33.54 -3.75 23.87
N LYS A 217 32.55 -3.39 23.04
CA LYS A 217 32.55 -3.83 21.65
C LYS A 217 33.72 -3.25 20.88
N LYS A 218 34.08 -1.99 21.16
CA LYS A 218 35.24 -1.39 20.49
C LYS A 218 36.54 -2.09 20.89
N LEU A 219 36.69 -2.42 22.18
CA LEU A 219 37.92 -3.09 22.62
C LEU A 219 38.01 -4.52 22.10
N VAL A 220 36.90 -5.25 22.07
CA VAL A 220 36.94 -6.63 21.57
C VAL A 220 37.17 -6.66 20.06
N HIS A 221 36.62 -5.67 19.33
CA HIS A 221 36.92 -5.57 17.90
C HIS A 221 38.39 -5.24 17.65
N GLU A 222 38.97 -4.34 18.46
CA GLU A 222 40.39 -4.03 18.28
C GLU A 222 41.28 -5.20 18.69
N PHE A 223 40.85 -5.97 19.69
CA PHE A 223 41.59 -7.15 20.14
C PHE A 223 41.63 -8.23 19.06
N HIS A 224 40.46 -8.60 18.52
CA HIS A 224 40.45 -9.59 17.46
C HIS A 224 40.96 -9.04 16.12
N LYS A 225 41.10 -7.72 15.98
CA LYS A 225 41.77 -7.21 14.79
C LYS A 225 43.28 -7.28 14.93
N LYS A 226 43.80 -7.03 16.14
CA LYS A 226 45.24 -7.15 16.36
C LYS A 226 45.71 -8.59 16.34
N LEU A 227 44.85 -9.53 16.73
CA LEU A 227 45.26 -10.95 16.72
C LEU A 227 45.44 -11.51 15.31
N LEU A 228 44.84 -10.92 14.29
CA LEU A 228 44.91 -11.46 12.94
C LEU A 228 46.14 -11.03 12.17
N SER A 229 47.05 -10.27 12.77
CA SER A 229 48.19 -9.70 12.08
C SER A 229 49.53 -10.28 12.51
N ARG A 230 49.72 -10.49 13.81
CA ARG A 230 50.99 -10.99 14.33
C ARG A 230 51.13 -12.47 14.01
N GLY A 231 51.70 -12.78 12.84
CA GLY A 231 51.84 -14.16 12.43
C GLY A 231 52.94 -14.89 13.17
N LYS A 232 54.10 -14.24 13.30
CA LYS A 232 55.21 -14.82 14.04
C LYS A 232 54.88 -14.86 15.53
N CYS A 233 55.16 -15.98 16.17
CA CYS A 233 54.77 -16.15 17.56
C CYS A 233 55.62 -15.28 18.48
N ASP A 234 54.98 -14.76 19.52
CA ASP A 234 55.64 -13.94 20.52
C ASP A 234 55.88 -14.70 21.81
N ASN A 235 55.85 -16.03 21.76
CA ASN A 235 56.11 -16.83 22.94
C ASN A 235 57.20 -17.85 22.67
N CYS A 236 57.31 -18.31 21.42
CA CYS A 236 58.35 -19.24 21.03
C CYS A 236 59.06 -18.88 19.74
N GLY A 237 58.47 -18.05 18.88
CA GLY A 237 59.08 -17.71 17.62
C GLY A 237 58.86 -18.72 16.52
N MET A 238 58.05 -19.75 16.76
CA MET A 238 57.74 -20.75 15.73
C MET A 238 56.66 -20.21 14.80
N PHE A 239 56.14 -21.08 13.94
CA PHE A 239 55.24 -20.65 12.87
C PHE A 239 54.08 -21.61 12.74
N SER A 240 52.88 -21.08 12.80
CA SER A 240 51.68 -21.83 12.49
C SER A 240 51.16 -21.38 11.12
N PRO A 241 50.70 -22.30 10.27
CA PRO A 241 50.39 -21.95 8.89
C PRO A 241 49.07 -21.19 8.74
N LYS A 242 48.94 -20.52 7.61
CA LYS A 242 47.73 -19.78 7.29
C LYS A 242 46.63 -20.69 6.78
N PHE A 243 45.39 -20.32 7.11
CA PHE A 243 44.21 -21.05 6.71
C PHE A 243 43.38 -20.18 5.78
N ARG A 244 42.70 -20.80 4.82
CA ARG A 244 41.76 -20.06 3.99
C ARG A 244 40.63 -20.98 3.57
N LYS A 245 39.41 -20.54 3.77
CA LYS A 245 38.25 -21.39 3.56
C LYS A 245 37.62 -21.13 2.20
N ASP A 246 37.00 -22.16 1.66
CA ASP A 246 36.30 -22.10 0.37
C ASP A 246 34.82 -22.33 0.65
N GLY A 247 34.03 -21.28 0.49
CA GLY A 247 32.62 -21.36 0.83
C GLY A 247 32.42 -21.32 2.33
N PHE A 248 32.04 -22.45 2.92
CA PHE A 248 31.82 -22.54 4.35
C PHE A 248 32.70 -23.58 5.01
N THR A 249 32.78 -24.79 4.46
CA THR A 249 33.31 -25.94 5.18
C THR A 249 34.77 -26.26 4.85
N LYS A 250 35.15 -26.23 3.56
CA LYS A 250 36.52 -26.55 3.15
C LYS A 250 37.50 -25.53 3.68
N ILE A 251 38.58 -26.01 4.30
CA ILE A 251 39.63 -25.14 4.84
C ILE A 251 40.94 -25.58 4.19
N PHE A 252 41.30 -24.92 3.09
CA PHE A 252 42.61 -25.12 2.49
C PHE A 252 43.70 -24.57 3.40
N GLU A 253 44.70 -25.40 3.67
CA GLU A 253 45.84 -25.01 4.50
C GLU A 253 46.98 -24.60 3.59
N THR A 254 47.33 -23.32 3.61
CA THR A 254 48.30 -22.77 2.67
C THR A 254 49.70 -23.20 3.06
N ALA A 255 50.51 -23.56 2.07
CA ALA A 255 51.87 -24.02 2.29
C ALA A 255 52.76 -22.89 2.83
N LEU A 256 53.72 -23.28 3.67
CA LEU A 256 54.56 -22.32 4.36
C LEU A 256 55.60 -21.72 3.41
N ASN A 257 56.23 -20.64 3.88
CA ASN A 257 57.33 -20.03 3.17
C ASN A 257 58.61 -20.82 3.43
N GLU A 258 59.61 -20.61 2.56
CA GLU A 258 60.88 -21.30 2.70
C GLU A 258 61.62 -20.85 3.94
N LYS A 259 61.66 -19.54 4.18
CA LYS A 259 62.34 -18.99 5.35
C LYS A 259 61.62 -19.35 6.64
N GLN A 260 60.31 -19.57 6.59
CA GLN A 260 59.58 -19.95 7.80
C GLN A 260 59.87 -21.40 8.19
N ILE A 261 59.94 -22.30 7.21
CA ILE A 261 60.35 -23.68 7.52
C ILE A 261 61.80 -23.71 7.96
N THR A 262 62.63 -22.84 7.39
CA THR A 262 64.02 -22.71 7.83
C THR A 262 64.11 -22.24 9.27
N ASN A 263 63.31 -21.24 9.65
CA ASN A 263 63.31 -20.74 11.01
C ASN A 263 62.68 -21.74 11.98
N ASN A 264 61.76 -22.57 11.49
CA ASN A 264 61.24 -23.66 12.31
C ASN A 264 62.32 -24.69 12.60
N ARG A 265 63.12 -25.06 11.61
CA ARG A 265 64.16 -26.04 11.84
C ARG A 265 65.43 -25.44 12.45
N VAL A 266 65.49 -24.12 12.60
CA VAL A 266 66.57 -23.52 13.39
C VAL A 266 66.24 -23.60 14.88
N LYS A 267 65.01 -23.27 15.26
CA LYS A 267 64.63 -23.24 16.67
C LYS A 267 64.57 -24.62 17.30
N GLY A 268 64.37 -25.67 16.50
CA GLY A 268 64.26 -27.01 17.03
C GLY A 268 65.59 -27.59 17.50
N SER A 312 46.01 -25.90 0.78
CA SER A 312 46.55 -26.97 -0.06
C SER A 312 46.08 -28.34 0.44
N THR A 313 45.70 -28.39 1.71
CA THR A 313 45.32 -29.63 2.37
C THR A 313 44.02 -29.45 3.10
N TYR A 314 43.03 -30.29 2.80
CA TYR A 314 41.79 -30.32 3.55
C TYR A 314 42.06 -30.81 4.96
N ILE A 315 41.33 -30.25 5.92
CA ILE A 315 41.54 -30.57 7.34
C ILE A 315 40.19 -30.87 7.97
N LEU A 316 40.19 -31.83 8.90
CA LEU A 316 38.96 -32.32 9.50
C LEU A 316 38.52 -31.39 10.63
N SER A 317 37.46 -31.79 11.33
CA SER A 317 36.95 -31.01 12.45
C SER A 317 37.42 -31.55 13.80
N THR A 318 37.77 -32.83 13.88
CA THR A 318 38.26 -33.40 15.14
C THR A 318 39.65 -32.89 15.46
N GLU A 319 40.49 -32.69 14.44
CA GLU A 319 41.78 -32.03 14.66
C GLU A 319 41.59 -30.60 15.13
N VAL A 320 40.65 -29.89 14.51
CA VAL A 320 40.35 -28.52 14.89
C VAL A 320 39.74 -28.47 16.29
N LYS A 321 38.91 -29.46 16.63
CA LYS A 321 38.37 -29.56 17.98
C LYS A 321 39.46 -29.77 19.01
N ASN A 322 40.43 -30.63 18.70
CA ASN A 322 41.53 -30.88 19.64
C ASN A 322 42.43 -29.66 19.79
N ILE A 323 42.72 -28.97 18.69
CA ILE A 323 43.56 -27.77 18.74
C ILE A 323 42.89 -26.68 19.56
N LEU A 324 41.62 -26.37 19.25
CA LEU A 324 40.97 -25.29 19.97
C LEU A 324 40.58 -25.67 21.39
N ASP A 325 40.41 -26.95 21.68
CA ASP A 325 40.22 -27.37 23.07
C ASP A 325 41.51 -27.19 23.86
N THR A 326 42.65 -27.53 23.25
CA THR A 326 43.93 -27.35 23.95
C THR A 326 44.25 -25.87 24.12
N VAL A 327 43.81 -25.03 23.18
CA VAL A 327 43.93 -23.59 23.34
C VAL A 327 43.06 -23.11 24.50
N PHE A 328 41.80 -23.56 24.56
CA PHE A 328 40.87 -23.00 25.54
C PHE A 328 41.14 -23.52 26.95
N ARG A 329 41.74 -24.70 27.10
CA ARG A 329 42.05 -25.20 28.43
C ARG A 329 43.18 -24.42 29.09
N LYS A 330 44.07 -23.81 28.32
CA LYS A 330 45.14 -22.99 28.84
C LYS A 330 44.77 -21.53 28.97
N GLU A 331 43.52 -21.17 28.69
CA GLU A 331 43.18 -19.76 28.44
C GLU A 331 41.87 -19.40 29.15
N GLN A 332 41.79 -19.71 30.45
CA GLN A 332 40.66 -19.20 31.23
C GLN A 332 40.75 -17.68 31.39
N CYS A 333 41.97 -17.14 31.33
CA CYS A 333 42.25 -15.75 31.67
C CYS A 333 41.52 -14.76 30.77
N VAL A 334 41.85 -14.73 29.48
CA VAL A 334 41.25 -13.71 28.61
C VAL A 334 39.87 -14.13 28.13
N LEU A 335 39.58 -15.43 28.07
CA LEU A 335 38.32 -15.89 27.52
C LEU A 335 37.25 -16.07 28.58
N GLN A 336 37.59 -15.86 29.85
CA GLN A 336 36.55 -15.62 30.85
C GLN A 336 36.02 -14.19 30.76
N TYR A 337 36.69 -13.34 30.00
CA TYR A 337 36.40 -11.91 29.93
C TYR A 337 35.93 -11.46 28.55
N VAL A 338 36.34 -12.15 27.48
CA VAL A 338 35.78 -11.88 26.16
C VAL A 338 34.36 -12.44 26.07
N PHE A 339 34.14 -13.63 26.60
CA PHE A 339 32.87 -14.33 26.45
C PHE A 339 31.92 -14.12 27.61
N HIS A 340 32.23 -13.21 28.53
CA HIS A 340 31.29 -12.89 29.62
C HIS A 340 31.37 -11.41 29.92
N SER A 341 30.33 -10.68 29.54
CA SER A 341 30.21 -9.25 29.78
C SER A 341 29.50 -8.95 31.10
N ARG A 342 29.55 -9.87 32.05
CA ARG A 342 29.01 -9.67 33.38
C ARG A 342 29.98 -10.27 34.38
N PRO A 343 29.88 -9.90 35.67
CA PRO A 343 30.57 -10.69 36.70
C PRO A 343 30.05 -12.11 36.79
N ASN A 344 30.90 -13.05 36.38
CA ASN A 344 30.52 -14.45 36.27
C ASN A 344 30.48 -15.04 37.68
N LEU A 345 29.28 -15.32 38.18
CA LEU A 345 29.14 -15.77 39.55
C LEU A 345 29.62 -17.20 39.72
N SER A 346 29.03 -18.14 38.97
CA SER A 346 29.33 -19.55 39.15
C SER A 346 30.69 -19.95 38.60
N ARG A 347 31.34 -19.07 37.82
CA ARG A 347 32.71 -19.24 37.33
C ARG A 347 32.86 -20.50 36.48
N LYS A 348 31.93 -20.68 35.55
CA LYS A 348 32.01 -21.83 34.66
C LYS A 348 33.12 -21.64 33.64
N LEU A 349 33.53 -22.74 33.02
CA LEU A 349 34.69 -22.74 32.16
C LEU A 349 34.29 -22.48 30.71
N VAL A 350 35.31 -22.31 29.87
CA VAL A 350 35.13 -22.00 28.46
C VAL A 350 35.70 -23.18 27.68
N LYS A 351 34.81 -24.01 27.16
CA LYS A 351 35.21 -25.15 26.34
C LYS A 351 35.04 -24.79 24.87
N ALA A 352 35.67 -25.59 24.02
CA ALA A 352 35.38 -25.53 22.60
C ALA A 352 34.13 -26.32 22.23
N ASP A 353 33.52 -27.02 23.20
CA ASP A 353 32.27 -27.74 22.97
C ASP A 353 31.08 -26.81 22.73
N SER A 354 31.22 -25.53 23.08
CA SER A 354 30.17 -24.59 22.73
C SER A 354 30.15 -24.31 21.24
N PHE A 355 31.31 -24.38 20.59
CA PHE A 355 31.36 -24.15 19.15
C PHE A 355 30.96 -25.37 18.35
N PHE A 356 31.22 -26.56 18.87
CA PHE A 356 31.05 -27.81 18.13
C PHE A 356 29.80 -28.55 18.58
N MET A 357 29.16 -29.24 17.64
CA MET A 357 27.93 -29.95 17.91
C MET A 357 28.18 -31.46 17.94
N ASP A 358 27.54 -32.12 18.90
CA ASP A 358 27.60 -33.57 19.02
C ASP A 358 26.24 -34.23 18.98
N VAL A 359 25.17 -33.53 19.34
CA VAL A 359 23.81 -34.04 19.25
C VAL A 359 22.92 -32.97 18.64
N LEU A 360 22.23 -33.34 17.56
CA LEU A 360 21.20 -32.46 17.00
C LEU A 360 19.91 -32.67 17.78
N VAL A 361 19.42 -31.63 18.44
CA VAL A 361 18.21 -31.77 19.25
C VAL A 361 17.01 -31.66 18.33
N VAL A 362 16.36 -32.79 18.10
CA VAL A 362 15.18 -32.84 17.24
C VAL A 362 13.97 -32.34 18.04
N PRO A 363 13.15 -31.45 17.47
CA PRO A 363 11.99 -30.89 18.19
C PRO A 363 10.94 -31.95 18.48
N PRO A 364 9.97 -31.65 19.37
CA PRO A 364 8.92 -32.63 19.66
C PRO A 364 7.95 -32.91 18.51
N THR A 365 6.91 -33.70 18.81
CA THR A 365 5.97 -34.12 17.78
C THR A 365 5.09 -32.96 17.34
N ARG A 366 4.49 -32.24 18.30
CA ARG A 366 3.50 -31.22 17.99
C ARG A 366 4.09 -29.96 17.37
N PHE A 367 5.38 -29.94 17.05
CA PHE A 367 5.95 -28.86 16.27
C PHE A 367 6.47 -29.35 14.93
N ARG A 368 6.14 -30.59 14.55
CA ARG A 368 6.58 -31.15 13.27
C ARG A 368 5.48 -31.93 12.55
N LEU A 369 4.22 -31.75 12.93
CA LEU A 369 3.12 -32.53 12.37
C LEU A 369 2.88 -32.17 10.91
N PRO A 370 2.38 -33.10 10.10
CA PRO A 370 2.11 -32.81 8.69
C PRO A 370 0.85 -31.97 8.53
N SER A 371 0.55 -31.64 7.28
CA SER A 371 -0.60 -30.80 6.95
C SER A 371 -1.83 -31.68 6.77
N LYS A 372 -2.81 -31.51 7.66
CA LYS A 372 -4.08 -32.20 7.54
C LYS A 372 -5.23 -31.30 7.95
N VAL A 377 -2.16 -34.33 1.84
CA VAL A 377 -1.32 -34.33 3.03
C VAL A 377 0.16 -34.38 2.64
N HIS A 378 0.91 -33.36 3.03
CA HIS A 378 2.35 -33.31 2.87
C HIS A 378 3.00 -33.38 4.24
N GLU A 379 4.06 -34.17 4.37
CA GLU A 379 4.76 -34.23 5.64
C GLU A 379 5.65 -33.00 5.81
N ASN A 380 6.21 -32.86 7.01
CA ASN A 380 7.01 -31.68 7.31
C ASN A 380 8.37 -31.78 6.62
N SER A 381 8.80 -30.69 5.99
CA SER A 381 10.07 -30.66 5.27
C SER A 381 11.27 -30.60 6.20
N GLN A 382 11.05 -30.41 7.50
CA GLN A 382 12.13 -30.56 8.47
C GLN A 382 12.54 -32.03 8.59
N ASN A 383 11.55 -32.92 8.48
CA ASN A 383 11.81 -34.35 8.57
C ASN A 383 12.62 -34.86 7.38
N GLN A 384 12.53 -34.18 6.24
CA GLN A 384 13.32 -34.60 5.07
C GLN A 384 14.80 -34.35 5.30
N LEU A 385 15.13 -33.20 5.91
CA LEU A 385 16.53 -32.92 6.21
C LEU A 385 17.04 -33.73 7.38
N LEU A 386 16.18 -34.02 8.38
CA LEU A 386 16.59 -34.97 9.42
C LEU A 386 16.79 -36.37 8.87
N SER A 387 16.01 -36.77 7.87
CA SER A 387 16.23 -38.07 7.24
C SER A 387 17.50 -38.09 6.40
N LYS A 388 17.87 -36.96 5.78
CA LYS A 388 19.15 -36.91 5.07
C LYS A 388 20.34 -36.99 6.04
N VAL A 389 20.23 -36.30 7.18
CA VAL A 389 21.27 -36.38 8.21
C VAL A 389 21.39 -37.79 8.75
N LEU A 390 20.26 -38.46 9.01
CA LEU A 390 20.33 -39.83 9.49
C LEU A 390 20.73 -40.82 8.40
N THR A 391 20.51 -40.49 7.14
CA THR A 391 21.05 -41.34 6.07
C THR A 391 22.57 -41.28 6.05
N THR A 392 23.13 -40.08 6.20
CA THR A 392 24.60 -39.98 6.29
C THR A 392 25.11 -40.60 7.59
N SER A 393 24.35 -40.49 8.67
CA SER A 393 24.75 -41.09 9.95
C SER A 393 24.73 -42.61 9.89
N LEU A 394 23.79 -43.19 9.15
CA LEU A 394 23.84 -44.64 9.03
C LEU A 394 24.85 -45.10 7.99
N LEU A 395 25.19 -44.26 7.01
CA LEU A 395 26.29 -44.58 6.11
C LEU A 395 27.62 -44.62 6.86
N ILE A 396 27.84 -43.66 7.77
CA ILE A 396 29.09 -43.68 8.52
C ILE A 396 29.07 -44.77 9.61
N ARG A 397 27.89 -45.09 10.18
CA ARG A 397 27.81 -46.24 11.09
C ARG A 397 28.05 -47.56 10.36
N ASP A 398 27.71 -47.63 9.07
CA ASP A 398 28.15 -48.76 8.26
C ASP A 398 29.66 -48.74 8.11
N LEU A 399 30.20 -47.67 7.55
CA LEU A 399 31.58 -47.68 7.05
C LEU A 399 32.60 -47.69 8.19
N ASN A 400 32.60 -46.66 9.03
CA ASN A 400 33.68 -46.51 10.00
C ASN A 400 33.52 -47.42 11.22
N ASP A 401 32.46 -48.22 11.29
CA ASP A 401 32.39 -49.32 12.24
C ASP A 401 32.75 -50.65 11.58
N ASP A 402 32.35 -50.85 10.34
CA ASP A 402 32.59 -52.12 9.65
C ASP A 402 33.92 -52.14 8.90
N LEU A 403 34.64 -51.02 8.84
CA LEU A 403 36.01 -51.03 8.34
C LEU A 403 37.03 -51.24 9.46
N SER A 404 36.71 -50.81 10.68
CA SER A 404 37.64 -50.96 11.79
C SER A 404 37.70 -52.42 12.26
N LYS A 405 36.60 -53.17 12.12
CA LYS A 405 36.63 -54.59 12.44
C LYS A 405 37.49 -55.36 11.45
N LEU A 406 37.60 -54.89 10.21
CA LEU A 406 38.57 -55.40 9.26
C LEU A 406 39.99 -55.15 9.73
N GLN A 407 40.91 -55.93 9.17
CA GLN A 407 42.31 -55.86 9.59
C GLN A 407 42.97 -54.57 9.11
N LYS A 408 43.96 -54.11 9.87
CA LYS A 408 44.82 -53.01 9.46
C LYS A 408 45.99 -53.48 8.60
N ASP A 409 46.05 -54.76 8.27
CA ASP A 409 47.07 -55.33 7.41
C ASP A 409 46.53 -55.71 6.04
N LYS A 410 45.32 -56.25 5.97
CA LYS A 410 44.72 -56.59 4.69
C LYS A 410 44.19 -55.33 3.98
N VAL A 411 43.65 -54.40 4.75
CA VAL A 411 43.24 -53.10 4.21
C VAL A 411 44.50 -52.24 4.20
N SER A 412 45.30 -52.35 3.14
CA SER A 412 46.65 -51.78 3.18
C SER A 412 46.89 -50.67 2.16
N LEU A 413 46.82 -50.95 0.86
CA LEU A 413 47.33 -50.00 -0.14
C LEU A 413 46.28 -49.55 -1.14
N GLU A 414 45.63 -50.47 -1.85
CA GLU A 414 44.61 -50.12 -2.82
C GLU A 414 43.23 -50.04 -2.20
N ASP A 415 43.13 -50.33 -0.91
CA ASP A 415 41.89 -50.17 -0.14
C ASP A 415 41.86 -48.84 0.59
N ARG A 416 42.77 -47.93 0.25
CA ARG A 416 42.86 -46.63 0.89
C ARG A 416 42.72 -45.46 -0.07
N ARG A 417 42.90 -45.68 -1.38
CA ARG A 417 42.70 -44.64 -2.38
C ARG A 417 41.25 -44.54 -2.82
N VAL A 418 40.39 -45.45 -2.36
CA VAL A 418 38.97 -45.45 -2.68
C VAL A 418 38.12 -45.32 -1.42
N ILE A 419 38.44 -46.09 -0.38
CA ILE A 419 37.64 -46.05 0.85
C ILE A 419 37.90 -44.76 1.61
N PHE A 420 39.16 -44.34 1.71
CA PHE A 420 39.46 -43.06 2.34
C PHE A 420 39.43 -41.90 1.34
N SER A 421 39.03 -42.17 0.10
CA SER A 421 38.52 -41.13 -0.79
C SER A 421 37.02 -40.96 -0.63
N ARG A 422 36.39 -41.79 0.20
CA ARG A 422 34.98 -41.69 0.53
C ARG A 422 34.75 -41.03 1.89
N LEU A 423 35.67 -41.18 2.84
CA LEU A 423 35.59 -40.41 4.08
C LEU A 423 36.04 -38.97 3.92
N MET A 424 36.65 -38.62 2.79
CA MET A 424 36.79 -37.24 2.38
C MET A 424 35.62 -36.80 1.51
N ASN A 425 34.57 -37.60 1.44
CA ASN A 425 33.36 -37.27 0.73
C ASN A 425 32.11 -37.57 1.55
N ALA A 426 32.22 -38.34 2.63
CA ALA A 426 31.10 -38.59 3.54
C ALA A 426 31.16 -37.72 4.77
N PHE A 427 32.21 -36.93 4.96
CA PHE A 427 32.20 -35.89 5.98
C PHE A 427 31.71 -34.57 5.43
N VAL A 428 31.74 -34.39 4.11
CA VAL A 428 31.08 -33.25 3.49
C VAL A 428 29.58 -33.36 3.69
N THR A 429 29.04 -34.57 3.62
CA THR A 429 27.60 -34.77 3.69
C THR A 429 27.07 -34.98 5.10
N ILE A 430 27.91 -34.90 6.13
CA ILE A 430 27.37 -34.89 7.49
C ILE A 430 27.46 -33.45 8.00
N GLN A 431 28.43 -32.70 7.51
CA GLN A 431 28.54 -31.30 7.89
C GLN A 431 27.56 -30.45 7.10
N ASN A 432 27.49 -30.68 5.79
CA ASN A 432 26.71 -29.84 4.90
C ASN A 432 25.21 -30.05 5.12
N ASP A 433 24.80 -31.23 5.54
CA ASP A 433 23.38 -31.43 5.82
C ASP A 433 22.96 -30.79 7.14
N VAL A 434 23.84 -30.73 8.13
CA VAL A 434 23.54 -29.96 9.34
C VAL A 434 23.53 -28.46 9.02
N ASN A 435 24.42 -28.03 8.11
CA ASN A 435 24.41 -26.65 7.65
C ASN A 435 23.09 -26.31 6.96
N ALA A 436 22.63 -27.17 6.06
CA ALA A 436 21.33 -26.96 5.42
C ALA A 436 20.18 -27.08 6.42
N PHE A 437 20.36 -27.86 7.49
CA PHE A 437 19.35 -27.92 8.55
C PHE A 437 19.23 -26.62 9.31
N ILE A 438 20.32 -25.87 9.47
CA ILE A 438 20.28 -24.60 10.20
C ILE A 438 20.50 -23.41 9.28
N ASP A 439 21.70 -23.30 8.69
CA ASP A 439 22.09 -22.09 7.93
C ASP A 439 22.01 -22.43 6.44
N SER A 440 20.80 -22.34 5.90
CA SER A 440 20.53 -22.94 4.60
C SER A 440 21.08 -22.15 3.43
N THR A 441 21.69 -21.00 3.66
CA THR A 441 22.34 -20.26 2.58
C THR A 441 23.60 -20.99 2.12
N LYS A 442 24.45 -21.39 3.08
CA LYS A 442 25.63 -22.19 2.79
C LYS A 442 25.19 -23.61 2.50
N ALA A 443 25.21 -23.99 1.22
CA ALA A 443 24.75 -25.31 0.81
C ALA A 443 25.54 -25.72 -0.42
N GLN A 444 25.04 -26.72 -1.15
CA GLN A 444 25.69 -27.25 -2.34
C GLN A 444 24.76 -27.07 -3.53
N GLY A 445 25.35 -26.76 -4.69
CA GLY A 445 24.58 -26.42 -5.86
C GLY A 445 23.90 -27.59 -6.54
N ARG A 446 23.11 -27.26 -7.56
CA ARG A 446 22.25 -28.18 -8.28
C ARG A 446 21.75 -27.45 -9.52
N THR A 447 21.36 -28.22 -10.54
CA THR A 447 20.49 -27.73 -11.60
C THR A 447 19.24 -27.08 -11.01
N SER A 448 18.92 -25.88 -11.48
CA SER A 448 17.96 -25.02 -10.79
C SER A 448 16.54 -25.57 -10.88
N GLY A 449 15.91 -25.75 -9.72
CA GLY A 449 14.58 -26.32 -9.60
C GLY A 449 13.58 -25.36 -8.98
N LYS A 450 12.50 -25.90 -8.41
CA LYS A 450 11.40 -25.09 -7.88
C LYS A 450 11.80 -24.21 -6.70
N VAL A 451 12.04 -24.82 -5.54
CA VAL A 451 12.23 -24.13 -4.26
C VAL A 451 13.21 -24.95 -3.42
N PRO A 452 14.30 -24.39 -2.93
CA PRO A 452 15.11 -25.09 -1.93
C PRO A 452 14.48 -25.00 -0.55
N ILE A 453 14.72 -26.04 0.25
CA ILE A 453 13.98 -26.24 1.51
C ILE A 453 14.51 -25.26 2.55
N PRO A 454 13.63 -24.57 3.28
CA PRO A 454 14.09 -23.64 4.31
C PRO A 454 14.62 -24.37 5.54
N GLY A 455 15.45 -23.65 6.30
CA GLY A 455 16.02 -24.15 7.53
C GLY A 455 15.35 -23.58 8.76
N VAL A 456 16.07 -23.63 9.88
CA VAL A 456 15.57 -23.06 11.12
C VAL A 456 15.84 -21.57 11.15
N LYS A 457 16.94 -21.13 10.54
CA LYS A 457 17.20 -19.70 10.39
C LYS A 457 16.17 -19.04 9.48
N GLN A 458 15.71 -19.76 8.45
CA GLN A 458 14.78 -19.17 7.50
C GLN A 458 13.38 -19.03 8.07
N ALA A 459 13.06 -19.71 9.16
CA ALA A 459 11.77 -19.60 9.81
C ALA A 459 11.75 -18.56 10.91
N LEU A 460 12.67 -17.60 10.88
CA LEU A 460 12.74 -16.58 11.93
C LEU A 460 12.94 -15.16 11.42
N GLU A 461 13.48 -14.95 10.23
CA GLU A 461 14.16 -13.69 9.95
C GLU A 461 13.27 -12.55 9.48
N LYS A 462 12.20 -12.81 8.75
CA LYS A 462 11.51 -11.75 8.02
C LYS A 462 10.03 -11.72 8.41
N LYS A 463 9.23 -11.02 7.60
CA LYS A 463 7.80 -10.89 7.84
C LYS A 463 7.10 -12.24 7.77
N GLU A 464 7.61 -13.17 6.98
CA GLU A 464 7.16 -14.55 7.01
C GLU A 464 7.85 -15.38 8.09
N GLY A 465 8.65 -14.74 8.94
CA GLY A 465 9.37 -15.46 9.97
C GLY A 465 8.52 -15.75 11.19
N LEU A 466 9.07 -15.51 12.37
CA LEU A 466 8.37 -15.82 13.60
C LEU A 466 8.14 -14.59 14.47
N PHE A 467 9.13 -13.72 14.60
CA PHE A 467 8.98 -12.52 15.41
C PHE A 467 7.97 -11.56 14.79
N ARG A 468 8.19 -11.20 13.53
CA ARG A 468 7.28 -10.30 12.84
C ARG A 468 6.06 -11.00 12.26
N LYS A 469 5.77 -12.23 12.67
CA LYS A 469 4.57 -12.91 12.20
C LYS A 469 3.78 -13.61 13.29
N HIS A 470 4.38 -13.99 14.43
CA HIS A 470 3.61 -14.68 15.45
C HIS A 470 3.87 -14.18 16.86
N MET A 471 4.76 -13.21 17.05
CA MET A 471 4.96 -12.56 18.34
C MET A 471 4.55 -11.11 18.34
N MET A 472 4.91 -10.38 17.29
CA MET A 472 4.47 -9.00 17.13
C MET A 472 3.06 -8.94 16.56
N GLY A 473 2.88 -9.44 15.33
CA GLY A 473 1.60 -9.36 14.66
C GLY A 473 0.78 -10.63 14.76
N LYS A 474 -0.20 -10.64 15.64
CA LYS A 474 -0.97 -11.83 15.93
C LYS A 474 -2.40 -11.71 15.41
N ARG A 475 -3.03 -12.86 15.19
CA ARG A 475 -4.43 -12.95 14.84
C ARG A 475 -5.21 -13.36 16.09
N VAL A 476 -6.24 -12.58 16.43
CA VAL A 476 -6.82 -12.66 17.77
C VAL A 476 -8.29 -13.02 17.70
N ASN A 477 -8.83 -13.38 18.86
CA ASN A 477 -10.24 -13.62 19.04
C ASN A 477 -10.96 -12.30 19.33
N TYR A 478 -12.29 -12.40 19.37
CA TYR A 478 -13.21 -11.35 19.82
C TYR A 478 -13.04 -10.07 19.02
N ALA A 479 -12.91 -10.20 17.71
CA ALA A 479 -12.66 -9.05 16.84
C ALA A 479 -13.56 -9.16 15.62
N ALA A 480 -14.55 -8.29 15.53
CA ALA A 480 -15.47 -8.30 14.41
C ALA A 480 -14.95 -7.40 13.29
N ARG A 481 -15.66 -7.40 12.16
CA ARG A 481 -15.27 -6.65 10.98
C ARG A 481 -16.46 -6.61 10.02
N SER A 482 -16.68 -5.45 9.40
CA SER A 482 -17.65 -5.31 8.31
C SER A 482 -17.26 -4.06 7.53
N VAL A 483 -18.19 -3.55 6.74
CA VAL A 483 -18.00 -2.30 6.02
C VAL A 483 -18.55 -1.18 6.92
N ILE A 484 -18.12 0.06 6.67
CA ILE A 484 -18.58 1.19 7.47
C ILE A 484 -19.58 2.02 6.69
N SER A 485 -20.41 2.75 7.43
CA SER A 485 -21.56 3.47 6.90
C SER A 485 -21.74 4.77 7.66
N PRO A 486 -22.39 5.76 7.04
CA PRO A 486 -22.70 7.01 7.75
C PRO A 486 -23.89 6.88 8.66
N ASP A 487 -23.82 7.56 9.81
CA ASP A 487 -24.98 7.67 10.69
C ASP A 487 -24.87 8.86 11.63
N PRO A 488 -25.42 10.02 11.27
CA PRO A 488 -25.36 11.19 12.17
C PRO A 488 -26.44 11.25 13.22
N ASN A 489 -27.20 10.18 13.44
CA ASN A 489 -28.17 10.14 14.52
C ASN A 489 -27.64 9.43 15.75
N ILE A 490 -26.35 9.10 15.77
CA ILE A 490 -25.69 8.57 16.95
C ILE A 490 -24.47 9.44 17.25
N GLU A 491 -24.19 9.60 18.55
CA GLU A 491 -23.24 10.59 19.03
C GLU A 491 -21.82 10.22 18.62
N THR A 492 -20.90 11.19 18.78
CA THR A 492 -19.54 11.03 18.31
C THR A 492 -18.71 10.03 19.11
N ASN A 493 -19.18 9.62 20.28
CA ASN A 493 -18.54 8.56 21.03
C ASN A 493 -19.28 7.23 20.93
N GLU A 494 -20.20 7.10 19.97
CA GLU A 494 -21.07 5.95 19.87
C GLU A 494 -20.75 5.14 18.63
N ILE A 495 -20.93 3.82 18.74
CA ILE A 495 -20.73 2.89 17.63
C ILE A 495 -22.06 2.23 17.31
N GLY A 496 -22.27 1.93 16.05
CA GLY A 496 -23.49 1.30 15.58
C GLY A 496 -23.25 -0.17 15.28
N VAL A 497 -23.94 -1.03 16.02
CA VAL A 497 -23.68 -2.46 16.00
C VAL A 497 -24.87 -3.17 15.36
N PRO A 498 -24.68 -3.87 14.24
CA PRO A 498 -25.76 -4.70 13.69
C PRO A 498 -25.98 -5.94 14.54
N PRO A 499 -27.19 -6.51 14.52
CA PRO A 499 -27.50 -7.61 15.44
C PRO A 499 -26.81 -8.92 15.10
N VAL A 500 -26.15 -9.03 13.94
CA VAL A 500 -25.20 -10.11 13.71
C VAL A 500 -24.15 -10.13 14.80
N PHE A 501 -23.48 -9.00 14.99
CA PHE A 501 -22.41 -8.93 15.96
C PHE A 501 -22.96 -8.80 17.36
N ALA A 502 -24.19 -8.28 17.51
CA ALA A 502 -24.80 -8.22 18.83
C ALA A 502 -25.19 -9.61 19.31
N VAL A 503 -25.49 -10.53 18.39
CA VAL A 503 -25.70 -11.91 18.78
C VAL A 503 -24.35 -12.60 19.04
N LYS A 504 -23.35 -12.33 18.19
CA LYS A 504 -22.20 -13.23 18.16
C LYS A 504 -21.20 -12.99 19.31
N LEU A 505 -20.69 -11.76 19.44
CA LEU A 505 -19.62 -11.49 20.41
C LEU A 505 -20.15 -11.51 21.84
N THR A 506 -19.36 -12.06 22.76
CA THR A 506 -19.76 -12.19 24.15
C THR A 506 -18.77 -11.50 25.07
N TYR A 507 -19.19 -11.33 26.33
CA TYR A 507 -18.39 -10.72 27.39
C TYR A 507 -18.62 -11.48 28.69
N PRO A 508 -17.56 -11.84 29.42
CA PRO A 508 -17.67 -12.63 30.66
C PRO A 508 -17.97 -11.86 31.96
N GLU A 509 -19.25 -11.61 32.22
CA GLU A 509 -19.52 -10.98 33.50
C GLU A 509 -19.62 -12.02 34.61
N PRO A 510 -19.05 -11.75 35.78
CA PRO A 510 -19.32 -12.57 36.95
C PRO A 510 -20.73 -12.34 37.48
N VAL A 511 -21.12 -13.20 38.41
CA VAL A 511 -22.45 -13.19 39.00
C VAL A 511 -22.34 -12.78 40.46
N THR A 512 -22.98 -11.67 40.82
CA THR A 512 -23.06 -11.15 42.17
C THR A 512 -24.34 -10.34 42.23
N ALA A 513 -25.00 -10.33 43.40
CA ALA A 513 -26.38 -9.89 43.59
C ALA A 513 -26.66 -8.45 43.16
N TYR A 514 -25.65 -7.64 42.84
CA TYR A 514 -25.91 -6.36 42.21
C TYR A 514 -26.18 -6.51 40.71
N ASN A 515 -25.90 -7.67 40.13
CA ASN A 515 -26.06 -7.92 38.70
C ASN A 515 -26.73 -9.27 38.49
N ILE A 516 -27.82 -9.51 39.23
CA ILE A 516 -28.51 -10.78 39.11
C ILE A 516 -29.71 -10.65 38.19
N ALA A 517 -30.31 -9.44 38.12
CA ALA A 517 -31.53 -9.26 37.35
C ALA A 517 -31.27 -9.36 35.86
N GLU A 518 -30.25 -8.63 35.38
CA GLU A 518 -29.92 -8.68 33.96
C GLU A 518 -29.34 -10.02 33.57
N LEU A 519 -28.70 -10.74 34.48
CA LEU A 519 -28.14 -12.03 34.09
C LEU A 519 -29.15 -13.16 34.16
N ARG A 520 -30.10 -13.11 35.11
CA ARG A 520 -31.25 -14.03 35.04
C ARG A 520 -32.05 -13.79 33.77
N GLN A 521 -32.29 -12.52 33.42
CA GLN A 521 -33.02 -12.23 32.19
C GLN A 521 -32.19 -12.58 30.95
N ALA A 522 -30.87 -12.51 31.04
CA ALA A 522 -30.02 -12.84 29.90
C ALA A 522 -29.91 -14.35 29.67
N VAL A 523 -29.93 -15.14 30.73
CA VAL A 523 -29.93 -16.59 30.53
C VAL A 523 -31.33 -17.05 30.12
N ILE A 524 -32.39 -16.41 30.61
CA ILE A 524 -33.74 -16.76 30.18
C ILE A 524 -33.95 -16.41 28.71
N ASN A 525 -33.44 -15.28 28.25
CA ASN A 525 -33.61 -14.89 26.86
C ASN A 525 -32.82 -15.80 25.92
N GLY A 526 -31.64 -16.22 26.32
CA GLY A 526 -30.94 -17.26 25.60
C GLY A 526 -29.97 -16.74 24.56
N PRO A 527 -29.55 -17.63 23.65
CA PRO A 527 -28.44 -17.31 22.75
C PRO A 527 -28.82 -16.35 21.63
N ASP A 528 -30.10 -16.13 21.36
CA ASP A 528 -30.48 -15.35 20.19
C ASP A 528 -31.50 -14.25 20.47
N LYS A 529 -31.95 -14.09 21.71
CA LYS A 529 -32.83 -12.99 22.07
C LYS A 529 -31.99 -11.97 22.85
N TRP A 530 -31.47 -11.00 22.11
CA TRP A 530 -30.67 -9.95 22.72
C TRP A 530 -31.54 -9.05 23.58
N PRO A 531 -31.17 -8.74 24.83
CA PRO A 531 -29.99 -9.13 25.64
C PRO A 531 -29.99 -10.57 26.10
N GLY A 532 -28.94 -11.31 25.77
CA GLY A 532 -28.89 -12.71 26.16
C GLY A 532 -27.50 -13.19 26.51
N ALA A 533 -27.35 -14.51 26.60
CA ALA A 533 -26.09 -15.12 26.99
C ALA A 533 -25.92 -16.43 26.24
N THR A 534 -24.69 -16.73 25.81
CA THR A 534 -24.40 -17.95 25.07
C THR A 534 -23.81 -19.05 25.93
N GLN A 535 -22.96 -18.72 26.90
CA GLN A 535 -22.26 -19.72 27.69
C GLN A 535 -22.31 -19.36 29.17
N ILE A 536 -22.14 -20.39 30.00
CA ILE A 536 -21.95 -20.19 31.44
C ILE A 536 -20.71 -20.96 31.84
N GLN A 537 -19.77 -20.28 32.47
CA GLN A 537 -18.55 -20.89 32.97
C GLN A 537 -18.73 -21.19 34.44
N ASN A 538 -18.59 -22.46 34.83
CA ASN A 538 -18.75 -22.87 36.21
C ASN A 538 -17.55 -22.42 37.05
N GLU A 539 -17.64 -22.66 38.36
CA GLU A 539 -16.51 -22.44 39.24
C GLU A 539 -15.39 -23.44 38.99
N ASP A 540 -15.72 -24.61 38.44
CA ASP A 540 -14.72 -25.61 38.12
C ASP A 540 -14.05 -25.36 36.77
N GLY A 541 -14.52 -24.38 36.00
CA GLY A 541 -13.91 -24.06 34.73
C GLY A 541 -14.50 -24.74 33.53
N SER A 542 -15.73 -25.25 33.63
CA SER A 542 -16.38 -25.95 32.53
C SER A 542 -17.29 -24.98 31.79
N LEU A 543 -17.22 -25.02 30.46
CA LEU A 543 -17.91 -24.05 29.61
C LEU A 543 -19.22 -24.68 29.12
N VAL A 544 -20.26 -24.56 29.95
CA VAL A 544 -21.56 -25.11 29.63
C VAL A 544 -22.24 -24.20 28.61
N SER A 545 -22.46 -24.72 27.41
CA SER A 545 -23.02 -23.93 26.32
C SER A 545 -24.53 -24.03 26.29
N LEU A 546 -25.17 -22.95 25.87
CA LEU A 546 -26.63 -22.84 25.90
C LEU A 546 -27.27 -23.03 24.54
N ILE A 547 -26.53 -23.57 23.56
CA ILE A 547 -27.00 -23.60 22.19
C ILE A 547 -28.09 -24.64 22.01
N GLY A 548 -27.79 -25.89 22.33
CA GLY A 548 -28.78 -26.95 22.16
C GLY A 548 -29.88 -26.96 23.20
N MET A 549 -29.75 -26.17 24.25
CA MET A 549 -30.70 -26.20 25.35
C MET A 549 -32.00 -25.50 24.97
N SER A 550 -33.10 -26.01 25.52
CA SER A 550 -34.42 -25.51 25.20
C SER A 550 -34.75 -24.31 26.08
N VAL A 551 -36.02 -23.90 26.08
CA VAL A 551 -36.45 -22.75 26.87
C VAL A 551 -36.42 -23.09 28.35
N GLU A 552 -36.97 -24.24 28.72
CA GLU A 552 -36.96 -24.64 30.12
C GLU A 552 -35.63 -25.24 30.56
N GLN A 553 -34.69 -25.43 29.63
CA GLN A 553 -33.32 -25.77 30.00
C GLN A 553 -32.41 -24.54 29.98
N ARG A 554 -33.00 -23.36 30.11
CA ARG A 554 -32.25 -22.14 30.39
C ARG A 554 -32.89 -21.44 31.59
N LYS A 555 -34.21 -21.58 31.73
CA LYS A 555 -34.92 -20.99 32.86
C LYS A 555 -34.68 -21.76 34.15
N ALA A 556 -34.17 -23.00 34.06
CA ALA A 556 -33.79 -23.74 35.24
C ALA A 556 -32.39 -23.40 35.71
N LEU A 557 -31.54 -22.88 34.82
CA LEU A 557 -30.16 -22.57 35.21
C LEU A 557 -30.06 -21.26 35.99
N ALA A 558 -30.94 -20.30 35.72
CA ALA A 558 -30.92 -19.03 36.43
C ALA A 558 -31.45 -19.13 37.85
N ASN A 559 -31.96 -20.28 38.25
CA ASN A 559 -32.40 -20.49 39.62
C ASN A 559 -31.33 -21.12 40.49
N GLN A 560 -30.11 -21.32 39.97
CA GLN A 560 -29.00 -21.78 40.80
C GLN A 560 -27.70 -21.02 40.53
N LEU A 561 -27.73 -19.93 39.76
CA LEU A 561 -26.54 -19.08 39.63
C LEU A 561 -26.25 -18.36 40.94
N LEU A 562 -27.29 -18.08 41.73
CA LEU A 562 -27.14 -17.30 42.95
C LEU A 562 -26.50 -18.13 44.06
N THR A 563 -26.91 -19.38 44.22
CA THR A 563 -26.40 -20.21 45.30
C THR A 563 -25.03 -20.77 44.92
N PRO A 564 -24.00 -20.54 45.73
CA PRO A 564 -22.69 -21.13 45.44
C PRO A 564 -22.60 -22.58 45.89
N SER A 565 -21.42 -23.16 45.78
CA SER A 565 -21.20 -24.56 46.17
C SER A 565 -20.55 -24.64 47.54
N SER A 566 -20.54 -25.86 48.10
CA SER A 566 -19.85 -26.15 49.34
C SER A 566 -18.41 -26.62 49.10
N ASN A 567 -17.83 -26.28 47.96
CA ASN A 567 -16.49 -26.73 47.61
C ASN A 567 -15.46 -25.93 48.39
N VAL A 568 -14.39 -26.61 48.80
CA VAL A 568 -13.34 -25.94 49.54
C VAL A 568 -12.52 -25.05 48.63
N SER A 569 -12.23 -25.52 47.42
CA SER A 569 -11.35 -24.77 46.52
C SER A 569 -12.08 -23.57 45.92
N THR A 570 -13.37 -23.70 45.63
CA THR A 570 -14.08 -22.65 44.93
C THR A 570 -15.24 -22.08 45.73
N HIS A 571 -15.01 -21.82 47.01
CA HIS A 571 -15.95 -21.03 47.80
C HIS A 571 -15.64 -19.54 47.71
N THR A 572 -14.64 -19.17 46.90
CA THR A 572 -14.20 -17.80 46.73
C THR A 572 -14.35 -17.35 45.28
N LEU A 573 -15.27 -17.94 44.54
CA LEU A 573 -15.44 -17.63 43.12
C LEU A 573 -16.93 -17.55 42.80
N ASN A 574 -17.23 -17.38 41.51
CA ASN A 574 -18.59 -17.23 41.02
C ASN A 574 -18.62 -17.58 39.54
N LYS A 575 -19.81 -17.97 39.07
CA LYS A 575 -19.96 -18.39 37.69
C LYS A 575 -19.89 -17.19 36.75
N LYS A 576 -19.22 -17.37 35.61
CA LYS A 576 -19.07 -16.31 34.64
C LYS A 576 -20.09 -16.50 33.53
N VAL A 577 -21.11 -15.65 33.51
CA VAL A 577 -22.09 -15.69 32.44
C VAL A 577 -21.53 -14.91 31.26
N TYR A 578 -21.49 -15.54 30.08
CA TYR A 578 -20.93 -14.87 28.91
C TYR A 578 -22.09 -14.19 28.20
N ARG A 579 -22.39 -12.96 28.61
CA ARG A 579 -23.53 -12.25 28.05
C ARG A 579 -23.18 -11.68 26.68
N HIS A 580 -24.19 -11.15 26.00
CA HIS A 580 -23.97 -10.54 24.71
C HIS A 580 -23.40 -9.14 24.87
N ILE A 581 -22.90 -8.59 23.77
CA ILE A 581 -22.57 -7.18 23.72
C ILE A 581 -23.86 -6.35 23.73
N LYS A 582 -23.93 -5.35 24.59
CA LYS A 582 -25.14 -4.56 24.77
C LYS A 582 -24.75 -3.10 24.82
N ASN A 583 -25.70 -2.24 25.19
CA ASN A 583 -25.51 -0.79 25.14
C ASN A 583 -24.60 -0.25 26.24
N ARG A 584 -24.11 -1.09 27.13
CA ARG A 584 -23.23 -0.65 28.20
C ARG A 584 -21.77 -0.67 27.79
N ASP A 585 -21.39 -1.56 26.89
CA ASP A 585 -19.99 -1.84 26.60
C ASP A 585 -19.38 -0.77 25.71
N VAL A 586 -18.14 -1.05 25.30
CA VAL A 586 -17.32 -0.14 24.52
C VAL A 586 -16.33 -0.98 23.73
N VAL A 587 -16.16 -0.67 22.47
CA VAL A 587 -15.26 -1.42 21.61
C VAL A 587 -14.07 -0.55 21.28
N LEU A 588 -13.08 -1.16 20.65
CA LEU A 588 -11.99 -0.46 20.02
C LEU A 588 -12.28 -0.44 18.53
N MET A 589 -11.74 0.55 17.85
CA MET A 589 -11.92 0.66 16.41
C MET A 589 -10.59 1.05 15.79
N ASN A 590 -10.38 0.62 14.55
CA ASN A 590 -9.04 0.43 14.02
C ASN A 590 -9.16 0.34 12.51
N ARG A 591 -8.60 1.29 11.77
CA ARG A 591 -8.58 1.23 10.32
C ARG A 591 -7.16 1.09 9.81
N GLN A 592 -6.94 0.07 9.03
CA GLN A 592 -5.64 -0.34 8.56
C GLN A 592 -5.39 0.20 7.17
N PRO A 593 -4.25 0.87 6.91
CA PRO A 593 -3.09 1.09 7.79
C PRO A 593 -3.27 2.19 8.81
N THR A 594 -2.62 2.02 9.96
CA THR A 594 -2.59 3.04 11.01
C THR A 594 -1.27 3.78 10.88
N LEU A 595 -1.31 4.95 10.26
CA LEU A 595 -0.12 5.76 10.13
C LEU A 595 0.17 6.57 11.38
N HIS A 596 -0.82 6.79 12.24
CA HIS A 596 -0.64 7.56 13.45
C HIS A 596 -1.64 7.08 14.49
N LYS A 597 -1.49 7.55 15.72
CA LYS A 597 -2.20 6.92 16.83
C LYS A 597 -3.65 7.37 16.95
N ALA A 598 -4.10 8.31 16.14
CA ALA A 598 -5.51 8.70 16.18
C ALA A 598 -6.38 7.83 15.29
N SER A 599 -5.78 6.85 14.61
CA SER A 599 -6.52 5.91 13.76
C SER A 599 -7.02 4.71 14.53
N MET A 600 -7.15 4.83 15.84
CA MET A 600 -7.58 3.71 16.67
C MET A 600 -8.12 4.28 17.95
N MET A 601 -9.43 4.14 18.17
CA MET A 601 -10.07 4.79 19.30
C MET A 601 -11.01 3.84 20.04
N GLY A 602 -11.77 4.35 20.98
CA GLY A 602 -12.74 3.54 21.70
C GLY A 602 -14.12 4.17 21.66
N HIS A 603 -15.12 3.33 21.44
CA HIS A 603 -16.45 3.79 21.05
C HIS A 603 -17.50 3.10 21.89
N LYS A 604 -18.40 3.87 22.50
CA LYS A 604 -19.50 3.28 23.26
C LYS A 604 -20.50 2.63 22.32
N VAL A 605 -21.23 1.64 22.83
CA VAL A 605 -21.97 0.70 21.99
C VAL A 605 -23.43 1.08 21.93
N ARG A 606 -23.95 1.23 20.70
CA ARG A 606 -25.37 1.18 20.42
C ARG A 606 -25.62 0.07 19.41
N VAL A 607 -26.62 -0.77 19.67
CA VAL A 607 -27.00 -1.85 18.77
C VAL A 607 -28.11 -1.36 17.85
N LEU A 608 -27.79 -1.20 16.56
CA LEU A 608 -28.77 -0.73 15.59
C LEU A 608 -29.43 -1.90 14.91
N PRO A 609 -30.76 -2.01 14.92
CA PRO A 609 -31.41 -3.25 14.53
C PRO A 609 -31.45 -3.47 13.02
N ASN A 610 -31.29 -4.75 12.66
CA ASN A 610 -31.54 -5.29 11.32
C ASN A 610 -30.66 -4.65 10.26
N GLU A 611 -29.35 -4.79 10.46
CA GLU A 611 -28.34 -4.30 9.53
C GLU A 611 -27.21 -5.32 9.45
N LYS A 612 -26.17 -4.98 8.69
CA LYS A 612 -24.92 -5.74 8.70
C LYS A 612 -23.66 -4.90 8.85
N THR A 613 -23.68 -3.63 8.47
CA THR A 613 -22.50 -2.78 8.54
C THR A 613 -22.37 -2.15 9.92
N LEU A 614 -21.12 -1.90 10.31
CA LEU A 614 -20.84 -1.00 11.42
C LEU A 614 -20.99 0.42 10.93
N ARG A 615 -21.43 1.33 11.81
CA ARG A 615 -21.61 2.69 11.35
C ARG A 615 -21.37 3.67 12.50
N LEU A 616 -20.91 4.87 12.11
CA LEU A 616 -20.32 5.86 13.00
C LEU A 616 -20.95 7.23 12.72
N HIS A 617 -20.49 8.24 13.45
CA HIS A 617 -20.80 9.63 13.16
C HIS A 617 -19.77 10.13 12.14
N TYR A 618 -19.72 11.43 11.86
CA TYR A 618 -18.78 11.95 10.88
C TYR A 618 -17.55 12.60 11.49
N ALA A 619 -17.55 12.82 12.81
CA ALA A 619 -16.37 13.40 13.45
C ALA A 619 -15.17 12.48 13.37
N ASN A 620 -15.40 11.17 13.41
CA ASN A 620 -14.31 10.21 13.37
C ASN A 620 -13.68 10.10 12.00
N THR A 621 -14.42 10.47 10.95
CA THR A 621 -14.06 10.17 9.58
C THR A 621 -13.13 11.18 8.95
N GLY A 622 -12.36 11.90 9.74
CA GLY A 622 -11.26 12.68 9.22
C GLY A 622 -9.98 12.18 9.86
N ALA A 623 -10.14 11.61 11.05
CA ALA A 623 -9.01 10.98 11.73
C ALA A 623 -8.61 9.68 11.05
N TYR A 624 -9.60 8.86 10.67
CA TYR A 624 -9.36 7.55 10.08
C TYR A 624 -8.98 7.63 8.61
N ASN A 625 -9.01 8.83 8.01
CA ASN A 625 -8.88 9.05 6.56
C ASN A 625 -9.91 8.20 5.80
N ALA A 626 -11.14 8.23 6.27
CA ALA A 626 -12.18 7.32 5.81
C ALA A 626 -13.17 8.05 4.91
N ASP A 627 -13.11 7.75 3.62
CA ASP A 627 -14.27 7.98 2.76
C ASP A 627 -15.21 6.79 2.90
N PHE A 628 -16.30 6.80 2.15
CA PHE A 628 -17.29 5.75 2.27
C PHE A 628 -17.49 4.99 0.97
N ASP A 629 -16.44 4.84 0.17
CA ASP A 629 -16.54 3.96 -0.98
C ASP A 629 -16.06 2.55 -0.63
N GLY A 630 -16.59 2.00 0.46
CA GLY A 630 -16.30 0.64 0.83
C GLY A 630 -15.07 0.48 1.70
N ASP A 631 -15.08 1.11 2.86
CA ASP A 631 -14.00 0.93 3.82
C ASP A 631 -14.40 -0.04 4.92
N GLU A 632 -13.42 -0.73 5.47
CA GLU A 632 -13.63 -1.77 6.45
C GLU A 632 -12.79 -1.47 7.69
N MET A 633 -13.34 -1.81 8.85
CA MET A 633 -12.68 -1.51 10.11
C MET A 633 -12.81 -2.68 11.08
N ASN A 634 -11.80 -2.85 11.93
CA ASN A 634 -11.74 -3.99 12.83
C ASN A 634 -12.23 -3.56 14.21
N MET A 635 -13.51 -3.81 14.48
CA MET A 635 -14.04 -3.67 15.82
C MET A 635 -13.42 -4.74 16.73
N HIS A 636 -12.55 -4.32 17.64
CA HIS A 636 -11.99 -5.21 18.65
C HIS A 636 -12.78 -5.04 19.94
N PHE A 637 -13.26 -6.12 20.50
CA PHE A 637 -14.05 -6.05 21.71
C PHE A 637 -13.25 -6.61 22.89
N PRO A 638 -12.74 -5.76 23.79
CA PRO A 638 -11.90 -6.26 24.89
C PRO A 638 -12.70 -7.00 25.95
N GLN A 639 -12.09 -8.05 26.52
CA GLN A 639 -12.81 -9.04 27.29
C GLN A 639 -12.75 -8.86 28.81
N ASN A 640 -11.87 -7.99 29.32
CA ASN A 640 -11.73 -7.84 30.76
C ASN A 640 -12.21 -6.45 31.20
N GLU A 641 -12.27 -6.25 32.51
CA GLU A 641 -12.69 -4.95 33.00
C GLU A 641 -11.57 -3.90 32.95
N ASN A 642 -10.31 -4.35 32.89
CA ASN A 642 -9.19 -3.43 32.84
C ASN A 642 -9.14 -2.66 31.53
N ALA A 643 -9.27 -3.36 30.40
CA ALA A 643 -9.19 -2.65 29.12
C ALA A 643 -10.43 -1.81 28.86
N ARG A 644 -11.61 -2.28 29.26
CA ARG A 644 -12.79 -1.43 29.11
C ARG A 644 -12.79 -0.29 30.11
N ALA A 645 -11.99 -0.37 31.17
CA ALA A 645 -11.75 0.80 32.00
C ALA A 645 -10.63 1.67 31.45
N GLU A 646 -9.84 1.15 30.51
CA GLU A 646 -8.85 1.98 29.82
C GLU A 646 -9.32 2.45 28.46
N ALA A 647 -10.28 1.78 27.84
CA ALA A 647 -10.80 2.27 26.57
C ALA A 647 -11.77 3.43 26.75
N LEU A 648 -12.28 3.63 27.96
CA LEU A 648 -13.21 4.71 28.26
C LEU A 648 -12.54 5.96 28.79
N ASN A 649 -11.27 5.88 29.18
CA ASN A 649 -10.60 7.04 29.74
C ASN A 649 -9.35 7.44 28.96
N LEU A 650 -8.47 6.49 28.66
CA LEU A 650 -7.20 6.82 28.04
C LEU A 650 -7.25 6.79 26.53
N ALA A 651 -8.23 6.10 25.96
CA ALA A 651 -8.29 5.98 24.51
C ALA A 651 -9.71 6.14 23.98
N ASN A 652 -10.60 6.78 24.73
CA ASN A 652 -11.92 7.06 24.17
C ASN A 652 -11.84 8.24 23.21
N THR A 653 -12.93 8.48 22.49
CA THR A 653 -12.95 9.52 21.48
C THR A 653 -12.98 10.91 22.10
N ASP A 654 -13.50 11.03 23.31
CA ASP A 654 -13.61 12.33 23.95
C ASP A 654 -12.27 12.84 24.46
N SER A 655 -11.23 12.02 24.48
CA SER A 655 -9.90 12.44 24.91
C SER A 655 -8.90 12.43 23.76
N GLN A 656 -9.39 12.44 22.52
CA GLN A 656 -8.55 12.42 21.33
C GLN A 656 -8.88 13.56 20.41
N TYR A 657 -9.26 14.72 20.98
CA TYR A 657 -9.70 15.82 20.14
C TYR A 657 -8.53 16.48 19.43
N LEU A 658 -7.41 16.64 20.11
CA LEU A 658 -6.25 17.36 19.59
C LEU A 658 -5.14 16.37 19.29
N THR A 659 -4.69 16.36 18.06
CA THR A 659 -3.60 15.44 17.76
C THR A 659 -2.27 16.02 18.25
N PRO A 660 -1.39 15.18 18.77
CA PRO A 660 -0.07 15.66 19.21
C PRO A 660 0.91 15.97 18.08
N THR A 661 0.49 15.98 16.83
CA THR A 661 1.39 16.44 15.77
C THR A 661 1.62 17.94 15.88
N SER A 662 0.54 18.72 16.06
CA SER A 662 0.65 20.16 16.21
C SER A 662 -0.27 20.72 17.27
N GLY A 663 -0.99 19.89 18.01
CA GLY A 663 -1.97 20.40 18.96
C GLY A 663 -3.22 20.96 18.35
N SER A 664 -3.47 20.70 17.07
CA SER A 664 -4.57 21.19 16.26
C SER A 664 -5.74 20.21 16.28
N PRO A 665 -6.96 20.69 16.09
CA PRO A 665 -8.10 19.78 16.00
C PRO A 665 -8.13 19.09 14.65
N VAL A 666 -8.61 17.85 14.65
CA VAL A 666 -8.89 17.11 13.43
C VAL A 666 -10.33 16.63 13.37
N ARG A 667 -11.13 16.91 14.38
CA ARG A 667 -12.46 16.32 14.51
C ARG A 667 -13.52 17.42 14.58
N GLY A 668 -14.19 17.64 13.46
CA GLY A 668 -15.34 18.51 13.39
C GLY A 668 -16.24 18.01 12.28
N LEU A 669 -17.34 18.72 12.08
CA LEU A 669 -18.35 18.29 11.13
C LEU A 669 -17.87 18.45 9.70
N ILE A 670 -18.53 17.75 8.77
CA ILE A 670 -18.13 17.72 7.37
C ILE A 670 -19.33 17.97 6.46
N GLN A 671 -19.16 17.69 5.18
CA GLN A 671 -19.72 18.35 3.99
C GLN A 671 -21.10 19.00 4.07
N ASP A 672 -22.15 18.27 4.49
CA ASP A 672 -23.47 18.91 4.52
C ASP A 672 -23.58 19.93 5.64
N HIS A 673 -22.89 19.72 6.75
CA HIS A 673 -23.06 20.58 7.91
C HIS A 673 -22.45 21.95 7.69
N ILE A 674 -21.42 22.04 6.86
CA ILE A 674 -20.78 23.33 6.60
C ILE A 674 -21.69 24.23 5.77
N SER A 675 -22.26 23.71 4.69
CA SER A 675 -23.20 24.52 3.93
C SER A 675 -24.55 24.65 4.61
N ALA A 676 -24.85 23.84 5.62
CA ALA A 676 -26.00 24.13 6.46
C ALA A 676 -25.73 25.31 7.37
N GLY A 677 -24.56 25.31 8.01
CA GLY A 677 -24.19 26.39 8.90
C GLY A 677 -23.94 27.71 8.21
N VAL A 678 -23.63 27.70 6.91
CA VAL A 678 -23.54 28.96 6.18
C VAL A 678 -24.93 29.58 6.00
N TRP A 679 -25.92 28.76 5.65
CA TRP A 679 -27.25 29.30 5.41
C TRP A 679 -27.99 29.63 6.69
N LEU A 680 -27.82 28.83 7.75
CA LEU A 680 -28.64 29.06 8.94
C LEU A 680 -28.15 30.29 9.70
N THR A 681 -26.85 30.49 9.76
CA THR A 681 -26.32 31.63 10.48
C THR A 681 -26.30 32.91 9.66
N SER A 682 -26.78 32.88 8.42
CA SER A 682 -26.84 34.09 7.62
C SER A 682 -27.98 34.98 8.09
N LYS A 683 -27.90 36.26 7.74
CA LYS A 683 -28.84 37.25 8.27
C LYS A 683 -30.25 37.09 7.71
N ASP A 684 -30.43 36.44 6.56
CA ASP A 684 -31.75 36.36 5.94
C ASP A 684 -32.47 35.06 6.27
N SER A 685 -32.32 34.57 7.51
CA SER A 685 -33.00 33.36 7.97
C SER A 685 -33.88 33.73 9.15
N PHE A 686 -35.11 34.15 8.88
CA PHE A 686 -36.06 34.50 9.91
C PHE A 686 -37.07 33.36 10.06
N PHE A 687 -37.13 32.77 11.24
CA PHE A 687 -37.95 31.60 11.45
C PHE A 687 -39.09 31.98 12.39
N THR A 688 -40.21 31.27 12.28
CA THR A 688 -41.35 31.58 13.13
C THR A 688 -41.18 30.96 14.50
N ARG A 689 -42.22 31.04 15.32
CA ARG A 689 -42.15 30.48 16.67
C ARG A 689 -42.16 28.97 16.65
N GLU A 690 -42.99 28.39 15.79
CA GLU A 690 -43.09 26.95 15.67
C GLU A 690 -41.79 26.34 15.17
N GLN A 691 -41.16 27.00 14.19
CA GLN A 691 -39.93 26.47 13.63
C GLN A 691 -38.79 26.56 14.64
N TYR A 692 -38.70 27.68 15.37
CA TYR A 692 -37.68 27.85 16.40
C TYR A 692 -37.82 26.79 17.49
N GLN A 693 -39.03 26.64 18.02
CA GLN A 693 -39.24 25.66 19.07
C GLN A 693 -39.16 24.24 18.56
N GLN A 694 -39.25 24.02 17.25
CA GLN A 694 -38.96 22.69 16.74
C GLN A 694 -37.46 22.45 16.60
N TYR A 695 -36.69 23.44 16.12
CA TYR A 695 -35.27 23.17 15.93
C TYR A 695 -34.51 23.09 17.25
N ILE A 696 -35.00 23.74 18.31
CA ILE A 696 -34.29 23.61 19.58
C ILE A 696 -34.47 22.21 20.16
N TYR A 697 -35.62 21.58 19.92
CA TYR A 697 -35.80 20.21 20.36
C TYR A 697 -35.48 19.21 19.25
N GLY A 698 -35.07 19.69 18.08
CA GLY A 698 -34.55 18.78 17.08
C GLY A 698 -33.24 18.16 17.53
N CYS A 699 -32.32 18.98 17.99
CA CYS A 699 -31.03 18.50 18.49
C CYS A 699 -31.04 18.31 20.01
N ILE A 700 -31.24 19.38 20.76
CA ILE A 700 -31.15 19.35 22.21
C ILE A 700 -32.39 18.67 22.77
N ARG A 701 -32.18 17.73 23.70
CA ARG A 701 -33.28 16.97 24.22
C ARG A 701 -33.13 16.46 25.65
N PRO A 702 -34.08 16.77 26.53
CA PRO A 702 -33.93 16.43 27.95
C PRO A 702 -34.16 14.97 28.32
N GLU A 703 -34.30 14.06 27.36
CA GLU A 703 -34.42 12.66 27.71
C GLU A 703 -33.05 12.08 28.04
N ASP A 704 -32.05 12.49 27.28
CA ASP A 704 -30.67 12.17 27.56
C ASP A 704 -30.09 13.26 28.45
N GLY A 705 -28.77 13.30 28.58
CA GLY A 705 -28.13 14.39 29.26
C GLY A 705 -27.66 15.47 28.32
N HIS A 706 -28.45 15.77 27.29
CA HIS A 706 -28.12 16.90 26.42
C HIS A 706 -28.42 18.24 27.06
N THR A 707 -29.19 18.27 28.15
CA THR A 707 -29.35 19.45 28.96
C THR A 707 -28.63 19.24 30.29
N THR A 708 -28.17 20.34 30.86
CA THR A 708 -27.67 20.39 32.24
C THR A 708 -28.64 21.22 33.07
N ARG A 709 -29.92 21.01 32.83
CA ARG A 709 -30.94 21.99 33.16
C ARG A 709 -32.30 21.29 33.05
N SER A 710 -33.28 21.80 33.79
CA SER A 710 -34.57 21.12 33.88
C SER A 710 -35.43 21.38 32.65
N LYS A 711 -35.79 22.64 32.41
CA LYS A 711 -36.59 23.00 31.26
C LYS A 711 -35.66 23.36 30.10
N ILE A 712 -36.23 23.89 29.03
CA ILE A 712 -35.49 24.35 27.87
C ILE A 712 -35.68 25.85 27.77
N VAL A 713 -34.58 26.60 27.90
CA VAL A 713 -34.66 28.05 27.96
C VAL A 713 -34.73 28.62 26.55
N THR A 714 -35.75 29.44 26.30
CA THR A 714 -35.97 30.06 25.02
C THR A 714 -35.43 31.49 25.05
N LEU A 715 -35.72 32.24 24.00
CA LEU A 715 -35.32 33.63 23.88
C LEU A 715 -36.50 34.47 23.42
N PRO A 716 -36.50 35.76 23.74
CA PRO A 716 -37.39 36.67 23.03
C PRO A 716 -36.92 36.83 21.58
N PRO A 717 -37.85 37.01 20.65
CA PRO A 717 -37.47 37.07 19.24
C PRO A 717 -36.73 38.35 18.89
N THR A 718 -36.22 38.37 17.67
CA THR A 718 -35.58 39.57 17.14
C THR A 718 -36.62 40.66 16.88
N ILE A 719 -37.64 40.35 16.09
CA ILE A 719 -38.68 41.31 15.74
C ILE A 719 -39.89 41.05 16.62
N PHE A 720 -40.49 42.12 17.16
CA PHE A 720 -41.66 42.00 18.00
C PHE A 720 -42.97 42.37 17.30
N LYS A 721 -42.92 43.03 16.15
CA LYS A 721 -44.11 43.52 15.52
C LYS A 721 -43.82 43.65 14.03
N PRO A 722 -44.71 43.16 13.15
CA PRO A 722 -46.03 42.55 13.39
C PRO A 722 -46.04 41.09 13.85
N TYR A 723 -45.17 40.25 13.28
CA TYR A 723 -45.15 38.85 13.66
C TYR A 723 -43.78 38.52 14.25
N PRO A 724 -43.70 37.83 15.37
CA PRO A 724 -42.40 37.55 16.02
C PRO A 724 -41.55 36.61 15.18
N LEU A 725 -40.37 37.09 14.79
CA LEU A 725 -39.44 36.32 14.00
C LEU A 725 -38.10 36.25 14.72
N TRP A 726 -37.42 35.13 14.55
CA TRP A 726 -36.12 34.87 15.15
C TRP A 726 -35.06 34.98 14.07
N THR A 727 -33.83 34.65 14.43
CA THR A 727 -32.74 34.47 13.47
C THR A 727 -32.06 33.16 13.80
N GLY A 728 -31.23 32.70 12.86
CA GLY A 728 -30.47 31.49 13.11
C GLY A 728 -29.34 31.69 14.10
N LYS A 729 -28.81 32.91 14.16
CA LYS A 729 -27.79 33.22 15.15
C LYS A 729 -28.35 33.12 16.57
N GLN A 730 -29.63 33.45 16.76
CA GLN A 730 -30.25 33.20 18.05
C GLN A 730 -30.44 31.71 18.31
N ILE A 731 -30.53 30.89 17.26
CA ILE A 731 -30.59 29.45 17.48
C ILE A 731 -29.24 28.92 17.90
N ILE A 732 -28.16 29.46 17.34
CA ILE A 732 -26.81 29.08 17.78
C ILE A 732 -26.59 29.52 19.22
N THR A 733 -27.10 30.70 19.57
CA THR A 733 -27.12 31.18 20.95
C THR A 733 -27.84 30.22 21.89
N THR A 734 -29.02 29.76 21.48
CA THR A 734 -29.81 28.86 22.32
C THR A 734 -29.15 27.49 22.45
N VAL A 735 -28.48 27.05 21.38
CA VAL A 735 -27.68 25.83 21.41
C VAL A 735 -26.57 25.96 22.45
N LEU A 736 -25.76 27.02 22.36
CA LEU A 736 -24.67 27.19 23.31
C LEU A 736 -25.14 27.56 24.70
N LEU A 737 -26.42 27.92 24.87
CA LEU A 737 -26.98 28.16 26.19
C LEU A 737 -27.44 26.88 26.86
N ASN A 738 -28.15 26.01 26.13
CA ASN A 738 -28.84 24.91 26.78
C ASN A 738 -27.92 23.77 27.22
N VAL A 739 -26.67 23.74 26.74
CA VAL A 739 -25.78 22.64 27.04
C VAL A 739 -24.71 22.98 28.08
N THR A 740 -24.27 24.23 28.14
CA THR A 740 -23.23 24.62 29.09
C THR A 740 -23.82 24.65 30.51
N PRO A 741 -22.99 24.47 31.55
CA PRO A 741 -23.53 24.36 32.90
C PRO A 741 -24.12 25.69 33.37
N PRO A 742 -25.11 25.65 34.28
CA PRO A 742 -25.76 26.89 34.71
C PRO A 742 -24.89 27.75 35.61
N ASP A 743 -23.87 27.18 36.22
CA ASP A 743 -22.99 27.89 37.16
C ASP A 743 -21.73 28.40 36.47
N MET A 744 -21.84 28.81 35.22
CA MET A 744 -20.66 29.17 34.44
C MET A 744 -21.10 30.06 33.28
N PRO A 745 -20.46 31.23 33.09
CA PRO A 745 -20.90 32.15 32.03
C PRO A 745 -20.54 31.67 30.64
N GLY A 746 -21.00 32.39 29.63
CA GLY A 746 -20.79 31.97 28.26
C GLY A 746 -19.36 32.21 27.79
N ILE A 747 -19.11 31.74 26.57
CA ILE A 747 -17.82 31.98 25.95
C ILE A 747 -17.77 33.42 25.47
N ASN A 748 -16.55 33.91 25.21
CA ASN A 748 -16.34 35.28 24.72
C ASN A 748 -15.22 35.23 23.68
N LEU A 749 -15.60 35.05 22.43
CA LEU A 749 -14.66 34.87 21.34
C LEU A 749 -14.74 36.04 20.38
N ILE A 750 -13.60 36.51 19.92
CA ILE A 750 -13.52 37.47 18.82
C ILE A 750 -12.63 36.83 17.78
N SER A 751 -13.21 36.44 16.65
CA SER A 751 -12.50 35.59 15.71
C SER A 751 -12.90 35.94 14.29
N LYS A 752 -12.36 35.20 13.33
CA LYS A 752 -12.64 35.38 11.92
C LYS A 752 -12.94 34.04 11.29
N ASN A 753 -13.27 34.06 9.99
CA ASN A 753 -13.51 32.85 9.23
C ASN A 753 -13.10 33.11 7.78
N LYS A 754 -13.53 32.24 6.87
CA LYS A 754 -12.90 32.14 5.57
C LYS A 754 -13.56 32.97 4.49
N ILE A 755 -14.75 33.51 4.75
CA ILE A 755 -15.52 34.25 3.74
C ILE A 755 -15.29 35.74 3.94
N LYS A 756 -14.77 36.40 2.91
CA LYS A 756 -14.49 37.82 2.97
C LYS A 756 -15.79 38.63 2.94
N ASN A 757 -15.68 39.91 3.33
CA ASN A 757 -16.85 40.78 3.39
C ASN A 757 -17.21 41.40 2.05
N GLU A 758 -16.48 41.11 0.99
CA GLU A 758 -16.86 41.60 -0.33
C GLU A 758 -17.91 40.72 -1.00
N TYR A 759 -18.34 39.65 -0.34
CA TYR A 759 -19.33 38.74 -0.90
C TYR A 759 -20.71 38.93 -0.30
N TRP A 760 -20.79 39.42 0.94
CA TRP A 760 -22.07 39.65 1.57
C TRP A 760 -22.69 40.98 1.18
N GLY A 761 -22.05 41.76 0.32
CA GLY A 761 -22.60 43.01 -0.15
C GLY A 761 -21.77 44.21 0.23
N LYS A 762 -22.41 45.20 0.86
CA LYS A 762 -21.75 46.40 1.31
C LYS A 762 -22.15 46.67 2.76
N GLY A 763 -21.17 46.94 3.61
CA GLY A 763 -21.42 47.36 4.97
C GLY A 763 -21.63 46.24 5.97
N SER A 764 -21.87 45.02 5.51
CA SER A 764 -22.01 43.91 6.42
C SER A 764 -20.64 43.40 6.85
N LEU A 765 -20.50 43.14 8.14
CA LEU A 765 -19.22 42.77 8.74
C LEU A 765 -19.12 41.27 8.98
N GLU A 766 -19.61 40.47 8.04
CA GLU A 766 -20.02 39.11 8.31
C GLU A 766 -18.85 38.12 8.39
N ASN A 767 -17.61 38.58 8.51
CA ASN A 767 -16.54 37.71 8.93
C ASN A 767 -16.04 38.00 10.33
N GLU A 768 -16.36 39.16 10.88
CA GLU A 768 -16.02 39.47 12.25
C GLU A 768 -16.92 38.68 13.18
N VAL A 769 -16.47 37.51 13.59
CA VAL A 769 -17.28 36.60 14.39
C VAL A 769 -17.15 37.00 15.85
N LEU A 770 -18.28 37.11 16.54
CA LEU A 770 -18.32 37.62 17.91
C LEU A 770 -19.22 36.73 18.75
N PHE A 771 -18.62 35.86 19.55
CA PHE A 771 -19.35 35.08 20.52
C PHE A 771 -19.24 35.78 21.86
N LYS A 772 -20.03 36.85 22.01
CA LYS A 772 -20.00 37.69 23.18
C LYS A 772 -21.10 37.28 24.14
N ASP A 773 -20.77 37.21 25.43
CA ASP A 773 -21.66 36.92 26.55
C ASP A 773 -22.31 35.54 26.52
N GLY A 774 -21.95 34.70 25.56
CA GLY A 774 -22.62 33.44 25.34
C GLY A 774 -23.53 33.41 24.13
N ALA A 775 -23.52 34.46 23.31
CA ALA A 775 -24.40 34.60 22.17
C ALA A 775 -23.59 34.99 20.95
N LEU A 776 -24.09 34.63 19.77
CA LEU A 776 -23.45 35.01 18.52
C LEU A 776 -24.06 36.31 18.03
N LEU A 777 -23.21 37.29 17.71
CA LEU A 777 -23.69 38.63 17.41
C LEU A 777 -23.34 39.11 16.02
N CYS A 778 -22.29 38.57 15.38
CA CYS A 778 -22.00 38.93 14.00
C CYS A 778 -21.28 37.77 13.35
N GLY A 779 -21.29 37.76 12.03
CA GLY A 779 -20.56 36.78 11.27
C GLY A 779 -21.24 35.43 11.19
N ILE A 780 -20.80 34.63 10.23
CA ILE A 780 -21.38 33.33 9.96
C ILE A 780 -20.46 32.24 10.49
N LEU A 781 -21.05 31.13 10.92
CA LEU A 781 -20.27 29.94 11.18
C LEU A 781 -19.78 29.35 9.86
N ASP A 782 -18.73 28.55 9.95
CA ASP A 782 -18.00 28.16 8.75
C ASP A 782 -17.21 26.90 9.08
N LYS A 783 -16.29 26.53 8.18
CA LYS A 783 -15.37 25.43 8.45
C LYS A 783 -14.45 25.76 9.61
N SER A 784 -13.93 26.98 9.63
CA SER A 784 -12.92 27.37 10.62
C SER A 784 -13.48 27.51 12.02
N GLN A 785 -14.79 27.40 12.21
CA GLN A 785 -15.38 27.48 13.53
C GLN A 785 -15.53 26.10 14.17
N TYR A 786 -16.34 25.24 13.53
CA TYR A 786 -16.67 23.96 14.12
C TYR A 786 -16.18 22.77 13.31
N GLY A 787 -15.43 23.00 12.25
CA GLY A 787 -14.78 21.94 11.51
C GLY A 787 -13.37 21.71 12.01
N ALA A 788 -12.54 21.14 11.13
CA ALA A 788 -11.16 20.81 11.49
C ALA A 788 -10.27 22.03 11.22
N SER A 789 -10.36 23.01 12.12
CA SER A 789 -9.46 24.14 12.08
C SER A 789 -9.25 24.68 13.49
N LYS A 790 -8.26 25.54 13.63
CA LYS A 790 -7.81 26.02 14.92
C LYS A 790 -8.47 27.32 15.31
N TYR A 791 -8.65 27.48 16.63
CA TYR A 791 -9.12 28.71 17.27
C TYR A 791 -10.53 29.07 16.80
N GLY A 792 -11.35 28.04 16.63
CA GLY A 792 -12.72 28.24 16.22
C GLY A 792 -13.62 28.38 17.42
N ILE A 793 -14.84 27.84 17.36
CA ILE A 793 -15.76 27.92 18.47
C ILE A 793 -15.73 26.68 19.35
N VAL A 794 -15.57 25.49 18.77
CA VAL A 794 -15.53 24.28 19.58
C VAL A 794 -14.18 24.06 20.23
N HIS A 795 -13.10 24.61 19.64
CA HIS A 795 -11.79 24.57 20.27
C HIS A 795 -11.78 25.37 21.55
N SER A 796 -12.42 26.53 21.54
CA SER A 796 -12.51 27.36 22.73
C SER A 796 -13.41 26.73 23.79
N LEU A 797 -14.50 26.10 23.35
CA LEU A 797 -15.36 25.39 24.29
C LEU A 797 -14.71 24.13 24.82
N HIS A 798 -13.70 23.59 24.14
CA HIS A 798 -12.95 22.48 24.71
C HIS A 798 -11.94 22.98 25.75
N GLU A 799 -11.25 24.07 25.44
CA GLU A 799 -10.25 24.60 26.35
C GLU A 799 -10.86 25.17 27.62
N VAL A 800 -12.05 25.77 27.51
CA VAL A 800 -12.63 26.52 28.63
C VAL A 800 -13.56 25.66 29.48
N TYR A 801 -14.51 24.97 28.87
CA TYR A 801 -15.52 24.25 29.66
C TYR A 801 -15.01 22.88 30.11
N GLY A 802 -14.46 22.09 29.18
CA GLY A 802 -13.96 20.78 29.53
C GLY A 802 -13.85 19.84 28.33
N PRO A 803 -13.68 18.54 28.59
CA PRO A 803 -13.60 17.57 27.49
C PRO A 803 -14.95 17.12 26.94
N GLU A 804 -15.96 16.97 27.80
CA GLU A 804 -17.24 16.42 27.32
C GLU A 804 -18.07 17.45 26.57
N VAL A 805 -17.98 18.72 26.97
CA VAL A 805 -18.92 19.73 26.48
C VAL A 805 -18.63 20.08 25.02
N ALA A 806 -17.37 20.00 24.59
CA ALA A 806 -17.06 20.20 23.18
C ALA A 806 -17.64 19.08 22.32
N ALA A 807 -17.59 17.84 22.80
CA ALA A 807 -18.19 16.74 22.06
C ALA A 807 -19.70 16.84 22.04
N LYS A 808 -20.30 17.27 23.15
CA LYS A 808 -21.74 17.47 23.20
C LYS A 808 -22.18 18.54 22.21
N VAL A 809 -21.45 19.66 22.19
CA VAL A 809 -21.77 20.76 21.27
C VAL A 809 -21.58 20.33 19.82
N LEU A 810 -20.58 19.48 19.56
CA LEU A 810 -20.36 19.06 18.18
C LEU A 810 -21.44 18.09 17.70
N SER A 811 -21.89 17.18 18.58
CA SER A 811 -23.00 16.30 18.22
C SER A 811 -24.31 17.06 18.10
N VAL A 812 -24.52 18.07 18.93
CA VAL A 812 -25.74 18.87 18.88
C VAL A 812 -25.78 19.71 17.61
N LEU A 813 -24.65 20.29 17.21
CA LEU A 813 -24.62 21.00 15.94
C LEU A 813 -24.79 20.05 14.76
N GLY A 814 -24.30 18.82 14.90
CA GLY A 814 -24.56 17.82 13.87
C GLY A 814 -26.03 17.51 13.67
N ARG A 815 -26.74 17.24 14.77
CA ARG A 815 -28.15 16.89 14.64
C ARG A 815 -29.01 18.09 14.28
N LEU A 816 -28.63 19.29 14.75
CA LEU A 816 -29.35 20.50 14.37
C LEU A 816 -29.21 20.78 12.88
N PHE A 817 -28.01 20.61 12.32
CA PHE A 817 -27.88 20.84 10.91
C PHE A 817 -28.48 19.72 10.09
N THR A 818 -28.56 18.51 10.65
CA THR A 818 -29.31 17.43 10.01
C THR A 818 -30.79 17.79 9.89
N ASN A 819 -31.39 18.27 10.97
CA ASN A 819 -32.80 18.61 10.94
C ASN A 819 -33.07 19.83 10.07
N TYR A 820 -32.15 20.79 10.03
CA TYR A 820 -32.35 21.94 9.15
C TYR A 820 -32.20 21.56 7.69
N ILE A 821 -31.29 20.63 7.39
CA ILE A 821 -31.14 20.14 6.02
C ILE A 821 -32.37 19.35 5.58
N THR A 822 -32.94 18.55 6.48
CA THR A 822 -34.20 17.87 6.18
C THR A 822 -35.34 18.86 5.98
N ALA A 823 -35.35 19.95 6.74
CA ALA A 823 -36.44 20.92 6.62
C ALA A 823 -36.33 21.75 5.35
N THR A 824 -35.14 22.27 5.05
CA THR A 824 -34.87 22.95 3.79
C THR A 824 -33.58 22.37 3.22
N ALA A 825 -33.60 21.96 1.97
CA ALA A 825 -32.55 21.14 1.43
C ALA A 825 -31.62 21.93 0.52
N PHE A 826 -30.33 21.76 0.74
CA PHE A 826 -29.29 22.26 -0.15
C PHE A 826 -29.24 21.40 -1.40
N THR A 827 -28.79 21.98 -2.51
CA THR A 827 -28.75 21.25 -3.76
C THR A 827 -27.61 21.76 -4.62
N CYS A 828 -27.58 21.30 -5.86
CA CYS A 828 -26.69 21.83 -6.86
C CYS A 828 -27.46 21.90 -8.17
N GLY A 829 -26.75 22.13 -9.27
CA GLY A 829 -27.41 22.23 -10.55
C GLY A 829 -26.43 22.42 -11.68
N MET A 830 -26.96 22.87 -12.81
CA MET A 830 -26.19 23.08 -14.02
C MET A 830 -26.07 24.55 -14.39
N ASP A 831 -27.02 25.37 -13.97
CA ASP A 831 -26.87 26.81 -14.10
C ASP A 831 -25.93 27.40 -13.05
N ASP A 832 -25.47 26.58 -12.10
CA ASP A 832 -24.49 26.98 -11.11
C ASP A 832 -23.08 27.09 -11.67
N LEU A 833 -22.87 26.76 -12.95
CA LEU A 833 -21.53 26.66 -13.50
C LEU A 833 -21.38 27.49 -14.76
N ARG A 834 -22.13 28.59 -14.89
CA ARG A 834 -22.20 29.29 -16.15
C ARG A 834 -21.74 30.74 -16.01
N LEU A 835 -21.03 31.22 -17.02
CA LEU A 835 -20.65 32.61 -17.13
C LEU A 835 -21.55 33.28 -18.16
N THR A 836 -22.03 34.49 -17.84
CA THR A 836 -22.93 35.21 -18.74
C THR A 836 -22.19 35.67 -19.99
N ALA A 837 -22.97 36.19 -20.95
CA ALA A 837 -22.45 36.59 -22.24
C ALA A 837 -21.54 37.82 -22.17
N GLU A 838 -21.61 38.58 -21.07
CA GLU A 838 -20.63 39.62 -20.79
C GLU A 838 -19.53 39.13 -19.87
N GLY A 839 -19.75 38.01 -19.18
CA GLY A 839 -18.71 37.38 -18.39
C GLY A 839 -17.87 36.43 -19.22
N ASN A 840 -18.52 35.69 -20.12
CA ASN A 840 -17.78 34.81 -21.02
C ASN A 840 -17.03 35.60 -22.09
N LYS A 841 -17.54 36.80 -22.43
CA LYS A 841 -16.83 37.67 -23.35
C LYS A 841 -15.48 38.11 -22.79
N TRP A 842 -15.39 38.29 -21.47
CA TRP A 842 -14.11 38.55 -20.82
C TRP A 842 -13.18 37.36 -20.96
N ARG A 843 -13.72 36.14 -20.80
CA ARG A 843 -12.91 34.93 -20.94
C ARG A 843 -12.37 34.79 -22.36
N THR A 844 -13.20 35.09 -23.36
CA THR A 844 -12.72 35.02 -24.74
C THR A 844 -11.73 36.14 -25.04
N ASP A 845 -11.94 37.34 -24.49
CA ASP A 845 -11.02 38.43 -24.77
C ASP A 845 -9.75 38.37 -23.94
N ILE A 846 -9.66 37.47 -22.97
CA ILE A 846 -8.35 37.17 -22.39
C ILE A 846 -7.71 35.99 -23.12
N LEU A 847 -8.47 34.96 -23.48
CA LEU A 847 -7.88 33.83 -24.18
C LEU A 847 -7.51 34.13 -25.62
N LYS A 848 -7.98 35.24 -26.19
CA LYS A 848 -7.47 35.74 -27.45
C LYS A 848 -6.15 36.48 -27.31
N THR A 849 -5.55 36.48 -26.12
CA THR A 849 -4.26 37.12 -25.89
C THR A 849 -3.13 36.13 -25.67
N SER A 850 -3.43 34.84 -25.57
CA SER A 850 -2.41 33.80 -25.44
C SER A 850 -2.14 33.11 -26.77
N VAL A 851 -2.22 33.86 -27.87
CA VAL A 851 -2.06 33.26 -29.19
C VAL A 851 -0.60 32.95 -29.47
N ASP A 852 0.30 33.87 -29.15
CA ASP A 852 1.73 33.66 -29.35
C ASP A 852 2.49 33.90 -28.06
N THR A 853 2.02 33.34 -26.96
CA THR A 853 2.76 33.42 -25.70
C THR A 853 3.90 32.41 -25.67
N GLY A 854 3.63 31.19 -26.13
CA GLY A 854 4.68 30.18 -26.17
C GLY A 854 5.78 30.50 -27.16
N ARG A 855 5.44 31.18 -28.26
CA ARG A 855 6.44 31.61 -29.22
C ARG A 855 7.38 32.65 -28.61
N GLU A 856 6.83 33.58 -27.84
CA GLU A 856 7.67 34.58 -27.19
C GLU A 856 8.45 33.97 -26.03
N ALA A 857 7.90 32.93 -25.38
CA ALA A 857 8.64 32.23 -24.35
C ALA A 857 9.84 31.49 -24.93
N ALA A 858 9.66 30.86 -26.09
CA ALA A 858 10.79 30.22 -26.76
C ALA A 858 11.78 31.25 -27.28
N ALA A 859 11.30 32.46 -27.62
CA ALA A 859 12.21 33.54 -27.98
C ALA A 859 13.05 33.98 -26.79
N GLU A 860 12.43 34.06 -25.61
CA GLU A 860 13.15 34.53 -24.43
C GLU A 860 14.15 33.49 -23.93
N VAL A 861 13.80 32.20 -23.99
CA VAL A 861 14.73 31.17 -23.54
C VAL A 861 15.92 31.08 -24.49
N THR A 862 15.66 31.13 -25.79
CA THR A 862 16.75 31.13 -26.77
C THR A 862 17.42 32.49 -26.93
N ASN A 863 16.89 33.53 -26.27
CA ASN A 863 17.48 34.88 -26.20
C ASN A 863 17.62 35.53 -27.58
N LEU A 864 16.73 35.18 -28.50
CA LEU A 864 16.69 35.78 -29.83
C LEU A 864 15.65 36.90 -29.86
N ASP A 865 15.33 37.37 -31.06
CA ASP A 865 14.27 38.36 -31.25
C ASP A 865 12.93 37.78 -30.80
N LYS A 866 12.11 38.65 -30.23
CA LYS A 866 10.80 38.25 -29.71
C LYS A 866 9.68 38.45 -30.73
N ASP A 867 10.02 38.75 -31.97
CA ASP A 867 9.07 38.83 -33.08
C ASP A 867 9.55 37.96 -34.24
N THR A 868 9.99 36.74 -33.91
CA THR A 868 10.58 35.78 -34.84
C THR A 868 9.51 34.84 -35.38
N PRO A 869 9.36 34.72 -36.70
CA PRO A 869 8.36 33.81 -37.25
C PRO A 869 8.81 32.37 -37.12
N ALA A 870 7.83 31.46 -37.24
CA ALA A 870 8.06 30.04 -36.98
C ALA A 870 8.98 29.40 -38.00
N ASP A 871 8.93 29.84 -39.25
CA ASP A 871 9.64 29.18 -40.33
C ASP A 871 11.09 29.62 -40.47
N ASP A 872 11.66 30.28 -39.47
CA ASP A 872 13.06 30.67 -39.54
C ASP A 872 13.94 29.44 -39.34
N PRO A 873 14.98 29.26 -40.16
CA PRO A 873 15.82 28.04 -40.03
C PRO A 873 16.65 28.02 -38.76
N GLU A 874 17.22 29.16 -38.38
CA GLU A 874 17.99 29.23 -37.14
C GLU A 874 17.11 29.03 -35.93
N LEU A 875 15.84 29.48 -36.02
CA LEU A 875 14.87 29.25 -34.94
C LEU A 875 14.63 27.76 -34.74
N LEU A 876 14.35 27.04 -35.83
CA LEU A 876 14.07 25.61 -35.70
C LEU A 876 15.33 24.82 -35.34
N LYS A 877 16.51 25.29 -35.76
CA LYS A 877 17.76 24.65 -35.35
C LYS A 877 17.99 24.79 -33.85
N ARG A 878 17.75 25.98 -33.30
CA ARG A 878 17.95 26.15 -31.87
C ARG A 878 16.84 25.48 -31.06
N LEU A 879 15.64 25.34 -31.64
CA LEU A 879 14.62 24.52 -31.01
C LEU A 879 14.99 23.03 -31.04
N GLN A 880 15.70 22.60 -32.08
CA GLN A 880 16.16 21.22 -32.14
C GLN A 880 17.23 20.94 -31.08
N GLU A 881 18.18 21.87 -30.94
CA GLU A 881 19.18 21.76 -29.90
C GLU A 881 18.57 21.86 -28.50
N ILE A 882 17.54 22.69 -28.33
CA ILE A 882 16.93 22.82 -27.03
C ILE A 882 16.08 21.59 -26.71
N LEU A 883 15.68 20.82 -27.73
CA LEU A 883 15.04 19.54 -27.45
C LEU A 883 16.06 18.46 -27.07
N ARG A 884 17.15 18.35 -27.85
CA ARG A 884 18.06 17.21 -27.70
C ARG A 884 18.82 17.18 -26.37
N ASP A 885 18.77 18.24 -25.58
CA ASP A 885 19.32 18.26 -24.24
C ASP A 885 18.17 18.22 -23.23
N ASN A 886 18.49 17.72 -22.03
CA ASN A 886 17.50 17.59 -20.97
C ASN A 886 17.68 18.65 -19.89
N ASN A 887 18.37 19.75 -20.21
CA ASN A 887 18.54 20.87 -19.30
C ASN A 887 17.91 22.14 -19.87
N LYS A 888 18.26 22.49 -21.11
CA LYS A 888 17.67 23.65 -21.76
C LYS A 888 16.21 23.42 -22.08
N SER A 889 15.83 22.14 -22.29
CA SER A 889 14.42 21.78 -22.33
C SER A 889 13.73 22.10 -21.01
N GLY A 890 14.40 21.85 -19.88
CA GLY A 890 13.84 22.22 -18.59
C GLY A 890 13.73 23.71 -18.40
N ILE A 891 14.67 24.48 -18.96
CA ILE A 891 14.59 25.94 -18.93
C ILE A 891 13.36 26.43 -19.69
N LEU A 892 13.17 25.90 -20.90
CA LEU A 892 12.02 26.27 -21.72
C LEU A 892 10.71 25.85 -21.09
N ASP A 893 10.69 24.68 -20.45
CA ASP A 893 9.51 24.20 -19.74
C ASP A 893 9.28 24.90 -18.41
N ALA A 894 10.26 25.66 -17.91
CA ALA A 894 9.99 26.53 -16.77
C ALA A 894 9.40 27.86 -17.22
N VAL A 895 9.99 28.47 -18.26
CA VAL A 895 9.55 29.80 -18.67
C VAL A 895 8.17 29.76 -19.32
N THR A 896 7.93 28.80 -20.21
CA THR A 896 6.65 28.72 -20.88
C THR A 896 5.54 28.28 -19.92
N SER A 897 5.91 27.63 -18.82
CA SER A 897 4.93 27.39 -17.77
C SER A 897 4.64 28.67 -16.99
N SER A 898 5.69 29.44 -16.67
CA SER A 898 5.51 30.61 -15.82
C SER A 898 4.79 31.75 -16.54
N LYS A 899 4.75 31.74 -17.87
CA LYS A 899 3.95 32.76 -18.57
C LYS A 899 2.47 32.39 -18.60
N VAL A 900 2.16 31.13 -18.88
CA VAL A 900 0.76 30.75 -18.96
C VAL A 900 0.13 30.58 -17.58
N ASN A 901 0.94 30.45 -16.54
CA ASN A 901 0.38 30.51 -15.19
C ASN A 901 -0.03 31.94 -14.79
N ALA A 902 0.38 32.95 -15.54
CA ALA A 902 -0.16 34.28 -15.41
C ALA A 902 -1.20 34.61 -16.47
N ILE A 903 -1.23 33.85 -17.57
CA ILE A 903 -2.40 33.91 -18.45
C ILE A 903 -3.62 33.36 -17.73
N THR A 904 -3.45 32.29 -16.96
CA THR A 904 -4.56 31.69 -16.21
C THR A 904 -5.05 32.60 -15.08
N SER A 905 -4.11 33.16 -14.31
CA SER A 905 -4.41 33.92 -13.10
C SER A 905 -5.16 35.22 -13.36
N GLN A 906 -5.22 35.67 -14.62
CA GLN A 906 -6.11 36.75 -14.98
C GLN A 906 -7.54 36.25 -15.14
N VAL A 907 -7.71 35.06 -15.73
CA VAL A 907 -9.03 34.52 -15.98
C VAL A 907 -9.67 34.05 -14.68
N VAL A 908 -8.85 33.60 -13.74
CA VAL A 908 -9.37 33.23 -12.42
C VAL A 908 -9.92 34.46 -11.70
N SER A 909 -9.33 35.64 -11.95
CA SER A 909 -9.68 36.84 -11.20
C SER A 909 -10.78 37.66 -11.86
N LYS A 910 -10.80 37.74 -13.19
CA LYS A 910 -11.74 38.63 -13.87
C LYS A 910 -13.16 38.07 -13.89
N CYS A 911 -13.31 36.77 -14.05
CA CYS A 911 -14.64 36.20 -14.26
C CYS A 911 -15.30 35.82 -12.94
N VAL A 912 -14.71 34.89 -12.21
CA VAL A 912 -15.20 34.53 -10.90
C VAL A 912 -14.62 35.51 -9.88
N PRO A 913 -15.43 36.13 -9.03
CA PRO A 913 -16.89 36.04 -8.96
C PRO A 913 -17.61 37.20 -9.64
N ASP A 914 -16.90 37.94 -10.49
CA ASP A 914 -17.49 39.11 -11.12
C ASP A 914 -18.47 38.72 -12.23
N GLY A 915 -17.98 38.06 -13.26
CA GLY A 915 -18.78 37.80 -14.43
C GLY A 915 -19.43 36.44 -14.49
N THR A 916 -19.99 35.96 -13.38
CA THR A 916 -20.70 34.68 -13.39
C THR A 916 -22.15 34.92 -13.79
N MET A 917 -22.97 33.87 -13.71
CA MET A 917 -24.42 34.00 -13.86
C MET A 917 -25.14 34.00 -12.53
N LYS A 918 -24.68 33.20 -11.58
CA LYS A 918 -25.22 33.21 -10.23
C LYS A 918 -24.17 33.71 -9.26
N LYS A 919 -24.64 34.25 -8.14
CA LYS A 919 -23.78 34.86 -7.14
C LYS A 919 -23.94 34.14 -5.81
N PHE A 920 -22.92 34.28 -4.97
CA PHE A 920 -22.97 33.77 -3.61
C PHE A 920 -24.08 34.47 -2.84
N PRO A 921 -24.84 33.75 -2.01
CA PRO A 921 -24.79 32.31 -1.76
C PRO A 921 -25.71 31.49 -2.65
N CYS A 922 -26.38 32.15 -3.60
CA CYS A 922 -27.30 31.45 -4.48
C CYS A 922 -26.59 30.46 -5.39
N ASN A 923 -25.36 30.75 -5.78
CA ASN A 923 -24.52 29.79 -6.49
C ASN A 923 -24.02 28.78 -5.48
N SER A 924 -24.55 27.55 -5.55
CA SER A 924 -24.28 26.55 -4.53
C SER A 924 -22.86 26.01 -4.63
N MET A 925 -22.27 26.05 -5.83
CA MET A 925 -20.94 25.51 -6.06
C MET A 925 -19.89 26.30 -5.28
N GLN A 926 -19.93 27.62 -5.39
CA GLN A 926 -19.04 28.46 -4.61
C GLN A 926 -19.53 28.63 -3.19
N ALA A 927 -20.77 28.26 -2.88
CA ALA A 927 -21.17 28.13 -1.50
C ALA A 927 -20.53 26.93 -0.83
N MET A 928 -20.16 25.92 -1.62
CA MET A 928 -19.39 24.80 -1.10
C MET A 928 -17.89 25.02 -1.17
N ALA A 929 -17.41 25.76 -2.17
CA ALA A 929 -15.96 25.89 -2.35
C ALA A 929 -15.36 26.92 -1.38
N LEU A 930 -16.01 28.07 -1.24
CA LEU A 930 -15.47 29.12 -0.37
C LEU A 930 -15.56 28.72 1.09
N SER A 931 -16.67 28.14 1.49
CA SER A 931 -16.94 27.84 2.89
C SER A 931 -16.18 26.61 3.40
N GLY A 932 -15.32 26.00 2.59
CA GLY A 932 -14.56 24.87 3.08
C GLY A 932 -15.34 23.59 3.20
N ALA A 933 -16.45 23.47 2.48
CA ALA A 933 -17.18 22.21 2.46
C ALA A 933 -16.37 21.18 1.71
N LYS A 934 -16.16 21.40 0.41
CA LYS A 934 -15.18 20.66 -0.39
C LYS A 934 -14.53 21.63 -1.36
N GLY A 935 -13.44 21.16 -1.97
CA GLY A 935 -12.86 21.87 -3.08
C GLY A 935 -12.17 23.16 -2.72
N SER A 936 -11.83 23.92 -3.76
CA SER A 936 -11.06 25.15 -3.63
C SER A 936 -11.50 26.09 -4.75
N ASN A 937 -10.67 27.11 -5.02
CA ASN A 937 -10.86 27.93 -6.20
C ASN A 937 -10.14 27.37 -7.43
N VAL A 938 -9.22 26.43 -7.23
CA VAL A 938 -8.58 25.76 -8.35
C VAL A 938 -9.58 24.91 -9.10
N ASN A 939 -10.43 24.18 -8.36
CA ASN A 939 -11.41 23.30 -8.98
C ASN A 939 -12.52 24.11 -9.65
N VAL A 940 -12.90 25.23 -9.03
CA VAL A 940 -13.87 26.12 -9.65
C VAL A 940 -13.28 26.81 -10.87
N SER A 941 -11.97 27.06 -10.87
CA SER A 941 -11.31 27.56 -12.06
C SER A 941 -11.29 26.52 -13.18
N GLN A 942 -11.10 25.25 -12.84
CA GLN A 942 -11.08 24.21 -13.86
C GLN A 942 -12.48 23.96 -14.41
N ILE A 943 -13.50 24.03 -13.55
CA ILE A 943 -14.88 23.88 -14.02
C ILE A 943 -15.29 25.07 -14.88
N MET A 944 -15.16 26.27 -14.33
CA MET A 944 -15.79 27.43 -14.93
C MET A 944 -14.87 28.22 -15.85
N CYS A 945 -13.58 28.32 -15.55
CA CYS A 945 -12.69 29.20 -16.31
C CYS A 945 -11.81 28.45 -17.32
N LEU A 946 -10.89 27.58 -16.85
CA LEU A 946 -10.00 26.74 -17.65
C LEU A 946 -9.14 25.86 -16.74
N LEU A 947 -8.60 24.78 -17.32
CA LEU A 947 -7.80 23.83 -16.55
C LEU A 947 -6.36 24.30 -16.36
N GLY A 948 -5.77 24.91 -17.37
CA GLY A 948 -4.45 25.50 -17.25
C GLY A 948 -3.36 24.62 -17.85
N GLN A 949 -2.32 24.37 -17.07
CA GLN A 949 -1.09 23.74 -17.54
C GLN A 949 -0.99 22.33 -16.97
N GLN A 950 -0.42 21.42 -17.77
CA GLN A 950 -0.29 20.01 -17.38
C GLN A 950 1.14 19.75 -16.94
N ALA A 951 1.38 19.91 -15.64
CA ALA A 951 2.71 19.72 -15.06
C ALA A 951 3.05 18.24 -14.96
N LEU A 952 3.76 17.73 -15.95
CA LEU A 952 4.24 16.36 -15.94
C LEU A 952 5.46 16.32 -15.04
N GLU A 953 5.23 16.08 -13.75
CA GLU A 953 6.24 16.09 -12.69
C GLU A 953 6.99 17.42 -12.64
N GLY A 954 6.24 18.49 -12.71
CA GLY A 954 6.81 19.84 -12.73
C GLY A 954 7.17 20.31 -14.11
N ARG A 955 7.90 19.49 -14.84
CA ARG A 955 8.22 19.72 -16.24
C ARG A 955 6.95 19.68 -17.08
N ARG A 956 7.03 20.26 -18.28
CA ARG A 956 5.92 20.31 -19.22
C ARG A 956 5.81 18.93 -19.91
N VAL A 957 4.96 18.81 -20.91
CA VAL A 957 4.63 17.51 -21.53
C VAL A 957 5.81 17.00 -22.36
N PRO A 958 6.22 15.74 -22.21
CA PRO A 958 7.40 15.24 -22.92
C PRO A 958 7.18 15.09 -24.42
N VAL A 959 8.30 15.06 -25.14
CA VAL A 959 8.33 15.17 -26.59
C VAL A 959 8.98 13.92 -27.14
N MET A 960 8.45 13.41 -28.27
CA MET A 960 9.08 12.31 -28.98
C MET A 960 10.37 12.79 -29.66
N VAL A 961 11.03 11.84 -30.33
CA VAL A 961 12.33 12.10 -30.94
C VAL A 961 12.22 13.03 -32.14
N SER A 962 11.05 13.15 -32.74
CA SER A 962 10.88 13.87 -33.99
C SER A 962 10.58 15.34 -33.81
N GLY A 963 10.73 15.87 -32.60
CA GLY A 963 10.34 17.24 -32.35
C GLY A 963 8.85 17.45 -32.35
N LYS A 964 8.08 16.39 -32.15
CA LYS A 964 6.63 16.46 -32.10
C LYS A 964 6.18 16.06 -30.70
N THR A 965 5.33 16.89 -30.11
CA THR A 965 4.70 16.50 -28.86
C THR A 965 3.73 15.36 -29.07
N LEU A 966 3.08 15.34 -30.23
CA LEU A 966 1.94 14.46 -30.48
C LEU A 966 1.71 14.47 -31.99
N PRO A 967 1.22 13.37 -32.57
CA PRO A 967 1.10 13.30 -34.04
C PRO A 967 0.12 14.28 -34.66
N SER A 968 -0.73 14.92 -33.88
CA SER A 968 -1.63 15.93 -34.43
C SER A 968 -0.91 17.24 -34.75
N PHE A 969 0.28 17.46 -34.22
CA PHE A 969 0.92 18.75 -34.27
C PHE A 969 2.04 18.80 -35.31
N LYS A 970 2.42 20.02 -35.64
CA LYS A 970 3.57 20.26 -36.49
C LYS A 970 4.85 19.88 -35.74
N PRO A 971 5.90 19.47 -36.45
CA PRO A 971 7.22 19.35 -35.81
C PRO A 971 7.68 20.69 -35.25
N TYR A 972 7.94 20.70 -33.94
CA TYR A 972 8.34 21.86 -33.15
C TYR A 972 7.30 22.98 -33.26
N GLU A 973 6.13 22.69 -32.71
CA GLU A 973 5.05 23.67 -32.68
C GLU A 973 5.41 24.80 -31.72
N THR A 974 5.08 26.02 -32.11
CA THR A 974 5.48 27.22 -31.39
C THR A 974 4.52 27.60 -30.27
N ASP A 975 3.45 26.83 -30.04
CA ASP A 975 2.42 27.21 -29.09
C ASP A 975 2.50 26.35 -27.83
N ALA A 976 1.99 26.91 -26.73
CA ALA A 976 1.79 26.18 -25.50
C ALA A 976 0.57 25.28 -25.55
N MET A 977 -0.29 25.45 -26.54
CA MET A 977 -1.36 24.50 -26.83
C MET A 977 -0.80 23.10 -27.10
N ALA A 978 0.34 23.03 -27.80
CA ALA A 978 1.05 21.79 -28.01
C ALA A 978 2.05 21.49 -26.91
N GLY A 979 1.85 22.05 -25.73
CA GLY A 979 2.73 21.77 -24.63
C GLY A 979 1.93 21.33 -23.44
N GLY A 980 0.62 21.51 -23.53
CA GLY A 980 -0.21 21.06 -22.44
C GLY A 980 -1.00 22.17 -21.78
N TYR A 981 -0.98 23.37 -22.35
CA TYR A 981 -1.83 24.44 -21.83
C TYR A 981 -3.25 24.15 -22.26
N VAL A 982 -4.11 23.80 -21.30
CA VAL A 982 -5.47 23.40 -21.59
C VAL A 982 -6.33 24.67 -21.56
N LYS A 983 -6.72 25.15 -22.74
CA LYS A 983 -7.63 26.28 -22.83
C LYS A 983 -9.09 25.87 -22.74
N GLY A 984 -9.39 24.64 -22.34
CA GLY A 984 -10.74 24.17 -22.16
C GLY A 984 -11.08 24.03 -20.69
N ARG A 985 -12.36 23.82 -20.43
CA ARG A 985 -12.90 23.72 -19.09
C ARG A 985 -13.81 22.51 -19.02
N PHE A 986 -14.29 22.19 -17.83
CA PHE A 986 -15.15 21.02 -17.71
C PHE A 986 -16.61 21.38 -17.83
N TYR A 987 -16.93 22.60 -18.28
CA TYR A 987 -18.29 22.95 -18.66
C TYR A 987 -18.51 22.81 -20.16
N SER A 988 -17.66 23.43 -20.97
CA SER A 988 -17.81 23.40 -22.41
C SER A 988 -16.98 22.32 -23.08
N GLY A 989 -16.35 21.45 -22.31
CA GLY A 989 -15.66 20.30 -22.86
C GLY A 989 -14.30 20.64 -23.44
N ILE A 990 -13.45 19.61 -23.51
CA ILE A 990 -12.06 19.78 -23.90
C ILE A 990 -11.75 19.00 -25.15
N LYS A 991 -10.84 19.55 -25.95
CA LYS A 991 -10.41 18.99 -27.22
C LYS A 991 -9.65 17.68 -26.99
N PRO A 992 -9.49 16.84 -28.05
CA PRO A 992 -8.86 15.53 -27.82
C PRO A 992 -7.42 15.56 -27.38
N GLN A 993 -6.61 16.50 -27.88
CA GLN A 993 -5.24 16.62 -27.39
C GLN A 993 -5.20 17.04 -25.93
N GLU A 994 -6.16 17.87 -25.53
CA GLU A 994 -6.25 18.33 -24.15
C GLU A 994 -6.58 17.18 -23.21
N TYR A 995 -7.50 16.31 -23.62
CA TYR A 995 -7.84 15.15 -22.81
C TYR A 995 -6.72 14.13 -22.77
N TYR A 996 -6.02 13.95 -23.90
CA TYR A 996 -4.89 13.03 -23.92
C TYR A 996 -3.75 13.52 -23.06
N PHE A 997 -3.58 14.84 -22.96
CA PHE A 997 -2.60 15.39 -22.03
C PHE A 997 -3.05 15.24 -20.59
N HIS A 998 -4.35 15.39 -20.33
CA HIS A 998 -4.84 15.34 -18.96
C HIS A 998 -4.78 13.94 -18.38
N CYS A 999 -4.85 12.92 -19.25
CA CYS A 999 -4.69 11.55 -18.79
C CYS A 999 -3.29 11.26 -18.26
N MET A 1000 -2.27 11.92 -18.82
CA MET A 1000 -0.90 11.76 -18.33
C MET A 1000 -0.76 12.23 -16.89
N ALA A 1001 -1.28 13.43 -16.60
CA ALA A 1001 -1.20 13.97 -15.25
C ALA A 1001 -2.03 13.15 -14.28
N GLY A 1002 -3.17 12.63 -14.72
CA GLY A 1002 -3.94 11.73 -13.87
C GLY A 1002 -3.20 10.45 -13.52
N ARG A 1003 -2.49 9.88 -14.51
CA ARG A 1003 -1.76 8.64 -14.25
C ARG A 1003 -0.57 8.87 -13.33
N GLU A 1004 0.15 9.98 -13.53
CA GLU A 1004 1.29 10.29 -12.66
C GLU A 1004 0.82 10.56 -11.24
N GLY A 1005 -0.36 11.18 -11.08
CA GLY A 1005 -0.91 11.36 -9.75
C GLY A 1005 -1.26 10.04 -9.08
N LEU A 1006 -1.78 9.09 -9.86
CA LEU A 1006 -2.12 7.80 -9.27
C LEU A 1006 -0.89 6.98 -8.89
N ILE A 1007 0.19 7.08 -9.68
CA ILE A 1007 1.43 6.41 -9.30
C ILE A 1007 2.04 7.05 -8.05
N ASP A 1008 2.05 8.38 -7.99
CA ASP A 1008 2.64 9.08 -6.86
C ASP A 1008 1.81 8.95 -5.59
N THR A 1009 0.52 8.63 -5.70
CA THR A 1009 -0.22 8.28 -4.49
C THR A 1009 -0.27 6.78 -4.25
N ALA A 1010 0.22 5.98 -5.19
CA ALA A 1010 0.38 4.55 -4.88
C ALA A 1010 1.66 4.28 -4.12
N VAL A 1011 2.74 5.00 -4.43
CA VAL A 1011 4.04 4.62 -3.90
C VAL A 1011 4.22 5.09 -2.44
N LYS A 1012 3.57 6.19 -2.06
CA LYS A 1012 4.01 6.94 -0.88
C LYS A 1012 3.60 6.26 0.43
N THR A 1013 2.50 5.48 0.39
CA THR A 1013 1.96 4.86 1.59
C THR A 1013 2.88 3.79 2.15
N SER A 1014 3.47 2.95 1.30
CA SER A 1014 4.48 2.02 1.74
C SER A 1014 5.90 2.55 1.56
N ARG A 1015 6.06 3.75 1.01
CA ARG A 1015 7.35 4.43 1.10
C ARG A 1015 7.61 5.01 2.49
N SER A 1016 6.59 5.57 3.15
CA SER A 1016 6.79 6.20 4.46
C SER A 1016 6.59 5.28 5.65
N GLY A 1017 5.84 4.18 5.50
CA GLY A 1017 5.65 3.25 6.60
C GLY A 1017 6.91 2.55 7.03
N TYR A 1018 7.87 2.42 6.11
CA TYR A 1018 9.17 1.86 6.44
C TYR A 1018 9.96 2.77 7.38
N LEU A 1019 9.97 4.06 7.09
CA LEU A 1019 10.64 5.02 7.97
C LEU A 1019 9.93 5.12 9.32
N GLN A 1020 8.60 5.03 9.33
CA GLN A 1020 7.88 5.01 10.59
C GLN A 1020 8.19 3.74 11.39
N ARG A 1021 8.42 2.62 10.70
CA ARG A 1021 8.84 1.39 11.38
C ARG A 1021 10.22 1.53 12.00
N CYS A 1022 11.15 2.14 11.24
CA CYS A 1022 12.50 2.38 11.74
C CYS A 1022 12.50 3.29 12.97
N LEU A 1023 11.63 4.30 12.98
CA LEU A 1023 11.59 5.21 14.11
C LEU A 1023 10.92 4.57 15.32
N THR A 1024 9.76 3.93 15.11
CA THR A 1024 9.05 3.29 16.22
C THR A 1024 9.79 2.10 16.80
N LYS A 1025 10.81 1.58 16.12
CA LYS A 1025 11.61 0.55 16.76
C LYS A 1025 12.53 1.12 17.83
N GLN A 1026 13.31 2.16 17.49
CA GLN A 1026 14.34 2.67 18.39
C GLN A 1026 13.83 3.75 19.34
N LEU A 1027 12.51 3.87 19.52
CA LEU A 1027 11.93 4.84 20.45
C LEU A 1027 10.78 4.24 21.23
N GLU A 1028 10.81 2.93 21.48
CA GLU A 1028 9.60 2.24 21.92
C GLU A 1028 9.31 2.43 23.40
N GLY A 1029 10.31 2.71 24.23
CA GLY A 1029 10.05 2.83 25.65
C GLY A 1029 10.43 4.18 26.24
N VAL A 1030 10.93 5.07 25.39
CA VAL A 1030 11.36 6.39 25.79
C VAL A 1030 10.18 7.19 26.29
N HIS A 1031 10.17 7.53 27.57
CA HIS A 1031 8.95 8.08 28.15
C HIS A 1031 9.30 9.10 29.23
N VAL A 1032 8.27 9.52 29.97
CA VAL A 1032 8.36 10.55 30.99
C VAL A 1032 8.31 9.88 32.35
N SER A 1033 9.24 10.23 33.23
CA SER A 1033 9.34 9.62 34.56
C SER A 1033 8.91 10.61 35.62
N TYR A 1034 8.93 10.15 36.88
CA TYR A 1034 8.44 10.98 37.97
C TYR A 1034 9.40 12.11 38.36
N ASP A 1035 10.66 12.03 37.95
CA ASP A 1035 11.54 13.19 38.04
C ASP A 1035 11.43 14.09 36.82
N ASN A 1036 10.39 13.89 36.00
CA ASN A 1036 10.03 14.71 34.85
C ASN A 1036 11.12 14.71 33.79
N SER A 1037 11.86 13.61 33.69
CA SER A 1037 12.98 13.49 32.78
C SER A 1037 12.69 12.44 31.72
N ILE A 1038 13.04 12.75 30.48
CA ILE A 1038 12.75 11.86 29.36
C ILE A 1038 13.75 10.72 29.41
N ARG A 1039 13.36 9.61 30.03
CA ARG A 1039 14.28 8.53 30.31
C ARG A 1039 13.80 7.25 29.65
N ASP A 1040 14.73 6.47 29.12
CA ASP A 1040 14.43 5.26 28.37
C ASP A 1040 14.08 4.15 29.37
N ALA A 1041 14.02 2.90 28.89
CA ALA A 1041 13.44 1.80 29.63
C ALA A 1041 14.27 1.43 30.85
N ASP A 1042 15.55 1.12 30.64
CA ASP A 1042 16.42 0.72 31.74
C ASP A 1042 16.86 1.90 32.60
N GLY A 1043 17.00 3.08 32.00
CA GLY A 1043 17.48 4.22 32.77
C GLY A 1043 18.40 5.15 32.01
N THR A 1044 18.68 4.85 30.75
CA THR A 1044 19.46 5.75 29.91
C THR A 1044 18.69 7.04 29.68
N LEU A 1045 19.28 8.17 30.03
CA LEU A 1045 18.57 9.44 30.08
C LEU A 1045 18.76 10.20 28.77
N VAL A 1046 17.66 10.51 28.10
CA VAL A 1046 17.71 11.18 26.81
C VAL A 1046 17.57 12.70 26.96
N GLN A 1047 16.60 13.15 27.76
CA GLN A 1047 16.45 14.57 28.05
C GLN A 1047 16.09 14.76 29.52
N PHE A 1048 16.32 15.99 29.99
CA PHE A 1048 16.03 16.33 31.38
C PHE A 1048 14.64 16.90 31.56
N MET A 1049 14.16 17.69 30.61
CA MET A 1049 12.79 18.17 30.61
C MET A 1049 12.26 18.02 29.19
N TYR A 1050 10.97 17.73 29.07
CA TYR A 1050 10.36 17.45 27.76
C TYR A 1050 10.34 18.73 26.93
N GLY A 1051 11.26 18.83 25.98
CA GLY A 1051 11.29 19.94 25.05
C GLY A 1051 11.86 21.24 25.58
N GLY A 1052 11.86 21.43 26.89
CA GLY A 1052 12.32 22.67 27.48
C GLY A 1052 11.35 23.20 28.50
N ASP A 1053 10.13 22.65 28.52
CA ASP A 1053 9.11 23.17 29.42
C ASP A 1053 8.29 22.11 30.13
N ALA A 1054 8.43 20.82 29.81
CA ALA A 1054 7.63 19.71 30.34
C ALA A 1054 6.14 19.96 30.17
N ILE A 1055 5.76 20.42 28.98
CA ILE A 1055 4.38 20.72 28.68
C ILE A 1055 3.84 19.60 27.79
N ASP A 1056 2.52 19.51 27.70
CA ASP A 1056 1.89 18.63 26.74
C ASP A 1056 1.52 19.46 25.52
N ILE A 1057 1.76 18.89 24.33
CA ILE A 1057 1.54 19.65 23.10
C ILE A 1057 0.05 19.79 22.82
N THR A 1058 -0.76 18.84 23.30
CA THR A 1058 -2.20 18.96 23.18
C THR A 1058 -2.74 20.09 24.04
N LYS A 1059 -2.30 20.16 25.30
CA LYS A 1059 -2.89 21.05 26.27
C LYS A 1059 -2.18 22.40 26.36
N GLU A 1060 -1.42 22.79 25.33
CA GLU A 1060 -0.77 24.09 25.32
C GLU A 1060 -1.40 25.05 24.31
N SER A 1061 -2.69 24.84 24.02
CA SER A 1061 -3.33 25.53 22.90
C SER A 1061 -3.54 27.02 23.20
N HIS A 1062 -4.33 27.33 24.23
CA HIS A 1062 -4.69 28.71 24.56
C HIS A 1062 -3.86 29.29 25.69
N MET A 1063 -2.70 28.72 25.98
CA MET A 1063 -1.90 29.25 27.08
C MET A 1063 -1.22 30.55 26.73
N THR A 1064 -0.69 30.65 25.51
CA THR A 1064 -0.13 31.91 25.05
C THR A 1064 -1.17 32.79 24.36
N GLN A 1065 -2.44 32.40 24.43
CA GLN A 1065 -3.54 33.29 24.08
C GLN A 1065 -3.98 34.02 25.34
N PHE A 1066 -3.22 35.06 25.69
CA PHE A 1066 -3.49 35.79 26.91
C PHE A 1066 -4.71 36.69 26.77
N GLU A 1067 -4.90 37.28 25.59
CA GLU A 1067 -6.04 38.16 25.35
C GLU A 1067 -7.34 37.38 25.40
N PHE A 1068 -7.31 36.10 25.01
CA PHE A 1068 -8.48 35.25 25.18
C PHE A 1068 -8.73 34.94 26.65
N CYS A 1069 -7.69 34.53 27.39
CA CYS A 1069 -7.85 34.06 28.75
C CYS A 1069 -8.08 35.19 29.75
N LEU A 1070 -7.79 36.44 29.38
CA LEU A 1070 -8.28 37.57 30.15
C LEU A 1070 -9.79 37.57 30.21
N ASP A 1071 -10.44 37.43 29.06
CA ASP A 1071 -11.85 37.13 28.98
C ASP A 1071 -12.10 35.70 29.47
N ASN A 1072 -13.37 35.38 29.68
CA ASN A 1072 -13.82 34.08 30.23
C ASN A 1072 -13.14 33.76 31.56
N TYR A 1073 -12.88 34.81 32.35
CA TYR A 1073 -12.00 34.68 33.51
C TYR A 1073 -12.66 33.86 34.62
N TYR A 1074 -13.94 34.11 34.88
CA TYR A 1074 -14.64 33.38 35.93
C TYR A 1074 -14.87 31.93 35.52
N ALA A 1075 -14.98 31.67 34.22
CA ALA A 1075 -15.11 30.32 33.72
C ALA A 1075 -13.85 29.51 34.04
N LEU A 1076 -12.68 30.08 33.76
CA LEU A 1076 -11.43 29.40 34.09
C LEU A 1076 -11.20 29.36 35.59
N LEU A 1077 -11.75 30.33 36.33
CA LEU A 1077 -11.64 30.31 37.79
C LEU A 1077 -12.40 29.14 38.39
N LYS A 1078 -13.64 28.92 37.92
CA LYS A 1078 -14.40 27.76 38.39
C LYS A 1078 -13.90 26.46 37.77
N LYS A 1079 -13.17 26.55 36.66
CA LYS A 1079 -12.54 25.37 36.09
C LYS A 1079 -11.37 24.90 36.95
N TYR A 1080 -10.48 25.82 37.31
CA TYR A 1080 -9.19 25.43 37.88
C TYR A 1080 -9.26 25.18 39.38
N ASN A 1081 -10.11 25.92 40.11
CA ASN A 1081 -10.35 25.81 41.55
C ASN A 1081 -9.06 25.97 42.34
N PRO A 1082 -8.51 27.19 42.44
CA PRO A 1082 -7.23 27.34 43.15
C PRO A 1082 -7.35 27.15 44.65
N SER A 1083 -8.54 27.40 45.21
CA SER A 1083 -8.71 27.33 46.67
C SER A 1083 -8.68 25.91 47.20
N ALA A 1084 -8.90 24.92 46.34
CA ALA A 1084 -8.66 23.53 46.72
C ALA A 1084 -7.23 23.10 46.47
N LEU A 1085 -6.38 24.01 45.98
CA LEU A 1085 -4.99 23.70 45.66
C LEU A 1085 -4.06 24.57 46.48
N ILE A 1086 -4.29 24.65 47.79
CA ILE A 1086 -3.52 25.50 48.68
C ILE A 1086 -2.54 24.69 49.52
N GLU A 1087 -3.05 23.65 50.19
CA GLU A 1087 -2.29 22.95 51.21
C GLU A 1087 -1.22 22.04 50.61
N HIS A 1088 -1.51 21.41 49.47
CA HIS A 1088 -0.62 20.45 48.85
C HIS A 1088 0.27 21.09 47.79
N LEU A 1089 0.65 22.35 47.98
CA LEU A 1089 1.31 23.09 46.92
C LEU A 1089 2.11 24.23 47.56
N ASP A 1090 3.43 24.09 47.58
CA ASP A 1090 4.29 25.15 48.08
C ASP A 1090 4.34 26.27 47.05
N VAL A 1091 3.93 27.48 47.45
CA VAL A 1091 3.61 28.51 46.48
C VAL A 1091 4.79 29.43 46.19
N GLU A 1092 5.23 30.19 47.19
CA GLU A 1092 6.05 31.36 46.93
C GLU A 1092 7.53 31.06 46.84
N SER A 1093 7.93 29.79 46.98
CA SER A 1093 9.34 29.41 46.95
C SER A 1093 9.95 29.64 45.58
N ALA A 1094 9.27 29.17 44.53
CA ALA A 1094 9.73 29.48 43.18
C ALA A 1094 9.44 30.91 42.80
N LEU A 1095 8.45 31.53 43.44
CA LEU A 1095 8.08 32.91 43.10
C LEU A 1095 9.13 33.90 43.54
N LYS A 1096 9.81 33.65 44.66
CA LYS A 1096 10.90 34.53 45.05
C LYS A 1096 12.11 34.36 44.13
N TYR A 1097 12.35 33.13 43.67
CA TYR A 1097 13.52 32.85 42.84
C TYR A 1097 13.35 33.38 41.42
N SER A 1098 12.12 33.34 40.90
CA SER A 1098 11.87 33.63 39.49
C SER A 1098 12.05 35.11 39.18
N LYS A 1099 11.63 35.99 40.10
CA LYS A 1099 11.81 37.42 39.90
C LYS A 1099 13.28 37.81 39.94
N LYS A 1100 14.07 37.13 40.77
CA LYS A 1100 15.50 37.38 40.81
C LYS A 1100 16.19 36.90 39.54
N THR A 1101 15.76 35.75 39.01
CA THR A 1101 16.25 35.30 37.70
C THR A 1101 15.92 36.29 36.60
N LEU A 1102 14.71 36.85 36.64
CA LEU A 1102 14.30 37.75 35.57
C LEU A 1102 14.99 39.10 35.68
N LYS A 1103 15.26 39.58 36.90
CA LYS A 1103 15.97 40.85 37.03
C LYS A 1103 17.44 40.70 36.69
N TYR A 1104 18.05 39.55 37.01
CA TYR A 1104 19.41 39.30 36.53
C TYR A 1104 19.43 39.07 35.03
N ARG A 1105 18.32 38.60 34.46
CA ARG A 1105 18.23 38.43 33.02
C ARG A 1105 18.21 39.77 32.30
N LYS A 1106 17.31 40.66 32.73
CA LYS A 1106 17.24 41.99 32.13
C LYS A 1106 18.45 42.84 32.50
N LYS A 1107 19.15 42.48 33.58
CA LYS A 1107 20.39 43.14 33.96
C LYS A 1107 21.50 42.91 32.93
N HIS A 1108 21.52 41.74 32.30
CA HIS A 1108 22.55 41.38 31.32
C HIS A 1108 21.87 40.80 30.09
N SER A 1109 21.66 41.62 29.07
CA SER A 1109 20.96 41.15 27.88
C SER A 1109 21.69 41.44 26.59
N LYS A 1110 22.38 42.58 26.48
CA LYS A 1110 22.95 43.00 25.20
C LYS A 1110 24.18 42.19 24.82
N GLU A 1111 24.81 41.53 25.77
CA GLU A 1111 26.00 40.74 25.50
C GLU A 1111 25.64 39.44 24.79
N PRO A 1112 26.49 38.96 23.88
CA PRO A 1112 26.22 37.68 23.22
C PRO A 1112 26.45 36.52 24.18
N HIS A 1113 26.04 35.33 23.71
CA HIS A 1113 25.93 34.16 24.58
C HIS A 1113 27.28 33.67 25.10
N TYR A 1114 28.36 33.93 24.36
CA TYR A 1114 29.67 33.58 24.88
C TYR A 1114 30.15 34.60 25.91
N LYS A 1115 29.82 35.87 25.69
CA LYS A 1115 30.02 36.86 26.73
C LYS A 1115 29.02 36.68 27.87
N GLN A 1116 27.81 36.22 27.56
CA GLN A 1116 26.79 35.97 28.56
C GLN A 1116 27.13 34.70 29.32
N SER A 1117 27.93 34.81 30.37
CA SER A 1117 28.21 33.66 31.21
C SER A 1117 27.01 33.36 32.09
N VAL A 1118 27.06 32.21 32.75
CA VAL A 1118 25.96 31.72 33.57
C VAL A 1118 26.34 31.90 35.04
N LYS A 1119 25.43 32.52 35.80
CA LYS A 1119 25.61 32.66 37.23
C LYS A 1119 24.83 31.60 38.00
N TYR A 1120 23.51 31.55 37.80
CA TYR A 1120 22.68 30.57 38.49
C TYR A 1120 21.55 30.12 37.57
N ASP A 1121 20.85 29.09 38.03
CA ASP A 1121 20.03 28.26 37.16
C ASP A 1121 18.75 28.97 36.72
N PRO A 1122 18.13 28.53 35.60
CA PRO A 1122 16.78 29.00 35.25
C PRO A 1122 15.71 28.48 36.20
N VAL A 1123 14.46 28.89 35.96
CA VAL A 1123 13.40 28.72 36.95
C VAL A 1123 13.00 27.25 37.06
N LEU A 1124 12.84 26.58 35.94
CA LEU A 1124 12.43 25.18 35.95
C LEU A 1124 13.57 24.27 36.37
N ALA A 1125 14.81 24.69 36.12
CA ALA A 1125 15.97 23.81 36.27
C ALA A 1125 16.27 23.49 37.72
N LYS A 1126 15.82 24.31 38.66
CA LYS A 1126 16.05 24.05 40.07
C LYS A 1126 14.82 23.52 40.78
N TYR A 1127 13.63 24.01 40.41
CA TYR A 1127 12.40 23.70 41.13
C TYR A 1127 11.48 22.86 40.26
N ASN A 1128 10.78 21.92 40.89
CA ASN A 1128 9.85 21.01 40.21
C ASN A 1128 8.64 21.79 39.71
N PRO A 1129 8.35 21.81 38.41
CA PRO A 1129 7.24 22.64 37.91
C PRO A 1129 5.86 22.12 38.24
N ALA A 1130 5.73 20.88 38.70
CA ALA A 1130 4.43 20.32 39.04
C ALA A 1130 4.16 20.30 40.53
N LYS A 1131 5.07 20.84 41.34
CA LYS A 1131 4.91 20.89 42.79
C LYS A 1131 5.02 22.29 43.34
N TYR A 1132 5.70 23.20 42.66
CA TYR A 1132 5.95 24.54 43.15
C TYR A 1132 5.26 25.51 42.20
N LEU A 1133 4.13 26.05 42.64
CA LEU A 1133 3.31 26.97 41.87
C LEU A 1133 4.06 28.26 41.57
N GLY A 1134 4.42 28.45 40.31
CA GLY A 1134 5.26 29.57 39.90
C GLY A 1134 6.53 29.13 39.22
N SER A 1135 6.88 27.85 39.28
CA SER A 1135 8.02 27.33 38.53
C SER A 1135 7.63 27.27 37.05
N VAL A 1136 7.98 28.31 36.32
CA VAL A 1136 7.46 28.59 34.99
C VAL A 1136 8.64 28.73 34.04
N SER A 1137 8.48 28.23 32.81
CA SER A 1137 9.49 28.41 31.76
C SER A 1137 9.73 29.88 31.46
N GLU A 1138 10.88 30.15 30.85
CA GLU A 1138 11.34 31.52 30.76
C GLU A 1138 10.64 32.29 29.64
N ASN A 1139 10.45 31.67 28.47
CA ASN A 1139 9.91 32.41 27.34
C ASN A 1139 8.42 32.67 27.51
N PHE A 1140 7.69 31.73 28.12
CA PHE A 1140 6.29 31.96 28.46
C PHE A 1140 6.14 33.07 29.50
N GLN A 1141 7.04 33.11 30.47
CA GLN A 1141 7.03 34.16 31.48
C GLN A 1141 7.36 35.51 30.85
N ASP A 1142 8.26 35.52 29.87
CA ASP A 1142 8.60 36.77 29.19
C ASP A 1142 7.44 37.28 28.34
N LYS A 1143 6.75 36.38 27.64
CA LYS A 1143 5.57 36.81 26.87
C LYS A 1143 4.43 37.24 27.79
N LEU A 1144 4.27 36.57 28.94
CA LEU A 1144 3.29 37.00 29.93
C LEU A 1144 3.56 38.41 30.42
N GLU A 1145 4.83 38.69 30.78
CA GLU A 1145 5.13 40.00 31.32
C GLU A 1145 5.12 41.08 30.23
N SER A 1146 5.43 40.72 28.99
CA SER A 1146 5.34 41.69 27.92
C SER A 1146 3.88 41.99 27.54
N PHE A 1147 3.01 40.99 27.61
CA PHE A 1147 1.59 41.24 27.41
C PHE A 1147 1.02 42.11 28.53
N LEU A 1148 1.41 41.83 29.77
CA LEU A 1148 0.94 42.65 30.88
C LEU A 1148 1.59 44.03 30.88
N ASP A 1149 2.71 44.19 30.17
CA ASP A 1149 3.26 45.52 29.89
C ASP A 1149 2.37 46.28 28.92
N LYS A 1150 2.22 45.77 27.71
CA LYS A 1150 1.68 46.59 26.63
C LYS A 1150 0.16 46.74 26.65
N ASN A 1151 -0.54 46.14 27.61
CA ASN A 1151 -2.00 46.16 27.63
C ASN A 1151 -2.52 46.38 29.04
N SER A 1152 -1.96 47.39 29.72
CA SER A 1152 -2.46 47.73 31.05
C SER A 1152 -3.81 48.44 30.98
N LYS A 1153 -4.10 49.12 29.88
CA LYS A 1153 -5.37 49.81 29.71
C LYS A 1153 -6.53 48.82 29.61
N LEU A 1154 -6.31 47.67 28.99
CA LEU A 1154 -7.33 46.64 28.92
C LEU A 1154 -7.56 46.00 30.28
N PHE A 1155 -6.53 45.96 31.12
CA PHE A 1155 -6.68 45.41 32.47
C PHE A 1155 -7.39 46.40 33.38
N LYS A 1156 -7.16 47.70 33.18
CA LYS A 1156 -7.63 48.71 34.10
C LYS A 1156 -9.12 48.99 33.95
N SER A 1157 -9.58 49.21 32.73
CA SER A 1157 -10.88 49.82 32.46
C SER A 1157 -11.75 48.95 31.56
N SER A 1158 -11.74 47.64 31.78
CA SER A 1158 -12.67 46.75 31.09
C SER A 1158 -13.59 46.00 32.05
N ASP A 1159 -13.04 45.35 33.07
CA ASP A 1159 -13.86 44.72 34.10
C ASP A 1159 -13.23 44.89 35.48
N GLY A 1160 -12.21 45.73 35.61
CA GLY A 1160 -11.49 45.82 36.87
C GLY A 1160 -10.68 44.59 37.21
N VAL A 1161 -10.19 43.88 36.19
CA VAL A 1161 -9.46 42.63 36.41
C VAL A 1161 -8.05 42.97 36.86
N ASN A 1162 -7.66 42.44 38.02
CA ASN A 1162 -6.36 42.75 38.60
C ASN A 1162 -5.25 42.04 37.84
N GLU A 1163 -4.09 42.69 37.78
CA GLU A 1163 -2.94 42.09 37.10
C GLU A 1163 -2.33 40.98 37.93
N LYS A 1164 -2.33 41.11 39.26
CA LYS A 1164 -1.80 40.06 40.12
C LYS A 1164 -2.71 38.84 40.12
N LYS A 1165 -4.02 39.04 40.03
CA LYS A 1165 -4.93 37.90 39.95
C LYS A 1165 -4.80 37.17 38.62
N PHE A 1166 -4.58 37.92 37.53
CA PHE A 1166 -4.37 37.28 36.24
C PHE A 1166 -3.05 36.54 36.19
N ARG A 1167 -2.00 37.10 36.79
CA ARG A 1167 -0.72 36.40 36.82
C ARG A 1167 -0.79 35.14 37.69
N ALA A 1168 -1.46 35.22 38.85
CA ALA A 1168 -1.60 34.05 39.68
C ALA A 1168 -2.62 33.06 39.15
N LEU A 1169 -3.41 33.44 38.15
CA LEU A 1169 -4.18 32.45 37.42
C LEU A 1169 -3.33 31.73 36.38
N MET A 1170 -2.54 32.48 35.62
CA MET A 1170 -1.72 31.86 34.58
C MET A 1170 -0.58 31.02 35.15
N GLN A 1171 -0.16 31.29 36.39
CA GLN A 1171 0.79 30.40 37.04
C GLN A 1171 0.17 29.04 37.35
N LEU A 1172 -1.13 29.00 37.62
CA LEU A 1172 -1.81 27.71 37.77
C LEU A 1172 -2.11 27.09 36.43
N LYS A 1173 -2.35 27.91 35.41
CA LYS A 1173 -2.64 27.39 34.08
C LYS A 1173 -1.40 26.75 33.47
N TYR A 1174 -0.21 27.27 33.79
CA TYR A 1174 0.99 26.61 33.32
C TYR A 1174 1.25 25.29 34.03
N MET A 1175 0.74 25.11 35.25
CA MET A 1175 1.03 23.91 36.01
C MET A 1175 -0.01 22.83 35.81
N ARG A 1176 -1.25 23.20 35.52
CA ARG A 1176 -2.24 22.17 35.22
C ARG A 1176 -2.02 21.57 33.84
N SER A 1177 -1.43 22.35 32.93
CA SER A 1177 -1.18 21.89 31.56
C SER A 1177 0.22 21.30 31.43
N LEU A 1178 0.59 20.36 32.30
CA LEU A 1178 1.90 19.77 32.26
C LEU A 1178 1.82 18.31 31.87
N ILE A 1179 2.92 17.81 31.30
CA ILE A 1179 2.97 16.46 30.75
C ILE A 1179 2.92 15.44 31.89
N ASN A 1180 2.27 14.33 31.64
CA ASN A 1180 2.13 13.38 32.74
C ASN A 1180 3.38 12.50 32.85
N PRO A 1181 3.79 12.17 34.07
CA PRO A 1181 4.79 11.11 34.24
C PRO A 1181 4.26 9.75 33.78
N GLY A 1182 4.80 9.24 32.68
CA GLY A 1182 4.38 7.95 32.18
C GLY A 1182 4.03 7.92 30.72
N GLU A 1183 3.96 9.09 30.08
CA GLU A 1183 3.50 9.17 28.71
C GLU A 1183 4.60 8.73 27.75
N ALA A 1184 4.27 7.78 26.88
CA ALA A 1184 5.22 7.29 25.89
C ALA A 1184 5.35 8.35 24.80
N VAL A 1185 6.23 9.32 25.07
CA VAL A 1185 6.46 10.38 24.10
C VAL A 1185 7.38 9.95 22.97
N GLY A 1186 8.03 8.79 23.09
CA GLY A 1186 8.85 8.31 22.00
C GLY A 1186 8.02 7.80 20.84
N ILE A 1187 6.96 7.06 21.14
CA ILE A 1187 6.03 6.59 20.12
C ILE A 1187 5.39 7.77 19.41
N ILE A 1188 4.95 8.76 20.19
CA ILE A 1188 4.29 9.94 19.66
C ILE A 1188 5.24 10.77 18.80
N ALA A 1189 6.50 10.89 19.25
CA ALA A 1189 7.51 11.60 18.48
C ALA A 1189 7.87 10.87 17.20
N SER A 1190 7.71 9.55 17.18
CA SER A 1190 7.92 8.81 15.95
C SER A 1190 6.77 9.03 14.98
N GLN A 1191 5.55 8.95 15.50
CA GLN A 1191 4.37 8.95 14.64
C GLN A 1191 4.05 10.34 14.11
N SER A 1192 4.44 11.39 14.81
CA SER A 1192 4.19 12.73 14.32
C SER A 1192 5.22 13.19 13.28
N VAL A 1193 6.24 12.39 13.02
CA VAL A 1193 7.14 12.64 11.90
C VAL A 1193 6.90 11.64 10.78
N GLY A 1194 6.57 10.39 11.09
CA GLY A 1194 6.31 9.41 10.05
C GLY A 1194 5.02 9.64 9.29
N GLU A 1195 4.00 10.13 9.95
CA GLU A 1195 2.70 10.30 9.31
C GLU A 1195 2.58 11.53 8.39
N PRO A 1196 3.06 12.75 8.73
CA PRO A 1196 2.97 13.84 7.74
C PRO A 1196 3.82 13.64 6.50
N SER A 1197 4.82 12.76 6.56
CA SER A 1197 5.60 12.42 5.37
C SER A 1197 4.75 11.77 4.28
N THR A 1198 3.62 11.15 4.65
CA THR A 1198 2.70 10.61 3.67
C THR A 1198 1.97 11.71 2.89
N GLN A 1199 1.99 12.95 3.35
CA GLN A 1199 1.37 14.03 2.59
C GLN A 1199 2.30 14.65 1.56
N MET A 1200 3.49 14.10 1.38
CA MET A 1200 4.49 14.71 0.50
C MET A 1200 4.31 14.18 -0.92
N THR A 1201 3.83 15.05 -1.80
CA THR A 1201 3.63 14.68 -3.19
C THR A 1201 4.99 14.62 -3.89
N LEU A 1202 5.22 13.56 -4.66
CA LEU A 1202 6.55 13.21 -5.13
C LEU A 1202 7.11 14.18 -6.16
N ASN A 1203 6.25 14.94 -6.85
CA ASN A 1203 6.80 15.98 -7.72
C ASN A 1203 7.37 17.12 -6.88
N THR A 1204 8.29 17.87 -7.46
CA THR A 1204 9.09 18.82 -6.70
C THR A 1204 9.08 20.16 -7.41
N PHE A 1205 8.56 21.18 -6.72
CA PHE A 1205 8.62 22.57 -7.20
C PHE A 1205 9.97 23.16 -6.83
N HIS A 1206 10.99 22.73 -7.58
CA HIS A 1206 12.37 22.96 -7.18
C HIS A 1206 13.06 24.07 -7.96
N PHE A 1207 12.76 24.22 -9.24
CA PHE A 1207 13.59 25.05 -10.11
C PHE A 1207 13.29 26.53 -9.92
N ALA A 1208 14.36 27.33 -9.93
CA ALA A 1208 14.23 28.78 -9.79
C ALA A 1208 15.21 29.48 -10.73
N ALA A 1213 19.86 26.34 -6.98
CA ALA A 1213 20.17 25.10 -7.68
C ALA A 1213 19.13 24.02 -7.35
N ASN A 1214 19.56 22.96 -6.68
CA ASN A 1214 18.65 21.93 -6.20
C ASN A 1214 19.13 21.42 -4.85
N VAL A 1215 18.25 20.68 -4.18
CA VAL A 1215 18.53 20.13 -2.86
C VAL A 1215 17.60 18.94 -2.67
N THR A 1216 18.08 17.94 -1.93
CA THR A 1216 17.28 16.75 -1.66
C THR A 1216 16.14 17.10 -0.71
N LEU A 1217 14.92 16.75 -1.10
CA LEU A 1217 13.71 17.18 -0.40
C LEU A 1217 12.80 16.00 -0.09
N GLY A 1218 12.14 16.07 1.06
CA GLY A 1218 11.10 15.13 1.41
C GLY A 1218 11.59 13.88 2.08
N ILE A 1219 10.94 12.76 1.78
CA ILE A 1219 11.37 11.47 2.34
C ILE A 1219 12.75 11.03 1.85
N PRO A 1220 13.20 11.29 0.61
CA PRO A 1220 14.64 11.13 0.31
C PRO A 1220 15.57 11.98 1.16
N ARG A 1221 15.10 13.08 1.72
CA ARG A 1221 15.89 13.86 2.67
C ARG A 1221 15.69 13.38 4.09
N LEU A 1222 14.46 13.01 4.46
CA LEU A 1222 14.17 12.66 5.85
C LEU A 1222 14.68 11.28 6.20
N ARG A 1223 14.86 10.42 5.20
CA ARG A 1223 15.50 9.13 5.40
C ARG A 1223 17.01 9.26 5.41
N GLU A 1224 17.53 10.22 4.66
CA GLU A 1224 18.98 10.47 4.63
C GLU A 1224 19.45 11.05 5.96
N ILE A 1225 18.69 11.97 6.53
CA ILE A 1225 19.05 12.57 7.82
C ILE A 1225 18.86 11.58 8.94
N VAL A 1226 17.66 11.05 9.08
CA VAL A 1226 17.25 10.39 10.32
C VAL A 1226 17.54 8.90 10.28
N MET A 1227 17.22 8.22 9.17
CA MET A 1227 17.39 6.78 9.15
C MET A 1227 18.82 6.35 8.85
N THR A 1228 19.32 6.71 7.67
CA THR A 1228 20.58 6.14 7.19
C THR A 1228 21.78 6.78 7.88
N ALA A 1229 21.70 8.10 8.12
CA ALA A 1229 22.78 8.92 8.66
C ALA A 1229 24.06 8.81 7.82
N SER A 1230 23.92 9.17 6.55
CA SER A 1230 25.06 9.16 5.65
C SER A 1230 26.00 10.31 5.97
N ALA A 1231 27.28 9.98 6.20
CA ALA A 1231 28.29 11.01 6.45
C ALA A 1231 28.66 11.75 5.17
N ALA A 1232 28.42 11.16 4.01
CA ALA A 1232 28.61 11.82 2.72
C ALA A 1232 27.22 11.98 2.11
N ILE A 1233 26.61 13.14 2.35
CA ILE A 1233 25.24 13.38 1.92
C ILE A 1233 25.24 13.77 0.44
N LYS A 1234 24.05 13.83 -0.15
CA LYS A 1234 23.92 13.91 -1.61
C LYS A 1234 24.36 15.28 -2.13
N THR A 1235 23.69 16.35 -1.73
CA THR A 1235 24.09 17.71 -2.09
C THR A 1235 24.31 18.52 -0.82
N PRO A 1236 25.54 18.65 -0.34
CA PRO A 1236 25.78 19.41 0.88
C PRO A 1236 25.91 20.90 0.59
N GLN A 1237 25.74 21.69 1.64
CA GLN A 1237 25.89 23.14 1.57
C GLN A 1237 26.50 23.65 2.88
N MET A 1238 27.22 24.76 2.77
CA MET A 1238 27.54 25.60 3.91
C MET A 1238 26.82 26.92 3.75
N THR A 1239 26.17 27.36 4.82
CA THR A 1239 25.54 28.67 4.87
C THR A 1239 26.55 29.66 5.43
N LEU A 1240 26.78 30.75 4.71
CA LEU A 1240 27.82 31.73 5.05
C LEU A 1240 27.15 33.08 5.28
N PRO A 1241 26.81 33.42 6.52
CA PRO A 1241 26.32 34.77 6.78
C PRO A 1241 27.47 35.75 6.73
N ILE A 1242 27.20 36.94 6.22
CA ILE A 1242 28.29 37.87 5.93
C ILE A 1242 28.14 39.15 6.73
N TRP A 1243 29.11 40.05 6.58
CA TRP A 1243 29.08 41.35 7.23
C TRP A 1243 28.21 42.31 6.41
N ASN A 1244 28.25 43.60 6.75
CA ASN A 1244 27.43 44.58 6.07
C ASN A 1244 28.22 45.64 5.32
N ASP A 1245 29.48 45.90 5.69
CA ASP A 1245 30.29 46.82 4.93
C ASP A 1245 30.76 46.24 3.61
N VAL A 1246 30.82 44.91 3.51
CA VAL A 1246 31.09 44.25 2.23
C VAL A 1246 29.89 44.47 1.32
N SER A 1247 30.14 45.09 0.17
CA SER A 1247 29.06 45.31 -0.78
C SER A 1247 28.72 44.00 -1.49
N ASP A 1248 27.55 43.99 -2.14
CA ASP A 1248 27.14 42.82 -2.88
C ASP A 1248 27.93 42.66 -4.17
N GLU A 1249 28.47 43.75 -4.72
CA GLU A 1249 29.39 43.67 -5.84
C GLU A 1249 30.68 42.97 -5.45
N GLN A 1250 31.26 43.37 -4.32
CA GLN A 1250 32.46 42.71 -3.81
C GLN A 1250 32.17 41.28 -3.36
N ALA A 1251 30.97 41.01 -2.86
CA ALA A 1251 30.60 39.65 -2.48
C ALA A 1251 30.49 38.75 -3.70
N ASP A 1252 29.91 39.26 -4.79
CA ASP A 1252 29.88 38.50 -6.04
C ASP A 1252 31.26 38.33 -6.63
N THR A 1253 32.14 39.31 -6.43
CA THR A 1253 33.52 39.19 -6.92
C THR A 1253 34.29 38.12 -6.15
N PHE A 1254 34.11 38.06 -4.83
CA PHE A 1254 34.78 37.02 -4.05
C PHE A 1254 34.19 35.65 -4.31
N CYS A 1255 32.87 35.55 -4.47
CA CYS A 1255 32.26 34.26 -4.79
C CYS A 1255 32.58 33.83 -6.22
N LYS A 1256 32.96 34.76 -7.08
CA LYS A 1256 33.57 34.40 -8.34
C LYS A 1256 34.98 33.87 -8.16
N SER A 1257 35.64 34.25 -7.07
CA SER A 1257 37.01 33.85 -6.77
C SER A 1257 37.09 32.73 -5.74
N ILE A 1258 35.95 32.13 -5.38
CA ILE A 1258 35.93 30.92 -4.58
C ILE A 1258 35.74 29.68 -5.46
N SER A 1259 35.43 29.88 -6.74
CA SER A 1259 34.86 28.82 -7.57
C SER A 1259 35.90 27.77 -7.95
N LYS A 1260 35.51 26.50 -7.79
CA LYS A 1260 36.33 25.38 -8.21
C LYS A 1260 36.35 25.31 -9.72
N VAL A 1261 37.35 25.92 -10.34
CA VAL A 1261 37.44 25.93 -11.80
C VAL A 1261 38.27 24.73 -12.21
N LEU A 1262 37.65 23.80 -12.94
CA LEU A 1262 38.37 22.65 -13.43
C LEU A 1262 39.24 23.07 -14.62
N LEU A 1263 40.19 22.19 -14.97
CA LEU A 1263 41.14 22.54 -16.02
C LEU A 1263 40.49 22.47 -17.40
N SER A 1264 39.46 21.65 -17.54
CA SER A 1264 38.74 21.55 -18.81
C SER A 1264 37.95 22.82 -19.10
N GLU A 1265 37.54 23.55 -18.08
CA GLU A 1265 36.62 24.67 -18.24
C GLU A 1265 37.24 25.90 -18.88
N VAL A 1266 38.54 25.88 -19.19
CA VAL A 1266 39.16 26.92 -20.00
C VAL A 1266 39.53 26.43 -21.37
N ILE A 1267 39.24 25.17 -21.69
CA ILE A 1267 39.68 24.55 -22.94
C ILE A 1267 38.53 24.58 -23.93
N ASP A 1268 38.82 24.96 -25.17
CA ASP A 1268 37.87 24.91 -26.26
C ASP A 1268 38.05 23.69 -27.14
N LYS A 1269 39.27 23.44 -27.62
CA LYS A 1269 39.58 22.30 -28.47
C LYS A 1269 40.85 21.61 -27.98
N VAL A 1270 40.96 20.32 -28.25
CA VAL A 1270 42.19 19.56 -28.04
C VAL A 1270 42.46 18.79 -29.32
N ILE A 1271 43.60 19.06 -29.96
CA ILE A 1271 43.97 18.43 -31.22
C ILE A 1271 45.16 17.53 -30.96
N VAL A 1272 44.94 16.23 -31.01
CA VAL A 1272 46.00 15.26 -30.73
C VAL A 1272 46.38 14.56 -32.03
N THR A 1273 47.38 15.09 -32.73
CA THR A 1273 47.80 14.49 -33.99
C THR A 1273 48.71 13.30 -33.72
N GLU A 1274 49.18 12.66 -34.80
CA GLU A 1274 50.12 11.55 -34.69
C GLU A 1274 51.22 11.65 -35.74
N ARG A 1288 58.24 6.75 -32.88
CA ARG A 1288 57.07 7.43 -33.42
C ARG A 1288 56.56 8.51 -32.47
N SER A 1289 56.34 9.71 -33.02
CA SER A 1289 56.01 10.89 -32.27
C SER A 1289 54.53 11.22 -32.38
N TYR A 1290 54.08 12.16 -31.54
CA TYR A 1290 52.76 12.75 -31.67
C TYR A 1290 52.72 14.09 -30.95
N VAL A 1291 51.77 14.93 -31.33
CA VAL A 1291 51.69 16.32 -30.91
C VAL A 1291 50.35 16.53 -30.22
N ILE A 1292 50.29 17.45 -29.25
CA ILE A 1292 49.04 17.83 -28.60
C ILE A 1292 48.95 19.36 -28.56
N HIS A 1293 47.94 19.91 -29.22
CA HIS A 1293 47.62 21.32 -29.14
C HIS A 1293 46.50 21.55 -28.14
N MET A 1294 46.35 22.80 -27.71
CA MET A 1294 45.24 23.22 -26.86
C MET A 1294 44.82 24.62 -27.27
N ARG A 1295 43.58 24.77 -27.71
CA ARG A 1295 42.98 26.09 -27.84
C ARG A 1295 42.19 26.41 -26.58
N PHE A 1296 42.25 27.65 -26.15
CA PHE A 1296 41.57 28.11 -24.95
C PHE A 1296 40.54 29.17 -25.33
N PHE A 1297 39.90 29.73 -24.31
CA PHE A 1297 38.94 30.80 -24.51
C PHE A 1297 39.67 32.10 -24.81
N ASP A 1298 38.89 33.14 -25.12
CA ASP A 1298 39.45 34.48 -25.14
C ASP A 1298 39.69 34.94 -23.70
N ASN A 1299 40.86 35.54 -23.47
CA ASN A 1299 41.27 35.86 -22.11
C ASN A 1299 40.56 37.08 -21.54
N ASN A 1300 39.72 37.77 -22.32
CA ASN A 1300 38.81 38.72 -21.69
C ASN A 1300 37.70 38.00 -20.94
N GLU A 1301 37.37 36.77 -21.32
CA GLU A 1301 36.30 36.04 -20.65
C GLU A 1301 36.81 35.35 -19.39
N TYR A 1302 37.74 34.40 -19.53
CA TYR A 1302 38.06 33.57 -18.37
C TYR A 1302 38.95 34.26 -17.35
N SER A 1303 39.44 35.46 -17.64
CA SER A 1303 40.03 36.29 -16.60
C SER A 1303 38.99 37.19 -15.95
N GLU A 1304 37.76 37.17 -16.44
CA GLU A 1304 36.65 37.92 -15.87
C GLU A 1304 35.46 37.04 -15.51
N GLU A 1305 35.24 35.94 -16.23
CA GLU A 1305 34.17 35.02 -15.88
C GLU A 1305 34.53 34.18 -14.66
N TYR A 1306 35.76 33.66 -14.61
CA TYR A 1306 36.21 32.83 -13.52
C TYR A 1306 37.36 33.42 -12.74
N ASP A 1307 37.97 34.52 -13.20
CA ASP A 1307 39.09 35.22 -12.57
C ASP A 1307 40.30 34.29 -12.42
N VAL A 1308 40.83 33.90 -13.59
CA VAL A 1308 42.06 33.12 -13.67
C VAL A 1308 42.95 33.78 -14.72
N SER A 1309 44.18 34.11 -14.33
CA SER A 1309 45.13 34.73 -15.22
C SER A 1309 45.93 33.68 -16.00
N LYS A 1310 46.89 34.15 -16.78
CA LYS A 1310 47.73 33.25 -17.55
C LYS A 1310 48.75 32.54 -16.68
N GLU A 1311 49.22 33.19 -15.61
CA GLU A 1311 50.28 32.63 -14.79
C GLU A 1311 49.77 31.47 -13.94
N GLU A 1312 48.52 31.59 -13.44
CA GLU A 1312 47.91 30.48 -12.71
C GLU A 1312 47.69 29.29 -13.61
N LEU A 1313 47.30 29.54 -14.86
CA LEU A 1313 47.06 28.46 -15.82
C LEU A 1313 48.36 27.76 -16.22
N GLN A 1314 49.41 28.55 -16.49
CA GLN A 1314 50.72 27.99 -16.78
C GLN A 1314 51.29 27.24 -15.58
N ASN A 1315 50.96 27.67 -14.36
CA ASN A 1315 51.42 26.96 -13.18
C ASN A 1315 50.71 25.62 -13.04
N VAL A 1316 49.41 25.57 -13.31
CA VAL A 1316 48.67 24.33 -13.05
C VAL A 1316 48.93 23.31 -14.16
N ILE A 1317 49.00 23.75 -15.42
CA ILE A 1317 49.19 22.82 -16.54
C ILE A 1317 50.57 22.17 -16.50
N SER A 1318 51.61 22.96 -16.19
CA SER A 1318 52.96 22.44 -16.18
C SER A 1318 53.30 21.59 -14.96
N ASN A 1319 52.39 21.48 -13.99
CA ASN A 1319 52.75 20.84 -12.72
C ASN A 1319 51.74 19.84 -12.19
N GLN A 1320 50.52 19.78 -12.72
CA GLN A 1320 49.58 18.77 -12.24
C GLN A 1320 48.97 18.00 -13.41
N PHE A 1321 48.84 18.65 -14.56
CA PHE A 1321 48.24 17.99 -15.72
C PHE A 1321 49.16 16.93 -16.30
N ILE A 1322 50.43 17.27 -16.52
CA ILE A 1322 51.34 16.41 -17.27
C ILE A 1322 51.69 15.15 -16.49
N HIS A 1323 51.74 15.24 -15.15
CA HIS A 1323 51.99 14.06 -14.33
C HIS A 1323 50.85 13.04 -14.47
N LEU A 1324 49.61 13.51 -14.41
CA LEU A 1324 48.46 12.63 -14.56
C LEU A 1324 48.40 12.06 -15.98
N LEU A 1325 48.68 12.90 -16.97
CA LEU A 1325 48.60 12.46 -18.37
C LEU A 1325 49.66 11.41 -18.69
N GLU A 1326 50.88 11.62 -18.22
CA GLU A 1326 51.94 10.68 -18.55
C GLU A 1326 51.86 9.42 -17.70
N ALA A 1327 51.29 9.50 -16.49
CA ALA A 1327 51.00 8.27 -15.75
C ALA A 1327 49.91 7.46 -16.45
N ALA A 1328 48.92 8.14 -17.04
CA ALA A 1328 47.89 7.42 -17.77
C ALA A 1328 48.44 6.79 -19.05
N ILE A 1329 49.38 7.47 -19.72
CA ILE A 1329 50.02 6.90 -20.90
C ILE A 1329 50.87 5.68 -20.51
N VAL A 1330 51.54 5.74 -19.34
CA VAL A 1330 52.28 4.58 -18.84
C VAL A 1330 51.35 3.40 -18.57
N LYS A 1331 50.21 3.67 -17.94
CA LYS A 1331 49.24 2.60 -17.66
C LYS A 1331 48.64 2.02 -18.94
N GLU A 1332 48.43 2.86 -19.96
CA GLU A 1332 47.87 2.36 -21.22
C GLU A 1332 48.90 1.61 -22.04
N ILE A 1333 50.18 1.98 -21.97
CA ILE A 1333 51.22 1.18 -22.59
C ILE A 1333 51.35 -0.17 -21.91
N LYS A 1334 51.26 -0.19 -20.57
CA LYS A 1334 51.25 -1.46 -19.86
C LYS A 1334 49.93 -2.21 -19.98
N LYS A 1335 48.91 -1.61 -20.59
CA LYS A 1335 47.73 -2.38 -20.97
C LYS A 1335 47.96 -3.18 -22.25
N GLN A 1336 48.78 -2.67 -23.17
CA GLN A 1336 49.06 -3.39 -24.42
C GLN A 1336 49.92 -4.62 -24.23
N LYS A 1337 50.53 -4.82 -23.08
CA LYS A 1337 51.26 -6.05 -22.82
C LYS A 1337 50.29 -7.19 -22.53
N LYS A 1441 64.11 32.16 -24.98
CA LYS A 1441 65.17 31.82 -24.03
C LYS A 1441 64.61 31.51 -22.65
N VAL A 1442 63.72 32.37 -22.17
CA VAL A 1442 63.12 32.17 -20.85
C VAL A 1442 62.19 30.96 -20.87
N GLN A 1443 61.29 30.90 -21.85
CA GLN A 1443 60.47 29.71 -22.02
C GLN A 1443 61.28 28.52 -22.50
N ARG A 1444 62.45 28.74 -23.12
CA ARG A 1444 63.35 27.62 -23.40
C ARG A 1444 63.90 27.01 -22.12
N ASP A 1445 64.23 27.86 -21.15
CA ASP A 1445 64.66 27.39 -19.84
C ASP A 1445 63.52 26.68 -19.12
N ARG A 1446 62.31 27.21 -19.24
CA ARG A 1446 61.14 26.54 -18.67
C ARG A 1446 60.85 25.22 -19.36
N GLN A 1447 61.11 25.15 -20.67
CA GLN A 1447 60.91 23.92 -21.43
C GLN A 1447 61.90 22.84 -21.00
N SER A 1448 63.17 23.21 -20.83
CA SER A 1448 64.14 22.26 -20.29
C SER A 1448 63.82 21.87 -18.86
N ALA A 1449 63.21 22.78 -18.08
CA ALA A 1449 62.82 22.44 -16.71
C ALA A 1449 61.65 21.46 -16.70
N ILE A 1450 60.69 21.63 -17.62
CA ILE A 1450 59.56 20.70 -17.70
C ILE A 1450 60.03 19.34 -18.20
N ILE A 1451 61.07 19.31 -19.04
CA ILE A 1451 61.74 18.04 -19.35
C ILE A 1451 62.38 17.46 -18.10
N SER A 1452 62.95 18.32 -17.25
CA SER A 1452 63.70 17.85 -16.08
C SER A 1452 62.79 17.20 -15.03
N HIS A 1453 61.53 17.59 -14.97
CA HIS A 1453 60.58 16.88 -14.12
C HIS A 1453 60.17 15.53 -14.71
N HIS A 1454 60.29 15.37 -16.03
CA HIS A 1454 59.46 14.42 -16.75
C HIS A 1454 60.24 13.49 -17.67
N ARG A 1455 59.54 12.74 -18.50
CA ARG A 1455 60.12 11.71 -19.36
C ARG A 1455 59.76 11.86 -20.83
N PHE A 1456 58.52 12.22 -21.15
CA PHE A 1456 58.02 12.04 -22.51
C PHE A 1456 58.08 13.28 -23.37
N ILE A 1457 58.13 14.48 -22.79
CA ILE A 1457 58.03 15.70 -23.58
C ILE A 1457 59.33 15.92 -24.32
N THR A 1458 59.23 16.16 -25.63
CA THR A 1458 60.37 16.60 -26.41
C THR A 1458 60.30 18.07 -26.77
N LYS A 1459 59.13 18.69 -26.68
CA LYS A 1459 59.02 20.14 -26.84
C LYS A 1459 57.79 20.64 -26.10
N TYR A 1460 57.95 21.71 -25.35
CA TYR A 1460 56.84 22.51 -24.85
C TYR A 1460 56.83 23.84 -25.59
N ASN A 1461 55.64 24.41 -25.78
CA ASN A 1461 55.51 25.73 -26.37
C ASN A 1461 54.20 26.33 -25.90
N PHE A 1462 54.22 27.64 -25.64
CA PHE A 1462 53.08 28.30 -25.03
C PHE A 1462 52.92 29.69 -25.63
N ASP A 1463 51.68 30.17 -25.68
CA ASP A 1463 51.37 31.52 -26.13
C ASP A 1463 51.40 32.43 -24.92
N ASP A 1464 52.52 33.14 -24.72
CA ASP A 1464 52.64 34.05 -23.59
C ASP A 1464 51.79 35.30 -23.75
N GLU A 1465 51.42 35.67 -24.98
CA GLU A 1465 50.74 36.93 -25.22
C GLU A 1465 49.29 36.86 -24.76
N SER A 1466 48.50 35.99 -25.39
CA SER A 1466 47.08 35.88 -25.06
C SER A 1466 46.80 34.83 -24.00
N GLY A 1467 47.61 33.77 -23.96
CA GLY A 1467 47.29 32.62 -23.13
C GLY A 1467 46.10 31.88 -23.70
N LYS A 1468 46.16 31.58 -25.00
CA LYS A 1468 45.05 30.94 -25.68
C LYS A 1468 45.41 29.68 -26.44
N TRP A 1469 46.69 29.38 -26.67
CA TRP A 1469 47.03 28.12 -27.30
C TRP A 1469 48.35 27.59 -26.75
N CYS A 1470 48.30 26.39 -26.21
CA CYS A 1470 49.45 25.63 -25.78
C CYS A 1470 49.76 24.52 -26.78
N GLU A 1471 50.98 24.00 -26.71
CA GLU A 1471 51.38 22.95 -27.65
C GLU A 1471 52.54 22.16 -27.05
N PHE A 1472 52.29 20.89 -26.72
CA PHE A 1472 53.37 20.04 -26.24
C PHE A 1472 53.41 18.74 -27.03
N LYS A 1473 54.63 18.35 -27.38
CA LYS A 1473 54.88 17.15 -28.17
C LYS A 1473 55.32 16.02 -27.25
N LEU A 1474 54.88 14.80 -27.56
CA LEU A 1474 55.28 13.64 -26.79
C LEU A 1474 55.80 12.55 -27.73
N GLU A 1475 56.65 11.69 -27.20
CA GLU A 1475 57.14 10.53 -27.93
C GLU A 1475 57.13 9.32 -27.02
N LEU A 1476 57.14 8.15 -27.65
CA LEU A 1476 57.08 6.87 -26.95
C LEU A 1476 58.11 5.94 -27.56
N ALA A 1477 58.00 4.65 -27.26
CA ALA A 1477 58.85 3.64 -27.86
C ALA A 1477 58.50 3.45 -29.33
N ALA A 1478 59.34 2.68 -30.03
CA ALA A 1478 59.16 2.48 -31.46
C ALA A 1478 58.01 1.54 -31.75
N ASP A 1479 58.01 0.35 -31.15
CA ASP A 1479 56.99 -0.66 -31.41
C ASP A 1479 55.83 -0.57 -30.42
N THR A 1480 55.28 0.62 -30.28
CA THR A 1480 54.05 0.86 -29.53
C THR A 1480 53.12 1.58 -30.50
N GLU A 1481 52.05 0.90 -30.92
CA GLU A 1481 51.37 1.28 -32.17
C GLU A 1481 50.21 2.26 -31.95
N LYS A 1482 49.15 1.80 -31.30
CA LYS A 1482 47.92 2.58 -31.26
C LYS A 1482 47.28 2.50 -29.88
N LEU A 1483 46.74 3.63 -29.43
CA LEU A 1483 45.93 3.69 -28.24
C LEU A 1483 45.02 4.92 -28.36
N LEU A 1484 43.85 4.84 -27.75
CA LEU A 1484 42.83 5.87 -27.91
C LEU A 1484 43.25 7.12 -27.15
N MET A 1485 43.66 8.14 -27.91
CA MET A 1485 44.36 9.28 -27.35
C MET A 1485 43.43 10.22 -26.58
N VAL A 1486 42.44 10.76 -27.29
CA VAL A 1486 41.73 11.92 -26.76
C VAL A 1486 40.68 11.51 -25.74
N ASN A 1487 40.33 10.23 -25.67
CA ASN A 1487 39.55 9.74 -24.53
C ASN A 1487 40.34 9.85 -23.23
N ILE A 1488 41.62 9.45 -23.28
CA ILE A 1488 42.51 9.59 -22.13
C ILE A 1488 42.74 11.07 -21.81
N VAL A 1489 42.92 11.90 -22.84
CA VAL A 1489 43.14 13.33 -22.62
C VAL A 1489 41.90 14.00 -22.03
N GLU A 1490 40.71 13.55 -22.44
CA GLU A 1490 39.47 14.05 -21.84
C GLU A 1490 39.35 13.65 -20.39
N GLU A 1491 39.73 12.42 -20.05
CA GLU A 1491 39.65 11.98 -18.66
C GLU A 1491 40.63 12.75 -17.78
N ILE A 1492 41.83 13.01 -18.28
CA ILE A 1492 42.84 13.75 -17.50
C ILE A 1492 42.43 15.20 -17.34
N CYS A 1493 41.85 15.81 -18.39
CA CYS A 1493 41.34 17.18 -18.25
C CYS A 1493 40.14 17.25 -17.32
N ARG A 1494 39.34 16.19 -17.26
CA ARG A 1494 38.21 16.14 -16.34
C ARG A 1494 38.66 16.06 -14.90
N LYS A 1495 39.69 15.26 -14.63
CA LYS A 1495 40.10 15.04 -13.25
C LYS A 1495 40.89 16.19 -12.66
N SER A 1496 41.55 16.99 -13.50
CA SER A 1496 42.46 18.03 -13.02
C SER A 1496 41.69 19.23 -12.48
N ILE A 1497 42.18 19.80 -11.38
CA ILE A 1497 41.56 20.93 -10.72
C ILE A 1497 42.57 22.06 -10.64
N ILE A 1498 42.14 23.29 -10.96
CA ILE A 1498 43.04 24.44 -10.93
C ILE A 1498 43.04 25.07 -9.54
N ARG A 1499 41.89 25.59 -9.12
CA ARG A 1499 41.78 26.31 -7.85
C ARG A 1499 40.78 25.58 -6.98
N GLN A 1500 41.24 24.58 -6.26
CA GLN A 1500 40.36 23.89 -5.32
C GLN A 1500 40.61 24.44 -3.93
N ILE A 1501 39.80 25.42 -3.54
CA ILE A 1501 39.46 25.49 -2.13
C ILE A 1501 38.76 24.16 -1.88
N PRO A 1502 39.25 23.33 -0.97
CA PRO A 1502 38.89 21.90 -0.98
C PRO A 1502 37.43 21.65 -0.66
N HIS A 1503 36.78 20.91 -1.57
CA HIS A 1503 35.42 20.37 -1.58
C HIS A 1503 34.35 21.41 -1.90
N ILE A 1504 34.65 22.70 -1.93
CA ILE A 1504 33.65 23.67 -2.35
C ILE A 1504 33.56 23.64 -3.87
N ASP A 1505 32.35 23.44 -4.38
CA ASP A 1505 32.15 23.18 -5.80
C ASP A 1505 31.58 24.38 -6.54
N ARG A 1506 30.44 24.91 -6.12
CA ARG A 1506 29.72 25.89 -6.91
C ARG A 1506 29.47 27.18 -6.13
N CYS A 1507 29.73 28.31 -6.79
CA CYS A 1507 29.32 29.63 -6.36
C CYS A 1507 27.80 29.80 -6.32
N VAL A 1508 27.23 29.93 -5.13
CA VAL A 1508 25.81 30.22 -4.98
C VAL A 1508 25.69 31.58 -4.32
N HIS A 1509 24.97 32.50 -4.97
CA HIS A 1509 24.64 33.81 -4.42
C HIS A 1509 23.14 33.91 -4.22
N PRO A 1510 22.62 33.50 -3.07
CA PRO A 1510 21.19 33.70 -2.81
C PRO A 1510 20.92 35.10 -2.28
N GLU A 1511 19.69 35.36 -1.89
CA GLU A 1511 19.24 36.69 -1.50
C GLU A 1511 18.89 36.76 -0.03
N PRO A 1512 18.97 37.94 0.59
CA PRO A 1512 18.41 38.11 1.94
C PRO A 1512 16.90 38.11 1.89
N GLU A 1513 16.32 36.90 1.92
CA GLU A 1513 14.88 36.72 1.71
C GLU A 1513 14.07 37.36 2.84
N ASN A 1514 14.55 37.25 4.08
CA ASN A 1514 13.99 37.96 5.21
C ASN A 1514 14.78 39.21 5.56
N GLY A 1515 15.89 39.45 4.88
CA GLY A 1515 16.88 40.40 5.33
C GLY A 1515 18.08 39.76 5.98
N LYS A 1516 18.23 38.44 5.87
CA LYS A 1516 19.38 37.71 6.38
C LYS A 1516 20.31 37.50 5.19
N ARG A 1517 21.33 38.34 5.10
CA ARG A 1517 22.21 38.39 3.94
C ARG A 1517 23.16 37.19 3.98
N VAL A 1518 22.99 36.27 3.04
CA VAL A 1518 23.52 34.91 3.14
C VAL A 1518 24.17 34.52 1.81
N LEU A 1519 25.34 33.89 1.89
CA LEU A 1519 25.92 33.14 0.79
C LEU A 1519 25.83 31.64 1.06
N VAL A 1520 25.94 30.85 0.00
CA VAL A 1520 25.79 29.40 0.10
C VAL A 1520 26.92 28.77 -0.72
N THR A 1521 27.52 27.70 -0.19
CA THR A 1521 28.47 26.91 -0.96
C THR A 1521 28.04 25.46 -0.98
N GLU A 1522 28.45 24.75 -2.03
CA GLU A 1522 28.19 23.32 -2.16
C GLU A 1522 29.47 22.56 -1.84
N GLY A 1523 29.49 21.92 -0.69
CA GLY A 1523 30.67 21.30 -0.15
C GLY A 1523 30.94 21.83 1.24
N VAL A 1524 31.37 21.00 2.16
CA VAL A 1524 31.50 21.39 3.56
C VAL A 1524 32.98 21.45 3.90
N ASN A 1525 33.48 22.66 4.16
CA ASN A 1525 34.89 22.89 4.46
C ASN A 1525 34.96 24.17 5.30
N PHE A 1526 35.05 24.01 6.62
CA PHE A 1526 35.06 25.20 7.45
C PHE A 1526 36.45 25.80 7.59
N GLN A 1527 37.48 24.96 7.59
CA GLN A 1527 38.85 25.43 7.83
C GLN A 1527 39.36 26.31 6.70
N ALA A 1528 38.95 26.03 5.46
CA ALA A 1528 39.29 26.92 4.38
C ALA A 1528 38.45 28.20 4.38
N MET A 1529 37.32 28.20 5.08
CA MET A 1529 36.48 29.38 5.21
C MET A 1529 36.69 30.12 6.52
N TRP A 1530 37.50 29.56 7.43
CA TRP A 1530 37.97 30.32 8.57
C TRP A 1530 39.00 31.36 8.17
N ASP A 1531 39.62 31.20 7.00
CA ASP A 1531 40.63 32.14 6.53
C ASP A 1531 40.02 33.43 5.99
N GLN A 1532 38.70 33.44 5.75
CA GLN A 1532 38.08 34.59 5.09
C GLN A 1532 37.12 35.31 6.02
N GLU A 1533 37.55 35.57 7.26
CA GLU A 1533 36.68 36.14 8.28
C GLU A 1533 36.40 37.62 8.07
N ALA A 1534 37.07 38.28 7.13
CA ALA A 1534 36.80 39.68 6.86
C ALA A 1534 35.77 39.89 5.76
N PHE A 1535 35.73 39.00 4.76
CA PHE A 1535 34.76 39.12 3.68
C PHE A 1535 33.41 38.58 4.10
N ILE A 1536 33.39 37.38 4.67
CA ILE A 1536 32.20 36.77 5.24
C ILE A 1536 32.40 36.66 6.75
N ASP A 1537 31.31 36.47 7.45
CA ASP A 1537 31.40 36.27 8.90
C ASP A 1537 31.58 34.80 9.20
N VAL A 1538 32.28 34.52 10.30
CA VAL A 1538 32.63 33.16 10.69
C VAL A 1538 32.01 32.76 12.01
N ASP A 1539 31.24 33.62 12.64
CA ASP A 1539 30.58 33.30 13.90
C ASP A 1539 29.14 32.85 13.72
N GLY A 1540 28.73 32.57 12.48
CA GLY A 1540 27.38 32.12 12.24
C GLY A 1540 27.27 31.12 11.11
N ILE A 1541 28.40 30.60 10.64
CA ILE A 1541 28.43 29.65 9.54
C ILE A 1541 27.79 28.33 10.00
N THR A 1542 26.61 28.04 9.48
CA THR A 1542 25.97 26.75 9.61
C THR A 1542 26.10 25.99 8.30
N SER A 1543 25.76 24.70 8.34
CA SER A 1543 25.94 23.85 7.18
C SER A 1543 24.71 22.96 7.01
N ASN A 1544 24.73 22.21 5.92
CA ASN A 1544 23.67 21.27 5.57
C ASN A 1544 23.99 19.89 6.10
N ASP A 1545 25.26 19.49 5.99
CA ASP A 1545 25.75 18.22 6.49
C ASP A 1545 25.74 18.21 8.02
N VAL A 1546 25.70 17.02 8.59
CA VAL A 1546 25.72 16.85 10.03
C VAL A 1546 27.00 16.19 10.51
N ALA A 1547 27.62 15.34 9.70
CA ALA A 1547 28.81 14.61 10.14
C ALA A 1547 30.03 15.53 10.22
N ALA A 1548 30.20 16.42 9.26
CA ALA A 1548 31.35 17.30 9.30
C ALA A 1548 31.19 18.39 10.36
N VAL A 1549 29.96 18.82 10.61
CA VAL A 1549 29.68 19.70 11.74
C VAL A 1549 29.95 18.97 13.06
N LEU A 1550 29.67 17.66 13.10
CA LEU A 1550 30.02 16.87 14.28
C LEU A 1550 31.52 16.79 14.45
N LYS A 1551 32.26 16.70 13.34
CA LYS A 1551 33.72 16.62 13.43
C LYS A 1551 34.33 17.95 13.83
N THR A 1552 33.71 19.06 13.44
CA THR A 1552 34.32 20.36 13.63
C THR A 1552 33.75 21.14 14.82
N TYR A 1553 32.44 21.31 14.88
CA TYR A 1553 31.81 22.22 15.83
C TYR A 1553 31.17 21.50 17.01
N GLY A 1554 31.54 20.27 17.28
CA GLY A 1554 31.02 19.62 18.45
C GLY A 1554 29.72 18.87 18.18
N VAL A 1555 29.11 18.46 19.29
CA VAL A 1555 27.92 17.62 19.23
C VAL A 1555 26.64 18.44 19.33
N GLU A 1556 26.64 19.54 20.10
CA GLU A 1556 25.43 20.33 20.24
C GLU A 1556 25.13 21.13 18.99
N ALA A 1557 26.17 21.51 18.24
CA ALA A 1557 25.97 22.19 16.97
C ALA A 1557 25.37 21.25 15.94
N ALA A 1558 25.80 19.99 15.93
CA ALA A 1558 25.19 19.02 15.04
C ALA A 1558 23.75 18.70 15.45
N ARG A 1559 23.45 18.71 16.75
CA ARG A 1559 22.07 18.56 17.21
C ARG A 1559 21.17 19.68 16.69
N ASN A 1560 21.64 20.92 16.81
CA ASN A 1560 20.88 22.05 16.30
C ASN A 1560 20.78 22.03 14.79
N THR A 1561 21.79 21.48 14.10
CA THR A 1561 21.69 21.30 12.66
C THR A 1561 20.65 20.25 12.30
N ILE A 1562 20.53 19.19 13.10
CA ILE A 1562 19.52 18.16 12.88
C ILE A 1562 18.11 18.75 12.98
N VAL A 1563 17.87 19.53 14.04
CA VAL A 1563 16.55 20.13 14.23
C VAL A 1563 16.27 21.16 13.14
N ASN A 1564 17.28 21.95 12.77
CA ASN A 1564 17.09 22.98 11.76
C ASN A 1564 17.15 22.43 10.32
N GLU A 1565 17.38 21.14 10.14
CA GLU A 1565 17.16 20.54 8.83
C GLU A 1565 15.83 19.78 8.74
N ILE A 1566 15.36 19.19 9.83
CA ILE A 1566 14.02 18.61 9.82
C ILE A 1566 12.97 19.72 9.69
N ASN A 1567 13.22 20.87 10.35
CA ASN A 1567 12.34 22.02 10.16
C ASN A 1567 12.42 22.58 8.75
N ASN A 1568 13.57 22.42 8.08
CA ASN A 1568 13.66 22.82 6.69
C ASN A 1568 12.86 21.87 5.81
N VAL A 1569 12.77 20.60 6.20
CA VAL A 1569 11.95 19.64 5.45
C VAL A 1569 10.46 19.99 5.55
N PHE A 1570 9.96 20.14 6.78
CA PHE A 1570 8.50 20.25 6.94
C PHE A 1570 7.93 21.60 6.55
N SER A 1571 8.70 22.68 6.65
CA SER A 1571 8.15 24.00 6.36
C SER A 1571 8.05 24.30 4.88
N ARG A 1572 8.59 23.45 4.01
CA ARG A 1572 8.49 23.70 2.57
C ARG A 1572 7.10 23.34 2.06
N TYR A 1573 6.53 22.25 2.55
CA TYR A 1573 5.20 21.82 2.18
C TYR A 1573 4.13 22.33 3.13
N ALA A 1574 4.45 23.39 3.89
CA ALA A 1574 3.54 24.06 4.84
C ALA A 1574 3.01 23.11 5.90
N ILE A 1575 3.80 22.13 6.28
CA ILE A 1575 3.42 21.17 7.30
C ILE A 1575 3.97 21.67 8.63
N SER A 1576 3.12 21.75 9.64
CA SER A 1576 3.52 22.24 10.95
C SER A 1576 3.69 21.05 11.89
N VAL A 1577 4.90 20.87 12.40
CA VAL A 1577 5.21 19.87 13.41
C VAL A 1577 6.02 20.56 14.50
N SER A 1578 5.63 20.32 15.76
CA SER A 1578 6.27 20.95 16.90
C SER A 1578 7.73 20.55 17.03
N PHE A 1579 8.48 21.35 17.78
CA PHE A 1579 9.88 21.05 18.05
C PHE A 1579 10.05 20.11 19.23
N ARG A 1580 8.99 19.86 20.00
CA ARG A 1580 9.09 18.95 21.14
C ARG A 1580 9.12 17.50 20.73
N HIS A 1581 9.04 17.20 19.43
CA HIS A 1581 9.33 15.89 18.87
C HIS A 1581 10.71 15.83 18.24
N LEU A 1582 11.11 16.91 17.57
CA LEU A 1582 12.36 16.90 16.85
C LEU A 1582 13.54 17.05 17.78
N ASP A 1583 13.33 17.71 18.92
CA ASP A 1583 14.32 17.68 19.98
C ASP A 1583 14.49 16.27 20.55
N LEU A 1584 13.43 15.48 20.60
CA LEU A 1584 13.55 14.11 21.10
C LEU A 1584 14.27 13.23 20.09
N ILE A 1585 14.04 13.46 18.80
CA ILE A 1585 14.80 12.74 17.77
C ILE A 1585 16.29 13.11 17.82
N ALA A 1586 16.58 14.41 17.93
CA ALA A 1586 17.97 14.84 17.94
C ALA A 1586 18.68 14.55 19.26
N ASP A 1587 17.94 14.29 20.33
CA ASP A 1587 18.55 13.84 21.57
C ASP A 1587 18.59 12.32 21.68
N MET A 1588 17.90 11.61 20.79
CA MET A 1588 18.10 10.18 20.70
C MET A 1588 19.24 9.82 19.75
N MET A 1589 19.46 10.59 18.69
CA MET A 1589 20.56 10.25 17.78
C MET A 1589 21.92 10.65 18.34
N THR A 1590 21.99 11.78 19.03
CA THR A 1590 23.29 12.29 19.45
C THR A 1590 23.38 12.35 20.97
N ARG A 1591 23.02 11.27 21.65
CA ARG A 1591 23.25 11.22 23.08
C ARG A 1591 24.59 10.58 23.43
N GLN A 1592 25.20 9.83 22.52
CA GLN A 1592 26.47 9.17 22.79
C GLN A 1592 27.66 10.02 22.37
N GLY A 1593 27.47 11.31 22.17
CA GLY A 1593 28.51 12.13 21.57
C GLY A 1593 28.78 11.83 20.12
N THR A 1594 27.93 11.02 19.49
CA THR A 1594 28.13 10.53 18.15
C THR A 1594 26.82 10.66 17.40
N TYR A 1595 26.90 11.07 16.14
CA TYR A 1595 25.72 11.15 15.29
C TYR A 1595 25.35 9.75 14.83
N LEU A 1596 24.49 9.11 15.59
CA LEU A 1596 24.05 7.75 15.30
C LEU A 1596 22.99 7.75 14.20
N ALA A 1597 22.36 6.61 14.01
CA ALA A 1597 21.35 6.43 12.97
C ALA A 1597 20.11 5.78 13.56
N PHE A 1598 19.16 5.43 12.70
CA PHE A 1598 18.00 4.63 13.09
C PHE A 1598 17.94 3.28 12.38
N ASN A 1599 18.96 2.92 11.60
CA ASN A 1599 18.98 1.61 10.98
C ASN A 1599 19.74 0.63 11.87
N ARG A 1600 20.09 -0.53 11.32
CA ARG A 1600 20.70 -1.59 12.13
C ARG A 1600 22.13 -1.26 12.55
N GLN A 1601 22.78 -0.31 11.90
CA GLN A 1601 24.18 0.00 12.23
C GLN A 1601 24.29 0.77 13.54
N GLY A 1602 23.27 1.55 13.90
CA GLY A 1602 23.28 2.28 15.13
C GLY A 1602 22.58 1.59 16.27
N MET A 1603 22.07 0.38 16.07
CA MET A 1603 21.33 -0.32 17.10
C MET A 1603 22.25 -1.21 17.93
N GLU A 1604 23.56 -0.97 17.87
CA GLU A 1604 24.53 -1.86 18.49
C GLU A 1604 24.49 -1.76 20.01
N THR A 1605 24.58 -0.54 20.54
CA THR A 1605 24.57 -0.32 21.97
C THR A 1605 23.14 -0.47 22.48
N SER A 1606 22.83 -1.63 23.04
CA SER A 1606 21.51 -1.88 23.61
C SER A 1606 21.61 -3.02 24.61
N THR A 1607 20.79 -2.93 25.65
CA THR A 1607 20.65 -4.00 26.64
C THR A 1607 19.49 -4.92 26.29
N SER A 1608 18.45 -4.38 25.65
CA SER A 1608 17.34 -5.17 25.13
C SER A 1608 17.82 -6.02 23.96
N SER A 1609 17.99 -7.32 24.19
CA SER A 1609 18.41 -8.22 23.12
C SER A 1609 17.30 -8.40 22.11
N PHE A 1610 16.05 -8.52 22.59
CA PHE A 1610 14.93 -8.86 21.73
C PHE A 1610 14.51 -7.73 20.81
N MET A 1611 14.87 -6.49 21.13
CA MET A 1611 14.60 -5.40 20.19
C MET A 1611 15.52 -5.50 18.98
N LYS A 1612 16.80 -5.76 19.22
CA LYS A 1612 17.73 -5.96 18.11
C LYS A 1612 17.40 -7.24 17.35
N MET A 1613 16.97 -8.27 18.08
CA MET A 1613 16.82 -9.62 17.56
C MET A 1613 15.69 -9.73 16.53
N SER A 1614 14.79 -8.74 16.47
CA SER A 1614 13.59 -8.84 15.65
C SER A 1614 13.42 -7.67 14.70
N TYR A 1615 14.51 -6.99 14.32
CA TYR A 1615 14.37 -5.82 13.46
C TYR A 1615 14.74 -6.08 12.00
N GLU A 1616 16.00 -6.39 11.72
CA GLU A 1616 16.37 -6.68 10.34
C GLU A 1616 17.19 -7.95 10.18
N THR A 1617 18.12 -8.19 11.11
CA THR A 1617 18.94 -9.40 11.11
C THR A 1617 18.86 -10.01 12.50
N THR A 1618 18.48 -11.28 12.57
CA THR A 1618 18.35 -11.94 13.86
C THR A 1618 19.63 -12.67 14.23
N CYS A 1619 20.08 -13.61 13.39
CA CYS A 1619 21.14 -14.53 13.78
C CYS A 1619 22.50 -13.87 13.88
N GLN A 1620 22.70 -12.70 13.28
CA GLN A 1620 23.89 -11.94 13.60
C GLN A 1620 23.81 -11.38 15.01
N PHE A 1621 22.68 -10.74 15.34
CA PHE A 1621 22.50 -10.21 16.68
C PHE A 1621 22.26 -11.34 17.69
N LEU A 1622 21.73 -12.47 17.25
CA LEU A 1622 21.63 -13.64 18.12
C LEU A 1622 22.99 -14.27 18.37
N THR A 1623 23.84 -14.31 17.33
CA THR A 1623 25.22 -14.75 17.48
C THR A 1623 25.97 -13.90 18.49
N LYS A 1624 25.78 -12.58 18.41
CA LYS A 1624 26.39 -11.68 19.40
C LYS A 1624 25.79 -11.87 20.79
N ALA A 1625 24.49 -12.19 20.86
CA ALA A 1625 23.83 -12.29 22.16
C ALA A 1625 24.19 -13.57 22.90
N VAL A 1626 24.50 -14.65 22.20
CA VAL A 1626 24.92 -15.86 22.89
C VAL A 1626 26.37 -15.74 23.36
N LEU A 1627 27.23 -15.12 22.55
CA LEU A 1627 28.64 -14.97 22.84
C LEU A 1627 28.95 -13.85 23.81
N ASP A 1628 27.94 -13.33 24.50
CA ASP A 1628 28.16 -12.50 25.67
C ASP A 1628 27.58 -13.13 26.93
N ASN A 1629 26.84 -14.23 26.80
CA ASN A 1629 25.98 -14.80 27.85
C ASN A 1629 25.11 -13.69 28.44
N GLU A 1630 24.39 -13.03 27.55
CA GLU A 1630 23.77 -11.75 27.84
C GLU A 1630 22.50 -11.95 28.65
N ARG A 1631 22.55 -11.59 29.92
CA ARG A 1631 21.34 -11.44 30.70
C ARG A 1631 20.52 -10.28 30.14
N GLU A 1632 19.21 -10.47 30.07
CA GLU A 1632 18.30 -9.40 29.68
C GLU A 1632 17.25 -9.24 30.76
N GLN A 1633 17.07 -8.01 31.25
CA GLN A 1633 16.24 -7.76 32.42
C GLN A 1633 14.83 -7.36 32.08
N LEU A 1634 14.40 -7.56 30.82
CA LEU A 1634 13.05 -7.29 30.31
C LEU A 1634 12.67 -5.81 30.51
N ASP A 1635 13.40 -4.97 29.80
CA ASP A 1635 13.25 -3.53 29.90
C ASP A 1635 12.40 -2.91 28.80
N SER A 1636 12.68 -3.22 27.55
CA SER A 1636 11.99 -2.59 26.43
C SER A 1636 10.58 -3.16 26.30
N PRO A 1637 9.68 -2.45 25.60
CA PRO A 1637 8.36 -3.03 25.31
C PRO A 1637 8.38 -4.31 24.50
N SER A 1638 9.28 -4.42 23.52
CA SER A 1638 9.29 -5.58 22.62
C SER A 1638 9.59 -6.87 23.38
N ALA A 1639 10.58 -6.83 24.27
CA ALA A 1639 10.89 -8.00 25.07
C ALA A 1639 9.81 -8.29 26.09
N ARG A 1640 9.08 -7.27 26.55
CA ARG A 1640 8.00 -7.52 27.49
C ARG A 1640 6.71 -7.95 26.79
N ILE A 1641 6.67 -7.85 25.47
CA ILE A 1641 5.58 -8.42 24.68
C ILE A 1641 5.88 -9.87 24.28
N VAL A 1642 7.15 -10.15 23.94
CA VAL A 1642 7.54 -11.53 23.64
C VAL A 1642 7.37 -12.42 24.86
N VAL A 1643 7.87 -11.97 26.01
CA VAL A 1643 7.69 -12.74 27.24
C VAL A 1643 6.26 -12.59 27.76
N GLY A 1644 5.68 -11.41 27.64
CA GLY A 1644 4.29 -11.25 28.01
C GLY A 1644 4.04 -11.12 29.50
N LYS A 1645 4.50 -10.02 30.09
CA LYS A 1645 4.26 -9.73 31.50
C LYS A 1645 3.40 -8.50 31.70
N LEU A 1646 3.86 -7.35 31.23
CA LEU A 1646 3.25 -6.02 31.23
C LEU A 1646 4.24 -5.11 30.53
N ASN A 1647 3.76 -3.99 29.99
CA ASN A 1647 4.64 -3.04 29.35
C ASN A 1647 4.91 -1.85 30.28
N ASN A 1648 6.10 -1.27 30.14
CA ASN A 1648 6.61 -0.34 31.15
C ASN A 1648 5.95 1.03 31.07
N VAL A 1649 5.77 1.58 29.87
CA VAL A 1649 5.23 2.93 29.73
C VAL A 1649 3.74 2.93 30.01
N GLY A 1650 3.17 4.12 30.16
CA GLY A 1650 1.74 4.24 30.37
C GLY A 1650 1.27 3.71 31.71
N THR A 1651 0.43 2.68 31.67
CA THR A 1651 -0.24 2.22 32.87
C THR A 1651 0.70 1.39 33.75
N GLY A 1652 1.60 0.62 33.14
CA GLY A 1652 2.46 -0.27 33.89
C GLY A 1652 3.71 0.35 34.48
N SER A 1653 3.75 1.67 34.60
CA SER A 1653 4.89 2.38 35.18
C SER A 1653 4.86 2.44 36.69
N PHE A 1654 3.97 1.67 37.31
CA PHE A 1654 3.78 1.69 38.75
C PHE A 1654 3.00 0.43 39.12
N ASP A 1655 2.66 0.31 40.39
CA ASP A 1655 1.89 -0.82 40.89
C ASP A 1655 0.75 -0.29 41.75
N VAL A 1656 -0.11 -1.22 42.17
CA VAL A 1656 -1.26 -0.94 43.00
C VAL A 1656 -1.19 -1.87 44.20
N LEU A 1657 -1.43 -1.33 45.40
CA LEU A 1657 -1.45 -2.16 46.60
C LEU A 1657 -2.66 -1.79 47.43
N ALA A 1658 -3.00 -2.65 48.38
CA ALA A 1658 -4.28 -2.58 49.07
C ALA A 1658 -4.09 -2.47 50.58
N LYS A 1659 -4.62 -1.39 51.16
CA LYS A 1659 -4.67 -1.26 52.61
C LYS A 1659 -5.78 -2.13 53.17
N VAL A 1660 -5.49 -2.80 54.29
CA VAL A 1660 -6.46 -3.69 54.93
C VAL A 1660 -6.60 -3.32 56.39
N PRO A 1661 -7.72 -3.61 57.05
CA PRO A 1661 -7.84 -3.35 58.48
C PRO A 1661 -7.32 -4.53 59.32
N ASN A 1662 -7.21 -4.26 60.61
CA ASN A 1662 -6.74 -5.27 61.57
C ASN A 1662 -7.27 -4.92 62.96
N ALA B 11 -36.75 11.29 -37.28
CA ALA B 11 -35.68 12.29 -37.29
C ALA B 11 -35.05 12.41 -35.90
N ARG B 12 -34.05 11.57 -35.64
CA ARG B 12 -33.43 11.47 -34.32
C ARG B 12 -31.92 11.48 -34.44
N THR B 13 -31.24 11.34 -33.31
CA THR B 13 -29.79 11.28 -33.25
C THR B 13 -29.28 9.85 -33.10
N ALA B 14 -29.72 9.16 -32.04
CA ALA B 14 -29.41 7.75 -31.83
C ALA B 14 -30.71 6.99 -31.63
N ASP B 15 -30.68 5.70 -31.93
CA ASP B 15 -31.87 4.88 -32.03
C ASP B 15 -31.95 3.88 -30.88
N PHE B 16 -33.15 3.64 -30.37
CA PHE B 16 -33.35 2.51 -29.46
C PHE B 16 -33.31 1.19 -30.19
N ARG B 17 -34.04 1.08 -31.32
CA ARG B 17 -34.15 -0.12 -32.16
C ARG B 17 -34.68 -1.31 -31.38
N THR B 18 -35.92 -1.18 -30.89
CA THR B 18 -36.50 -2.27 -30.12
C THR B 18 -36.90 -3.43 -31.03
N LEU B 19 -37.61 -3.12 -32.13
CA LEU B 19 -38.16 -4.16 -33.00
C LEU B 19 -37.07 -4.92 -33.72
N GLU B 20 -35.97 -4.24 -34.04
CA GLU B 20 -34.84 -4.90 -34.68
C GLU B 20 -34.19 -5.89 -33.72
N ARG B 21 -34.11 -5.53 -32.44
CA ARG B 21 -33.59 -6.44 -31.42
C ARG B 21 -34.52 -7.62 -31.20
N GLU B 22 -35.83 -7.41 -31.25
CA GLU B 22 -36.75 -8.52 -31.06
C GLU B 22 -36.73 -9.47 -32.24
N SER B 23 -36.61 -8.91 -33.45
CA SER B 23 -36.46 -9.73 -34.65
C SER B 23 -35.17 -10.52 -34.64
N ARG B 24 -34.10 -9.96 -34.06
CA ARG B 24 -32.86 -10.73 -33.98
C ARG B 24 -32.92 -11.77 -32.87
N PHE B 25 -33.59 -11.48 -31.75
CA PHE B 25 -33.63 -12.44 -30.64
C PHE B 25 -34.53 -13.61 -30.95
N ILE B 26 -35.62 -13.40 -31.68
CA ILE B 26 -36.52 -14.50 -32.02
C ILE B 26 -36.00 -15.25 -33.24
N ASN B 27 -35.38 -14.54 -34.19
CA ASN B 27 -34.74 -15.17 -35.35
C ASN B 27 -33.24 -14.96 -35.26
N PRO B 28 -32.50 -15.87 -34.62
CA PRO B 28 -31.04 -15.80 -34.70
C PRO B 28 -30.58 -16.07 -36.12
N PRO B 29 -29.71 -15.24 -36.67
CA PRO B 29 -29.48 -15.23 -38.12
C PRO B 29 -28.77 -16.49 -38.60
N LYS B 30 -28.78 -16.65 -39.92
CA LYS B 30 -28.29 -17.87 -40.54
C LYS B 30 -27.29 -17.63 -41.66
N ASP B 31 -27.13 -16.41 -42.14
CA ASP B 31 -26.12 -16.15 -43.15
C ASP B 31 -24.75 -15.97 -42.53
N LYS B 32 -24.66 -15.17 -41.48
CA LYS B 32 -23.41 -14.83 -40.82
C LYS B 32 -23.75 -14.22 -39.47
N SER B 33 -22.72 -13.84 -38.72
CA SER B 33 -22.93 -13.01 -37.54
C SER B 33 -23.21 -11.59 -37.98
N ALA B 34 -24.26 -10.98 -37.42
CA ALA B 34 -24.68 -9.65 -37.81
C ALA B 34 -24.01 -8.55 -37.00
N PHE B 35 -22.98 -8.90 -36.22
CA PHE B 35 -22.13 -7.95 -35.50
C PHE B 35 -20.73 -8.09 -36.07
N PRO B 36 -20.43 -7.44 -37.19
CA PRO B 36 -19.17 -7.71 -37.89
C PRO B 36 -17.94 -7.12 -37.22
N LEU B 37 -18.11 -6.42 -36.11
CA LEU B 37 -17.02 -5.78 -35.41
C LEU B 37 -16.63 -6.46 -34.10
N LEU B 38 -17.57 -7.17 -33.46
CA LEU B 38 -17.24 -7.93 -32.26
C LEU B 38 -16.30 -9.08 -32.55
N GLN B 39 -16.41 -9.68 -33.74
CA GLN B 39 -15.53 -10.76 -34.14
C GLN B 39 -14.27 -10.26 -34.83
N GLU B 40 -14.10 -8.95 -34.97
CA GLU B 40 -12.80 -8.41 -35.32
C GLU B 40 -11.97 -8.06 -34.09
N ALA B 41 -12.55 -8.17 -32.89
CA ALA B 41 -11.82 -7.88 -31.67
C ALA B 41 -10.92 -9.04 -31.26
N VAL B 42 -11.31 -10.27 -31.53
CA VAL B 42 -10.56 -11.43 -31.07
C VAL B 42 -9.90 -12.01 -32.32
N GLN B 43 -9.66 -11.14 -33.30
CA GLN B 43 -8.86 -11.51 -34.46
C GLN B 43 -7.40 -11.89 -34.16
N PRO B 44 -6.66 -11.26 -33.22
CA PRO B 44 -5.29 -11.75 -32.93
C PRO B 44 -5.19 -13.20 -32.46
N HIS B 45 -6.00 -13.62 -31.49
CA HIS B 45 -5.93 -14.97 -30.95
C HIS B 45 -6.25 -16.02 -32.02
N ILE B 46 -7.35 -15.81 -32.74
CA ILE B 46 -7.81 -16.78 -33.73
C ILE B 46 -6.88 -16.79 -34.93
N GLY B 47 -6.35 -15.63 -35.32
CA GLY B 47 -5.38 -15.60 -36.41
C GLY B 47 -4.08 -16.26 -36.05
N SER B 48 -3.65 -16.13 -34.79
CA SER B 48 -2.44 -16.79 -34.32
C SER B 48 -2.62 -18.29 -34.29
N PHE B 49 -3.80 -18.78 -33.91
CA PHE B 49 -3.96 -20.22 -33.88
C PHE B 49 -4.19 -20.79 -35.28
N ASN B 50 -4.83 -20.03 -36.17
CA ASN B 50 -5.01 -20.50 -37.55
C ASN B 50 -3.73 -20.48 -38.34
N ALA B 51 -2.76 -19.63 -37.96
CA ALA B 51 -1.50 -19.61 -38.68
C ALA B 51 -0.64 -20.85 -38.42
N LEU B 52 -1.01 -21.71 -37.46
CA LEU B 52 -0.28 -22.96 -37.26
C LEU B 52 -0.48 -23.94 -38.40
N THR B 53 -1.56 -23.83 -39.17
CA THR B 53 -1.87 -24.73 -40.27
C THR B 53 -1.94 -24.01 -41.61
N GLU B 54 -2.69 -22.92 -41.69
CA GLU B 54 -2.79 -22.18 -42.94
C GLU B 54 -1.50 -21.45 -43.25
N GLY B 55 -1.34 -21.07 -44.51
CA GLY B 55 -0.13 -20.46 -44.98
C GLY B 55 0.30 -21.07 -46.30
N PRO B 56 1.13 -20.35 -47.06
CA PRO B 56 1.55 -20.85 -48.38
C PRO B 56 2.56 -22.00 -48.33
N ASP B 57 2.92 -22.51 -47.15
CA ASP B 57 3.86 -23.62 -47.06
C ASP B 57 3.50 -24.64 -45.99
N GLY B 58 2.32 -24.55 -45.38
CA GLY B 58 1.89 -25.57 -44.45
C GLY B 58 1.85 -25.15 -43.00
N GLY B 59 1.70 -23.86 -42.74
CA GLY B 59 1.59 -23.39 -41.37
C GLY B 59 2.92 -23.07 -40.73
N LEU B 60 3.00 -23.23 -39.41
CA LEU B 60 4.22 -22.93 -38.67
C LEU B 60 4.84 -24.13 -37.99
N LEU B 61 4.06 -25.16 -37.65
CA LEU B 61 4.66 -26.36 -37.08
C LEU B 61 5.45 -27.14 -38.12
N ASN B 62 5.01 -27.09 -39.38
CA ASN B 62 5.65 -27.78 -40.48
C ASN B 62 6.89 -27.08 -40.99
N LEU B 63 7.27 -25.96 -40.39
CA LEU B 63 8.54 -25.30 -40.63
C LEU B 63 9.50 -25.46 -39.45
N GLY B 64 8.98 -25.44 -38.22
CA GLY B 64 9.81 -25.73 -37.07
C GLY B 64 10.22 -27.18 -36.98
N VAL B 65 9.39 -28.08 -37.51
CA VAL B 65 9.79 -29.48 -37.54
C VAL B 65 10.87 -29.71 -38.61
N LYS B 66 10.98 -28.80 -39.58
CA LYS B 66 12.13 -28.78 -40.47
C LYS B 66 13.33 -28.13 -39.80
N ASP B 67 13.07 -27.21 -38.87
CA ASP B 67 14.13 -26.55 -38.13
C ASP B 67 14.83 -27.49 -37.16
N ILE B 68 14.10 -28.49 -36.63
CA ILE B 68 14.69 -29.43 -35.67
C ILE B 68 15.82 -30.23 -36.32
N GLY B 69 15.58 -30.77 -37.50
CA GLY B 69 16.62 -31.50 -38.21
C GLY B 69 16.57 -32.98 -37.88
N GLU B 70 17.73 -33.57 -37.58
CA GLU B 70 17.84 -34.97 -37.21
C GLU B 70 18.74 -35.13 -36.00
N LYS B 71 18.42 -36.12 -35.17
CA LYS B 71 19.19 -36.44 -33.98
C LYS B 71 19.84 -37.80 -34.17
N VAL B 72 21.17 -37.83 -34.11
CA VAL B 72 21.97 -38.98 -34.54
C VAL B 72 22.62 -39.62 -33.32
N ILE B 73 22.39 -40.91 -33.14
CA ILE B 73 23.13 -41.72 -32.19
C ILE B 73 23.85 -42.81 -33.00
N PHE B 74 24.92 -43.36 -32.41
CA PHE B 74 25.63 -44.48 -32.98
C PHE B 74 25.29 -45.77 -32.23
N ASP B 75 25.79 -46.88 -32.77
CA ASP B 75 25.50 -48.20 -32.20
C ASP B 75 26.58 -48.66 -31.22
N GLY B 76 27.83 -48.79 -31.67
CA GLY B 76 28.92 -49.22 -30.82
C GLY B 76 29.55 -50.55 -31.20
N LYS B 77 29.02 -51.24 -32.21
CA LYS B 77 29.56 -52.54 -32.60
C LYS B 77 30.38 -52.44 -33.88
N PRO B 78 31.56 -53.09 -33.92
CA PRO B 78 32.45 -53.02 -35.09
C PRO B 78 31.90 -53.76 -36.29
N GLY B 89 37.75 -42.96 -38.20
CA GLY B 89 37.34 -44.19 -37.55
C GLY B 89 36.01 -44.73 -38.04
N TYR B 90 35.46 -45.66 -37.28
CA TYR B 90 34.19 -46.31 -37.64
C TYR B 90 33.62 -46.95 -36.39
N LEU B 91 32.39 -46.57 -36.03
CA LEU B 91 31.73 -47.16 -34.88
C LEU B 91 30.54 -48.04 -35.27
N GLY B 92 29.99 -47.85 -36.46
CA GLY B 92 28.99 -48.76 -36.98
C GLY B 92 27.90 -48.00 -37.71
N ASN B 93 26.74 -48.62 -37.81
CA ASN B 93 25.59 -47.96 -38.41
C ASN B 93 25.02 -46.92 -37.46
N LYS B 94 24.68 -45.77 -38.02
CA LYS B 94 24.15 -44.67 -37.21
C LYS B 94 22.64 -44.84 -37.02
N LEU B 95 22.01 -43.80 -36.46
CA LEU B 95 20.57 -43.81 -36.25
C LEU B 95 20.12 -42.36 -36.18
N SER B 96 19.33 -41.95 -37.16
CA SER B 96 18.82 -40.58 -37.28
C SER B 96 17.33 -40.60 -36.96
N VAL B 97 16.98 -40.09 -35.78
CA VAL B 97 15.58 -39.93 -35.40
C VAL B 97 15.17 -38.51 -35.75
N SER B 98 14.05 -38.37 -36.46
CA SER B 98 13.51 -37.06 -36.77
C SER B 98 11.99 -37.17 -36.83
N VAL B 99 11.34 -36.02 -37.00
CA VAL B 99 9.91 -35.97 -37.25
C VAL B 99 9.73 -35.26 -38.59
N GLU B 100 8.94 -35.86 -39.47
CA GLU B 100 8.76 -35.30 -40.81
C GLU B 100 7.69 -34.21 -40.83
N GLN B 101 6.47 -34.56 -40.47
CA GLN B 101 5.41 -33.57 -40.33
C GLN B 101 4.50 -33.97 -39.19
N VAL B 102 3.78 -32.98 -38.67
CA VAL B 102 2.91 -33.13 -37.51
C VAL B 102 1.52 -32.67 -37.90
N SER B 103 0.50 -33.48 -37.60
CA SER B 103 -0.88 -33.13 -37.93
C SER B 103 -1.73 -33.14 -36.67
N ILE B 104 -2.55 -32.11 -36.51
CA ILE B 104 -3.44 -31.97 -35.36
C ILE B 104 -4.84 -32.35 -35.82
N ALA B 105 -5.29 -33.53 -35.43
CA ALA B 105 -6.65 -33.95 -35.73
C ALA B 105 -7.65 -33.20 -34.85
N LYS B 106 -8.81 -32.89 -35.43
CA LYS B 106 -9.91 -32.26 -34.75
C LYS B 106 -10.42 -33.14 -33.60
N PRO B 107 -11.07 -32.55 -32.60
CA PRO B 107 -11.52 -33.35 -31.44
C PRO B 107 -12.57 -34.38 -31.80
N MET B 108 -12.22 -35.65 -31.56
CA MET B 108 -13.12 -36.78 -31.72
C MET B 108 -13.08 -37.60 -30.45
N SER B 109 -13.96 -38.60 -30.36
CA SER B 109 -13.92 -39.53 -29.23
C SER B 109 -14.56 -40.85 -29.62
N ASN B 110 -14.03 -41.95 -29.10
CA ASN B 110 -14.60 -43.24 -29.38
C ASN B 110 -15.79 -43.54 -28.46
N ASP B 111 -16.66 -44.41 -28.92
CA ASP B 111 -17.90 -44.76 -28.23
C ASP B 111 -17.67 -45.94 -27.27
N GLY B 112 -16.75 -45.74 -26.34
CA GLY B 112 -16.42 -46.81 -25.41
C GLY B 112 -15.31 -47.70 -25.95
N VAL B 113 -15.69 -48.80 -26.58
CA VAL B 113 -14.73 -49.75 -27.11
C VAL B 113 -14.84 -49.79 -28.64
N SER B 114 -14.00 -50.64 -29.24
CA SER B 114 -14.05 -51.14 -30.61
C SER B 114 -13.67 -50.13 -31.70
N SER B 115 -13.51 -48.85 -31.32
CA SER B 115 -13.12 -47.75 -32.20
C SER B 115 -13.98 -47.67 -33.46
N ALA B 116 -15.28 -47.44 -33.25
CA ALA B 116 -16.24 -47.39 -34.34
C ALA B 116 -16.21 -46.03 -35.03
N VAL B 117 -17.24 -45.73 -35.82
CA VAL B 117 -17.38 -44.40 -36.39
C VAL B 117 -17.58 -43.39 -35.28
N GLU B 118 -16.61 -42.51 -35.11
CA GLU B 118 -16.52 -41.66 -33.93
C GLU B 118 -17.26 -40.34 -34.16
N ARG B 119 -17.66 -39.73 -33.05
CA ARG B 119 -18.49 -38.54 -33.05
C ARG B 119 -17.66 -37.28 -32.79
N LYS B 120 -18.22 -36.16 -33.19
CA LYS B 120 -17.56 -34.86 -33.04
C LYS B 120 -17.93 -34.30 -31.68
N VAL B 121 -16.97 -34.29 -30.76
CA VAL B 121 -17.21 -33.71 -29.44
C VAL B 121 -17.23 -32.20 -29.57
N TYR B 122 -18.28 -31.62 -29.17
CA TYR B 122 -18.53 -30.19 -29.17
C TYR B 122 -17.97 -29.56 -27.91
N PRO B 123 -17.62 -28.27 -27.95
CA PRO B 123 -17.00 -27.64 -26.77
C PRO B 123 -17.94 -27.54 -25.57
N SER B 124 -19.24 -27.50 -25.80
CA SER B 124 -20.20 -27.46 -24.70
C SER B 124 -20.18 -28.75 -23.90
N GLU B 125 -19.90 -29.87 -24.56
CA GLU B 125 -19.68 -31.13 -23.84
C GLU B 125 -18.44 -31.05 -22.96
N SER B 126 -17.39 -30.36 -23.43
CA SER B 126 -16.20 -30.19 -22.62
C SER B 126 -16.44 -29.27 -21.43
N ARG B 127 -17.32 -28.28 -21.57
CA ARG B 127 -17.64 -27.46 -20.41
C ARG B 127 -18.52 -28.22 -19.42
N GLN B 128 -19.49 -29.00 -19.91
CA GLN B 128 -20.38 -29.70 -18.99
C GLN B 128 -19.67 -30.85 -18.28
N ARG B 129 -18.75 -31.52 -18.96
CA ARG B 129 -18.00 -32.60 -18.33
C ARG B 129 -16.94 -32.09 -17.37
N LEU B 130 -16.57 -30.81 -17.48
CA LEU B 130 -15.46 -30.19 -16.76
C LEU B 130 -14.15 -30.92 -17.03
N THR B 131 -13.74 -30.91 -18.30
CA THR B 131 -12.52 -31.52 -18.78
C THR B 131 -11.86 -30.57 -19.77
N SER B 132 -10.90 -31.09 -20.52
CA SER B 132 -10.20 -30.34 -21.54
C SER B 132 -10.83 -30.59 -22.90
N TYR B 133 -10.85 -29.56 -23.73
CA TYR B 133 -11.31 -29.67 -25.12
C TYR B 133 -10.07 -29.86 -25.97
N ARG B 134 -9.69 -31.11 -26.19
CA ARG B 134 -8.42 -31.41 -26.81
C ARG B 134 -8.60 -32.05 -28.18
N GLY B 135 -7.65 -31.77 -29.07
CA GLY B 135 -7.58 -32.41 -30.36
C GLY B 135 -6.71 -33.65 -30.28
N LYS B 136 -5.91 -33.93 -31.31
CA LYS B 136 -4.97 -35.03 -31.24
C LYS B 136 -3.72 -34.69 -32.03
N LEU B 137 -2.56 -35.07 -31.51
CA LEU B 137 -1.28 -34.74 -32.12
C LEU B 137 -0.72 -36.00 -32.75
N LEU B 138 -0.56 -35.99 -34.07
CA LEU B 138 -0.13 -37.16 -34.82
C LEU B 138 1.25 -36.87 -35.41
N LEU B 139 2.21 -37.72 -35.08
CA LEU B 139 3.62 -37.48 -35.34
C LEU B 139 4.13 -38.49 -36.37
N LYS B 140 4.47 -37.99 -37.56
CA LYS B 140 5.16 -38.79 -38.56
C LYS B 140 6.62 -38.86 -38.14
N LEU B 141 6.97 -39.92 -37.41
CA LEU B 141 8.27 -40.06 -36.77
C LEU B 141 9.20 -40.87 -37.68
N LYS B 142 10.13 -40.18 -38.34
CA LYS B 142 11.05 -40.79 -39.29
C LYS B 142 12.26 -41.37 -38.58
N TRP B 143 12.64 -42.58 -39.00
CA TRP B 143 13.66 -43.41 -38.35
C TRP B 143 14.64 -43.87 -39.42
N SER B 144 15.67 -43.08 -39.69
CA SER B 144 16.62 -43.42 -40.73
C SER B 144 17.81 -44.14 -40.14
N VAL B 145 18.34 -45.11 -40.88
CA VAL B 145 19.58 -45.81 -40.54
C VAL B 145 20.44 -45.82 -41.79
N ASN B 146 21.75 -45.55 -41.62
CA ASN B 146 22.77 -45.70 -42.66
C ASN B 146 22.53 -44.74 -43.82
N ASN B 147 22.14 -43.51 -43.48
CA ASN B 147 22.07 -42.36 -44.38
C ASN B 147 21.11 -42.62 -45.55
N GLY B 148 19.84 -42.81 -45.21
CA GLY B 148 18.83 -43.02 -46.22
C GLY B 148 18.77 -44.42 -46.78
N GLU B 149 18.92 -45.43 -45.93
CA GLU B 149 18.79 -46.82 -46.35
C GLU B 149 17.64 -47.53 -45.66
N GLU B 150 17.58 -47.49 -44.33
CA GLU B 150 16.55 -48.17 -43.57
C GLU B 150 15.63 -47.10 -42.99
N ASN B 151 14.65 -46.69 -43.79
CA ASN B 151 13.69 -45.66 -43.39
C ASN B 151 12.42 -46.34 -42.91
N LEU B 152 11.99 -46.00 -41.70
CA LEU B 152 10.84 -46.65 -41.07
C LEU B 152 9.85 -45.56 -40.65
N PHE B 153 9.00 -45.17 -41.59
CA PHE B 153 8.02 -44.10 -41.35
C PHE B 153 6.96 -44.59 -40.38
N GLU B 154 7.06 -44.14 -39.13
CA GLU B 154 6.13 -44.50 -38.08
C GLU B 154 5.25 -43.31 -37.74
N VAL B 155 3.94 -43.47 -37.88
CA VAL B 155 2.99 -42.42 -37.52
C VAL B 155 2.60 -42.68 -36.06
N ARG B 156 3.39 -42.12 -35.16
CA ARG B 156 3.18 -42.34 -33.74
C ARG B 156 2.10 -41.40 -33.22
N ASP B 157 1.19 -41.95 -32.43
CA ASP B 157 0.16 -41.17 -31.76
C ASP B 157 0.64 -40.89 -30.34
N CYS B 158 0.76 -39.61 -29.99
CA CYS B 158 1.43 -39.20 -28.76
C CYS B 158 0.48 -38.63 -27.71
N GLY B 159 -0.26 -37.57 -28.03
CA GLY B 159 -1.08 -36.95 -27.00
C GLY B 159 -2.18 -36.08 -27.56
N GLY B 160 -3.17 -35.83 -26.72
CA GLY B 160 -4.30 -35.00 -27.09
C GLY B 160 -4.05 -33.53 -26.82
N LEU B 161 -3.66 -32.80 -27.86
CA LEU B 161 -3.32 -31.39 -27.73
C LEU B 161 -4.57 -30.55 -27.55
N PRO B 162 -4.63 -29.66 -26.58
CA PRO B 162 -5.75 -28.71 -26.48
C PRO B 162 -5.80 -27.76 -27.66
N VAL B 163 -7.01 -27.42 -28.08
CA VAL B 163 -7.27 -26.67 -29.31
C VAL B 163 -8.09 -25.44 -28.97
N MET B 164 -7.73 -24.30 -29.56
CA MET B 164 -8.49 -23.06 -29.40
C MET B 164 -9.87 -23.17 -30.01
N LEU B 165 -10.85 -22.57 -29.34
CA LEU B 165 -12.21 -22.50 -29.88
C LEU B 165 -12.25 -21.59 -31.12
N GLN B 166 -13.29 -21.79 -31.93
CA GLN B 166 -13.59 -21.01 -33.13
C GLN B 166 -12.48 -21.02 -34.18
N SER B 167 -11.57 -21.98 -34.14
CA SER B 167 -10.44 -22.01 -35.06
C SER B 167 -10.65 -23.09 -36.11
N ASN B 168 -9.67 -23.21 -37.02
CA ASN B 168 -9.76 -24.19 -38.11
C ASN B 168 -9.45 -25.62 -37.65
N ARG B 169 -9.17 -25.83 -36.37
CA ARG B 169 -9.07 -27.17 -35.80
C ARG B 169 -10.11 -27.40 -34.72
N CYS B 170 -11.08 -26.52 -34.58
CA CYS B 170 -12.23 -26.74 -33.72
C CYS B 170 -13.46 -27.03 -34.58
N HIS B 171 -14.51 -27.51 -33.93
CA HIS B 171 -15.73 -27.92 -34.62
C HIS B 171 -16.71 -26.77 -34.83
N LEU B 172 -16.26 -25.52 -34.81
CA LEU B 172 -17.17 -24.40 -34.93
C LEU B 172 -16.70 -23.33 -35.91
N ASN B 173 -15.72 -23.63 -36.75
CA ASN B 173 -15.25 -22.65 -37.72
C ASN B 173 -16.30 -22.42 -38.80
N LYS B 174 -16.57 -21.15 -39.08
CA LYS B 174 -17.40 -20.69 -40.20
C LYS B 174 -18.82 -21.26 -40.14
N MET B 175 -19.55 -20.87 -39.10
CA MET B 175 -20.90 -21.37 -38.90
C MET B 175 -21.86 -20.22 -38.68
N SER B 176 -23.14 -20.50 -38.94
CA SER B 176 -24.20 -19.56 -38.69
C SER B 176 -24.43 -19.41 -37.18
N PRO B 177 -24.97 -18.27 -36.75
CA PRO B 177 -25.34 -18.14 -35.32
C PRO B 177 -26.46 -19.08 -34.90
N TYR B 178 -27.34 -19.46 -35.84
CA TYR B 178 -28.45 -20.35 -35.51
C TYR B 178 -27.96 -21.74 -35.12
N GLU B 179 -26.98 -22.27 -35.82
CA GLU B 179 -26.47 -23.57 -35.44
C GLU B 179 -25.61 -23.51 -34.19
N LEU B 180 -25.02 -22.35 -33.90
CA LEU B 180 -24.40 -22.15 -32.60
C LEU B 180 -25.44 -22.18 -31.49
N VAL B 181 -26.63 -21.63 -31.77
CA VAL B 181 -27.76 -21.76 -30.84
C VAL B 181 -28.15 -23.23 -30.70
N GLN B 182 -28.08 -23.98 -31.80
CA GLN B 182 -28.43 -25.40 -31.77
C GLN B 182 -27.45 -26.23 -30.96
N HIS B 183 -26.15 -25.88 -30.99
CA HIS B 183 -25.10 -26.70 -30.39
C HIS B 183 -24.79 -26.32 -28.95
N LYS B 184 -25.76 -25.74 -28.23
CA LYS B 184 -25.64 -25.31 -26.84
C LYS B 184 -24.53 -24.28 -26.63
N GLU B 185 -24.25 -23.48 -27.66
CA GLU B 185 -23.24 -22.43 -27.59
C GLU B 185 -23.92 -21.06 -27.49
N GLU B 186 -23.10 -20.05 -27.27
CA GLU B 186 -23.57 -18.67 -27.21
C GLU B 186 -24.01 -18.22 -28.60
N SER B 187 -25.01 -17.33 -28.64
CA SER B 187 -25.56 -16.89 -29.92
C SER B 187 -24.58 -16.05 -30.73
N ASP B 188 -23.70 -15.30 -30.06
CA ASP B 188 -22.62 -14.55 -30.71
C ASP B 188 -21.34 -14.97 -30.01
N GLU B 189 -20.74 -16.06 -30.48
CA GLU B 189 -19.52 -16.57 -29.89
C GLU B 189 -18.30 -15.91 -30.52
N ILE B 190 -17.35 -15.53 -29.69
CA ILE B 190 -16.09 -14.98 -30.16
C ILE B 190 -14.92 -15.95 -30.00
N GLY B 191 -14.94 -16.81 -28.98
CA GLY B 191 -13.92 -17.85 -28.87
C GLY B 191 -12.56 -17.28 -28.51
N GLY B 192 -11.54 -17.78 -29.20
CA GLY B 192 -10.18 -17.34 -28.99
C GLY B 192 -9.51 -17.85 -27.72
N TYR B 193 -10.18 -18.71 -26.95
CA TYR B 193 -9.67 -19.12 -25.66
C TYR B 193 -9.63 -20.63 -25.56
N PHE B 194 -9.09 -21.11 -24.46
CA PHE B 194 -8.82 -22.51 -24.19
C PHE B 194 -9.73 -23.01 -23.09
N ILE B 195 -10.03 -24.30 -23.10
CA ILE B 195 -10.70 -24.96 -21.99
C ILE B 195 -9.77 -26.04 -21.47
N VAL B 196 -9.16 -25.81 -20.31
CA VAL B 196 -8.19 -26.72 -19.74
C VAL B 196 -8.67 -27.15 -18.36
N ASN B 197 -8.84 -28.46 -18.19
CA ASN B 197 -9.23 -29.09 -16.93
C ASN B 197 -10.55 -28.54 -16.40
N GLY B 198 -11.47 -28.24 -17.32
CA GLY B 198 -12.75 -27.68 -16.99
C GLY B 198 -12.79 -26.18 -16.84
N ILE B 199 -11.63 -25.52 -16.77
CA ILE B 199 -11.57 -24.09 -16.47
C ILE B 199 -11.09 -23.38 -17.72
N GLU B 200 -11.66 -22.21 -17.99
CA GLU B 200 -11.28 -21.44 -19.15
C GLU B 200 -9.95 -20.74 -18.92
N LYS B 201 -9.08 -20.79 -19.92
CA LYS B 201 -7.82 -20.09 -19.88
C LYS B 201 -7.61 -19.34 -21.19
N LEU B 202 -6.58 -18.50 -21.21
CA LEU B 202 -6.10 -17.86 -22.42
C LEU B 202 -4.69 -17.38 -22.17
N ILE B 203 -3.86 -17.44 -23.19
CA ILE B 203 -2.50 -16.93 -23.13
C ILE B 203 -2.56 -15.45 -23.48
N ARG B 204 -2.43 -14.58 -22.48
CA ARG B 204 -2.48 -13.15 -22.73
C ARG B 204 -1.23 -12.70 -23.46
N MET B 205 -1.40 -11.74 -24.36
CA MET B 205 -0.30 -11.28 -25.18
C MET B 205 0.72 -10.53 -24.34
N LEU B 206 1.94 -10.47 -24.85
CA LEU B 206 3.02 -9.74 -24.20
C LEU B 206 3.55 -8.72 -25.17
N ILE B 207 4.45 -7.87 -24.69
CA ILE B 207 5.17 -6.95 -25.55
C ILE B 207 6.65 -7.26 -25.43
N VAL B 208 7.24 -7.74 -26.51
CA VAL B 208 8.68 -7.93 -26.58
C VAL B 208 9.22 -6.95 -27.61
N GLN B 209 10.53 -6.93 -27.78
CA GLN B 209 11.16 -6.01 -28.70
C GLN B 209 10.75 -6.34 -30.13
N ARG B 210 10.75 -5.32 -30.99
CA ARG B 210 10.41 -5.47 -32.38
C ARG B 210 11.40 -6.39 -33.09
N ARG B 211 10.86 -7.26 -33.94
CA ARG B 211 11.68 -8.20 -34.69
C ARG B 211 12.54 -7.47 -35.72
N ASN B 212 13.78 -7.90 -35.83
CA ASN B 212 14.73 -7.56 -36.89
C ASN B 212 15.17 -6.10 -36.93
N HIS B 213 14.72 -5.26 -36.01
CA HIS B 213 15.13 -3.87 -36.01
C HIS B 213 16.28 -3.69 -35.04
N PRO B 214 17.49 -3.39 -35.50
CA PRO B 214 18.63 -3.31 -34.58
C PRO B 214 18.64 -2.03 -33.77
N MET B 215 18.27 -2.12 -32.50
CA MET B 215 18.18 -0.92 -31.69
C MET B 215 19.55 -0.51 -31.16
N ALA B 216 19.62 0.70 -30.63
CA ALA B 216 20.83 1.24 -30.02
C ALA B 216 20.55 1.46 -28.53
N ILE B 217 20.70 0.42 -27.77
CA ILE B 217 20.31 0.41 -26.37
C ILE B 217 21.45 1.00 -25.55
N ILE B 218 21.12 1.85 -24.59
CA ILE B 218 22.07 2.34 -23.61
C ILE B 218 21.49 2.04 -22.23
N ARG B 219 21.99 0.99 -21.60
CA ARG B 219 21.76 0.69 -20.20
C ARG B 219 23.13 0.56 -19.53
N PRO B 220 23.34 1.20 -18.38
CA PRO B 220 24.66 1.10 -17.73
C PRO B 220 24.96 -0.27 -17.15
N SER B 221 23.97 -1.13 -16.96
CA SER B 221 24.21 -2.48 -16.47
C SER B 221 24.98 -3.33 -17.48
N PHE B 222 24.97 -2.95 -18.77
CA PHE B 222 25.82 -3.59 -19.75
C PHE B 222 27.30 -3.34 -19.50
N ALA B 223 27.65 -2.34 -18.70
CA ALA B 223 29.05 -2.21 -18.29
C ALA B 223 29.44 -3.27 -17.27
N ASN B 224 28.48 -3.85 -16.56
CA ASN B 224 28.77 -4.83 -15.52
C ASN B 224 29.08 -6.21 -16.05
N ARG B 225 29.13 -6.41 -17.36
CA ARG B 225 29.49 -7.69 -17.94
C ARG B 225 30.99 -7.84 -18.10
N GLY B 226 31.77 -6.87 -17.65
CA GLY B 226 33.21 -6.99 -17.73
C GLY B 226 33.88 -5.74 -17.18
N ALA B 227 35.14 -5.56 -17.55
CA ALA B 227 35.89 -4.37 -17.15
C ALA B 227 35.86 -3.30 -18.24
N SER B 228 36.35 -3.63 -19.43
CA SER B 228 36.42 -2.65 -20.50
C SER B 228 35.12 -2.52 -21.28
N TYR B 229 34.07 -3.25 -20.91
CA TYR B 229 32.78 -3.08 -21.55
C TYR B 229 32.17 -1.74 -21.16
N SER B 230 31.68 -1.02 -22.15
CA SER B 230 31.04 0.28 -21.92
C SER B 230 29.57 0.08 -21.59
N HIS B 231 28.82 1.17 -21.57
CA HIS B 231 27.38 1.14 -21.29
C HIS B 231 26.54 1.15 -22.56
N TYR B 232 27.17 1.04 -23.72
CA TYR B 232 26.48 1.09 -25.00
C TYR B 232 25.84 -0.26 -25.31
N GLY B 233 25.45 -0.44 -26.57
CA GLY B 233 24.96 -1.72 -27.04
C GLY B 233 24.09 -1.64 -28.28
N ILE B 234 24.24 -2.59 -29.20
CA ILE B 234 23.30 -2.77 -30.29
C ILE B 234 22.64 -4.13 -30.07
N GLN B 235 21.39 -4.13 -29.66
CA GLN B 235 20.67 -5.37 -29.42
C GLN B 235 19.73 -5.61 -30.58
N ILE B 236 19.75 -6.83 -31.12
CA ILE B 236 18.73 -7.25 -32.08
C ILE B 236 18.10 -8.53 -31.58
N ARG B 237 16.81 -8.67 -31.80
CA ARG B 237 16.08 -9.91 -31.55
C ARG B 237 15.56 -10.36 -32.90
N SER B 238 16.33 -11.22 -33.57
CA SER B 238 15.89 -11.70 -34.86
C SER B 238 15.01 -12.92 -34.67
N VAL B 239 14.25 -13.27 -35.72
CA VAL B 239 13.32 -14.38 -35.62
C VAL B 239 13.21 -15.04 -37.00
N ARG B 240 13.22 -16.36 -37.01
CA ARG B 240 13.12 -17.15 -38.22
C ARG B 240 11.69 -17.09 -38.77
N PRO B 241 11.44 -17.65 -39.95
CA PRO B 241 10.05 -17.98 -40.30
C PRO B 241 9.43 -19.06 -39.42
N ASP B 242 10.23 -19.78 -38.64
CA ASP B 242 9.79 -20.79 -37.69
C ASP B 242 9.18 -20.19 -36.43
N GLN B 243 9.12 -18.86 -36.34
CA GLN B 243 8.79 -18.11 -35.12
C GLN B 243 9.66 -18.54 -33.95
N THR B 244 10.96 -18.57 -34.18
CA THR B 244 11.95 -18.82 -33.14
C THR B 244 12.87 -17.61 -33.08
N SER B 245 12.87 -16.93 -31.94
CA SER B 245 13.60 -15.68 -31.79
C SER B 245 14.93 -15.91 -31.07
N GLN B 246 15.95 -15.17 -31.52
CA GLN B 246 17.29 -15.26 -30.97
C GLN B 246 17.85 -13.86 -30.77
N THR B 247 18.46 -13.66 -29.60
CA THR B 247 19.07 -12.39 -29.20
C THR B 247 20.52 -12.33 -29.70
N ASN B 248 20.89 -11.23 -30.34
CA ASN B 248 22.27 -10.99 -30.73
C ASN B 248 22.66 -9.58 -30.28
N VAL B 249 23.60 -9.50 -29.34
CA VAL B 249 24.02 -8.26 -28.72
C VAL B 249 25.42 -7.92 -29.21
N LEU B 250 25.67 -6.63 -29.48
CA LEU B 250 27.03 -6.14 -29.63
C LEU B 250 27.32 -5.18 -28.48
N HIS B 251 28.32 -5.53 -27.66
CA HIS B 251 28.85 -4.65 -26.63
C HIS B 251 30.07 -3.91 -27.14
N TYR B 252 30.17 -2.63 -26.80
CA TYR B 252 31.33 -1.80 -27.15
C TYR B 252 32.34 -1.79 -26.03
N LEU B 253 33.62 -1.82 -26.39
CA LEU B 253 34.70 -2.01 -25.44
C LEU B 253 35.55 -0.76 -25.30
N ASN B 254 36.26 -0.67 -24.18
CA ASN B 254 37.15 0.45 -23.91
C ASN B 254 38.54 0.28 -24.52
N ASP B 255 38.82 -0.85 -25.15
CA ASP B 255 39.98 -0.96 -26.03
C ASP B 255 39.56 -1.00 -27.50
N GLY B 256 38.44 -0.36 -27.81
CA GLY B 256 37.98 -0.20 -29.18
C GLY B 256 37.30 -1.40 -29.79
N GLN B 257 37.29 -2.55 -29.13
CA GLN B 257 36.77 -3.76 -29.72
C GLN B 257 35.25 -3.83 -29.58
N VAL B 258 34.66 -4.84 -30.21
CA VAL B 258 33.23 -5.13 -30.11
C VAL B 258 33.09 -6.61 -29.80
N THR B 259 32.39 -6.94 -28.71
CA THR B 259 32.11 -8.34 -28.39
C THR B 259 30.68 -8.67 -28.80
N PHE B 260 30.56 -9.61 -29.75
CA PHE B 260 29.31 -10.28 -30.03
C PHE B 260 28.90 -11.08 -28.81
N ARG B 261 27.59 -11.21 -28.61
CA ARG B 261 27.13 -12.01 -27.50
C ARG B 261 25.82 -12.67 -27.90
N PHE B 262 25.67 -13.92 -27.50
CA PHE B 262 24.38 -14.61 -27.64
C PHE B 262 24.09 -15.39 -26.37
N SER B 263 22.96 -16.08 -26.39
CA SER B 263 22.58 -16.99 -25.31
C SER B 263 22.17 -18.32 -25.92
N TRP B 264 22.42 -19.39 -25.16
CA TRP B 264 22.14 -20.74 -25.62
C TRP B 264 22.04 -21.65 -24.40
N ARG B 265 20.89 -22.33 -24.27
CA ARG B 265 20.63 -23.33 -23.22
C ARG B 265 20.81 -22.75 -21.82
N LYS B 266 20.30 -21.53 -21.62
CA LYS B 266 20.45 -20.76 -20.37
C LYS B 266 21.92 -20.52 -20.01
N ASN B 267 22.76 -20.33 -21.02
CA ASN B 267 24.10 -19.80 -20.84
C ASN B 267 24.29 -18.63 -21.79
N GLU B 268 25.36 -17.86 -21.59
CA GLU B 268 25.59 -16.66 -22.38
C GLU B 268 27.04 -16.63 -22.84
N TYR B 269 27.26 -16.43 -24.14
CA TYR B 269 28.58 -16.62 -24.72
C TYR B 269 29.01 -15.41 -25.52
N LEU B 270 30.34 -15.26 -25.64
CA LEU B 270 31.00 -14.02 -26.04
C LEU B 270 31.98 -14.31 -27.15
N VAL B 271 31.84 -13.61 -28.27
CA VAL B 271 32.64 -13.90 -29.48
C VAL B 271 33.25 -12.61 -30.02
N PRO B 272 34.55 -12.57 -30.31
CA PRO B 272 35.10 -11.46 -31.08
C PRO B 272 34.53 -11.42 -32.50
N VAL B 273 34.21 -10.22 -32.96
CA VAL B 273 33.33 -10.05 -34.11
C VAL B 273 34.03 -10.30 -35.45
N VAL B 274 35.36 -10.12 -35.53
CA VAL B 274 36.05 -10.31 -36.80
C VAL B 274 36.13 -11.80 -37.13
N MET B 275 36.10 -12.64 -36.11
CA MET B 275 35.98 -14.08 -36.30
C MET B 275 34.71 -14.44 -37.07
N ILE B 276 33.58 -13.85 -36.65
CA ILE B 276 32.31 -14.08 -37.34
C ILE B 276 32.32 -13.47 -38.73
N LEU B 277 32.88 -12.26 -38.86
CA LEU B 277 32.91 -11.56 -40.14
C LEU B 277 33.77 -12.28 -41.18
N LYS B 278 34.82 -12.97 -40.74
CA LYS B 278 35.54 -13.82 -41.68
C LYS B 278 34.91 -15.20 -41.83
N ALA B 279 34.13 -15.64 -40.84
CA ALA B 279 33.50 -16.95 -40.94
C ALA B 279 32.34 -16.94 -41.93
N LEU B 280 31.66 -15.80 -42.08
CA LEU B 280 30.48 -15.78 -42.92
C LEU B 280 30.82 -15.79 -44.40
N CYS B 281 31.82 -15.00 -44.80
CA CYS B 281 32.18 -14.86 -46.21
C CYS B 281 33.68 -14.97 -46.36
N HIS B 282 34.12 -15.50 -47.51
CA HIS B 282 35.55 -15.52 -47.81
C HIS B 282 36.00 -14.12 -48.17
N THR B 283 36.77 -13.51 -47.27
CA THR B 283 37.13 -12.11 -47.41
C THR B 283 38.42 -11.85 -46.64
N SER B 284 38.81 -10.59 -46.58
CA SER B 284 39.95 -10.15 -45.77
C SER B 284 39.56 -8.80 -45.16
N ASP B 285 40.56 -8.07 -44.67
CA ASP B 285 40.29 -6.86 -43.91
C ASP B 285 39.79 -5.70 -44.77
N ARG B 286 40.10 -5.72 -46.08
CA ARG B 286 39.78 -4.57 -46.93
C ARG B 286 38.28 -4.41 -47.15
N GLU B 287 37.59 -5.51 -47.42
CA GLU B 287 36.14 -5.45 -47.65
C GLU B 287 35.39 -5.08 -46.37
N ILE B 288 35.89 -5.53 -45.22
CA ILE B 288 35.26 -5.18 -43.95
C ILE B 288 35.49 -3.71 -43.63
N PHE B 289 36.68 -3.20 -43.94
CA PHE B 289 36.94 -1.77 -43.77
C PHE B 289 36.11 -0.93 -44.73
N ASP B 290 35.87 -1.44 -45.94
CA ASP B 290 34.99 -0.72 -46.86
C ASP B 290 33.54 -0.78 -46.39
N GLY B 291 33.17 -1.85 -45.70
CA GLY B 291 31.78 -2.05 -45.33
C GLY B 291 31.33 -1.39 -44.03
N ILE B 292 32.24 -1.22 -43.08
CA ILE B 292 31.85 -0.56 -41.83
C ILE B 292 31.77 0.94 -42.00
N ILE B 293 32.81 1.53 -42.58
CA ILE B 293 32.95 2.98 -42.61
C ILE B 293 31.97 3.60 -43.60
N GLY B 294 32.12 3.24 -44.87
CA GLY B 294 31.41 3.92 -45.93
C GLY B 294 32.31 4.94 -46.60
N ASN B 295 31.75 6.08 -46.98
CA ASN B 295 32.54 7.17 -47.56
C ASN B 295 33.01 8.16 -46.52
N ASP B 296 33.14 7.73 -45.26
CA ASP B 296 33.70 8.57 -44.21
C ASP B 296 35.21 8.32 -44.09
N VAL B 297 35.90 8.54 -45.21
CA VAL B 297 37.35 8.43 -45.23
C VAL B 297 38.02 9.60 -44.51
N LYS B 298 37.31 10.72 -44.35
CA LYS B 298 37.82 11.87 -43.62
C LYS B 298 37.40 11.88 -42.15
N ASP B 299 37.14 10.70 -41.59
CA ASP B 299 36.80 10.55 -40.18
C ASP B 299 37.87 9.64 -39.59
N SER B 300 38.96 10.26 -39.13
CA SER B 300 40.06 9.48 -38.59
C SER B 300 39.76 8.94 -37.20
N PHE B 301 38.75 9.49 -36.52
CA PHE B 301 38.19 8.89 -35.32
C PHE B 301 37.80 7.43 -35.53
N LEU B 302 37.18 7.15 -36.69
CA LEU B 302 36.82 5.79 -37.02
C LEU B 302 38.05 4.91 -37.20
N THR B 303 39.02 5.37 -37.99
CA THR B 303 40.21 4.58 -38.27
C THR B 303 41.11 4.42 -37.06
N ASP B 304 40.90 5.19 -35.99
CA ASP B 304 41.51 4.86 -34.71
C ASP B 304 40.64 3.97 -33.84
N ARG B 305 39.31 4.07 -33.92
CA ARG B 305 38.47 3.17 -33.16
C ARG B 305 38.30 1.80 -33.82
N LEU B 306 38.71 1.64 -35.08
CA LEU B 306 38.53 0.38 -35.80
C LEU B 306 39.82 -0.37 -36.04
N GLU B 307 40.97 0.31 -36.04
CA GLU B 307 42.23 -0.41 -36.17
C GLU B 307 42.52 -1.25 -34.94
N LEU B 308 41.91 -0.94 -33.79
CA LEU B 308 41.87 -1.80 -32.61
C LEU B 308 40.86 -2.93 -32.74
N LEU B 309 40.36 -3.21 -33.93
CA LEU B 309 39.56 -4.40 -34.20
C LEU B 309 40.21 -5.26 -35.26
N LEU B 310 40.69 -4.66 -36.35
CA LEU B 310 41.46 -5.39 -37.35
C LEU B 310 42.79 -5.86 -36.80
N ARG B 311 43.53 -4.96 -36.13
CA ARG B 311 44.76 -5.39 -35.47
C ARG B 311 44.47 -6.18 -34.21
N GLY B 312 43.29 -5.99 -33.60
CA GLY B 312 42.94 -6.76 -32.42
C GLY B 312 42.61 -8.19 -32.73
N PHE B 313 42.17 -8.48 -33.95
CA PHE B 313 41.98 -9.87 -34.36
C PHE B 313 43.30 -10.55 -34.68
N LYS B 314 44.26 -9.80 -35.22
CA LYS B 314 45.62 -10.29 -35.31
C LYS B 314 46.25 -10.33 -33.92
N LYS B 315 47.37 -11.05 -33.82
CA LYS B 315 48.18 -11.27 -32.60
C LYS B 315 47.36 -11.67 -31.38
N ARG B 316 46.22 -12.31 -31.60
CA ARG B 316 45.51 -13.01 -30.54
C ARG B 316 45.19 -14.40 -31.08
N TYR B 317 44.99 -14.48 -32.39
CA TYR B 317 44.82 -15.75 -33.10
C TYR B 317 45.47 -15.60 -34.47
N PRO B 318 46.80 -15.68 -34.55
CA PRO B 318 47.45 -15.49 -35.85
C PRO B 318 47.42 -16.72 -36.73
N HIS B 319 47.14 -17.89 -36.15
CA HIS B 319 47.09 -19.13 -36.93
C HIS B 319 45.84 -19.19 -37.79
N LEU B 320 44.76 -18.52 -37.39
CA LEU B 320 43.51 -18.52 -38.13
C LEU B 320 43.67 -17.66 -39.37
N GLN B 321 44.20 -18.28 -40.42
CA GLN B 321 44.57 -17.60 -41.65
C GLN B 321 43.58 -17.82 -42.77
N ASN B 322 42.50 -18.57 -42.53
CA ASN B 322 41.57 -18.95 -43.58
C ASN B 322 40.18 -19.11 -42.99
N ARG B 323 39.17 -18.89 -43.84
CA ARG B 323 37.77 -19.05 -43.46
C ARG B 323 37.46 -20.47 -43.00
N THR B 324 38.06 -21.46 -43.68
CA THR B 324 37.92 -22.85 -43.26
C THR B 324 38.57 -23.08 -41.91
N GLN B 325 39.70 -22.42 -41.65
CA GLN B 325 40.36 -22.54 -40.36
C GLN B 325 39.56 -21.86 -39.25
N VAL B 326 38.93 -20.73 -39.56
CA VAL B 326 38.07 -20.04 -38.59
C VAL B 326 36.84 -20.89 -38.29
N LEU B 327 36.28 -21.54 -39.32
CA LEU B 327 35.17 -22.46 -39.10
C LEU B 327 35.60 -23.68 -38.30
N GLN B 328 36.83 -24.15 -38.50
CA GLN B 328 37.34 -25.24 -37.67
C GLN B 328 37.49 -24.82 -36.22
N TYR B 329 37.96 -23.59 -36.00
CA TYR B 329 38.07 -23.06 -34.64
C TYR B 329 36.71 -22.95 -33.97
N LEU B 330 35.71 -22.48 -34.72
CA LEU B 330 34.36 -22.38 -34.18
C LEU B 330 33.76 -23.74 -33.90
N GLY B 331 33.98 -24.70 -34.80
CA GLY B 331 33.43 -26.03 -34.58
C GLY B 331 34.13 -26.79 -33.48
N ASP B 332 35.40 -26.47 -33.22
CA ASP B 332 36.13 -27.15 -32.18
C ASP B 332 35.87 -26.54 -30.81
N LYS B 333 35.67 -25.23 -30.74
CA LYS B 333 35.40 -24.61 -29.44
C LYS B 333 33.95 -24.80 -29.01
N PHE B 334 33.03 -24.96 -29.94
CA PHE B 334 31.61 -25.09 -29.64
C PHE B 334 31.10 -26.51 -29.84
N ARG B 335 31.94 -27.49 -29.51
CA ARG B 335 31.57 -28.89 -29.78
C ARG B 335 30.66 -29.45 -28.71
N VAL B 336 31.04 -29.28 -27.44
CA VAL B 336 30.27 -29.82 -26.33
C VAL B 336 29.00 -28.99 -26.08
N VAL B 337 28.96 -27.76 -26.59
CA VAL B 337 27.84 -26.86 -26.32
C VAL B 337 26.58 -27.34 -27.04
N PHE B 338 26.68 -27.61 -28.34
CA PHE B 338 25.52 -28.03 -29.11
C PHE B 338 25.23 -29.52 -29.00
N GLN B 339 26.16 -30.28 -28.42
CA GLN B 339 26.09 -31.75 -28.33
C GLN B 339 25.94 -32.38 -29.71
N ALA B 340 26.86 -32.02 -30.60
CA ALA B 340 26.79 -32.47 -31.99
C ALA B 340 27.18 -33.94 -32.11
N SER B 341 27.09 -34.46 -33.33
CA SER B 341 27.30 -35.88 -33.55
C SER B 341 28.79 -36.19 -33.72
N PRO B 342 29.24 -37.37 -33.27
CA PRO B 342 30.67 -37.68 -33.28
C PRO B 342 31.26 -37.95 -34.67
N ASP B 343 30.48 -37.88 -35.75
CA ASP B 343 31.03 -38.03 -37.09
C ASP B 343 31.19 -36.71 -37.83
N GLN B 344 30.44 -35.69 -37.45
CA GLN B 344 30.63 -34.36 -38.03
C GLN B 344 31.95 -33.77 -37.57
N SER B 345 32.69 -33.22 -38.52
CA SER B 345 33.98 -32.59 -38.22
C SER B 345 33.75 -31.19 -37.66
N ASP B 346 34.83 -30.43 -37.50
CA ASP B 346 34.69 -29.07 -36.99
C ASP B 346 34.14 -28.12 -38.04
N LEU B 347 34.33 -28.43 -39.33
CA LEU B 347 33.86 -27.56 -40.40
C LEU B 347 32.34 -27.52 -40.45
N GLU B 348 31.66 -28.58 -40.01
CA GLU B 348 30.21 -28.57 -40.03
C GLU B 348 29.60 -28.10 -38.71
N VAL B 349 30.30 -28.32 -37.59
CA VAL B 349 29.85 -27.74 -36.34
C VAL B 349 29.98 -26.22 -36.39
N GLY B 350 30.98 -25.71 -37.11
CA GLY B 350 31.06 -24.26 -37.32
C GLY B 350 29.90 -23.71 -38.12
N GLN B 351 29.42 -24.48 -39.09
CA GLN B 351 28.26 -24.04 -39.85
C GLN B 351 26.98 -24.14 -39.02
N GLU B 352 26.92 -25.11 -38.11
CA GLU B 352 25.79 -25.18 -37.17
C GLU B 352 25.80 -24.00 -36.21
N VAL B 353 26.99 -23.54 -35.81
CA VAL B 353 27.10 -22.30 -35.03
C VAL B 353 26.60 -21.11 -35.84
N LEU B 354 27.09 -20.96 -37.08
CA LEU B 354 26.71 -19.81 -37.90
C LEU B 354 25.25 -19.86 -38.36
N ASP B 355 24.59 -21.01 -38.29
CA ASP B 355 23.20 -21.07 -38.70
C ASP B 355 22.21 -21.08 -37.54
N ARG B 356 22.64 -21.48 -36.36
CA ARG B 356 21.72 -21.62 -35.23
C ARG B 356 21.76 -20.40 -34.32
N ILE B 357 22.64 -19.43 -34.61
CA ILE B 357 22.84 -18.28 -33.72
C ILE B 357 22.73 -16.95 -34.46
N VAL B 358 23.56 -16.76 -35.48
CA VAL B 358 23.86 -15.42 -36.00
C VAL B 358 22.80 -15.04 -37.04
N LEU B 359 21.96 -14.06 -36.67
CA LEU B 359 21.03 -13.35 -37.56
C LEU B 359 20.08 -14.32 -38.26
N VAL B 360 19.25 -14.96 -37.44
CA VAL B 360 18.51 -16.14 -37.86
C VAL B 360 17.41 -15.87 -38.88
N HIS B 361 17.07 -14.61 -39.12
CA HIS B 361 15.99 -14.30 -40.04
C HIS B 361 16.41 -14.39 -41.51
N LEU B 362 17.70 -14.33 -41.80
CA LEU B 362 18.18 -14.38 -43.18
C LEU B 362 18.40 -15.80 -43.67
N GLY B 363 17.79 -16.79 -43.03
CA GLY B 363 17.85 -18.15 -43.52
C GLY B 363 19.20 -18.79 -43.29
N LYS B 364 19.57 -19.68 -44.21
CA LYS B 364 20.86 -20.33 -44.19
C LYS B 364 21.62 -20.11 -45.49
N ASP B 365 21.06 -19.36 -46.43
CA ASP B 365 21.68 -19.12 -47.72
C ASP B 365 21.98 -17.65 -47.96
N GLY B 366 21.77 -16.81 -46.95
CA GLY B 366 22.02 -15.39 -47.08
C GLY B 366 23.17 -14.91 -46.20
N SER B 367 24.28 -15.66 -46.19
CA SER B 367 25.45 -15.23 -45.44
C SER B 367 26.03 -13.93 -45.99
N GLN B 368 25.89 -13.71 -47.30
CA GLN B 368 26.21 -12.41 -47.89
C GLN B 368 25.32 -11.30 -47.37
N ASP B 369 24.15 -11.62 -46.82
CA ASP B 369 23.29 -10.63 -46.19
C ASP B 369 23.49 -10.53 -44.68
N LYS B 370 23.79 -11.64 -44.01
CA LYS B 370 24.09 -11.58 -42.57
C LYS B 370 25.37 -10.81 -42.33
N PHE B 371 26.33 -10.95 -43.25
CA PHE B 371 27.56 -10.18 -43.22
C PHE B 371 27.27 -8.68 -43.32
N ARG B 372 26.39 -8.27 -44.24
CA ARG B 372 26.11 -6.86 -44.43
C ARG B 372 25.28 -6.27 -43.29
N MET B 373 24.36 -7.07 -42.72
CA MET B 373 23.66 -6.62 -41.53
C MET B 373 24.58 -6.49 -40.33
N LEU B 374 25.58 -7.37 -40.22
CA LEU B 374 26.51 -7.28 -39.10
C LEU B 374 27.42 -6.06 -39.24
N LEU B 375 27.82 -5.73 -40.48
CA LEU B 375 28.55 -4.50 -40.71
C LEU B 375 27.71 -3.27 -40.43
N PHE B 376 26.41 -3.35 -40.71
CA PHE B 376 25.50 -2.26 -40.38
C PHE B 376 25.41 -2.04 -38.87
N MET B 377 25.36 -3.12 -38.09
CA MET B 377 25.31 -2.94 -36.64
C MET B 377 26.63 -2.45 -36.08
N ILE B 378 27.75 -2.83 -36.70
CA ILE B 378 29.04 -2.31 -36.27
C ILE B 378 29.14 -0.80 -36.55
N ARG B 379 28.60 -0.37 -37.71
CA ARG B 379 28.50 1.06 -37.98
C ARG B 379 27.60 1.77 -36.98
N LYS B 380 26.47 1.16 -36.64
CA LYS B 380 25.56 1.80 -35.69
C LYS B 380 26.14 1.84 -34.28
N LEU B 381 26.99 0.88 -33.92
CA LEU B 381 27.65 0.94 -32.63
C LEU B 381 28.75 1.98 -32.62
N TYR B 382 29.51 2.09 -33.71
CA TYR B 382 30.52 3.14 -33.84
C TYR B 382 29.94 4.46 -34.34
N SER B 383 28.62 4.56 -34.43
CA SER B 383 27.96 5.85 -34.53
C SER B 383 27.16 6.17 -33.28
N LEU B 384 27.21 5.30 -32.28
CA LEU B 384 26.78 5.65 -30.93
C LEU B 384 27.94 6.15 -30.09
N VAL B 385 29.18 5.79 -30.45
CA VAL B 385 30.35 6.29 -29.74
C VAL B 385 30.54 7.77 -30.04
N ALA B 386 30.36 8.16 -31.29
CA ALA B 386 30.54 9.55 -31.69
C ALA B 386 29.38 10.46 -31.30
N GLY B 387 28.37 9.93 -30.61
CA GLY B 387 27.22 10.72 -30.25
C GLY B 387 26.36 11.14 -31.43
N GLU B 388 26.45 10.40 -32.53
CA GLU B 388 25.79 10.78 -33.77
C GLU B 388 24.37 10.25 -33.85
N CYS B 389 23.98 9.37 -32.93
CA CYS B 389 22.60 8.92 -32.84
C CYS B 389 22.16 8.94 -31.38
N SER B 390 20.87 9.16 -31.17
CA SER B 390 20.29 9.15 -29.84
C SER B 390 20.15 7.72 -29.35
N PRO B 391 20.05 7.53 -28.03
CA PRO B 391 19.70 6.19 -27.52
C PRO B 391 18.27 5.82 -27.90
N ASP B 392 18.13 4.73 -28.64
CA ASP B 392 16.81 4.16 -28.87
C ASP B 392 16.25 3.68 -27.54
N ASN B 393 15.02 4.07 -27.25
CA ASN B 393 14.40 3.75 -25.98
C ASN B 393 13.74 2.38 -26.06
N PRO B 394 14.20 1.38 -25.30
CA PRO B 394 13.57 0.06 -25.35
C PRO B 394 12.24 -0.02 -24.63
N ASP B 395 11.87 1.00 -23.87
CA ASP B 395 10.60 1.04 -23.17
C ASP B 395 9.56 1.85 -23.93
N ALA B 396 9.87 2.26 -25.14
CA ALA B 396 9.02 3.13 -25.93
C ALA B 396 8.28 2.31 -26.98
N THR B 397 7.01 2.68 -27.22
CA THR B 397 6.13 1.87 -28.05
C THR B 397 6.47 2.00 -29.54
N GLN B 398 7.29 2.97 -29.93
CA GLN B 398 7.76 3.07 -31.30
C GLN B 398 8.56 1.84 -31.72
N HIS B 399 9.30 1.24 -30.79
CA HIS B 399 10.07 0.04 -31.06
C HIS B 399 9.53 -1.07 -30.16
N GLN B 400 8.40 -1.66 -30.54
CA GLN B 400 7.75 -2.72 -29.78
C GLN B 400 6.81 -3.49 -30.70
N GLU B 401 6.88 -4.81 -30.66
CA GLU B 401 5.88 -5.68 -31.27
C GLU B 401 5.05 -6.31 -30.16
N VAL B 402 4.10 -7.15 -30.53
CA VAL B 402 3.23 -7.82 -29.58
C VAL B 402 3.34 -9.32 -29.79
N LEU B 403 3.97 -10.01 -28.85
CA LEU B 403 4.03 -11.47 -28.90
C LEU B 403 2.68 -12.05 -28.50
N LEU B 404 2.12 -12.88 -29.36
CA LEU B 404 0.73 -13.30 -29.22
C LEU B 404 0.61 -14.50 -28.29
N GLY B 405 -0.55 -15.15 -28.32
CA GLY B 405 -0.79 -16.34 -27.52
C GLY B 405 -0.54 -17.61 -28.28
N GLY B 406 -0.95 -17.66 -29.55
CA GLY B 406 -0.76 -18.87 -30.32
C GLY B 406 0.67 -19.10 -30.75
N PHE B 407 1.43 -18.02 -30.93
CA PHE B 407 2.80 -18.16 -31.42
C PHE B 407 3.70 -18.77 -30.34
N LEU B 408 3.52 -18.35 -29.09
CA LEU B 408 4.23 -18.95 -27.98
C LEU B 408 3.83 -20.41 -27.79
N TYR B 409 2.57 -20.73 -28.04
CA TYR B 409 2.08 -22.10 -27.95
C TYR B 409 2.74 -22.97 -29.01
N GLY B 410 2.94 -22.43 -30.21
CA GLY B 410 3.67 -23.16 -31.24
C GLY B 410 5.14 -23.32 -30.90
N MET B 411 5.76 -22.31 -30.28
CA MET B 411 7.14 -22.41 -29.82
C MET B 411 7.29 -23.53 -28.79
N ILE B 412 6.36 -23.60 -27.83
CA ILE B 412 6.46 -24.61 -26.78
C ILE B 412 6.16 -25.99 -27.32
N LEU B 413 5.27 -26.10 -28.31
CA LEU B 413 5.02 -27.39 -28.93
C LEU B 413 6.23 -27.87 -29.72
N LYS B 414 6.94 -26.94 -30.36
CA LYS B 414 8.22 -27.26 -31.00
C LYS B 414 9.25 -27.74 -29.99
N GLU B 415 9.32 -27.09 -28.83
CA GLU B 415 10.26 -27.52 -27.81
C GLU B 415 9.90 -28.89 -27.23
N LYS B 416 8.62 -29.22 -27.14
CA LYS B 416 8.27 -30.54 -26.64
C LYS B 416 8.55 -31.63 -27.66
N ILE B 417 8.41 -31.31 -28.96
CA ILE B 417 8.88 -32.23 -30.01
C ILE B 417 10.38 -32.48 -29.86
N ASP B 418 11.15 -31.41 -29.64
CA ASP B 418 12.59 -31.54 -29.48
C ASP B 418 12.97 -32.38 -28.27
N GLU B 419 12.30 -32.16 -27.13
CA GLU B 419 12.59 -32.94 -25.94
C GLU B 419 12.16 -34.39 -26.09
N TYR B 420 11.12 -34.65 -26.88
CA TYR B 420 10.74 -36.02 -27.22
C TYR B 420 11.84 -36.73 -27.98
N LEU B 421 12.44 -36.05 -28.97
CA LEU B 421 13.52 -36.68 -29.72
C LEU B 421 14.78 -36.88 -28.86
N GLN B 422 15.06 -35.91 -27.98
CA GLN B 422 16.17 -36.06 -27.03
C GLN B 422 15.95 -37.25 -26.11
N ASN B 423 14.72 -37.46 -25.66
CA ASN B 423 14.43 -38.59 -24.78
C ASN B 423 14.54 -39.92 -25.52
N ILE B 424 14.20 -39.93 -26.83
CA ILE B 424 14.40 -41.12 -27.64
C ILE B 424 15.88 -41.48 -27.74
N ILE B 425 16.72 -40.50 -28.08
CA ILE B 425 18.16 -40.76 -28.23
C ILE B 425 18.78 -41.14 -26.90
N ALA B 426 18.31 -40.54 -25.81
CA ALA B 426 18.83 -40.90 -24.49
C ALA B 426 18.40 -42.31 -24.07
N GLN B 427 17.21 -42.74 -24.48
CA GLN B 427 16.81 -44.12 -24.18
C GLN B 427 17.61 -45.13 -24.98
N VAL B 428 17.94 -44.80 -26.23
CA VAL B 428 18.79 -45.69 -27.03
C VAL B 428 20.20 -45.76 -26.43
N ARG B 429 20.71 -44.64 -25.92
CA ARG B 429 22.03 -44.66 -25.30
C ARG B 429 22.03 -45.43 -23.99
N MET B 430 20.95 -45.33 -23.20
CA MET B 430 20.88 -46.12 -21.98
C MET B 430 20.74 -47.61 -22.29
N ASP B 431 20.06 -47.95 -23.38
CA ASP B 431 19.97 -49.34 -23.82
C ASP B 431 21.34 -49.87 -24.23
N ILE B 432 22.14 -49.05 -24.91
CA ILE B 432 23.45 -49.50 -25.37
C ILE B 432 24.44 -49.60 -24.20
N ASN B 433 24.44 -48.61 -23.30
CA ASN B 433 25.31 -48.66 -22.13
C ASN B 433 24.90 -49.73 -21.15
N ARG B 434 23.64 -50.15 -21.16
CA ARG B 434 23.24 -51.35 -20.42
C ARG B 434 23.87 -52.60 -21.02
N GLY B 435 24.16 -52.57 -22.31
CA GLY B 435 24.85 -53.65 -22.97
C GLY B 435 23.99 -54.59 -23.78
N MET B 436 22.74 -54.23 -24.05
CA MET B 436 21.80 -55.12 -24.71
C MET B 436 22.04 -55.11 -26.23
N ALA B 437 21.13 -55.73 -26.97
CA ALA B 437 21.31 -55.95 -28.39
C ALA B 437 21.04 -54.68 -29.19
N ILE B 438 21.56 -54.66 -30.42
CA ILE B 438 21.41 -53.54 -31.34
C ILE B 438 20.81 -54.08 -32.62
N ASN B 439 19.59 -53.64 -32.94
CA ASN B 439 18.92 -54.03 -34.18
C ASN B 439 18.32 -52.79 -34.81
N PHE B 440 19.12 -52.07 -35.59
CA PHE B 440 18.62 -50.86 -36.23
C PHE B 440 17.76 -51.15 -37.46
N LYS B 441 17.81 -52.37 -37.98
CA LYS B 441 16.93 -52.75 -39.07
C LYS B 441 15.59 -53.27 -38.59
N ASP B 442 15.54 -53.86 -37.39
CA ASP B 442 14.34 -54.51 -36.89
C ASP B 442 13.35 -53.44 -36.42
N LYS B 443 12.15 -53.45 -37.01
CA LYS B 443 11.11 -52.52 -36.60
C LYS B 443 10.58 -52.87 -35.22
N ARG B 444 10.64 -54.15 -34.84
CA ARG B 444 10.22 -54.55 -33.51
C ARG B 444 11.15 -54.00 -32.44
N TYR B 445 12.43 -53.77 -32.77
CA TYR B 445 13.32 -53.08 -31.86
C TYR B 445 12.90 -51.63 -31.66
N MET B 446 12.44 -50.99 -32.73
CA MET B 446 11.96 -49.61 -32.65
C MET B 446 10.72 -49.51 -31.77
N SER B 447 9.77 -50.43 -31.97
CA SER B 447 8.58 -50.46 -31.13
C SER B 447 8.90 -50.91 -29.70
N ARG B 448 10.02 -51.60 -29.49
CA ARG B 448 10.44 -51.95 -28.14
C ARG B 448 11.04 -50.76 -27.42
N VAL B 449 11.82 -49.94 -28.15
CA VAL B 449 12.46 -48.78 -27.53
C VAL B 449 11.45 -47.68 -27.26
N LEU B 450 10.53 -47.44 -28.21
CA LEU B 450 9.58 -46.32 -28.06
C LEU B 450 8.51 -46.54 -26.98
N MET B 451 8.52 -47.59 -26.18
CA MET B 451 7.55 -47.72 -25.10
C MET B 451 8.01 -47.02 -23.82
N ARG B 452 9.33 -46.99 -23.58
CA ARG B 452 9.84 -46.35 -22.38
C ARG B 452 9.82 -44.83 -22.49
N VAL B 453 9.89 -44.30 -23.72
CA VAL B 453 9.97 -42.86 -23.94
C VAL B 453 8.61 -42.24 -23.64
N ASN B 454 8.59 -41.25 -22.75
CA ASN B 454 7.35 -40.57 -22.41
C ASN B 454 6.91 -39.71 -23.59
N GLU B 455 5.75 -40.03 -24.14
CA GLU B 455 5.28 -39.41 -25.36
C GLU B 455 4.15 -38.42 -25.15
N ASN B 456 3.60 -38.35 -23.93
CA ASN B 456 2.38 -37.59 -23.68
C ASN B 456 2.71 -36.10 -23.69
N ILE B 457 2.80 -35.56 -24.90
CA ILE B 457 3.11 -34.15 -25.09
C ILE B 457 1.91 -33.29 -24.70
N GLY B 458 0.70 -33.77 -24.99
CA GLY B 458 -0.50 -33.01 -24.72
C GLY B 458 -0.75 -32.78 -23.25
N SER B 459 -0.35 -33.72 -22.40
CA SER B 459 -0.47 -33.49 -20.96
C SER B 459 0.52 -32.45 -20.49
N LYS B 460 1.67 -32.32 -21.16
CA LYS B 460 2.61 -31.28 -20.79
C LYS B 460 2.12 -29.91 -21.26
N MET B 461 1.53 -29.83 -22.45
CA MET B 461 0.95 -28.56 -22.91
C MET B 461 -0.25 -28.17 -22.07
N GLN B 462 -1.02 -29.16 -21.61
CA GLN B 462 -2.11 -28.92 -20.68
C GLN B 462 -1.59 -28.48 -19.31
N TYR B 463 -0.42 -28.95 -18.90
CA TYR B 463 0.18 -28.44 -17.67
C TYR B 463 0.60 -26.99 -17.83
N PHE B 464 1.19 -26.65 -19.00
CA PHE B 464 1.56 -25.27 -19.29
C PHE B 464 0.36 -24.34 -19.28
N LEU B 465 -0.76 -24.79 -19.82
CA LEU B 465 -1.94 -23.94 -19.80
C LEU B 465 -2.67 -23.98 -18.46
N SER B 466 -2.47 -25.02 -17.66
CA SER B 466 -3.18 -25.12 -16.41
C SER B 466 -2.49 -24.36 -15.29
N THR B 467 -1.17 -24.22 -15.33
CA THR B 467 -0.46 -23.45 -14.32
C THR B 467 0.12 -22.15 -14.87
N GLY B 468 0.80 -22.21 -16.02
CA GLY B 468 1.47 -21.07 -16.58
C GLY B 468 2.97 -21.11 -16.43
N ASN B 469 3.49 -21.99 -15.56
CA ASN B 469 4.91 -22.10 -15.30
C ASN B 469 5.59 -22.70 -16.53
N LEU B 470 6.32 -21.87 -17.26
CA LEU B 470 6.98 -22.30 -18.47
C LEU B 470 8.15 -23.21 -18.14
N VAL B 471 8.13 -24.43 -18.70
CA VAL B 471 9.22 -25.38 -18.59
C VAL B 471 9.94 -25.38 -19.93
N SER B 472 11.16 -24.88 -19.95
CA SER B 472 11.89 -24.69 -21.18
C SER B 472 13.27 -25.34 -21.09
N GLN B 473 13.80 -25.69 -22.25
CA GLN B 473 15.19 -26.11 -22.36
C GLN B 473 16.07 -25.05 -22.98
N SER B 474 15.50 -23.93 -23.43
CA SER B 474 16.30 -22.84 -23.96
C SER B 474 15.82 -21.47 -23.55
N GLY B 475 14.80 -21.36 -22.69
CA GLY B 475 14.30 -20.09 -22.22
C GLY B 475 13.37 -19.37 -23.17
N LEU B 476 13.33 -19.78 -24.45
CA LEU B 476 12.45 -19.25 -25.50
C LEU B 476 12.68 -17.77 -25.79
N ASP B 477 13.87 -17.29 -25.43
CA ASP B 477 14.32 -15.91 -25.60
C ASP B 477 13.33 -14.92 -24.97
N LEU B 478 12.96 -15.20 -23.73
CA LEU B 478 12.14 -14.30 -22.93
C LEU B 478 12.89 -13.97 -21.66
N GLN B 479 12.24 -13.24 -20.76
CA GLN B 479 12.82 -12.91 -19.46
C GLN B 479 12.13 -13.64 -18.32
N GLN B 480 10.82 -13.58 -18.26
CA GLN B 480 10.11 -14.18 -17.15
C GLN B 480 10.00 -15.69 -17.32
N VAL B 481 9.53 -16.34 -16.27
CA VAL B 481 9.33 -17.78 -16.24
C VAL B 481 7.86 -18.13 -16.06
N SER B 482 7.20 -17.51 -15.10
CA SER B 482 5.81 -17.80 -14.79
C SER B 482 4.91 -16.73 -15.40
N GLY B 483 3.60 -16.95 -15.24
CA GLY B 483 2.60 -15.94 -15.58
C GLY B 483 2.44 -15.67 -17.06
N TYR B 484 1.91 -16.65 -17.79
CA TYR B 484 1.56 -16.43 -19.19
C TYR B 484 0.08 -16.60 -19.47
N THR B 485 -0.64 -17.36 -18.66
CA THR B 485 -2.04 -17.66 -18.91
C THR B 485 -2.89 -17.09 -17.79
N VAL B 486 -3.92 -16.34 -18.15
CA VAL B 486 -4.83 -15.73 -17.20
C VAL B 486 -6.22 -16.31 -17.43
N VAL B 487 -6.94 -16.57 -16.34
CA VAL B 487 -8.26 -17.18 -16.42
C VAL B 487 -9.24 -16.18 -17.00
N ALA B 488 -9.88 -16.54 -18.11
CA ALA B 488 -10.91 -15.70 -18.71
C ALA B 488 -12.14 -15.74 -17.82
N GLU B 489 -12.28 -14.73 -16.97
CA GLU B 489 -13.45 -14.65 -16.13
C GLU B 489 -14.64 -14.16 -16.95
N LYS B 490 -15.82 -14.66 -16.58
CA LYS B 490 -17.07 -14.18 -17.14
C LYS B 490 -17.94 -13.78 -15.95
N ILE B 491 -17.75 -12.56 -15.48
CA ILE B 491 -18.68 -11.96 -14.53
C ILE B 491 -19.68 -11.06 -15.24
N ASN B 492 -19.21 -10.37 -16.27
CA ASN B 492 -20.07 -9.74 -17.25
C ASN B 492 -19.37 -9.77 -18.59
N PHE B 493 -20.03 -9.20 -19.60
CA PHE B 493 -19.48 -9.23 -20.94
C PHE B 493 -18.31 -8.26 -21.10
N TYR B 494 -18.23 -7.22 -20.27
CA TYR B 494 -17.14 -6.25 -20.37
C TYR B 494 -15.84 -6.84 -19.88
N ARG B 495 -15.88 -7.55 -18.74
CA ARG B 495 -14.67 -8.17 -18.22
C ARG B 495 -14.18 -9.27 -19.14
N PHE B 496 -15.09 -9.99 -19.77
CA PHE B 496 -14.70 -11.06 -20.68
C PHE B 496 -14.17 -10.53 -22.00
N ILE B 497 -14.77 -9.45 -22.53
CA ILE B 497 -14.23 -8.85 -23.75
C ILE B 497 -12.96 -8.08 -23.47
N SER B 498 -12.67 -7.77 -22.21
CA SER B 498 -11.44 -7.07 -21.87
C SER B 498 -10.21 -7.96 -22.01
N HIS B 499 -10.32 -9.22 -21.61
CA HIS B 499 -9.15 -10.10 -21.53
C HIS B 499 -8.54 -10.41 -22.89
N PHE B 500 -9.26 -10.19 -23.98
CA PHE B 500 -8.72 -10.47 -25.30
C PHE B 500 -8.04 -9.28 -25.91
N ARG B 501 -8.02 -8.13 -25.22
CA ARG B 501 -7.27 -6.98 -25.68
C ARG B 501 -6.34 -6.47 -24.59
N MET B 502 -5.94 -7.33 -23.66
CA MET B 502 -5.12 -6.99 -22.50
C MET B 502 -3.67 -7.36 -22.80
N VAL B 503 -2.86 -6.36 -23.15
CA VAL B 503 -1.44 -6.57 -23.38
C VAL B 503 -0.68 -5.73 -22.37
N HIS B 504 0.57 -6.14 -22.08
CA HIS B 504 1.41 -5.41 -21.15
C HIS B 504 2.87 -5.73 -21.43
N ARG B 505 3.74 -5.10 -20.65
CA ARG B 505 5.19 -5.27 -20.82
C ARG B 505 5.66 -6.61 -20.27
N GLY B 506 5.46 -6.84 -18.98
CA GLY B 506 5.88 -8.09 -18.39
C GLY B 506 5.44 -8.15 -16.94
N SER B 507 5.84 -9.24 -16.29
CA SER B 507 5.66 -9.39 -14.85
C SER B 507 6.93 -9.12 -14.07
N PHE B 508 8.06 -8.99 -14.76
CA PHE B 508 9.29 -8.61 -14.07
C PHE B 508 9.32 -7.13 -13.74
N PHE B 509 8.72 -6.29 -14.60
CA PHE B 509 8.76 -4.85 -14.40
C PHE B 509 7.88 -4.41 -13.24
N ALA B 510 6.98 -5.26 -12.77
CA ALA B 510 6.10 -4.89 -11.68
C ALA B 510 6.82 -4.83 -10.34
N GLN B 511 7.98 -5.47 -10.23
CA GLN B 511 8.77 -5.40 -8.99
C GLN B 511 9.77 -4.26 -9.00
N LEU B 512 10.22 -3.85 -10.19
CA LEU B 512 11.16 -2.74 -10.34
C LEU B 512 10.52 -1.44 -9.86
N LYS B 513 11.29 -0.63 -9.13
CA LYS B 513 10.74 0.58 -8.53
C LYS B 513 11.02 1.84 -9.32
N THR B 514 11.85 1.77 -10.36
CA THR B 514 12.04 2.91 -11.25
C THR B 514 10.91 2.94 -12.26
N THR B 515 10.12 4.00 -12.25
CA THR B 515 8.89 4.06 -13.04
C THR B 515 9.09 5.05 -14.17
N THR B 516 9.66 4.57 -15.28
CA THR B 516 9.46 5.19 -16.57
C THR B 516 8.69 4.27 -17.50
N VAL B 517 8.53 3.00 -17.14
CA VAL B 517 7.66 2.11 -17.89
C VAL B 517 6.20 2.34 -17.56
N ARG B 518 5.90 3.01 -16.45
CA ARG B 518 4.53 3.33 -16.06
C ARG B 518 4.09 4.69 -16.56
N LYS B 519 4.81 5.25 -17.51
CA LYS B 519 4.53 6.59 -18.02
C LYS B 519 3.79 6.49 -19.35
N LEU B 520 2.67 7.20 -19.44
CA LEU B 520 1.93 7.29 -20.69
C LEU B 520 2.73 8.09 -21.69
N LEU B 521 3.09 7.49 -22.78
CA LEU B 521 3.88 8.16 -23.78
C LEU B 521 2.99 8.75 -24.87
N PRO B 522 3.49 9.74 -25.61
CA PRO B 522 2.78 10.15 -26.83
C PRO B 522 2.95 9.18 -27.99
N GLU B 523 3.76 8.14 -27.85
CA GLU B 523 3.89 7.14 -28.89
C GLU B 523 2.74 6.15 -28.87
N SER B 524 1.94 6.15 -27.82
CA SER B 524 0.76 5.31 -27.71
C SER B 524 -0.49 6.00 -28.22
N TRP B 525 -0.34 6.96 -29.13
CA TRP B 525 -1.47 7.72 -29.65
C TRP B 525 -2.31 6.82 -30.54
N GLY B 526 -3.40 6.32 -30.00
CA GLY B 526 -4.33 5.54 -30.78
C GLY B 526 -4.06 4.06 -30.84
N PHE B 527 -3.01 3.58 -30.17
CA PHE B 527 -2.71 2.16 -30.14
C PHE B 527 -3.07 1.55 -28.79
N LEU B 528 -2.47 2.05 -27.73
CA LEU B 528 -2.85 1.69 -26.39
C LEU B 528 -3.80 2.77 -25.88
N CYS B 529 -4.77 2.36 -25.09
CA CYS B 529 -5.75 3.34 -24.65
C CYS B 529 -5.20 4.15 -23.50
N PRO B 530 -5.28 5.48 -23.55
CA PRO B 530 -4.79 6.29 -22.42
C PRO B 530 -5.59 6.10 -21.15
N VAL B 531 -6.91 5.98 -21.27
CA VAL B 531 -7.74 5.88 -20.09
C VAL B 531 -7.71 4.48 -19.52
N HIS B 532 -7.88 3.48 -20.37
CA HIS B 532 -8.24 2.14 -19.94
C HIS B 532 -7.01 1.40 -19.44
N THR B 533 -6.72 1.58 -18.15
CA THR B 533 -5.63 0.88 -17.47
C THR B 533 -5.96 0.88 -15.98
N PRO B 534 -5.58 -0.15 -15.24
CA PRO B 534 -5.97 -0.20 -13.82
C PRO B 534 -5.19 0.74 -12.94
N ASP B 535 -5.42 0.67 -11.64
CA ASP B 535 -4.75 1.52 -10.67
C ASP B 535 -3.79 0.71 -9.82
N GLY B 536 -2.95 1.43 -9.08
CA GLY B 536 -2.09 0.78 -8.10
C GLY B 536 -0.91 0.06 -8.70
N SER B 537 -0.79 -1.23 -8.40
CA SER B 537 0.40 -1.98 -8.79
C SER B 537 0.51 -2.37 -10.28
N PRO B 538 -0.55 -2.73 -11.02
CA PRO B 538 -0.35 -2.91 -12.47
C PRO B 538 -0.54 -1.66 -13.31
N CYS B 539 -0.59 -0.49 -12.68
CA CYS B 539 -0.88 0.75 -13.39
C CYS B 539 0.24 1.11 -14.34
N GLY B 540 -0.12 1.46 -15.57
CA GLY B 540 0.85 1.76 -16.59
C GLY B 540 1.39 0.55 -17.31
N LEU B 541 1.17 -0.64 -16.79
CA LEU B 541 1.61 -1.87 -17.46
C LEU B 541 0.50 -2.45 -18.34
N LEU B 542 -0.64 -2.80 -17.75
CA LEU B 542 -1.75 -3.40 -18.48
C LEU B 542 -2.43 -2.32 -19.32
N ASN B 543 -1.81 -2.02 -20.47
CA ASN B 543 -2.37 -1.08 -21.43
C ASN B 543 -3.25 -1.82 -22.42
N HIS B 544 -4.57 -1.67 -22.29
CA HIS B 544 -5.46 -2.24 -23.27
C HIS B 544 -5.36 -1.49 -24.58
N PHE B 545 -5.71 -2.16 -25.67
CA PHE B 545 -5.59 -1.57 -26.98
C PHE B 545 -6.68 -0.53 -27.22
N ALA B 546 -6.65 0.04 -28.42
CA ALA B 546 -7.77 0.82 -28.90
C ALA B 546 -8.84 -0.12 -29.42
N HIS B 547 -9.89 0.43 -30.01
CA HIS B 547 -10.96 -0.40 -30.54
C HIS B 547 -10.83 -0.62 -32.05
N LYS B 548 -9.72 -0.21 -32.65
CA LYS B 548 -9.52 -0.44 -34.07
C LYS B 548 -8.11 -0.90 -34.42
N CYS B 549 -7.25 -1.14 -33.44
CA CYS B 549 -5.90 -1.61 -33.72
C CYS B 549 -5.95 -3.09 -34.10
N ARG B 550 -5.50 -3.39 -35.32
CA ARG B 550 -5.46 -4.76 -35.83
C ARG B 550 -4.04 -5.29 -35.73
N ILE B 551 -3.89 -6.49 -35.18
CA ILE B 551 -2.59 -7.14 -35.08
C ILE B 551 -2.47 -8.12 -36.24
N SER B 552 -1.46 -7.91 -37.07
CA SER B 552 -1.27 -8.72 -38.27
C SER B 552 -0.74 -10.09 -37.88
N THR B 553 -1.55 -11.13 -38.07
CA THR B 553 -1.20 -12.47 -37.67
C THR B 553 -0.81 -13.35 -38.86
N GLN B 554 -0.48 -12.75 -40.00
CA GLN B 554 0.01 -13.49 -41.14
C GLN B 554 1.25 -12.82 -41.71
N GLN B 555 2.18 -13.64 -42.20
CA GLN B 555 3.39 -13.11 -42.82
C GLN B 555 3.00 -12.51 -44.16
N SER B 556 2.81 -11.19 -44.17
CA SER B 556 2.42 -10.50 -45.37
C SER B 556 3.52 -10.58 -46.43
N ASP B 557 3.10 -10.54 -47.68
CA ASP B 557 3.99 -10.84 -48.80
C ASP B 557 4.89 -9.64 -49.06
N VAL B 558 6.19 -9.84 -48.85
CA VAL B 558 7.20 -8.82 -49.12
C VAL B 558 8.00 -9.28 -50.32
N SER B 559 7.35 -10.06 -51.18
CA SER B 559 8.05 -10.79 -52.24
C SER B 559 8.61 -9.85 -53.30
N ARG B 560 7.75 -9.08 -53.94
CA ARG B 560 8.12 -8.25 -55.08
C ARG B 560 8.57 -6.85 -54.68
N ILE B 561 8.81 -6.62 -53.39
CA ILE B 561 9.27 -5.30 -52.96
C ILE B 561 10.65 -4.92 -53.48
N PRO B 562 11.70 -5.79 -53.44
CA PRO B 562 13.01 -5.33 -53.93
C PRO B 562 13.07 -5.00 -55.42
N SER B 563 12.25 -5.66 -56.25
CA SER B 563 12.22 -5.30 -57.66
C SER B 563 11.61 -3.92 -57.87
N ILE B 564 10.57 -3.60 -57.11
CA ILE B 564 9.96 -2.28 -57.20
C ILE B 564 10.93 -1.21 -56.70
N LEU B 565 11.63 -1.51 -55.60
CA LEU B 565 12.61 -0.57 -55.06
C LEU B 565 13.76 -0.35 -56.03
N TYR B 566 14.24 -1.42 -56.68
CA TYR B 566 15.32 -1.26 -57.65
C TYR B 566 14.85 -0.51 -58.89
N SER B 567 13.59 -0.69 -59.28
CA SER B 567 13.05 0.11 -60.36
C SER B 567 12.82 1.56 -59.97
N LEU B 568 12.76 1.86 -58.66
CA LEU B 568 12.72 3.23 -58.17
C LEU B 568 14.09 3.91 -58.15
N GLY B 569 15.09 3.37 -58.87
CA GLY B 569 16.41 3.99 -58.95
C GLY B 569 17.21 3.92 -57.67
N VAL B 570 17.43 2.69 -57.19
CA VAL B 570 18.17 2.43 -55.96
C VAL B 570 19.30 1.47 -56.30
N ALA B 571 20.50 1.79 -55.82
CA ALA B 571 21.65 0.92 -56.00
C ALA B 571 21.45 -0.38 -55.20
N PRO B 572 22.08 -1.47 -55.64
CA PRO B 572 22.01 -2.72 -54.86
C PRO B 572 22.74 -2.61 -53.54
N ALA B 573 22.43 -3.55 -52.66
CA ALA B 573 23.20 -3.73 -51.43
C ALA B 573 24.42 -4.60 -51.65
N SER B 574 24.50 -5.31 -52.77
CA SER B 574 25.60 -6.26 -53.01
C SER B 574 26.83 -5.56 -53.57
N HIS B 575 26.68 -4.91 -54.72
CA HIS B 575 27.70 -4.00 -55.23
C HIS B 575 27.14 -2.58 -55.16
N THR B 576 28.01 -1.62 -55.49
CA THR B 576 27.79 -0.18 -55.27
C THR B 576 27.38 0.06 -53.82
N PHE B 577 28.33 -0.19 -52.94
CA PHE B 577 28.08 -0.23 -51.51
C PHE B 577 28.78 0.92 -50.79
N ALA B 578 28.15 1.36 -49.70
CA ALA B 578 28.71 2.32 -48.76
C ALA B 578 28.04 2.07 -47.42
N ALA B 579 28.23 2.98 -46.48
CA ALA B 579 27.66 2.84 -45.15
C ALA B 579 27.51 4.22 -44.52
N GLY B 580 26.87 4.25 -43.36
CA GLY B 580 26.82 5.45 -42.56
C GLY B 580 25.46 6.12 -42.52
N PRO B 581 25.25 7.01 -41.54
CA PRO B 581 24.05 7.85 -41.52
C PRO B 581 24.15 9.08 -42.41
N SER B 582 25.14 9.14 -43.30
CA SER B 582 25.20 10.19 -44.30
C SER B 582 24.08 10.05 -45.33
N LEU B 583 23.55 8.85 -45.51
CA LEU B 583 22.51 8.63 -46.50
C LEU B 583 21.59 7.50 -46.04
N CYS B 584 20.45 7.38 -46.72
CA CYS B 584 19.35 6.50 -46.35
C CYS B 584 19.64 5.05 -46.76
N CYS B 585 19.38 4.14 -45.81
CA CYS B 585 19.59 2.71 -45.98
C CYS B 585 18.23 2.03 -45.95
N VAL B 586 17.78 1.53 -47.09
CA VAL B 586 16.42 1.01 -47.20
C VAL B 586 16.40 -0.44 -46.75
N GLN B 587 15.49 -0.77 -45.84
CA GLN B 587 15.37 -2.14 -45.33
C GLN B 587 13.93 -2.64 -45.44
N ILE B 588 13.82 -3.96 -45.47
CA ILE B 588 12.55 -4.68 -45.44
C ILE B 588 12.71 -5.71 -44.33
N ASP B 589 12.23 -5.38 -43.12
CA ASP B 589 12.17 -6.16 -41.87
C ASP B 589 13.31 -7.15 -41.65
N GLY B 590 14.54 -6.72 -41.87
CA GLY B 590 15.68 -7.56 -41.55
C GLY B 590 16.77 -7.67 -42.59
N LYS B 591 16.60 -7.06 -43.75
CA LYS B 591 17.58 -7.23 -44.80
C LYS B 591 17.81 -5.92 -45.55
N ILE B 592 19.09 -5.56 -45.66
CA ILE B 592 19.48 -4.33 -46.35
C ILE B 592 19.29 -4.52 -47.84
N ILE B 593 18.59 -3.59 -48.46
CA ILE B 593 18.25 -3.67 -49.87
C ILE B 593 19.07 -2.69 -50.70
N GLY B 594 19.17 -1.44 -50.25
CA GLY B 594 19.86 -0.44 -51.04
C GLY B 594 20.29 0.76 -50.23
N TRP B 595 21.13 1.57 -50.87
CA TRP B 595 21.70 2.80 -50.29
C TRP B 595 21.40 3.94 -51.26
N VAL B 596 20.57 4.90 -50.83
CA VAL B 596 20.30 6.10 -51.61
C VAL B 596 20.43 7.31 -50.70
N SER B 597 20.32 8.51 -51.27
CA SER B 597 20.40 9.71 -50.46
C SER B 597 19.11 9.92 -49.67
N HIS B 598 19.06 10.98 -48.86
CA HIS B 598 17.90 11.22 -48.02
C HIS B 598 16.72 11.78 -48.81
N GLU B 599 16.99 12.72 -49.73
CA GLU B 599 15.93 13.30 -50.53
C GLU B 599 15.34 12.30 -51.52
N GLN B 600 16.11 11.27 -51.90
CA GLN B 600 15.52 10.12 -52.56
C GLN B 600 14.57 9.40 -51.61
N GLY B 601 14.95 9.30 -50.34
CA GLY B 601 14.21 8.48 -49.41
C GLY B 601 12.86 9.07 -49.01
N LYS B 602 12.79 10.40 -48.94
CA LYS B 602 11.50 11.04 -48.66
C LYS B 602 10.52 10.87 -49.81
N ILE B 603 11.00 11.03 -51.05
CA ILE B 603 10.15 10.84 -52.23
C ILE B 603 9.77 9.37 -52.39
N ILE B 604 10.65 8.45 -52.01
CA ILE B 604 10.31 7.03 -52.06
C ILE B 604 9.27 6.68 -51.00
N ALA B 605 9.41 7.20 -49.79
CA ALA B 605 8.40 6.95 -48.77
C ALA B 605 7.09 7.67 -49.05
N ASP B 606 7.10 8.68 -49.92
CA ASP B 606 5.85 9.27 -50.39
C ASP B 606 5.22 8.44 -51.50
N THR B 607 6.03 8.08 -52.51
CA THR B 607 5.50 7.44 -53.71
C THR B 607 5.10 6.00 -53.44
N LEU B 608 5.85 5.30 -52.59
CA LEU B 608 5.51 3.94 -52.23
C LEU B 608 4.26 3.92 -51.36
N ARG B 609 4.07 4.94 -50.53
CA ARG B 609 2.82 5.08 -49.78
C ARG B 609 1.65 5.32 -50.72
N TYR B 610 1.86 6.15 -51.75
CA TYR B 610 0.84 6.40 -52.77
C TYR B 610 0.45 5.13 -53.51
N TRP B 611 1.43 4.31 -53.89
CA TRP B 611 1.14 3.06 -54.58
C TRP B 611 0.50 2.04 -53.64
N LYS B 612 0.82 2.11 -52.35
CA LYS B 612 0.23 1.19 -51.37
C LYS B 612 -1.24 1.52 -51.14
N VAL B 613 -1.58 2.80 -51.12
CA VAL B 613 -2.96 3.20 -50.85
C VAL B 613 -3.82 3.08 -52.10
N GLU B 614 -3.29 3.45 -53.27
CA GLU B 614 -4.05 3.34 -54.51
C GLU B 614 -4.26 1.88 -54.89
N GLY B 615 -3.20 1.09 -54.93
CA GLY B 615 -3.33 -0.35 -55.08
C GLY B 615 -3.32 -0.86 -56.50
N LYS B 616 -2.95 -0.03 -57.48
CA LYS B 616 -2.86 -0.45 -58.87
C LYS B 616 -1.50 -1.07 -59.21
N THR B 617 -0.74 -1.51 -58.21
CA THR B 617 0.58 -2.10 -58.40
C THR B 617 0.65 -3.35 -57.55
N PRO B 618 0.96 -4.52 -58.12
CA PRO B 618 1.03 -5.74 -57.32
C PRO B 618 2.28 -5.77 -56.46
N GLY B 619 2.27 -6.68 -55.48
CA GLY B 619 3.38 -6.86 -54.59
C GLY B 619 3.31 -6.07 -53.30
N LEU B 620 2.48 -5.02 -53.25
CA LEU B 620 2.36 -4.13 -52.10
C LEU B 620 1.08 -4.44 -51.35
N PRO B 621 1.13 -5.13 -50.22
CA PRO B 621 -0.07 -5.25 -49.38
C PRO B 621 -0.35 -3.93 -48.68
N ILE B 622 -1.55 -3.85 -48.08
CA ILE B 622 -1.96 -2.58 -47.48
C ILE B 622 -1.25 -2.28 -46.17
N ASP B 623 -0.64 -3.28 -45.54
CA ASP B 623 -0.23 -3.17 -44.15
C ASP B 623 1.26 -3.41 -43.95
N LEU B 624 2.09 -2.81 -44.80
CA LEU B 624 3.51 -2.70 -44.50
C LEU B 624 3.80 -1.27 -44.06
N GLU B 625 4.44 -1.13 -42.91
CA GLU B 625 4.77 0.19 -42.37
C GLU B 625 5.83 0.86 -43.23
N ILE B 626 5.63 2.13 -43.54
CA ILE B 626 6.56 2.89 -44.38
C ILE B 626 7.08 4.02 -43.50
N GLY B 627 8.16 3.76 -42.78
CA GLY B 627 8.64 4.74 -41.82
C GLY B 627 9.92 5.44 -42.24
N TYR B 628 9.80 6.68 -42.68
CA TYR B 628 10.96 7.45 -43.11
C TYR B 628 11.39 8.38 -41.98
N VAL B 629 12.58 8.13 -41.44
CA VAL B 629 13.20 9.02 -40.46
C VAL B 629 14.15 9.93 -41.21
N PRO B 630 13.82 11.21 -41.41
CA PRO B 630 14.75 12.11 -42.05
C PRO B 630 15.93 12.39 -41.13
N PRO B 631 17.09 12.74 -41.68
CA PRO B 631 18.27 12.92 -40.83
C PRO B 631 18.15 14.20 -40.01
N SER B 632 18.60 14.10 -38.77
CA SER B 632 18.48 15.18 -37.80
C SER B 632 19.78 15.29 -37.02
N THR B 633 20.01 16.46 -36.44
CA THR B 633 21.21 16.69 -35.64
C THR B 633 21.08 15.91 -34.34
N ARG B 634 21.77 14.77 -34.30
CA ARG B 634 21.97 13.96 -33.09
C ARG B 634 20.64 13.44 -32.54
N GLY B 635 19.77 12.98 -33.42
CA GLY B 635 18.53 12.35 -33.05
C GLY B 635 18.53 10.86 -33.32
N GLN B 636 17.40 10.33 -33.78
CA GLN B 636 17.29 8.91 -34.06
C GLN B 636 18.09 8.55 -35.31
N TYR B 637 18.55 7.30 -35.37
CA TYR B 637 19.35 6.87 -36.50
C TYR B 637 18.46 6.75 -37.74
N PRO B 638 18.84 7.38 -38.86
CA PRO B 638 17.90 7.54 -39.97
C PRO B 638 17.66 6.29 -40.80
N GLY B 639 16.91 6.43 -41.88
CA GLY B 639 16.73 5.32 -42.81
C GLY B 639 15.33 5.20 -43.39
N LEU B 640 14.93 3.97 -43.69
CA LEU B 640 13.61 3.66 -44.24
C LEU B 640 13.37 2.19 -43.99
N TYR B 641 12.37 1.86 -43.17
CA TYR B 641 12.25 0.51 -42.61
C TYR B 641 10.87 -0.07 -42.93
N LEU B 642 10.77 -0.68 -44.12
CA LEU B 642 9.52 -1.22 -44.65
C LEU B 642 9.22 -2.56 -43.98
N PHE B 643 8.65 -2.49 -42.79
CA PHE B 643 8.40 -3.69 -42.02
C PHE B 643 7.17 -4.41 -42.53
N GLY B 644 7.22 -5.73 -42.54
CA GLY B 644 6.12 -6.50 -43.11
C GLY B 644 5.64 -7.72 -42.34
N GLY B 645 6.37 -8.14 -41.32
CA GLY B 645 6.16 -9.43 -40.71
C GLY B 645 4.96 -9.51 -39.79
N HIS B 646 5.00 -10.52 -38.92
CA HIS B 646 3.95 -10.74 -37.94
C HIS B 646 3.98 -9.68 -36.85
N SER B 647 2.95 -9.70 -36.01
CA SER B 647 2.89 -9.08 -34.70
C SER B 647 2.97 -7.56 -34.71
N ARG B 648 2.83 -6.92 -35.86
CA ARG B 648 2.96 -5.47 -35.95
C ARG B 648 1.61 -4.84 -35.72
N MET B 649 1.55 -3.89 -34.79
CA MET B 649 0.31 -3.19 -34.51
C MET B 649 0.00 -2.21 -35.63
N LEU B 650 -1.27 -2.17 -36.04
CA LEU B 650 -1.67 -1.45 -37.25
C LEU B 650 -2.83 -0.53 -36.92
N ARG B 651 -3.17 0.35 -37.86
CA ARG B 651 -4.11 1.41 -37.53
C ARG B 651 -4.90 1.91 -38.73
N PRO B 652 -6.22 2.05 -38.63
CA PRO B 652 -6.97 2.71 -39.69
C PRO B 652 -6.89 4.23 -39.56
N VAL B 653 -6.31 4.87 -40.58
CA VAL B 653 -6.36 6.31 -40.70
C VAL B 653 -6.98 6.64 -42.05
N ARG B 654 -7.37 7.90 -42.22
CA ARG B 654 -7.93 8.37 -43.48
C ARG B 654 -6.85 9.14 -44.22
N TYR B 655 -6.31 8.53 -45.28
CA TYR B 655 -5.26 9.15 -46.07
C TYR B 655 -5.84 10.29 -46.90
N LEU B 656 -5.23 11.48 -46.80
CA LEU B 656 -5.90 12.68 -47.31
C LEU B 656 -5.96 12.79 -48.84
N PRO B 657 -4.86 12.64 -49.61
CA PRO B 657 -4.98 12.88 -51.06
C PRO B 657 -5.79 11.82 -51.82
N LEU B 658 -6.16 10.70 -51.19
CA LEU B 658 -6.97 9.69 -51.85
C LEU B 658 -8.23 9.30 -51.09
N ASP B 659 -8.46 9.88 -49.90
CA ASP B 659 -9.71 9.77 -49.14
C ASP B 659 -10.02 8.33 -48.71
N LYS B 660 -9.03 7.45 -48.74
CA LYS B 660 -9.22 6.04 -48.46
C LYS B 660 -8.48 5.65 -47.20
N GLU B 661 -8.81 4.47 -46.70
CA GLU B 661 -8.20 3.95 -45.48
C GLU B 661 -6.73 3.62 -45.71
N ASP B 662 -5.91 3.85 -44.69
CA ASP B 662 -4.49 3.57 -44.74
C ASP B 662 -4.09 2.96 -43.42
N ILE B 663 -2.99 2.20 -43.45
CA ILE B 663 -2.51 1.43 -42.32
C ILE B 663 -1.23 2.06 -41.82
N VAL B 664 -1.21 2.39 -40.52
CA VAL B 664 -0.09 3.05 -39.87
C VAL B 664 0.36 2.20 -38.68
N GLY B 665 1.66 2.01 -38.53
CA GLY B 665 2.20 1.33 -37.38
C GLY B 665 2.83 2.32 -36.41
N PRO B 666 3.51 1.83 -35.37
CA PRO B 666 4.20 2.75 -34.47
C PRO B 666 5.38 3.44 -35.12
N PHE B 667 6.13 2.72 -35.95
CA PHE B 667 7.39 3.23 -36.46
C PHE B 667 7.18 4.28 -37.55
N GLU B 668 6.02 4.30 -38.19
CA GLU B 668 5.69 5.34 -39.17
C GLU B 668 4.66 6.33 -38.65
N GLN B 669 4.49 6.39 -37.33
CA GLN B 669 3.56 7.33 -36.72
C GLN B 669 4.25 8.57 -36.20
N VAL B 670 5.48 8.41 -35.69
CA VAL B 670 6.23 9.50 -35.10
C VAL B 670 6.60 10.53 -36.16
N TYR B 671 6.80 10.09 -37.40
CA TYR B 671 7.29 10.96 -38.46
C TYR B 671 6.23 11.26 -39.51
N MET B 672 4.95 11.18 -39.14
CA MET B 672 3.87 11.58 -40.02
C MET B 672 2.92 12.49 -39.27
N ASN B 673 2.33 13.44 -40.00
CA ASN B 673 1.47 14.47 -39.39
C ASN B 673 0.02 14.00 -39.45
N ILE B 674 -0.30 13.09 -38.54
CA ILE B 674 -1.63 12.47 -38.47
C ILE B 674 -2.55 13.47 -37.77
N ALA B 675 -3.38 14.19 -38.53
CA ALA B 675 -4.30 15.15 -37.95
C ALA B 675 -5.42 14.43 -37.20
N VAL B 676 -6.24 15.22 -36.49
CA VAL B 676 -7.32 14.68 -35.68
C VAL B 676 -8.69 15.00 -36.27
N THR B 677 -9.00 16.27 -36.45
CA THR B 677 -10.32 16.61 -36.95
C THR B 677 -10.23 17.25 -38.32
N PRO B 678 -11.22 17.03 -39.20
CA PRO B 678 -11.19 17.65 -40.53
C PRO B 678 -11.46 19.14 -40.53
N GLN B 679 -11.83 19.74 -39.40
CA GLN B 679 -11.86 21.19 -39.30
C GLN B 679 -10.46 21.77 -39.13
N GLU B 680 -9.48 20.94 -38.80
CA GLU B 680 -8.17 21.37 -38.31
C GLU B 680 -7.06 20.74 -39.14
N ILE B 681 -7.19 20.83 -40.46
CA ILE B 681 -6.17 20.35 -41.40
C ILE B 681 -5.47 21.56 -41.98
N GLN B 682 -4.15 21.64 -41.80
CA GLN B 682 -3.41 22.81 -42.22
C GLN B 682 -2.88 22.65 -43.63
N ASN B 683 -2.59 23.78 -44.26
CA ASN B 683 -2.00 23.77 -45.60
C ASN B 683 -0.57 23.26 -45.55
N ASN B 684 -0.27 22.30 -46.43
CA ASN B 684 1.04 21.70 -46.65
C ASN B 684 1.63 21.00 -45.43
N VAL B 685 0.83 20.75 -44.39
CA VAL B 685 1.34 20.17 -43.15
C VAL B 685 0.95 18.71 -43.02
N HIS B 686 -0.35 18.42 -43.00
CA HIS B 686 -0.82 17.08 -42.66
C HIS B 686 -1.04 16.24 -43.91
N THR B 687 -1.00 14.93 -43.71
CA THR B 687 -1.24 13.96 -44.76
C THR B 687 -2.31 12.95 -44.41
N HIS B 688 -2.73 12.84 -43.16
CA HIS B 688 -3.75 11.89 -42.75
C HIS B 688 -4.70 12.59 -41.80
N VAL B 689 -5.76 11.87 -41.43
CA VAL B 689 -6.73 12.37 -40.46
C VAL B 689 -7.45 11.15 -39.90
N GLU B 690 -8.01 11.30 -38.70
CA GLU B 690 -8.77 10.23 -38.10
C GLU B 690 -10.08 10.04 -38.85
N PHE B 691 -10.59 8.81 -38.84
CA PHE B 691 -11.96 8.61 -39.32
C PHE B 691 -12.95 9.26 -38.36
N THR B 692 -12.98 8.77 -37.13
CA THR B 692 -13.62 9.46 -36.04
C THR B 692 -12.56 9.78 -34.98
N PRO B 693 -12.67 10.93 -34.31
CA PRO B 693 -11.66 11.25 -33.29
C PRO B 693 -11.78 10.44 -32.02
N THR B 694 -12.78 9.56 -31.92
CA THR B 694 -12.92 8.62 -30.83
C THR B 694 -12.27 7.28 -31.13
N ASN B 695 -11.40 7.22 -32.14
CA ASN B 695 -10.72 5.97 -32.44
C ASN B 695 -9.62 5.66 -31.44
N ILE B 696 -9.11 6.67 -30.72
CA ILE B 696 -7.95 6.48 -29.85
C ILE B 696 -8.30 5.84 -28.53
N LEU B 697 -9.55 5.53 -28.27
CA LEU B 697 -9.99 5.01 -26.99
C LEU B 697 -10.32 3.53 -27.11
N SER B 698 -10.40 2.87 -25.96
CA SER B 698 -10.66 1.44 -25.93
C SER B 698 -12.14 1.15 -26.12
N ILE B 699 -12.54 -0.09 -25.85
CA ILE B 699 -13.94 -0.45 -25.94
C ILE B 699 -14.71 0.04 -24.73
N LEU B 700 -14.16 -0.17 -23.52
CA LEU B 700 -14.87 0.32 -22.35
C LEU B 700 -14.71 1.81 -22.14
N ALA B 701 -13.73 2.44 -22.77
CA ALA B 701 -13.63 3.89 -22.71
C ALA B 701 -14.56 4.58 -23.68
N ASN B 702 -15.17 3.85 -24.60
CA ASN B 702 -16.18 4.39 -25.48
C ASN B 702 -17.59 4.19 -24.95
N LEU B 703 -17.75 3.44 -23.87
CA LEU B 703 -19.06 3.13 -23.33
C LEU B 703 -19.33 3.92 -22.06
N THR B 704 -18.69 5.07 -21.94
CA THR B 704 -18.92 6.06 -20.90
C THR B 704 -19.42 7.33 -21.56
N PRO B 705 -20.54 7.90 -21.10
CA PRO B 705 -21.07 9.10 -21.77
C PRO B 705 -20.30 10.35 -21.35
N PHE B 706 -19.91 11.13 -22.36
CA PHE B 706 -19.22 12.42 -22.21
C PHE B 706 -17.96 12.26 -21.37
N SER B 707 -17.02 11.47 -21.87
CA SER B 707 -15.79 11.22 -21.13
C SER B 707 -14.91 12.44 -21.08
N ASP B 708 -15.05 13.36 -22.03
CA ASP B 708 -14.27 14.58 -22.06
C ASP B 708 -14.88 15.70 -21.22
N PHE B 709 -15.79 15.37 -20.31
CA PHE B 709 -16.24 16.31 -19.30
C PHE B 709 -15.71 15.94 -17.93
N ASN B 710 -14.92 14.89 -17.84
CA ASN B 710 -14.51 14.35 -16.56
C ASN B 710 -13.02 14.55 -16.33
N GLN B 711 -12.67 14.67 -15.06
CA GLN B 711 -11.28 14.58 -14.64
C GLN B 711 -10.76 13.17 -14.92
N SER B 712 -9.68 13.06 -15.70
CA SER B 712 -9.26 11.77 -16.24
C SER B 712 -8.90 10.66 -15.23
N PRO B 713 -8.48 10.91 -13.98
CA PRO B 713 -8.44 9.80 -13.01
C PRO B 713 -9.80 9.23 -12.70
N ARG B 714 -10.88 9.98 -12.91
CA ARG B 714 -12.19 9.42 -12.63
C ARG B 714 -12.69 8.58 -13.80
N ASN B 715 -12.35 8.97 -15.04
CA ASN B 715 -12.49 8.06 -16.18
C ASN B 715 -11.64 6.81 -16.01
N MET B 716 -10.48 6.93 -15.37
CA MET B 716 -9.66 5.75 -15.14
C MET B 716 -10.23 4.87 -14.02
N TYR B 717 -10.97 5.47 -13.09
CA TYR B 717 -11.73 4.68 -12.12
C TYR B 717 -12.97 4.05 -12.71
N GLN B 718 -13.50 4.58 -13.81
CA GLN B 718 -14.68 3.96 -14.41
C GLN B 718 -14.32 2.66 -15.12
N CYS B 719 -13.27 2.67 -15.93
CA CYS B 719 -12.91 1.53 -16.76
C CYS B 719 -12.23 0.40 -15.99
N GLN B 720 -12.31 0.41 -14.67
CA GLN B 720 -11.98 -0.74 -13.84
C GLN B 720 -13.13 -1.14 -12.93
N MET B 721 -13.99 -0.22 -12.55
CA MET B 721 -15.26 -0.54 -11.90
C MET B 721 -16.38 -0.67 -12.92
N GLY B 722 -16.03 -0.91 -14.18
CA GLY B 722 -17.00 -1.24 -15.20
C GLY B 722 -16.82 -2.70 -15.56
N LYS B 723 -15.72 -3.28 -15.11
CA LYS B 723 -15.45 -4.69 -15.25
C LYS B 723 -15.82 -5.49 -14.02
N GLN B 724 -16.17 -4.82 -12.93
CA GLN B 724 -16.67 -5.49 -11.73
C GLN B 724 -18.17 -5.42 -11.62
N THR B 725 -18.88 -5.11 -12.70
CA THR B 725 -20.32 -4.91 -12.63
C THR B 725 -21.04 -6.24 -12.73
N MET B 726 -21.96 -6.46 -11.80
CA MET B 726 -22.87 -7.61 -11.86
C MET B 726 -23.83 -7.38 -13.00
N GLY B 727 -23.54 -7.97 -14.16
CA GLY B 727 -24.30 -7.69 -15.37
C GLY B 727 -24.89 -8.93 -15.99
N THR B 728 -24.59 -9.16 -17.27
CA THR B 728 -25.09 -10.32 -17.99
C THR B 728 -23.90 -11.11 -18.53
N PRO B 729 -23.53 -12.23 -17.91
CA PRO B 729 -22.29 -12.90 -18.32
C PRO B 729 -22.40 -13.64 -19.64
N GLY B 730 -23.49 -14.36 -19.87
CA GLY B 730 -23.65 -15.17 -21.06
C GLY B 730 -24.96 -15.92 -21.05
N VAL B 731 -25.56 -16.09 -22.21
CA VAL B 731 -26.94 -16.56 -22.31
C VAL B 731 -27.04 -18.08 -22.07
N ALA B 732 -26.02 -18.85 -22.44
CA ALA B 732 -26.03 -20.29 -22.19
C ALA B 732 -25.75 -20.54 -20.72
N LEU B 733 -26.80 -20.39 -19.90
CA LEU B 733 -26.65 -20.58 -18.46
C LEU B 733 -26.60 -22.06 -18.11
N CYS B 734 -27.62 -22.81 -18.49
CA CYS B 734 -27.78 -24.18 -18.02
C CYS B 734 -26.78 -25.14 -18.64
N HIS B 735 -26.21 -24.80 -19.79
CA HIS B 735 -25.31 -25.69 -20.49
C HIS B 735 -23.85 -25.39 -20.21
N ARG B 736 -23.56 -24.60 -19.18
CA ARG B 736 -22.19 -24.23 -18.87
C ARG B 736 -22.00 -24.22 -17.37
N SER B 737 -21.00 -24.96 -16.91
CA SER B 737 -20.72 -25.11 -15.49
C SER B 737 -19.40 -24.42 -15.17
N ASP B 738 -19.49 -23.29 -14.49
CA ASP B 738 -18.34 -22.55 -13.99
C ASP B 738 -18.51 -22.37 -12.49
N ASN B 739 -17.45 -21.87 -11.85
CA ASN B 739 -17.37 -21.94 -10.39
C ASN B 739 -18.33 -20.97 -9.71
N LYS B 740 -18.15 -19.67 -9.95
CA LYS B 740 -19.04 -18.67 -9.33
C LYS B 740 -19.36 -17.61 -10.37
N LEU B 741 -20.64 -17.46 -10.67
CA LEU B 741 -21.09 -16.62 -11.76
C LEU B 741 -22.16 -15.65 -11.28
N TYR B 742 -21.92 -14.35 -11.46
CA TYR B 742 -22.84 -13.31 -11.06
C TYR B 742 -23.71 -12.90 -12.24
N ARG B 743 -24.97 -12.57 -11.98
CA ARG B 743 -25.82 -12.03 -13.03
C ARG B 743 -26.86 -11.09 -12.44
N LEU B 744 -27.24 -10.10 -13.24
CA LEU B 744 -28.27 -9.14 -12.88
C LEU B 744 -29.62 -9.63 -13.40
N GLN B 745 -30.68 -9.39 -12.63
CA GLN B 745 -31.98 -9.96 -12.95
C GLN B 745 -32.58 -9.32 -14.20
N THR B 746 -32.81 -8.02 -14.17
CA THR B 746 -33.44 -7.34 -15.31
C THR B 746 -32.71 -6.03 -15.55
N GLY B 747 -31.80 -6.03 -16.51
CA GLY B 747 -31.13 -4.83 -16.92
C GLY B 747 -31.83 -4.13 -18.06
N GLN B 748 -31.41 -2.90 -18.34
CA GLN B 748 -32.07 -2.06 -19.31
C GLN B 748 -31.04 -1.47 -20.27
N THR B 749 -31.52 -0.97 -21.37
CA THR B 749 -30.66 -0.19 -22.25
C THR B 749 -30.48 1.20 -21.67
N PRO B 750 -29.26 1.73 -21.63
CA PRO B 750 -29.08 3.13 -21.26
C PRO B 750 -29.68 4.07 -22.29
N ILE B 751 -30.42 5.07 -21.81
CA ILE B 751 -30.95 6.11 -22.68
C ILE B 751 -29.81 6.94 -23.25
N VAL B 752 -28.81 7.24 -22.41
CA VAL B 752 -27.70 8.08 -22.79
C VAL B 752 -26.66 7.14 -23.42
N LYS B 753 -26.61 7.14 -24.74
CA LYS B 753 -26.03 6.06 -25.51
C LYS B 753 -24.89 6.57 -26.37
N ALA B 754 -23.88 5.73 -26.57
CA ALA B 754 -22.81 5.97 -27.52
C ALA B 754 -23.13 5.28 -28.84
N ASN B 755 -22.50 5.74 -29.92
CA ASN B 755 -22.74 5.09 -31.21
C ASN B 755 -22.01 3.75 -31.33
N LEU B 756 -20.96 3.53 -30.54
CA LEU B 756 -20.31 2.22 -30.45
C LEU B 756 -20.83 1.40 -29.28
N TYR B 757 -22.09 1.58 -28.93
CA TYR B 757 -22.78 0.69 -28.01
C TYR B 757 -23.57 -0.37 -28.73
N ASP B 758 -23.94 -0.11 -29.98
CA ASP B 758 -24.70 -1.04 -30.80
C ASP B 758 -23.90 -1.56 -31.98
N ASP B 759 -22.69 -1.06 -32.20
CA ASP B 759 -21.79 -1.65 -33.18
C ASP B 759 -21.06 -2.85 -32.63
N TYR B 760 -21.07 -3.05 -31.32
CA TYR B 760 -20.52 -4.23 -30.69
C TYR B 760 -21.58 -5.12 -30.08
N GLY B 761 -22.83 -4.68 -30.10
CA GLY B 761 -23.91 -5.50 -29.60
C GLY B 761 -23.86 -5.69 -28.10
N MET B 762 -23.86 -4.58 -27.36
CA MET B 762 -24.05 -4.67 -25.93
C MET B 762 -25.49 -4.99 -25.56
N ASP B 763 -26.41 -4.85 -26.52
CA ASP B 763 -27.83 -5.08 -26.27
C ASP B 763 -28.12 -6.53 -25.90
N ASN B 764 -27.26 -7.46 -26.32
CA ASN B 764 -27.36 -8.83 -25.85
C ASN B 764 -27.08 -8.95 -24.37
N PHE B 765 -26.39 -7.99 -23.78
CA PHE B 765 -25.93 -8.08 -22.39
C PHE B 765 -26.25 -6.78 -21.68
N PRO B 766 -27.45 -6.65 -21.12
CA PRO B 766 -27.80 -5.42 -20.40
C PRO B 766 -27.07 -5.34 -19.07
N ASN B 767 -26.09 -4.44 -18.99
CA ASN B 767 -25.20 -4.40 -17.84
C ASN B 767 -25.88 -3.76 -16.62
N GLY B 768 -26.42 -2.56 -16.79
CA GLY B 768 -26.98 -1.81 -15.68
C GLY B 768 -28.40 -1.40 -15.99
N PHE B 769 -28.81 -0.31 -15.34
CA PHE B 769 -30.21 0.06 -15.36
C PHE B 769 -30.34 1.54 -15.05
N ASN B 770 -31.31 2.19 -15.68
CA ASN B 770 -31.53 3.61 -15.48
C ASN B 770 -32.18 3.86 -14.13
N ALA B 771 -32.02 5.07 -13.63
CA ALA B 771 -32.63 5.47 -12.37
C ALA B 771 -32.89 6.97 -12.39
N VAL B 772 -33.78 7.41 -11.50
CA VAL B 772 -34.13 8.82 -11.36
C VAL B 772 -33.38 9.39 -10.16
N VAL B 773 -32.60 10.43 -10.40
CA VAL B 773 -31.54 10.90 -9.52
C VAL B 773 -31.84 12.31 -9.08
N ALA B 774 -31.82 12.55 -7.77
CA ALA B 774 -31.94 13.89 -7.22
C ALA B 774 -30.61 14.24 -6.55
N VAL B 775 -29.93 15.24 -7.10
CA VAL B 775 -28.68 15.72 -6.52
C VAL B 775 -29.05 16.66 -5.40
N ILE B 776 -29.12 16.15 -4.17
CA ILE B 776 -29.74 16.89 -3.09
C ILE B 776 -29.09 16.53 -1.77
N SER B 777 -28.79 17.54 -0.96
CA SER B 777 -28.42 17.34 0.44
C SER B 777 -29.72 17.41 1.23
N TYR B 778 -30.34 16.26 1.41
CA TYR B 778 -31.62 16.18 2.11
C TYR B 778 -31.57 15.29 3.33
N THR B 779 -31.05 14.07 3.20
CA THR B 779 -31.14 13.12 4.28
C THR B 779 -30.04 13.32 5.30
N GLY B 780 -28.84 13.65 4.86
CA GLY B 780 -27.71 13.70 5.74
C GLY B 780 -27.00 12.38 5.95
N TYR B 781 -27.28 11.36 5.14
CA TYR B 781 -26.53 10.12 5.18
C TYR B 781 -25.75 9.95 3.89
N ASP B 782 -25.11 11.02 3.44
CA ASP B 782 -24.40 10.94 2.17
C ASP B 782 -23.05 11.66 2.22
N MET B 783 -22.24 11.37 3.24
CA MET B 783 -20.87 11.88 3.19
C MET B 783 -20.04 11.00 2.26
N ASP B 784 -18.72 11.19 2.28
CA ASP B 784 -17.88 11.33 1.08
C ASP B 784 -18.34 10.64 -0.20
N ASP B 785 -18.75 9.37 -0.13
CA ASP B 785 -19.29 8.72 -1.31
C ASP B 785 -20.47 7.81 -0.99
N ALA B 786 -21.26 8.13 0.03
CA ALA B 786 -22.45 7.33 0.29
C ALA B 786 -23.57 7.72 -0.67
N MET B 787 -24.54 6.82 -0.82
CA MET B 787 -25.69 7.00 -1.70
C MET B 787 -26.93 6.47 -0.98
N ILE B 788 -28.10 6.93 -1.41
CA ILE B 788 -29.34 6.61 -0.73
C ILE B 788 -30.29 5.96 -1.71
N ILE B 789 -30.74 4.75 -1.38
CA ILE B 789 -31.64 3.97 -2.23
C ILE B 789 -33.06 4.10 -1.70
N ASN B 790 -34.02 4.32 -2.60
CA ASN B 790 -35.42 4.35 -2.22
C ASN B 790 -35.87 2.97 -1.76
N LYS B 791 -36.47 2.90 -0.58
CA LYS B 791 -36.87 1.63 0.01
C LYS B 791 -38.00 0.99 -0.78
N SER B 792 -38.92 1.79 -1.27
CA SER B 792 -40.03 1.28 -2.06
C SER B 792 -39.72 1.22 -3.55
N ALA B 793 -38.45 1.21 -3.92
CA ALA B 793 -38.04 0.72 -5.22
C ALA B 793 -37.36 -0.64 -5.14
N ASP B 794 -36.62 -0.89 -4.06
CA ASP B 794 -36.04 -2.21 -3.84
C ASP B 794 -37.12 -3.26 -3.63
N GLU B 795 -38.20 -2.89 -2.96
CA GLU B 795 -39.34 -3.77 -2.81
C GLU B 795 -40.04 -4.02 -4.13
N ARG B 796 -39.88 -3.13 -5.11
CA ARG B 796 -40.35 -3.36 -6.47
C ARG B 796 -39.21 -3.77 -7.40
N GLY B 797 -38.16 -4.37 -6.86
CA GLY B 797 -37.10 -4.97 -7.66
C GLY B 797 -36.14 -4.02 -8.34
N PHE B 798 -35.36 -3.27 -7.56
CA PHE B 798 -34.45 -2.27 -8.10
C PHE B 798 -33.04 -2.83 -8.03
N GLY B 799 -32.63 -3.53 -9.08
CA GLY B 799 -31.30 -4.11 -9.11
C GLY B 799 -31.17 -5.41 -8.34
N TYR B 800 -32.05 -6.36 -8.60
CA TYR B 800 -31.97 -7.67 -7.99
C TYR B 800 -30.89 -8.50 -8.67
N GLY B 801 -30.21 -9.34 -7.90
CA GLY B 801 -29.05 -10.05 -8.39
C GLY B 801 -29.08 -11.53 -8.04
N THR B 802 -28.27 -12.29 -8.78
CA THR B 802 -28.27 -13.74 -8.64
C THR B 802 -26.84 -14.26 -8.75
N MET B 803 -26.46 -15.17 -7.85
CA MET B 803 -25.12 -15.75 -7.85
C MET B 803 -25.23 -17.26 -8.01
N TYR B 804 -24.36 -17.82 -8.84
CA TYR B 804 -24.38 -19.23 -9.20
C TYR B 804 -23.10 -19.89 -8.74
N LYS B 805 -23.18 -20.72 -7.71
CA LYS B 805 -22.06 -21.54 -7.30
C LYS B 805 -22.12 -22.90 -7.98
N THR B 806 -21.03 -23.65 -7.89
CA THR B 806 -20.97 -25.01 -8.43
C THR B 806 -20.05 -25.83 -7.56
N GLU B 807 -20.50 -27.05 -7.24
CA GLU B 807 -19.72 -27.99 -6.43
C GLU B 807 -19.66 -29.31 -7.17
N LYS B 808 -18.46 -29.76 -7.51
CA LYS B 808 -18.24 -30.97 -8.31
C LYS B 808 -17.85 -32.10 -7.36
N VAL B 809 -18.84 -32.79 -6.82
CA VAL B 809 -18.58 -33.86 -5.87
C VAL B 809 -18.34 -35.16 -6.62
N ASP B 810 -17.20 -35.78 -6.34
CA ASP B 810 -16.86 -37.10 -6.87
C ASP B 810 -16.30 -37.96 -5.75
N LEU B 811 -16.32 -39.27 -5.98
CA LEU B 811 -15.83 -40.24 -5.00
C LEU B 811 -14.66 -41.05 -5.54
N ALA B 812 -13.96 -40.52 -6.54
CA ALA B 812 -12.84 -41.19 -7.19
C ALA B 812 -11.50 -40.68 -6.67
N LEU B 813 -11.42 -40.34 -5.39
CA LEU B 813 -10.22 -39.77 -4.81
C LEU B 813 -9.40 -40.78 -4.03
N ASN B 814 -9.88 -42.01 -3.88
CA ASN B 814 -9.21 -43.01 -3.06
C ASN B 814 -8.96 -44.31 -3.81
N ARG B 815 -9.01 -44.29 -5.14
CA ARG B 815 -8.85 -45.47 -5.97
C ARG B 815 -7.80 -45.22 -7.03
N ASN B 816 -7.14 -46.31 -7.47
CA ASN B 816 -6.18 -46.27 -8.56
C ASN B 816 -5.96 -47.70 -9.04
N ARG B 817 -5.78 -47.85 -10.36
CA ARG B 817 -5.44 -49.10 -11.05
C ARG B 817 -6.52 -50.18 -10.79
N GLY B 818 -7.71 -49.88 -11.33
CA GLY B 818 -8.81 -50.83 -11.34
C GLY B 818 -9.36 -51.18 -9.97
N ASP B 819 -9.19 -50.30 -8.99
CA ASP B 819 -9.63 -50.59 -7.63
C ASP B 819 -11.15 -50.58 -7.58
N PRO B 820 -11.78 -51.56 -6.94
CA PRO B 820 -13.24 -51.69 -7.01
C PRO B 820 -13.94 -50.56 -6.27
N ILE B 821 -15.20 -50.36 -6.66
CA ILE B 821 -15.99 -49.22 -6.20
C ILE B 821 -16.35 -49.39 -4.74
N THR B 822 -15.67 -48.64 -3.87
CA THR B 822 -15.86 -48.77 -2.44
C THR B 822 -17.15 -48.08 -1.98
N GLN B 823 -17.48 -46.93 -2.57
CA GLN B 823 -18.57 -46.09 -2.09
C GLN B 823 -19.54 -45.84 -3.22
N HIS B 824 -20.79 -46.26 -3.04
CA HIS B 824 -21.82 -46.17 -4.06
C HIS B 824 -22.75 -45.01 -3.74
N PHE B 825 -23.30 -44.39 -4.78
CA PHE B 825 -24.34 -43.39 -4.56
C PHE B 825 -25.62 -44.07 -4.08
N GLY B 826 -26.30 -43.44 -3.13
CA GLY B 826 -27.56 -43.94 -2.64
C GLY B 826 -27.49 -44.38 -1.20
N PHE B 827 -28.48 -45.17 -0.81
CA PHE B 827 -28.63 -45.61 0.57
C PHE B 827 -28.31 -47.10 0.69
N GLY B 828 -28.38 -47.59 1.93
CA GLY B 828 -28.17 -48.99 2.22
C GLY B 828 -29.28 -49.53 3.11
N ASN B 829 -29.19 -50.84 3.37
CA ASN B 829 -30.27 -51.56 4.04
C ASN B 829 -30.09 -51.63 5.56
N ASP B 830 -29.37 -50.69 6.16
CA ASP B 830 -29.29 -50.59 7.62
C ASP B 830 -30.38 -49.65 8.12
N GLU B 831 -30.29 -49.25 9.39
CA GLU B 831 -31.10 -48.13 9.86
C GLU B 831 -30.30 -46.84 9.75
N TRP B 832 -31.01 -45.74 9.52
CA TRP B 832 -30.41 -44.45 9.26
C TRP B 832 -31.48 -43.38 9.54
N PRO B 833 -31.08 -42.15 9.99
CA PRO B 833 -31.98 -41.31 10.80
C PRO B 833 -33.31 -40.83 10.21
N LYS B 834 -33.60 -41.14 8.94
CA LYS B 834 -34.90 -41.02 8.28
C LYS B 834 -35.30 -39.56 8.00
N GLU B 835 -34.55 -38.61 8.53
CA GLU B 835 -34.82 -37.20 8.33
C GLU B 835 -34.16 -36.67 7.06
N TRP B 836 -33.21 -37.43 6.51
CA TRP B 836 -32.45 -37.05 5.33
C TRP B 836 -33.28 -37.02 4.05
N LEU B 837 -34.47 -37.61 4.07
CA LEU B 837 -35.32 -37.65 2.88
C LEU B 837 -35.90 -36.30 2.51
N GLU B 838 -35.88 -35.34 3.43
CA GLU B 838 -36.49 -34.04 3.16
C GLU B 838 -35.69 -33.19 2.19
N LYS B 839 -34.41 -33.48 2.01
CA LYS B 839 -33.58 -32.77 1.06
C LYS B 839 -32.95 -33.68 0.03
N LEU B 840 -33.12 -35.00 0.16
CA LEU B 840 -32.43 -35.96 -0.68
C LEU B 840 -33.44 -36.89 -1.33
N ASP B 841 -33.22 -37.18 -2.61
CA ASP B 841 -33.91 -38.26 -3.27
C ASP B 841 -33.34 -39.59 -2.79
N GLU B 842 -34.03 -40.70 -3.10
CA GLU B 842 -33.54 -41.99 -2.65
C GLU B 842 -32.51 -42.61 -3.57
N ASP B 843 -31.91 -41.83 -4.48
CA ASP B 843 -30.69 -42.21 -5.17
C ASP B 843 -29.53 -41.28 -4.79
N GLY B 844 -29.53 -40.81 -3.55
CA GLY B 844 -28.43 -40.01 -3.02
C GLY B 844 -28.48 -38.54 -3.35
N LEU B 845 -28.96 -38.20 -4.54
CA LEU B 845 -28.92 -36.85 -5.07
C LEU B 845 -30.03 -36.00 -4.46
N PRO B 846 -29.88 -34.68 -4.45
CA PRO B 846 -30.95 -33.83 -3.91
C PRO B 846 -31.93 -33.42 -4.98
N TYR B 847 -33.15 -33.12 -4.54
CA TYR B 847 -34.15 -32.65 -5.48
C TYR B 847 -33.85 -31.22 -5.90
N ILE B 848 -34.36 -30.84 -7.06
CA ILE B 848 -34.12 -29.52 -7.61
C ILE B 848 -34.96 -28.50 -6.84
N GLY B 849 -34.33 -27.39 -6.45
CA GLY B 849 -35.04 -26.30 -5.82
C GLY B 849 -35.35 -26.53 -4.36
N THR B 850 -34.35 -26.65 -3.52
CA THR B 850 -34.56 -26.96 -2.11
C THR B 850 -33.78 -25.99 -1.23
N TYR B 851 -34.47 -25.40 -0.27
CA TYR B 851 -33.89 -24.45 0.67
C TYR B 851 -32.97 -25.18 1.63
N VAL B 852 -31.66 -24.93 1.50
CA VAL B 852 -30.63 -25.65 2.26
C VAL B 852 -29.84 -24.62 3.05
N GLU B 853 -29.96 -24.64 4.38
CA GLU B 853 -29.15 -23.80 5.24
C GLU B 853 -27.82 -24.50 5.51
N GLU B 854 -27.06 -24.03 6.51
CA GLU B 854 -25.74 -24.57 6.78
C GLU B 854 -25.82 -25.98 7.37
N GLY B 855 -25.06 -26.91 6.77
CA GLY B 855 -24.88 -28.24 7.32
C GLY B 855 -25.87 -29.27 6.82
N ASP B 856 -27.01 -28.85 6.29
CA ASP B 856 -27.99 -29.78 5.75
C ASP B 856 -27.42 -30.47 4.50
N PRO B 857 -27.86 -31.70 4.21
CA PRO B 857 -27.15 -32.52 3.21
C PRO B 857 -27.29 -32.03 1.79
N ILE B 858 -26.28 -32.36 0.99
CA ILE B 858 -26.26 -32.05 -0.43
C ILE B 858 -26.07 -33.27 -1.31
N CYS B 859 -25.60 -34.39 -0.76
CA CYS B 859 -25.39 -35.64 -1.48
C CYS B 859 -25.14 -36.74 -0.46
N ALA B 860 -25.70 -37.91 -0.69
CA ALA B 860 -25.53 -39.03 0.22
C ALA B 860 -24.99 -40.22 -0.54
N TYR B 861 -24.03 -40.91 0.07
CA TYR B 861 -23.49 -42.13 -0.50
C TYR B 861 -23.47 -43.21 0.56
N PHE B 862 -23.75 -44.43 0.14
CA PHE B 862 -23.61 -45.60 1.00
C PHE B 862 -22.22 -46.20 0.76
N ASP B 863 -21.43 -46.26 1.82
CA ASP B 863 -20.18 -47.01 1.77
C ASP B 863 -20.48 -48.50 1.83
N ASP B 864 -19.66 -49.28 1.14
CA ASP B 864 -19.81 -50.73 1.18
C ASP B 864 -19.08 -51.34 2.37
N THR B 865 -18.03 -50.66 2.87
CA THR B 865 -17.18 -51.27 3.88
C THR B 865 -17.79 -51.18 5.27
N LEU B 866 -18.00 -49.96 5.77
CA LEU B 866 -18.24 -49.76 7.18
C LEU B 866 -19.72 -49.72 7.55
N ASN B 867 -20.61 -50.13 6.64
CA ASN B 867 -22.07 -50.10 6.82
C ASN B 867 -22.53 -48.68 7.12
N LYS B 868 -21.92 -47.71 6.45
CA LYS B 868 -22.15 -46.29 6.72
C LYS B 868 -22.75 -45.64 5.49
N THR B 869 -23.80 -44.86 5.70
CA THR B 869 -24.29 -43.94 4.69
C THR B 869 -23.71 -42.55 5.01
N LYS B 870 -22.42 -42.42 4.75
CA LYS B 870 -21.75 -41.16 5.01
C LYS B 870 -22.16 -40.13 3.96
N ILE B 871 -22.33 -38.89 4.42
CA ILE B 871 -23.13 -37.91 3.70
C ILE B 871 -22.30 -36.67 3.46
N LYS B 872 -22.62 -35.96 2.38
CA LYS B 872 -21.98 -34.69 2.09
C LYS B 872 -22.82 -33.57 2.68
N THR B 873 -22.18 -32.72 3.46
CA THR B 873 -22.85 -31.59 4.09
C THR B 873 -22.61 -30.32 3.29
N TYR B 874 -23.51 -29.36 3.46
CA TYR B 874 -23.44 -28.12 2.69
C TYR B 874 -22.29 -27.24 3.19
N HIS B 875 -21.58 -26.63 2.23
CA HIS B 875 -20.29 -26.03 2.56
C HIS B 875 -20.45 -24.70 3.28
N SER B 876 -21.03 -23.71 2.61
CA SER B 876 -21.02 -22.34 3.11
C SER B 876 -22.25 -22.09 3.98
N SER B 877 -22.52 -20.81 4.27
CA SER B 877 -23.58 -20.42 5.17
C SER B 877 -24.73 -19.67 4.50
N GLU B 878 -24.53 -19.17 3.28
CA GLU B 878 -25.62 -18.54 2.54
C GLU B 878 -26.64 -19.59 2.12
N PRO B 879 -27.90 -19.47 2.56
CA PRO B 879 -28.91 -20.49 2.18
C PRO B 879 -29.25 -20.47 0.71
N ALA B 880 -28.80 -21.50 -0.01
CA ALA B 880 -28.90 -21.57 -1.45
C ALA B 880 -30.01 -22.51 -1.89
N TYR B 881 -30.27 -22.49 -3.19
CA TYR B 881 -31.30 -23.30 -3.83
C TYR B 881 -30.63 -24.18 -4.86
N ILE B 882 -31.09 -25.43 -4.96
CA ILE B 882 -30.45 -26.39 -5.85
C ILE B 882 -30.87 -26.08 -7.28
N GLU B 883 -29.93 -25.61 -8.09
CA GLU B 883 -30.23 -25.25 -9.47
C GLU B 883 -30.28 -26.48 -10.36
N GLU B 884 -29.17 -27.20 -10.45
CA GLU B 884 -29.06 -28.41 -11.25
C GLU B 884 -28.39 -29.50 -10.43
N VAL B 885 -28.60 -30.75 -10.86
CA VAL B 885 -27.83 -31.89 -10.43
C VAL B 885 -27.42 -32.61 -11.70
N ASN B 886 -26.20 -32.38 -12.17
CA ASN B 886 -25.71 -32.99 -13.40
C ASN B 886 -24.87 -34.20 -13.06
N LEU B 887 -24.97 -35.23 -13.90
CA LEU B 887 -24.38 -36.54 -13.62
C LEU B 887 -23.49 -36.92 -14.80
N ILE B 888 -22.18 -36.92 -14.59
CA ILE B 888 -21.21 -37.12 -15.66
C ILE B 888 -20.81 -38.59 -15.71
N GLY B 889 -20.86 -39.16 -16.91
CA GLY B 889 -20.38 -40.51 -17.14
C GLY B 889 -18.87 -40.55 -17.28
N ASP B 890 -18.37 -41.76 -17.54
CA ASP B 890 -16.94 -42.00 -17.55
C ASP B 890 -16.45 -42.16 -18.99
N GLU B 891 -15.37 -41.44 -19.33
CA GLU B 891 -14.78 -41.51 -20.66
C GLU B 891 -14.09 -42.84 -20.95
N SER B 892 -14.01 -43.75 -19.98
CA SER B 892 -13.64 -45.14 -20.18
C SER B 892 -14.84 -45.94 -20.71
N ASN B 893 -14.76 -47.26 -20.63
CA ASN B 893 -15.79 -48.14 -21.18
C ASN B 893 -16.86 -48.51 -20.17
N LYS B 894 -17.19 -47.55 -19.29
CA LYS B 894 -18.24 -47.62 -18.23
C LYS B 894 -18.17 -48.90 -17.41
N PHE B 895 -16.94 -49.32 -17.09
CA PHE B 895 -16.74 -50.40 -16.13
C PHE B 895 -17.10 -49.96 -14.72
N GLN B 896 -17.07 -48.67 -14.44
CA GLN B 896 -17.54 -48.12 -13.18
C GLN B 896 -18.96 -47.62 -13.32
N GLU B 897 -19.56 -47.35 -12.17
CA GLU B 897 -20.91 -46.79 -12.10
C GLU B 897 -20.82 -45.27 -12.08
N LEU B 898 -21.91 -44.60 -11.70
CA LEU B 898 -21.92 -43.15 -11.50
C LEU B 898 -20.89 -42.72 -10.46
N GLN B 899 -20.04 -41.76 -10.82
CA GLN B 899 -18.98 -41.30 -9.93
C GLN B 899 -18.79 -39.79 -9.87
N THR B 900 -19.52 -39.00 -10.66
CA THR B 900 -19.26 -37.56 -10.72
C THR B 900 -20.57 -36.80 -10.83
N VAL B 901 -20.83 -35.92 -9.85
CA VAL B 901 -22.06 -35.15 -9.76
C VAL B 901 -21.70 -33.69 -9.60
N SER B 902 -22.06 -32.86 -10.56
CA SER B 902 -21.67 -31.44 -10.54
C SER B 902 -22.90 -30.59 -10.23
N ILE B 903 -23.16 -30.38 -8.94
CA ILE B 903 -24.33 -29.64 -8.50
C ILE B 903 -24.09 -28.14 -8.71
N LYS B 904 -25.13 -27.41 -9.11
CA LYS B 904 -25.09 -25.95 -9.04
C LYS B 904 -25.90 -25.46 -7.84
N TYR B 905 -25.66 -24.20 -7.49
CA TYR B 905 -26.35 -23.56 -6.39
C TYR B 905 -26.76 -22.17 -6.82
N ARG B 906 -27.91 -21.72 -6.36
CA ARG B 906 -28.40 -20.38 -6.64
C ARG B 906 -28.52 -19.61 -5.35
N ILE B 907 -27.94 -18.42 -5.31
CA ILE B 907 -27.95 -17.54 -4.13
C ILE B 907 -28.57 -16.22 -4.53
N ARG B 908 -29.58 -15.79 -3.77
CA ARG B 908 -30.22 -14.51 -4.00
C ARG B 908 -29.29 -13.37 -3.59
N ARG B 909 -29.38 -12.25 -4.31
CA ARG B 909 -28.66 -11.03 -3.97
C ARG B 909 -29.65 -9.87 -4.04
N THR B 910 -30.37 -9.65 -2.94
CA THR B 910 -31.15 -8.44 -2.85
C THR B 910 -30.20 -7.26 -2.62
N PRO B 911 -30.56 -6.07 -3.07
CA PRO B 911 -29.82 -4.87 -2.66
C PRO B 911 -29.86 -4.69 -1.16
N GLN B 912 -28.68 -4.69 -0.54
CA GLN B 912 -28.55 -4.56 0.90
C GLN B 912 -27.64 -3.38 1.22
N ILE B 913 -27.58 -3.07 2.51
CA ILE B 913 -26.84 -1.90 3.00
C ILE B 913 -25.35 -2.15 2.91
N GLY B 914 -24.70 -1.56 1.91
CA GLY B 914 -23.28 -1.73 1.74
C GLY B 914 -22.91 -2.05 0.32
N ASP B 915 -23.90 -2.35 -0.51
CA ASP B 915 -23.66 -2.77 -1.89
C ASP B 915 -23.15 -1.60 -2.70
N LYS B 916 -22.00 -1.78 -3.34
CA LYS B 916 -21.33 -0.68 -4.02
C LYS B 916 -22.02 -0.40 -5.35
N PHE B 917 -22.94 0.56 -5.38
CA PHE B 917 -23.49 0.93 -6.67
C PHE B 917 -22.61 2.00 -7.28
N SER B 918 -22.72 2.16 -8.59
CA SER B 918 -21.85 3.11 -9.28
C SER B 918 -22.50 3.54 -10.57
N SER B 919 -22.25 4.79 -10.95
CA SER B 919 -22.68 5.27 -12.24
C SER B 919 -21.57 4.99 -13.26
N ARG B 920 -21.68 5.57 -14.44
CA ARG B 920 -20.64 5.47 -15.44
C ARG B 920 -19.60 6.56 -15.31
N HIS B 921 -19.64 7.35 -14.24
CA HIS B 921 -18.72 8.46 -14.06
C HIS B 921 -17.86 8.28 -12.83
N GLY B 922 -17.61 7.04 -12.43
CA GLY B 922 -16.77 6.78 -11.28
C GLY B 922 -17.33 7.18 -9.94
N GLN B 923 -18.60 7.58 -9.86
CA GLN B 923 -19.19 7.97 -8.57
C GLN B 923 -19.55 6.71 -7.78
N LYS B 924 -18.50 6.05 -7.31
CA LYS B 924 -18.61 4.79 -6.58
C LYS B 924 -19.29 5.00 -5.25
N GLY B 925 -20.17 4.08 -4.87
CA GLY B 925 -20.93 4.36 -3.68
C GLY B 925 -21.54 3.24 -2.87
N VAL B 926 -21.22 3.23 -1.58
CA VAL B 926 -21.93 2.39 -0.64
C VAL B 926 -23.33 2.94 -0.42
N CYS B 927 -24.34 2.09 -0.58
CA CYS B 927 -25.68 2.39 -0.10
C CYS B 927 -25.66 2.64 1.39
N SER B 928 -25.97 3.86 1.80
CA SER B 928 -26.02 4.15 3.23
C SER B 928 -27.27 3.58 3.85
N ARG B 929 -28.43 3.85 3.24
CA ARG B 929 -29.67 3.42 3.86
C ARG B 929 -30.73 3.26 2.77
N LYS B 930 -31.58 2.25 2.95
CA LYS B 930 -32.83 2.15 2.21
C LYS B 930 -33.84 3.10 2.84
N TRP B 931 -34.17 4.18 2.14
CA TRP B 931 -34.96 5.30 2.64
C TRP B 931 -36.38 5.21 2.11
N PRO B 932 -37.39 5.32 2.95
CA PRO B 932 -38.77 5.12 2.52
C PRO B 932 -39.24 6.18 1.53
N THR B 933 -40.17 5.81 0.66
CA THR B 933 -40.61 6.76 -0.37
C THR B 933 -41.57 7.80 0.17
N ILE B 934 -42.11 7.60 1.38
CA ILE B 934 -42.86 8.65 2.04
C ILE B 934 -41.93 9.66 2.72
N ASP B 935 -40.65 9.35 2.82
CA ASP B 935 -39.67 10.28 3.37
C ASP B 935 -38.70 10.80 2.32
N MET B 936 -38.70 10.23 1.12
CA MET B 936 -38.05 10.85 -0.02
C MET B 936 -38.79 12.13 -0.36
N PRO B 937 -38.12 13.10 -0.98
CA PRO B 937 -38.87 14.24 -1.51
C PRO B 937 -39.76 13.82 -2.66
N PHE B 938 -40.87 14.54 -2.83
CA PHE B 938 -41.77 14.33 -3.95
C PHE B 938 -41.87 15.61 -4.75
N SER B 939 -41.84 15.49 -6.06
CA SER B 939 -41.74 16.67 -6.91
C SER B 939 -43.12 17.24 -7.20
N GLU B 940 -43.13 18.29 -8.04
CA GLU B 940 -44.36 18.84 -8.58
C GLU B 940 -45.12 17.81 -9.39
N THR B 941 -44.40 17.01 -10.18
CA THR B 941 -44.98 15.92 -10.95
C THR B 941 -45.56 14.84 -10.05
N GLY B 942 -44.75 14.34 -9.12
CA GLY B 942 -45.18 13.28 -8.24
C GLY B 942 -44.20 12.12 -8.26
N ILE B 943 -43.00 12.38 -8.77
CA ILE B 943 -41.97 11.38 -8.92
C ILE B 943 -41.03 11.49 -7.72
N GLN B 944 -41.09 10.53 -6.81
CA GLN B 944 -40.00 10.38 -5.87
C GLN B 944 -38.79 9.83 -6.62
N PRO B 945 -37.59 10.25 -6.27
CA PRO B 945 -36.40 9.77 -6.98
C PRO B 945 -36.08 8.34 -6.60
N ASP B 946 -35.16 7.75 -7.36
CA ASP B 946 -34.71 6.41 -7.09
C ASP B 946 -33.55 6.40 -6.10
N ILE B 947 -32.52 7.19 -6.37
CA ILE B 947 -31.30 7.24 -5.55
C ILE B 947 -30.92 8.71 -5.33
N ILE B 948 -30.80 9.09 -4.07
CA ILE B 948 -30.24 10.39 -3.69
C ILE B 948 -28.72 10.30 -3.69
N ILE B 949 -28.08 11.26 -4.35
CA ILE B 949 -26.63 11.44 -4.33
C ILE B 949 -26.34 12.83 -3.74
N ASN B 950 -25.23 12.93 -3.00
CA ASN B 950 -24.83 14.18 -2.36
C ASN B 950 -24.23 15.12 -3.40
N PRO B 951 -24.59 16.41 -3.39
CA PRO B 951 -23.93 17.35 -4.29
C PRO B 951 -22.52 17.72 -3.88
N HIS B 952 -22.14 17.51 -2.62
CA HIS B 952 -20.81 17.88 -2.16
C HIS B 952 -19.72 17.06 -2.80
N ALA B 953 -20.03 15.86 -3.28
CA ALA B 953 -19.02 14.99 -3.88
C ALA B 953 -18.60 15.46 -5.27
N PHE B 954 -19.28 16.42 -5.86
CA PHE B 954 -18.99 16.89 -7.20
C PHE B 954 -17.89 17.95 -7.39
N PRO B 955 -17.73 18.97 -6.53
CA PRO B 955 -16.61 19.91 -6.77
C PRO B 955 -15.25 19.39 -6.36
N SER B 956 -15.16 18.24 -5.70
CA SER B 956 -13.88 17.65 -5.35
C SER B 956 -13.55 16.41 -6.16
N ARG B 957 -14.49 15.95 -6.99
CA ARG B 957 -14.26 14.81 -7.86
C ARG B 957 -14.50 15.13 -9.32
N MET B 958 -15.13 16.27 -9.61
CA MET B 958 -15.03 16.95 -10.90
C MET B 958 -15.68 16.16 -12.04
N THR B 959 -16.86 15.60 -11.78
CA THR B 959 -17.58 14.85 -12.79
C THR B 959 -18.78 15.67 -13.25
N ILE B 960 -18.59 16.44 -14.32
CA ILE B 960 -19.67 17.22 -14.90
C ILE B 960 -20.45 16.39 -15.93
N GLY B 961 -19.86 15.30 -16.43
CA GLY B 961 -20.57 14.38 -17.29
C GLY B 961 -21.78 13.74 -16.65
N MET B 962 -21.83 13.67 -15.32
CA MET B 962 -23.03 13.19 -14.66
C MET B 962 -24.12 14.25 -14.67
N PHE B 963 -23.73 15.53 -14.55
CA PHE B 963 -24.68 16.62 -14.70
C PHE B 963 -25.22 16.76 -16.12
N VAL B 964 -24.53 16.22 -17.12
CA VAL B 964 -25.02 16.26 -18.49
C VAL B 964 -25.82 15.02 -18.82
N GLU B 965 -25.39 13.87 -18.30
CA GLU B 965 -26.15 12.64 -18.45
C GLU B 965 -27.50 12.74 -17.75
N SER B 966 -27.58 13.51 -16.66
CA SER B 966 -28.87 13.73 -16.00
C SER B 966 -29.86 14.46 -16.91
N LEU B 967 -29.40 15.51 -17.59
CA LEU B 967 -30.24 16.24 -18.53
C LEU B 967 -30.61 15.38 -19.73
N ALA B 968 -29.64 14.61 -20.26
CA ALA B 968 -29.91 13.77 -21.42
C ALA B 968 -30.90 12.67 -21.08
N GLY B 969 -30.80 12.11 -19.87
CA GLY B 969 -31.74 11.09 -19.46
C GLY B 969 -33.14 11.60 -19.28
N LYS B 970 -33.30 12.80 -18.70
CA LYS B 970 -34.64 13.35 -18.61
C LYS B 970 -35.18 13.73 -19.98
N ALA B 971 -34.34 14.36 -20.82
CA ALA B 971 -34.79 14.78 -22.14
C ALA B 971 -35.01 13.61 -23.09
N GLY B 972 -34.52 12.42 -22.75
CA GLY B 972 -34.81 11.25 -23.52
C GLY B 972 -35.99 10.48 -23.01
N ALA B 973 -36.19 10.48 -21.69
CA ALA B 973 -37.37 9.82 -21.14
C ALA B 973 -38.65 10.61 -21.43
N LEU B 974 -38.54 11.91 -21.68
CA LEU B 974 -39.75 12.66 -22.06
C LEU B 974 -40.13 12.36 -23.52
N HIS B 975 -39.25 12.67 -24.45
CA HIS B 975 -39.58 12.60 -25.87
C HIS B 975 -39.35 11.23 -26.49
N GLY B 976 -38.98 10.22 -25.73
CA GLY B 976 -38.80 8.89 -26.27
C GLY B 976 -37.56 8.68 -27.10
N ILE B 977 -36.77 9.72 -27.37
CA ILE B 977 -35.58 9.62 -28.21
C ILE B 977 -34.39 9.19 -27.37
N ALA B 978 -33.58 8.26 -27.87
CA ALA B 978 -32.32 7.94 -27.24
C ALA B 978 -31.26 8.97 -27.62
N GLN B 979 -30.56 9.49 -26.62
CA GLN B 979 -29.65 10.61 -26.79
C GLN B 979 -28.27 10.10 -27.17
N ASP B 980 -27.69 10.67 -28.23
CA ASP B 980 -26.39 10.28 -28.73
C ASP B 980 -25.30 11.01 -27.96
N SER B 981 -24.48 10.27 -27.22
CA SER B 981 -23.52 10.86 -26.29
C SER B 981 -22.10 10.39 -26.56
N THR B 982 -21.73 10.36 -27.83
CA THR B 982 -20.35 10.10 -28.19
C THR B 982 -19.49 11.30 -27.78
N PRO B 983 -18.33 11.08 -27.17
CA PRO B 983 -17.42 12.19 -26.89
C PRO B 983 -16.95 12.87 -28.16
N TRP B 984 -16.68 14.18 -28.04
CA TRP B 984 -16.18 15.04 -29.11
C TRP B 984 -17.12 15.09 -30.31
N ILE B 985 -18.41 15.28 -30.04
CA ILE B 985 -19.38 15.61 -31.08
C ILE B 985 -19.86 17.04 -30.99
N PHE B 986 -19.60 17.73 -29.89
CA PHE B 986 -20.05 19.10 -29.72
C PHE B 986 -18.96 20.07 -30.15
N ASN B 987 -19.18 21.35 -29.90
CA ASN B 987 -18.18 22.38 -30.00
C ASN B 987 -18.19 23.15 -28.68
N GLU B 988 -17.15 23.94 -28.45
CA GLU B 988 -17.15 24.80 -27.28
C GLU B 988 -18.16 25.93 -27.40
N ASP B 989 -18.55 26.28 -28.62
CA ASP B 989 -19.71 27.14 -28.84
C ASP B 989 -21.01 26.36 -28.73
N ASP B 990 -21.00 25.10 -29.16
CA ASP B 990 -22.20 24.26 -29.21
C ASP B 990 -22.29 23.47 -27.89
N THR B 991 -22.61 24.21 -26.83
CA THR B 991 -22.56 23.64 -25.49
C THR B 991 -23.70 22.65 -25.28
N PRO B 992 -23.45 21.55 -24.59
CA PRO B 992 -24.46 20.50 -24.47
C PRO B 992 -25.55 20.80 -23.46
N ALA B 993 -25.26 21.55 -22.39
CA ALA B 993 -26.28 21.84 -21.39
C ALA B 993 -27.37 22.74 -21.97
N ASP B 994 -26.98 23.66 -22.85
CA ASP B 994 -27.96 24.38 -23.66
C ASP B 994 -28.71 23.43 -24.59
N TYR B 995 -28.02 22.44 -25.15
CA TYR B 995 -28.64 21.55 -26.12
C TYR B 995 -29.69 20.65 -25.48
N PHE B 996 -29.52 20.28 -24.22
CA PHE B 996 -30.55 19.51 -23.55
C PHE B 996 -31.57 20.38 -22.85
N GLY B 997 -31.21 21.61 -22.47
CA GLY B 997 -32.21 22.51 -21.94
C GLY B 997 -33.18 22.98 -22.99
N GLU B 998 -32.72 23.12 -24.23
CA GLU B 998 -33.56 23.52 -25.35
C GLU B 998 -34.62 22.48 -25.67
N GLN B 999 -34.42 21.23 -25.23
CA GLN B 999 -35.41 20.19 -25.35
C GLN B 999 -36.17 19.92 -24.05
N LEU B 1000 -35.60 20.28 -22.89
CA LEU B 1000 -36.37 20.19 -21.66
C LEU B 1000 -37.36 21.33 -21.52
N ALA B 1001 -37.07 22.46 -22.16
CA ALA B 1001 -38.02 23.56 -22.16
C ALA B 1001 -39.23 23.24 -23.03
N LYS B 1002 -39.03 22.50 -24.12
CA LYS B 1002 -40.09 22.18 -25.06
C LYS B 1002 -41.00 21.06 -24.58
N ALA B 1003 -40.92 20.64 -23.33
CA ALA B 1003 -41.82 19.65 -22.78
C ALA B 1003 -42.56 20.16 -21.55
N GLY B 1004 -42.34 21.41 -21.16
CA GLY B 1004 -43.00 21.98 -20.00
C GLY B 1004 -42.21 21.96 -18.72
N TYR B 1005 -40.91 21.65 -18.78
CA TYR B 1005 -40.08 21.58 -17.60
C TYR B 1005 -39.10 22.73 -17.55
N ASN B 1006 -38.29 22.75 -16.50
CA ASN B 1006 -37.35 23.84 -16.26
C ASN B 1006 -36.11 23.65 -17.13
N TYR B 1007 -35.64 24.76 -17.70
CA TYR B 1007 -34.55 24.74 -18.68
C TYR B 1007 -33.26 24.21 -18.10
N HIS B 1008 -33.01 24.45 -16.83
CA HIS B 1008 -31.76 24.05 -16.19
C HIS B 1008 -31.85 22.69 -15.54
N GLY B 1009 -32.94 21.97 -15.75
CA GLY B 1009 -33.15 20.69 -15.11
C GLY B 1009 -33.67 20.78 -13.69
N ASN B 1010 -33.72 21.97 -13.11
CA ASN B 1010 -34.12 22.17 -11.74
C ASN B 1010 -35.59 21.93 -11.54
N GLU B 1011 -35.97 20.72 -11.16
CA GLU B 1011 -37.37 20.40 -10.98
C GLU B 1011 -37.76 20.69 -9.53
N PRO B 1012 -38.68 21.63 -9.29
CA PRO B 1012 -38.95 22.08 -7.91
C PRO B 1012 -39.66 21.04 -7.06
N MET B 1013 -38.95 20.47 -6.09
CA MET B 1013 -39.53 19.42 -5.28
C MET B 1013 -40.07 19.99 -3.98
N TYR B 1014 -40.71 19.12 -3.20
CA TYR B 1014 -41.20 19.46 -1.88
C TYR B 1014 -40.46 18.62 -0.86
N SER B 1015 -40.59 19.00 0.40
CA SER B 1015 -39.99 18.22 1.47
C SER B 1015 -40.77 16.94 1.68
N GLY B 1016 -40.14 15.99 2.36
CA GLY B 1016 -40.80 14.73 2.60
C GLY B 1016 -41.37 14.66 4.00
N ALA B 1017 -40.67 15.26 4.97
CA ALA B 1017 -41.06 15.16 6.37
C ALA B 1017 -41.94 16.33 6.80
N THR B 1018 -41.47 17.56 6.60
CA THR B 1018 -42.24 18.73 6.96
C THR B 1018 -43.35 19.04 5.97
N GLY B 1019 -43.29 18.50 4.77
CA GLY B 1019 -44.31 18.69 3.77
C GLY B 1019 -44.23 19.98 2.99
N GLU B 1020 -43.38 20.92 3.40
CA GLU B 1020 -43.32 22.22 2.76
C GLU B 1020 -42.52 22.15 1.47
N GLU B 1021 -42.43 23.28 0.79
CA GLU B 1021 -41.55 23.37 -0.36
C GLU B 1021 -40.13 23.56 0.14
N LEU B 1022 -39.19 22.93 -0.54
CA LEU B 1022 -37.79 23.20 -0.28
C LEU B 1022 -37.43 24.59 -0.80
N ARG B 1023 -36.25 25.07 -0.40
CA ARG B 1023 -35.84 26.43 -0.72
C ARG B 1023 -35.52 26.58 -2.21
N ALA B 1024 -34.53 25.85 -2.69
CA ALA B 1024 -34.16 25.98 -4.09
C ALA B 1024 -34.95 24.98 -4.94
N ASP B 1025 -34.79 25.10 -6.24
CA ASP B 1025 -35.34 24.14 -7.19
C ASP B 1025 -34.26 23.09 -7.43
N ILE B 1026 -34.43 21.92 -6.85
CA ILE B 1026 -33.32 20.97 -6.78
C ILE B 1026 -33.26 20.22 -8.11
N TYR B 1027 -32.21 19.44 -8.31
CA TYR B 1027 -31.81 18.92 -9.61
C TYR B 1027 -32.17 17.45 -9.70
N VAL B 1028 -33.06 17.10 -10.64
CA VAL B 1028 -33.51 15.73 -10.85
C VAL B 1028 -33.29 15.38 -12.31
N GLY B 1029 -32.82 14.16 -12.57
CA GLY B 1029 -32.73 13.65 -13.92
C GLY B 1029 -32.71 12.14 -13.94
N VAL B 1030 -32.25 11.58 -15.06
CA VAL B 1030 -32.21 10.13 -15.25
C VAL B 1030 -30.78 9.73 -15.58
N VAL B 1031 -30.17 8.96 -14.69
CA VAL B 1031 -28.78 8.54 -14.79
C VAL B 1031 -28.72 7.02 -14.74
N TYR B 1032 -27.86 6.44 -15.57
CA TYR B 1032 -27.76 4.99 -15.78
C TYR B 1032 -26.81 4.40 -14.73
N TYR B 1033 -27.36 3.84 -13.66
CA TYR B 1033 -26.47 3.25 -12.68
C TYR B 1033 -26.11 1.82 -13.02
N GLN B 1034 -25.08 1.32 -12.33
CA GLN B 1034 -24.58 -0.03 -12.46
C GLN B 1034 -24.42 -0.61 -11.06
N ARG B 1035 -24.67 -1.91 -10.93
CA ARG B 1035 -24.46 -2.59 -9.67
C ARG B 1035 -23.17 -3.40 -9.75
N LEU B 1036 -22.36 -3.32 -8.71
CA LEU B 1036 -21.07 -3.98 -8.67
C LEU B 1036 -21.13 -5.20 -7.75
N ARG B 1037 -20.14 -6.07 -7.92
CA ARG B 1037 -19.81 -7.07 -6.93
C ARG B 1037 -18.95 -6.44 -5.83
N HIS B 1038 -18.29 -7.26 -5.01
CA HIS B 1038 -17.65 -6.84 -3.76
C HIS B 1038 -18.67 -6.20 -2.83
N MET B 1039 -19.57 -7.04 -2.36
CA MET B 1039 -20.77 -6.63 -1.65
C MET B 1039 -20.59 -6.82 -0.14
N VAL B 1040 -21.64 -6.49 0.60
CA VAL B 1040 -21.56 -6.52 2.05
C VAL B 1040 -21.53 -7.95 2.59
N ASN B 1041 -22.08 -8.92 1.85
CA ASN B 1041 -22.22 -10.26 2.41
C ASN B 1041 -20.93 -11.05 2.36
N ASP B 1042 -20.06 -10.77 1.39
CA ASP B 1042 -18.85 -11.55 1.19
C ASP B 1042 -17.64 -10.97 1.90
N LYS B 1043 -17.79 -9.86 2.64
CA LYS B 1043 -16.65 -9.15 3.20
C LYS B 1043 -16.91 -8.78 4.65
N PHE B 1044 -17.40 -9.72 5.45
CA PHE B 1044 -17.47 -9.47 6.88
C PHE B 1044 -17.26 -10.78 7.63
N GLN B 1045 -16.51 -10.72 8.72
CA GLN B 1045 -16.22 -11.90 9.52
C GLN B 1045 -16.16 -11.53 10.99
N VAL B 1046 -16.21 -12.56 11.83
CA VAL B 1046 -16.29 -12.42 13.28
C VAL B 1046 -15.33 -13.45 13.88
N ARG B 1047 -15.34 -13.62 15.21
CA ARG B 1047 -14.21 -14.16 15.97
C ARG B 1047 -13.89 -15.61 15.64
N SER B 1048 -12.61 -15.96 15.81
CA SER B 1048 -12.07 -17.27 15.46
C SER B 1048 -11.87 -18.16 16.69
N THR B 1049 -12.94 -18.52 17.38
CA THR B 1049 -12.79 -19.28 18.61
C THR B 1049 -12.38 -20.72 18.34
N GLY B 1050 -12.97 -21.33 17.31
CA GLY B 1050 -12.76 -22.74 17.06
C GLY B 1050 -11.40 -23.13 16.54
N PRO B 1051 -11.10 -22.83 15.28
CA PRO B 1051 -9.87 -23.37 14.68
C PRO B 1051 -8.62 -22.55 14.94
N VAL B 1052 -7.68 -23.16 15.65
CA VAL B 1052 -6.42 -22.52 16.01
C VAL B 1052 -5.31 -23.11 15.14
N ASN B 1053 -4.14 -22.50 15.20
CA ASN B 1053 -3.01 -23.03 14.47
C ASN B 1053 -2.41 -24.21 15.22
N SER B 1054 -1.64 -25.03 14.51
CA SER B 1054 -1.03 -26.20 15.12
C SER B 1054 0.28 -25.87 15.81
N LEU B 1055 1.14 -25.11 15.15
CA LEU B 1055 2.44 -24.75 15.71
C LEU B 1055 2.29 -23.78 16.88
N THR B 1056 1.64 -22.65 16.63
CA THR B 1056 1.64 -21.51 17.53
C THR B 1056 0.45 -21.50 18.48
N MET B 1057 -0.58 -22.32 18.21
CA MET B 1057 -1.80 -22.44 19.01
C MET B 1057 -2.52 -21.12 19.20
N GLN B 1058 -2.48 -20.26 18.19
CA GLN B 1058 -3.23 -19.03 18.11
C GLN B 1058 -4.14 -19.11 16.89
N PRO B 1059 -5.26 -18.36 16.85
CA PRO B 1059 -6.28 -18.58 15.80
C PRO B 1059 -5.81 -18.38 14.36
N VAL B 1060 -6.52 -19.06 13.46
CA VAL B 1060 -6.06 -19.41 12.11
C VAL B 1060 -6.29 -18.24 11.17
N LYS B 1061 -5.71 -18.31 9.97
CA LYS B 1061 -5.91 -17.33 8.91
C LYS B 1061 -7.00 -17.80 7.94
N GLY B 1062 -7.98 -16.94 7.68
CA GLY B 1062 -8.93 -17.22 6.62
C GLY B 1062 -10.37 -16.89 6.94
N ARG B 1063 -11.04 -16.15 6.03
CA ARG B 1063 -12.44 -15.79 6.21
C ARG B 1063 -13.33 -17.01 6.18
N LYS B 1064 -13.14 -17.87 5.18
CA LYS B 1064 -14.01 -19.01 4.91
C LYS B 1064 -13.99 -20.05 6.02
N ARG B 1065 -12.93 -20.08 6.82
CA ARG B 1065 -12.66 -21.16 7.74
C ARG B 1065 -12.63 -20.70 9.20
N HIS B 1066 -13.34 -19.62 9.52
CA HIS B 1066 -13.42 -19.01 10.86
C HIS B 1066 -12.03 -18.61 11.36
N GLY B 1067 -11.44 -17.63 10.68
CA GLY B 1067 -10.11 -17.19 11.02
C GLY B 1067 -10.01 -15.82 11.62
N GLY B 1068 -8.93 -15.56 12.35
CA GLY B 1068 -8.85 -14.41 13.22
C GLY B 1068 -8.59 -13.11 12.50
N ILE B 1069 -8.58 -12.04 13.28
CA ILE B 1069 -8.34 -10.69 12.80
C ILE B 1069 -6.98 -10.25 13.30
N ARG B 1070 -6.16 -9.73 12.40
CA ARG B 1070 -4.75 -9.47 12.67
C ARG B 1070 -4.57 -8.15 13.42
N VAL B 1071 -3.96 -8.23 14.60
CA VAL B 1071 -3.48 -7.06 15.33
C VAL B 1071 -2.00 -6.96 15.00
N GLY B 1072 -1.67 -6.15 14.01
CA GLY B 1072 -0.36 -6.21 13.37
C GLY B 1072 0.75 -5.50 14.10
N GLU B 1073 1.71 -4.98 13.32
CA GLU B 1073 2.93 -4.41 13.87
C GLU B 1073 2.80 -2.94 14.23
N MET B 1074 1.99 -2.17 13.50
CA MET B 1074 1.87 -0.74 13.75
C MET B 1074 0.70 -0.42 14.65
N GLU B 1075 -0.31 -1.28 14.67
CA GLU B 1075 -1.38 -1.16 15.65
C GLU B 1075 -0.86 -1.39 17.06
N ARG B 1076 0.22 -2.17 17.19
CA ARG B 1076 0.89 -2.35 18.48
C ARG B 1076 1.46 -1.03 18.99
N ASP B 1077 2.11 -0.28 18.10
CA ASP B 1077 2.69 1.01 18.48
C ASP B 1077 1.61 2.02 18.78
N ALA B 1078 0.51 1.98 18.02
CA ALA B 1078 -0.62 2.84 18.35
C ALA B 1078 -1.23 2.47 19.70
N LEU B 1079 -1.25 1.18 20.06
CA LEU B 1079 -1.78 0.80 21.37
C LEU B 1079 -0.86 1.23 22.51
N ILE B 1080 0.45 1.24 22.28
CA ILE B 1080 1.37 1.72 23.30
C ILE B 1080 1.25 3.23 23.46
N GLY B 1081 1.18 3.96 22.34
CA GLY B 1081 1.18 5.42 22.35
C GLY B 1081 0.01 6.05 23.06
N HIS B 1082 -1.13 5.36 23.13
CA HIS B 1082 -2.23 5.80 24.00
C HIS B 1082 -1.91 5.63 25.47
N GLY B 1083 -0.86 4.90 25.84
CA GLY B 1083 -0.55 4.62 27.21
C GLY B 1083 -1.28 3.42 27.79
N THR B 1084 -2.26 2.88 27.06
CA THR B 1084 -2.95 1.68 27.52
C THR B 1084 -2.02 0.48 27.45
N SER B 1085 -1.76 -0.13 28.61
CA SER B 1085 -0.98 -1.35 28.70
C SER B 1085 -1.80 -2.57 29.10
N PHE B 1086 -3.00 -2.38 29.63
CA PHE B 1086 -3.91 -3.49 29.84
C PHE B 1086 -4.78 -3.74 28.63
N LEU B 1087 -4.53 -3.02 27.54
CA LEU B 1087 -5.36 -3.04 26.34
C LEU B 1087 -4.51 -3.34 25.12
N LEU B 1088 -3.21 -3.47 25.30
CA LEU B 1088 -2.36 -4.22 24.38
C LEU B 1088 -2.17 -5.65 24.86
N GLN B 1089 -2.21 -5.87 26.17
CA GLN B 1089 -2.13 -7.24 26.68
C GLN B 1089 -3.44 -7.98 26.41
N ASP B 1090 -4.55 -7.26 26.33
CA ASP B 1090 -5.80 -7.86 25.88
C ASP B 1090 -5.91 -7.87 24.35
N ARG B 1091 -4.81 -7.65 23.63
CA ARG B 1091 -4.82 -7.74 22.18
C ARG B 1091 -3.63 -8.48 21.62
N LEU B 1092 -2.63 -8.81 22.41
CA LEU B 1092 -1.50 -9.58 21.91
C LEU B 1092 -1.08 -10.73 22.82
N LEU B 1093 -1.63 -10.84 24.03
CA LEU B 1093 -1.38 -11.99 24.88
C LEU B 1093 -2.65 -12.70 25.31
N ASN B 1094 -3.64 -11.98 25.81
CA ASN B 1094 -4.78 -12.61 26.48
C ASN B 1094 -5.84 -13.11 25.52
N SER B 1095 -5.62 -12.99 24.22
CA SER B 1095 -6.57 -13.50 23.24
C SER B 1095 -6.01 -14.65 22.42
N SER B 1096 -4.84 -14.46 21.81
CA SER B 1096 -4.40 -15.40 20.77
C SER B 1096 -3.90 -16.71 21.38
N ASP B 1097 -2.81 -16.66 22.13
CA ASP B 1097 -2.11 -17.89 22.51
C ASP B 1097 -1.69 -17.86 23.97
N TYR B 1098 -2.60 -17.47 24.85
CA TYR B 1098 -2.34 -17.44 26.28
C TYR B 1098 -2.17 -18.86 26.80
N THR B 1099 -0.95 -19.22 27.19
CA THR B 1099 -0.62 -20.58 27.60
C THR B 1099 -0.04 -20.54 29.01
N GLN B 1100 -0.84 -20.96 29.98
CA GLN B 1100 -0.39 -20.97 31.38
C GLN B 1100 0.49 -22.19 31.57
N ALA B 1101 1.76 -22.05 31.19
CA ALA B 1101 2.73 -23.13 31.18
C ALA B 1101 3.32 -23.34 32.57
N SER B 1102 4.41 -24.11 32.65
CA SER B 1102 5.07 -24.39 33.91
C SER B 1102 6.58 -24.49 33.70
N VAL B 1103 7.34 -23.84 34.58
CA VAL B 1103 8.80 -23.78 34.48
C VAL B 1103 9.37 -24.45 35.71
N CYS B 1104 10.46 -25.20 35.51
CA CYS B 1104 11.29 -25.59 36.64
C CYS B 1104 11.97 -24.35 37.22
N ARG B 1105 11.82 -24.17 38.53
CA ARG B 1105 12.47 -23.04 39.19
C ARG B 1105 13.97 -23.24 39.27
N GLU B 1106 14.42 -24.50 39.29
CA GLU B 1106 15.79 -24.83 39.63
C GLU B 1106 16.72 -24.69 38.44
N CYS B 1107 16.30 -25.12 37.24
CA CYS B 1107 17.09 -24.97 36.04
C CYS B 1107 16.58 -23.90 35.10
N GLY B 1108 15.30 -23.55 35.17
CA GLY B 1108 14.76 -22.49 34.33
C GLY B 1108 14.65 -22.86 32.87
N SER B 1109 13.74 -23.77 32.56
CA SER B 1109 13.43 -24.07 31.16
C SER B 1109 11.99 -24.52 31.08
N ILE B 1110 11.28 -24.03 30.05
CA ILE B 1110 9.85 -24.28 29.91
C ILE B 1110 9.57 -25.62 29.23
N LEU B 1111 10.51 -26.13 28.44
CA LEU B 1111 10.24 -27.25 27.54
C LEU B 1111 10.16 -28.60 28.25
N THR B 1112 10.73 -28.73 29.44
CA THR B 1112 11.08 -30.06 29.90
C THR B 1112 10.02 -30.70 30.79
N THR B 1113 9.52 -29.96 31.78
CA THR B 1113 8.91 -30.56 32.96
C THR B 1113 7.58 -31.24 32.67
N GLN B 1114 7.64 -32.54 32.38
CA GLN B 1114 6.48 -33.33 32.00
C GLN B 1114 5.60 -33.61 33.21
N GLN B 1115 4.54 -34.37 32.96
CA GLN B 1115 3.76 -34.92 34.05
C GLN B 1115 4.40 -36.19 34.57
N SER B 1116 4.18 -36.45 35.86
CA SER B 1116 4.59 -37.73 36.40
C SER B 1116 3.53 -38.78 36.10
N VAL B 1117 3.94 -40.04 36.14
CA VAL B 1117 3.07 -41.17 35.89
C VAL B 1117 2.92 -41.94 37.21
N PRO B 1118 1.78 -41.85 37.88
CA PRO B 1118 1.67 -42.45 39.21
C PRO B 1118 1.20 -43.89 39.17
N ARG B 1119 1.03 -44.47 40.35
CA ARG B 1119 0.36 -45.75 40.49
C ARG B 1119 -1.14 -45.53 40.64
N ILE B 1120 -1.90 -46.61 40.70
CA ILE B 1120 -3.35 -46.52 40.81
C ILE B 1120 -3.71 -46.19 42.25
N GLY B 1121 -4.45 -45.11 42.45
CA GLY B 1121 -4.74 -44.61 43.78
C GLY B 1121 -3.66 -43.66 44.24
N SER B 1122 -3.28 -42.72 43.37
CA SER B 1122 -2.20 -41.77 43.63
C SER B 1122 -2.54 -40.47 42.91
N ILE B 1123 -1.55 -39.59 42.76
CA ILE B 1123 -1.73 -38.31 42.07
C ILE B 1123 -0.52 -38.10 41.17
N SER B 1124 -0.73 -37.33 40.11
CA SER B 1124 0.31 -37.04 39.12
C SER B 1124 0.69 -35.58 39.23
N THR B 1125 1.87 -35.32 39.77
CA THR B 1125 2.39 -33.96 39.86
C THR B 1125 3.30 -33.69 38.66
N VAL B 1126 3.84 -32.48 38.63
CA VAL B 1126 4.79 -32.09 37.59
C VAL B 1126 6.19 -32.19 38.18
N CYS B 1127 7.09 -32.85 37.47
CA CYS B 1127 8.46 -33.02 37.90
C CYS B 1127 9.39 -32.72 36.75
N CYS B 1128 10.55 -32.14 37.06
CA CYS B 1128 11.47 -31.69 36.03
C CYS B 1128 12.18 -32.87 35.37
N ARG B 1129 13.01 -32.58 34.39
CA ARG B 1129 13.76 -33.65 33.75
C ARG B 1129 15.26 -33.48 33.83
N ARG B 1130 15.77 -32.27 33.61
CA ARG B 1130 17.22 -32.05 33.71
C ARG B 1130 17.70 -32.18 35.14
N CYS B 1131 17.00 -31.55 36.08
CA CYS B 1131 17.41 -31.60 37.48
C CYS B 1131 17.08 -32.93 38.14
N SER B 1132 16.03 -33.60 37.68
CA SER B 1132 15.75 -34.94 38.18
C SER B 1132 16.79 -35.91 37.62
N MET B 1133 17.25 -36.82 38.47
CA MET B 1133 18.28 -37.77 38.09
C MET B 1133 17.79 -39.19 38.27
N ARG B 1134 18.60 -40.13 37.77
CA ARG B 1134 18.22 -41.53 37.70
C ARG B 1134 18.11 -42.16 39.08
N PHE B 1135 17.22 -43.14 39.21
CA PHE B 1135 17.13 -43.90 40.45
C PHE B 1135 18.28 -44.89 40.57
N GLU B 1136 18.85 -45.31 39.44
CA GLU B 1136 19.99 -46.22 39.47
C GLU B 1136 21.27 -45.55 39.92
N ASP B 1137 21.35 -44.22 39.83
CA ASP B 1137 22.52 -43.47 40.25
C ASP B 1137 22.35 -42.83 41.62
N ALA B 1138 21.14 -42.90 42.21
CA ALA B 1138 20.90 -42.29 43.50
C ALA B 1138 21.56 -43.05 44.65
N LYS B 1139 21.81 -44.36 44.47
CA LYS B 1139 22.43 -45.17 45.50
C LYS B 1139 23.95 -45.20 45.31
N LYS B 1140 24.55 -44.01 45.43
CA LYS B 1140 25.98 -43.83 45.28
C LYS B 1140 26.73 -43.83 46.60
N LEU B 1141 26.12 -43.29 47.65
CA LEU B 1141 26.71 -43.26 48.98
C LEU B 1141 26.89 -44.66 49.59
N ILE B 1151 22.66 -42.27 57.51
CA ILE B 1151 22.63 -41.81 56.14
C ILE B 1151 21.76 -42.75 55.31
N PHE B 1152 20.56 -42.30 54.96
CA PHE B 1152 19.61 -43.12 54.21
C PHE B 1152 18.61 -42.19 53.53
N ILE B 1153 18.22 -42.56 52.32
CA ILE B 1153 17.44 -41.69 51.44
C ILE B 1153 15.96 -41.96 51.65
N ASP B 1154 15.22 -40.93 52.07
CA ASP B 1154 13.78 -41.02 52.21
C ASP B 1154 13.13 -41.07 50.82
N ASP B 1155 11.94 -41.64 50.76
CA ASP B 1155 11.23 -41.84 49.49
C ASP B 1155 10.30 -40.65 49.22
N SER B 1156 10.92 -39.53 48.88
CA SER B 1156 10.21 -38.31 48.56
C SER B 1156 10.46 -37.83 47.13
N GLN B 1157 11.72 -37.79 46.71
CA GLN B 1157 12.06 -37.30 45.38
C GLN B 1157 11.83 -38.33 44.29
N ILE B 1158 11.45 -39.55 44.65
CA ILE B 1158 11.33 -40.66 43.70
C ILE B 1158 10.02 -40.52 42.94
N TRP B 1159 10.11 -40.48 41.61
CA TRP B 1159 8.93 -40.48 40.75
C TRP B 1159 9.21 -41.31 39.51
N GLU B 1160 8.17 -41.56 38.73
CA GLU B 1160 8.20 -42.50 37.63
C GLU B 1160 7.73 -41.84 36.34
N ASP B 1161 8.28 -42.29 35.22
CA ASP B 1161 7.89 -41.79 33.91
C ASP B 1161 6.93 -42.79 33.24
N GLY B 1162 6.69 -42.60 31.95
CA GLY B 1162 5.76 -43.47 31.24
C GLY B 1162 6.31 -44.87 31.02
N GLN B 1163 7.53 -44.96 30.48
CA GLN B 1163 8.08 -46.26 30.12
C GLN B 1163 8.78 -46.97 31.28
N GLY B 1164 8.68 -46.43 32.50
CA GLY B 1164 9.09 -47.15 33.69
C GLY B 1164 10.42 -46.75 34.29
N ASN B 1165 11.17 -45.85 33.65
CA ASN B 1165 12.47 -45.43 34.17
C ASN B 1165 12.25 -44.52 35.38
N LYS B 1166 12.46 -45.07 36.58
CA LYS B 1166 12.23 -44.30 37.80
C LYS B 1166 13.29 -43.21 37.95
N PHE B 1167 12.84 -42.01 38.29
CA PHE B 1167 13.70 -40.85 38.43
C PHE B 1167 13.64 -40.32 39.86
N VAL B 1168 14.66 -39.56 40.22
CA VAL B 1168 14.80 -38.96 41.55
C VAL B 1168 15.08 -37.48 41.38
N GLY B 1169 14.24 -36.64 41.98
CA GLY B 1169 14.47 -35.22 42.05
C GLY B 1169 13.59 -34.42 41.11
N GLY B 1170 14.05 -33.22 40.79
CA GLY B 1170 13.37 -32.34 39.87
C GLY B 1170 12.03 -31.82 40.35
N ASN B 1171 11.90 -31.54 41.63
CA ASN B 1171 10.60 -31.24 42.22
C ASN B 1171 10.19 -29.79 41.97
N GLU B 1172 11.14 -28.86 41.98
CA GLU B 1172 10.82 -27.43 41.99
C GLU B 1172 10.32 -26.90 40.65
N THR B 1173 9.01 -26.94 40.46
CA THR B 1173 8.35 -26.35 39.29
C THR B 1173 7.21 -25.46 39.77
N THR B 1174 6.86 -24.49 38.93
CA THR B 1174 5.76 -23.59 39.24
C THR B 1174 5.20 -23.02 37.94
N THR B 1175 3.95 -22.56 38.01
CA THR B 1175 3.17 -22.22 36.83
C THR B 1175 3.28 -20.73 36.51
N VAL B 1176 3.73 -20.42 35.29
CA VAL B 1176 3.73 -19.05 34.80
C VAL B 1176 2.73 -18.96 33.65
N ALA B 1177 2.57 -17.76 33.08
CA ALA B 1177 1.65 -17.56 31.97
C ALA B 1177 2.40 -16.90 30.82
N ILE B 1178 2.58 -17.61 29.72
CA ILE B 1178 3.39 -17.14 28.60
C ILE B 1178 2.56 -17.31 27.33
N PRO B 1179 2.94 -16.62 26.25
CA PRO B 1179 2.42 -17.01 24.94
C PRO B 1179 3.02 -18.34 24.51
N PHE B 1180 2.29 -19.04 23.65
CA PHE B 1180 2.72 -20.36 23.18
C PHE B 1180 3.85 -20.25 22.17
N VAL B 1181 3.94 -19.09 21.51
CA VAL B 1181 5.02 -18.85 20.57
C VAL B 1181 6.36 -18.69 21.28
N LEU B 1182 6.35 -18.41 22.59
CA LEU B 1182 7.58 -18.49 23.38
C LEU B 1182 8.10 -19.92 23.46
N LYS B 1183 7.20 -20.87 23.69
CA LYS B 1183 7.60 -22.27 23.75
C LYS B 1183 8.04 -22.77 22.38
N TYR B 1184 7.37 -22.30 21.32
CA TYR B 1184 7.82 -22.61 19.97
C TYR B 1184 9.19 -21.99 19.68
N LEU B 1185 9.45 -20.80 20.22
CA LEU B 1185 10.76 -20.17 20.03
C LEU B 1185 11.85 -20.94 20.78
N ASP B 1186 11.54 -21.41 21.99
CA ASP B 1186 12.54 -22.17 22.76
C ASP B 1186 12.87 -23.48 22.07
N SER B 1187 11.86 -24.17 21.54
CA SER B 1187 12.15 -25.38 20.80
C SER B 1187 12.75 -25.13 19.41
N GLU B 1188 12.60 -23.92 18.85
CA GLU B 1188 13.34 -23.61 17.63
C GLU B 1188 14.78 -23.19 17.91
N LEU B 1189 15.04 -22.63 19.10
CA LEU B 1189 16.41 -22.24 19.44
C LEU B 1189 17.23 -23.41 19.96
N SER B 1190 16.58 -24.40 20.59
CA SER B 1190 17.32 -25.56 21.09
C SER B 1190 17.91 -26.39 19.97
N ALA B 1191 17.34 -26.35 18.77
CA ALA B 1191 17.95 -27.04 17.64
C ALA B 1191 19.22 -26.33 17.18
N MET B 1192 19.33 -25.02 17.39
CA MET B 1192 20.55 -24.30 17.08
C MET B 1192 21.62 -24.45 18.15
N GLY B 1193 21.25 -24.96 19.33
CA GLY B 1193 22.18 -25.09 20.43
C GLY B 1193 22.23 -23.89 21.34
N ILE B 1194 21.07 -23.45 21.85
CA ILE B 1194 20.97 -22.30 22.74
C ILE B 1194 20.01 -22.68 23.87
N ARG B 1195 20.41 -22.43 25.11
CA ARG B 1195 19.57 -22.72 26.27
C ARG B 1195 19.11 -21.42 26.92
N LEU B 1196 17.86 -21.06 26.67
CA LEU B 1196 17.27 -19.93 27.35
C LEU B 1196 17.02 -20.28 28.81
N ARG B 1197 17.35 -19.36 29.70
CA ARG B 1197 17.07 -19.54 31.13
C ARG B 1197 16.14 -18.42 31.58
N TYR B 1198 15.10 -18.79 32.31
CA TYR B 1198 14.02 -17.87 32.69
C TYR B 1198 14.08 -17.68 34.19
N ASN B 1199 14.73 -16.61 34.64
CA ASN B 1199 14.89 -16.39 36.06
C ASN B 1199 13.57 -15.91 36.64
N VAL B 1200 13.03 -16.66 37.60
CA VAL B 1200 11.66 -16.47 38.08
C VAL B 1200 11.68 -16.27 39.59
N GLU B 1201 11.22 -15.12 40.03
CA GLU B 1201 10.87 -14.93 41.42
C GLU B 1201 9.37 -15.15 41.60
N PRO B 1202 8.87 -15.53 42.80
CA PRO B 1202 9.45 -15.73 44.12
C PRO B 1202 10.35 -16.94 44.25
N LYS B 1203 11.59 -16.69 44.67
CA LYS B 1203 12.55 -17.76 44.93
C LYS B 1203 12.16 -18.52 46.18
N GLU C 30 -56.59 32.59 20.43
CA GLU C 30 -57.85 31.86 20.40
C GLU C 30 -58.14 31.35 19.00
N TRP C 31 -58.14 30.02 18.85
CA TRP C 31 -58.40 29.37 17.55
C TRP C 31 -59.24 28.13 17.82
N ASN C 32 -60.55 28.27 17.73
CA ASN C 32 -61.46 27.18 18.01
C ASN C 32 -61.73 26.39 16.73
N VAL C 33 -62.36 25.21 16.91
CA VAL C 33 -62.56 24.29 15.79
C VAL C 33 -63.58 24.86 14.80
N GLU C 34 -64.58 25.56 15.31
CA GLU C 34 -65.57 26.21 14.44
C GLU C 34 -64.94 27.32 13.60
N LYS C 35 -63.88 27.95 14.12
CA LYS C 35 -63.18 28.98 13.36
C LYS C 35 -62.43 28.38 12.17
N PHE C 36 -62.06 27.11 12.24
CA PHE C 36 -61.52 26.44 11.07
C PHE C 36 -62.63 25.93 10.18
N LYS C 37 -63.71 25.43 10.78
CA LYS C 37 -64.82 24.84 10.03
C LYS C 37 -65.55 25.89 9.19
N LYS C 38 -65.48 27.17 9.59
CA LYS C 38 -66.09 28.22 8.79
C LYS C 38 -65.39 28.38 7.44
N ASP C 39 -64.06 28.50 7.46
CA ASP C 39 -63.28 28.71 6.24
C ASP C 39 -62.53 27.42 5.89
N PHE C 40 -63.14 26.61 5.02
CA PHE C 40 -62.52 25.41 4.47
C PHE C 40 -63.32 25.01 3.24
N GLU C 41 -62.65 24.85 2.10
CA GLU C 41 -63.35 24.66 0.84
C GLU C 41 -62.62 23.61 0.01
N VAL C 42 -63.38 22.93 -0.87
CA VAL C 42 -62.86 21.92 -1.79
C VAL C 42 -63.34 22.28 -3.19
N ASN C 43 -62.43 22.33 -4.16
CA ASN C 43 -62.78 22.49 -5.57
C ASN C 43 -62.39 21.22 -6.32
N ILE C 44 -63.34 20.29 -6.42
CA ILE C 44 -63.09 19.07 -7.20
C ILE C 44 -63.11 19.42 -8.68
N SER C 45 -61.97 19.22 -9.35
CA SER C 45 -61.94 19.45 -10.78
C SER C 45 -62.52 18.27 -11.54
N SER C 46 -61.90 17.10 -11.42
CA SER C 46 -62.34 15.92 -12.15
C SER C 46 -62.26 14.71 -11.23
N LEU C 47 -63.05 13.70 -11.54
CA LEU C 47 -63.07 12.48 -10.75
C LEU C 47 -63.52 11.33 -11.62
N ASP C 48 -62.82 10.20 -11.48
CA ASP C 48 -63.10 9.00 -12.25
C ASP C 48 -63.17 7.80 -11.32
N ALA C 49 -63.19 6.59 -11.88
CA ALA C 49 -62.91 5.40 -11.11
C ALA C 49 -61.42 5.10 -11.05
N ARG C 50 -60.59 6.00 -11.59
CA ARG C 50 -59.15 5.83 -11.61
C ARG C 50 -58.43 6.89 -10.80
N GLU C 51 -58.64 8.17 -11.09
CA GLU C 51 -57.88 9.24 -10.48
C GLU C 51 -58.82 10.28 -9.87
N ALA C 52 -58.22 11.33 -9.31
CA ALA C 52 -58.95 12.44 -8.69
C ALA C 52 -58.00 13.62 -8.62
N ASN C 53 -58.36 14.71 -9.28
CA ASN C 53 -57.61 15.95 -9.22
C ASN C 53 -58.51 16.96 -8.50
N PHE C 54 -58.19 17.29 -7.26
CA PHE C 54 -59.07 18.16 -6.51
C PHE C 54 -58.23 19.07 -5.64
N ASP C 55 -58.87 19.85 -4.77
CA ASP C 55 -58.19 20.88 -4.01
C ASP C 55 -58.49 20.76 -2.53
N LEU C 56 -57.76 21.56 -1.75
CA LEU C 56 -58.04 21.81 -0.34
C LEU C 56 -57.71 23.28 -0.08
N ILE C 57 -58.71 24.04 0.37
CA ILE C 57 -58.57 25.49 0.57
C ILE C 57 -58.45 25.76 2.06
N ASN C 58 -57.45 26.56 2.44
CA ASN C 58 -57.22 27.06 3.80
C ASN C 58 -57.00 25.92 4.80
N ILE C 59 -55.88 25.22 4.61
CA ILE C 59 -55.46 24.19 5.53
C ILE C 59 -53.93 24.20 5.60
N ASP C 60 -53.40 23.76 6.75
CA ASP C 60 -51.97 23.80 7.01
C ASP C 60 -51.24 22.77 6.15
N THR C 61 -49.93 22.98 5.98
CA THR C 61 -49.12 22.03 5.23
C THR C 61 -48.94 20.71 5.95
N SER C 62 -49.02 20.70 7.29
CA SER C 62 -48.79 19.46 8.02
C SER C 62 -50.01 18.54 7.96
N ILE C 63 -51.21 19.09 7.81
CA ILE C 63 -52.39 18.23 7.69
C ILE C 63 -52.42 17.58 6.31
N ALA C 64 -52.05 18.32 5.27
CA ALA C 64 -51.92 17.73 3.94
C ALA C 64 -50.78 16.73 3.87
N ASN C 65 -49.70 16.97 4.62
CA ASN C 65 -48.61 16.00 4.74
C ASN C 65 -49.10 14.71 5.39
N ALA C 66 -49.87 14.83 6.48
CA ALA C 66 -50.48 13.67 7.12
C ALA C 66 -51.39 12.92 6.16
N PHE C 67 -52.11 13.66 5.32
CA PHE C 67 -53.04 13.03 4.38
C PHE C 67 -52.30 12.22 3.33
N ARG C 68 -51.32 12.82 2.62
CA ARG C 68 -50.66 12.04 1.57
C ARG C 68 -49.75 10.95 2.15
N ARG C 69 -49.22 11.16 3.36
CA ARG C 69 -48.40 10.13 3.99
C ARG C 69 -49.25 8.96 4.48
N ILE C 70 -50.55 9.17 4.69
CA ILE C 70 -51.42 8.02 4.88
C ILE C 70 -51.84 7.42 3.53
N MET C 71 -52.13 8.26 2.53
CA MET C 71 -52.69 7.78 1.26
C MET C 71 -51.70 6.92 0.48
N ILE C 72 -50.41 7.19 0.56
CA ILE C 72 -49.47 6.24 -0.02
C ILE C 72 -49.30 5.02 0.87
N SER C 73 -49.01 5.22 2.15
CA SER C 73 -48.50 4.12 2.95
C SER C 73 -49.57 3.37 3.74
N GLU C 74 -50.23 4.03 4.68
CA GLU C 74 -50.86 3.34 5.81
C GLU C 74 -52.31 2.97 5.56
N VAL C 75 -52.70 2.78 4.30
CA VAL C 75 -54.03 2.32 3.93
C VAL C 75 -53.94 0.82 3.65
N PRO C 76 -54.82 0.00 4.21
CA PRO C 76 -54.73 -1.46 3.99
C PRO C 76 -55.04 -1.85 2.56
N SER C 77 -54.46 -2.97 2.14
CA SER C 77 -54.74 -3.52 0.82
C SER C 77 -54.38 -5.01 0.81
N VAL C 78 -54.98 -5.72 -0.16
CA VAL C 78 -54.78 -7.16 -0.33
C VAL C 78 -53.79 -7.39 -1.46
N ALA C 79 -52.75 -8.16 -1.19
CA ALA C 79 -51.88 -8.66 -2.25
C ALA C 79 -51.28 -10.00 -1.85
N ALA C 80 -50.60 -10.61 -2.81
CA ALA C 80 -50.11 -11.98 -2.69
C ALA C 80 -48.86 -12.00 -1.81
N GLU C 81 -48.99 -12.57 -0.62
CA GLU C 81 -47.86 -12.64 0.31
C GLU C 81 -47.11 -13.96 0.19
N TYR C 82 -47.80 -15.08 0.42
CA TYR C 82 -47.19 -16.40 0.42
C TYR C 82 -47.49 -17.10 -0.90
N VAL C 83 -46.46 -17.70 -1.51
CA VAL C 83 -46.60 -18.46 -2.74
C VAL C 83 -45.96 -19.82 -2.54
N TYR C 84 -46.74 -20.89 -2.67
CA TYR C 84 -46.26 -22.25 -2.48
C TYR C 84 -46.18 -22.89 -3.85
N PHE C 85 -44.99 -23.29 -4.27
CA PHE C 85 -44.85 -23.99 -5.55
C PHE C 85 -45.08 -25.48 -5.39
N PHE C 86 -45.33 -26.12 -6.51
CA PHE C 86 -45.31 -27.57 -6.60
C PHE C 86 -44.41 -28.04 -7.72
N ASN C 87 -44.40 -27.34 -8.85
CA ASN C 87 -43.42 -27.59 -9.90
C ASN C 87 -43.24 -26.33 -10.72
N ASN C 88 -42.00 -26.08 -11.12
CA ASN C 88 -41.66 -24.94 -11.97
C ASN C 88 -40.41 -25.34 -12.73
N THR C 89 -40.58 -25.78 -13.97
CA THR C 89 -39.46 -26.07 -14.85
C THR C 89 -39.32 -25.03 -15.95
N SER C 90 -39.71 -23.79 -15.65
CA SER C 90 -39.65 -22.73 -16.65
C SER C 90 -38.23 -22.18 -16.75
N VAL C 91 -38.07 -21.11 -17.52
CA VAL C 91 -36.75 -20.48 -17.67
C VAL C 91 -36.54 -19.37 -16.66
N ILE C 92 -37.60 -18.91 -16.00
CA ILE C 92 -37.50 -17.94 -14.93
C ILE C 92 -37.22 -18.69 -13.65
N GLN C 93 -36.25 -18.23 -12.88
CA GLN C 93 -36.01 -18.80 -11.57
C GLN C 93 -37.15 -18.44 -10.63
N ASP C 94 -37.25 -19.22 -9.55
CA ASP C 94 -38.53 -19.45 -8.90
C ASP C 94 -39.00 -18.25 -8.08
N GLU C 95 -38.18 -17.77 -7.15
CA GLU C 95 -38.58 -16.69 -6.26
C GLU C 95 -38.72 -15.36 -6.97
N VAL C 96 -38.06 -15.18 -8.11
CA VAL C 96 -38.31 -14.03 -8.98
C VAL C 96 -39.75 -14.03 -9.46
N LEU C 97 -40.22 -15.17 -9.97
CA LEU C 97 -41.61 -15.26 -10.40
C LEU C 97 -42.57 -15.24 -9.21
N ALA C 98 -42.11 -15.63 -8.02
CA ALA C 98 -42.94 -15.51 -6.83
C ALA C 98 -43.19 -14.06 -6.46
N HIS C 99 -42.15 -13.22 -6.51
CA HIS C 99 -42.40 -11.80 -6.22
C HIS C 99 -43.09 -11.11 -7.38
N ARG C 100 -42.92 -11.63 -8.60
CA ARG C 100 -43.69 -11.19 -9.75
C ARG C 100 -45.18 -11.37 -9.53
N ILE C 101 -45.58 -12.55 -9.05
CA ILE C 101 -46.97 -12.78 -8.63
C ILE C 101 -47.35 -11.84 -7.49
N GLY C 102 -46.39 -11.58 -6.58
CA GLY C 102 -46.66 -10.70 -5.46
C GLY C 102 -46.94 -9.25 -5.83
N LEU C 103 -46.53 -8.82 -7.02
CA LEU C 103 -46.83 -7.46 -7.45
C LEU C 103 -48.15 -7.35 -8.21
N VAL C 104 -48.82 -8.46 -8.51
CA VAL C 104 -50.02 -8.44 -9.33
C VAL C 104 -51.18 -7.85 -8.53
N PRO C 105 -51.83 -6.79 -9.02
CA PRO C 105 -52.93 -6.18 -8.27
C PRO C 105 -54.16 -7.07 -8.27
N LEU C 106 -55.02 -6.86 -7.27
CA LEU C 106 -56.24 -7.63 -7.11
C LEU C 106 -57.39 -6.67 -6.84
N LYS C 107 -58.41 -6.72 -7.69
CA LYS C 107 -59.56 -5.83 -7.58
C LYS C 107 -60.49 -6.39 -6.49
N VAL C 108 -60.08 -6.20 -5.24
CA VAL C 108 -60.84 -6.66 -4.07
C VAL C 108 -60.87 -5.53 -3.06
N ASP C 109 -62.07 -5.17 -2.62
CA ASP C 109 -62.25 -4.23 -1.51
C ASP C 109 -61.69 -4.86 -0.24
N PRO C 110 -60.72 -4.25 0.43
CA PRO C 110 -60.13 -4.88 1.62
C PRO C 110 -61.01 -4.86 2.86
N ASP C 111 -62.16 -4.20 2.83
CA ASP C 111 -63.04 -4.19 4.01
C ASP C 111 -63.91 -5.44 4.13
N MET C 112 -63.71 -6.43 3.27
CA MET C 112 -64.36 -7.72 3.39
C MET C 112 -63.45 -8.77 4.02
N LEU C 113 -62.15 -8.62 3.85
CA LEU C 113 -61.17 -9.53 4.40
C LEU C 113 -60.58 -8.91 5.66
N THR C 114 -60.07 -9.75 6.56
CA THR C 114 -59.62 -9.27 7.87
C THR C 114 -58.12 -9.48 8.01
N TRP C 115 -57.60 -9.11 9.17
CA TRP C 115 -56.16 -9.11 9.41
C TRP C 115 -55.65 -10.48 9.81
N VAL C 116 -54.35 -10.67 9.65
CA VAL C 116 -53.69 -11.95 9.85
C VAL C 116 -52.75 -11.83 11.02
N ASP C 117 -53.00 -12.59 12.08
CA ASP C 117 -52.07 -12.62 13.19
C ASP C 117 -50.84 -13.42 12.81
N SER C 118 -49.71 -13.03 13.39
CA SER C 118 -48.41 -13.59 13.00
C SER C 118 -48.03 -14.81 13.80
N ASN C 119 -48.39 -14.86 15.09
CA ASN C 119 -47.97 -15.94 15.97
C ASN C 119 -48.67 -17.26 15.69
N LEU C 120 -49.72 -17.25 14.89
CA LEU C 120 -50.43 -18.48 14.56
C LEU C 120 -49.57 -19.35 13.65
N PRO C 121 -49.43 -20.64 13.93
CA PRO C 121 -48.78 -21.54 12.97
C PRO C 121 -49.64 -21.71 11.71
N ASP C 122 -48.99 -22.25 10.67
CA ASP C 122 -49.51 -22.23 9.31
C ASP C 122 -50.80 -23.02 9.11
N ASP C 123 -51.23 -23.83 10.07
CA ASP C 123 -52.57 -24.39 9.98
C ASP C 123 -53.61 -23.47 10.62
N GLU C 124 -53.27 -22.85 11.75
CA GLU C 124 -54.19 -21.93 12.42
C GLU C 124 -54.14 -20.53 11.83
N LYS C 125 -53.22 -20.27 10.91
CA LYS C 125 -52.97 -18.91 10.45
C LYS C 125 -54.02 -18.45 9.46
N PHE C 126 -54.33 -19.28 8.47
CA PHE C 126 -55.20 -18.90 7.37
C PHE C 126 -56.59 -19.43 7.67
N THR C 127 -57.52 -18.53 7.94
CA THR C 127 -58.91 -18.91 8.00
C THR C 127 -59.53 -18.70 6.63
N ASP C 128 -60.85 -18.90 6.52
CA ASP C 128 -61.53 -18.55 5.29
C ASP C 128 -61.75 -17.04 5.17
N GLU C 129 -61.67 -16.31 6.28
CA GLU C 129 -61.87 -14.87 6.29
C GLU C 129 -60.57 -14.11 6.48
N ASN C 130 -59.45 -14.72 6.13
CA ASN C 130 -58.16 -14.04 6.20
C ASN C 130 -57.31 -14.23 4.96
N THR C 131 -57.75 -15.02 3.99
CA THR C 131 -56.88 -15.43 2.90
C THR C 131 -57.67 -15.56 1.61
N ILE C 132 -57.25 -14.86 0.57
CA ILE C 132 -57.78 -15.05 -0.78
C ILE C 132 -56.78 -15.91 -1.54
N VAL C 133 -57.24 -17.03 -2.09
CA VAL C 133 -56.35 -18.04 -2.64
C VAL C 133 -56.42 -18.01 -4.15
N LEU C 134 -55.28 -17.76 -4.80
CA LEU C 134 -55.14 -17.95 -6.22
C LEU C 134 -54.40 -19.24 -6.51
N SER C 135 -54.55 -19.73 -7.74
CA SER C 135 -53.88 -20.93 -8.18
C SER C 135 -53.40 -20.74 -9.61
N LEU C 136 -52.47 -21.59 -10.02
CA LEU C 136 -51.97 -21.54 -11.38
C LEU C 136 -51.43 -22.91 -11.78
N ASN C 137 -51.85 -23.39 -12.94
CA ASN C 137 -51.44 -24.70 -13.45
C ASN C 137 -51.37 -24.59 -14.96
N VAL C 138 -50.19 -24.32 -15.50
CA VAL C 138 -50.04 -24.12 -16.94
C VAL C 138 -48.93 -25.03 -17.45
N LYS C 139 -49.27 -25.87 -18.43
CA LYS C 139 -48.30 -26.65 -19.18
C LYS C 139 -48.18 -26.06 -20.58
N CYS C 140 -47.08 -26.41 -21.25
CA CYS C 140 -46.83 -25.93 -22.61
C CYS C 140 -46.73 -27.11 -23.57
N THR C 141 -47.41 -26.98 -24.71
CA THR C 141 -47.39 -27.98 -25.76
C THR C 141 -47.10 -27.31 -27.09
N ARG C 142 -46.28 -27.95 -27.92
CA ARG C 142 -46.05 -27.46 -29.27
C ARG C 142 -47.30 -27.69 -30.12
N ASN C 143 -47.68 -26.68 -30.90
CA ASN C 143 -48.79 -26.78 -31.81
C ASN C 143 -48.28 -27.25 -33.17
N PRO C 144 -48.61 -28.45 -33.63
CA PRO C 144 -48.19 -28.86 -34.97
C PRO C 144 -48.96 -28.15 -36.07
N ASP C 145 -50.21 -27.77 -35.82
CA ASP C 145 -51.03 -27.05 -36.80
C ASP C 145 -50.56 -25.60 -36.83
N ALA C 146 -49.51 -25.36 -37.62
CA ALA C 146 -48.92 -24.05 -37.68
C ALA C 146 -48.41 -23.78 -39.09
N PRO C 147 -48.51 -22.55 -39.59
CA PRO C 147 -48.01 -22.24 -40.92
C PRO C 147 -46.49 -22.21 -40.96
N LYS C 148 -45.91 -23.39 -41.18
CA LYS C 148 -44.46 -23.60 -41.10
C LYS C 148 -43.69 -22.70 -42.06
N GLY C 149 -42.70 -22.00 -41.54
CA GLY C 149 -42.05 -20.91 -42.23
C GLY C 149 -42.33 -19.56 -41.61
N SER C 150 -43.11 -19.50 -40.54
CA SER C 150 -43.44 -18.27 -39.86
C SER C 150 -42.57 -18.13 -38.61
N THR C 151 -42.84 -17.10 -37.83
CA THR C 151 -42.01 -16.69 -36.71
C THR C 151 -42.78 -16.55 -35.41
N ASP C 152 -44.02 -16.05 -35.48
CA ASP C 152 -44.86 -15.66 -34.35
C ASP C 152 -45.13 -16.81 -33.38
N PRO C 153 -44.61 -16.73 -32.15
CA PRO C 153 -44.75 -17.85 -31.22
C PRO C 153 -46.09 -17.94 -30.50
N LYS C 154 -47.03 -17.04 -30.79
CA LYS C 154 -48.38 -17.21 -30.24
C LYS C 154 -49.09 -18.39 -30.88
N GLU C 155 -48.75 -18.72 -32.13
CA GLU C 155 -49.38 -19.80 -32.86
C GLU C 155 -48.52 -21.04 -33.00
N LEU C 156 -47.18 -20.91 -32.93
CA LEU C 156 -46.31 -22.07 -33.00
C LEU C 156 -46.35 -22.89 -31.73
N TYR C 157 -46.86 -22.32 -30.64
CA TYR C 157 -46.89 -23.00 -29.36
C TYR C 157 -48.24 -22.73 -28.71
N ASN C 158 -48.73 -23.70 -27.97
CA ASN C 158 -49.95 -23.54 -27.19
C ASN C 158 -49.58 -23.22 -25.75
N ASN C 159 -50.32 -22.28 -25.15
CA ASN C 159 -50.11 -21.78 -23.79
C ASN C 159 -48.69 -21.25 -23.61
N ALA C 160 -48.23 -20.47 -24.59
CA ALA C 160 -46.84 -20.02 -24.58
C ALA C 160 -46.61 -18.92 -23.55
N HIS C 161 -47.59 -18.05 -23.34
CA HIS C 161 -47.45 -16.89 -22.47
C HIS C 161 -48.37 -17.08 -21.27
N VAL C 162 -47.81 -17.13 -20.07
CA VAL C 162 -48.59 -17.16 -18.85
C VAL C 162 -48.87 -15.73 -18.44
N TYR C 163 -50.12 -15.30 -18.57
CA TYR C 163 -50.53 -13.95 -18.22
C TYR C 163 -51.01 -13.91 -16.77
N ALA C 164 -51.63 -12.80 -16.37
CA ALA C 164 -52.14 -12.69 -15.01
C ALA C 164 -53.51 -13.28 -14.85
N ARG C 165 -54.35 -13.21 -15.89
CA ARG C 165 -55.73 -13.71 -15.81
C ARG C 165 -55.80 -15.23 -15.78
N ASP C 166 -54.68 -15.93 -15.90
CA ASP C 166 -54.63 -17.36 -15.68
C ASP C 166 -54.59 -17.72 -14.20
N LEU C 167 -54.45 -16.74 -13.31
CA LEU C 167 -54.50 -16.99 -11.87
C LEU C 167 -55.94 -17.26 -11.48
N LYS C 168 -56.29 -18.53 -11.34
CA LYS C 168 -57.67 -18.89 -11.06
C LYS C 168 -57.93 -18.79 -9.57
N PHE C 169 -58.93 -17.98 -9.20
CA PHE C 169 -59.33 -17.86 -7.81
C PHE C 169 -60.03 -19.13 -7.33
N GLU C 170 -59.70 -19.54 -6.10
CA GLU C 170 -60.36 -20.68 -5.49
C GLU C 170 -61.20 -20.21 -4.32
N PRO C 171 -62.52 -20.33 -4.36
CA PRO C 171 -63.32 -20.04 -3.17
C PRO C 171 -63.12 -21.12 -2.12
N GLN C 172 -63.03 -20.69 -0.87
CA GLN C 172 -62.75 -21.59 0.24
C GLN C 172 -63.76 -21.35 1.36
N GLY C 173 -64.55 -22.37 1.67
CA GLY C 173 -65.48 -22.31 2.78
C GLY C 173 -66.63 -21.33 2.61
N ARG C 174 -66.62 -20.25 3.39
CA ARG C 174 -67.66 -19.24 3.30
C ARG C 174 -67.47 -18.29 2.13
N GLN C 175 -66.29 -18.32 1.48
CA GLN C 175 -65.98 -17.34 0.45
C GLN C 175 -66.84 -17.51 -0.78
N SER C 176 -67.31 -18.74 -1.04
CA SER C 176 -68.30 -18.97 -2.10
C SER C 176 -69.58 -18.20 -1.83
N THR C 177 -69.97 -18.10 -0.55
CA THR C 177 -71.08 -17.24 -0.17
C THR C 177 -70.69 -15.77 -0.28
N THR C 178 -69.42 -15.46 -0.04
CA THR C 178 -68.99 -14.07 0.11
C THR C 178 -68.75 -13.40 -1.25
N PHE C 179 -68.02 -14.07 -2.13
CA PHE C 179 -67.62 -13.49 -3.41
C PHE C 179 -68.53 -13.94 -4.54
N ALA C 180 -69.83 -14.07 -4.26
CA ALA C 180 -70.78 -14.48 -5.28
C ALA C 180 -70.93 -13.42 -6.36
N ASP C 181 -70.93 -12.14 -5.98
CA ASP C 181 -71.02 -11.08 -6.96
C ASP C 181 -69.70 -10.91 -7.70
N CYS C 182 -68.63 -10.57 -6.98
CA CYS C 182 -67.37 -10.23 -7.61
C CYS C 182 -66.39 -11.39 -7.50
N PRO C 183 -65.92 -11.93 -8.63
CA PRO C 183 -64.78 -12.84 -8.57
C PRO C 183 -63.51 -12.05 -8.29
N VAL C 184 -62.50 -12.75 -7.79
CA VAL C 184 -61.20 -12.15 -7.53
C VAL C 184 -60.42 -12.27 -8.84
N VAL C 185 -60.62 -11.28 -9.70
CA VAL C 185 -59.90 -11.16 -10.95
C VAL C 185 -58.64 -10.37 -10.62
N PRO C 186 -57.48 -10.71 -11.17
CA PRO C 186 -56.35 -9.78 -11.11
C PRO C 186 -56.70 -8.50 -11.84
N ALA C 187 -56.38 -7.36 -11.21
CA ALA C 187 -56.92 -6.07 -11.61
C ALA C 187 -56.48 -5.63 -13.00
N ASP C 188 -55.41 -6.21 -13.53
CA ASP C 188 -55.12 -6.14 -14.95
C ASP C 188 -54.95 -7.56 -15.48
N PRO C 189 -55.71 -7.94 -16.52
CA PRO C 189 -55.52 -9.28 -17.10
C PRO C 189 -54.33 -9.39 -18.01
N ASP C 190 -53.79 -8.29 -18.52
CA ASP C 190 -52.77 -8.31 -19.54
C ASP C 190 -51.35 -8.32 -18.98
N ILE C 191 -51.20 -8.49 -17.67
CA ILE C 191 -49.88 -8.52 -17.05
C ILE C 191 -49.18 -9.82 -17.43
N LEU C 192 -48.03 -9.70 -18.09
CA LEU C 192 -47.22 -10.86 -18.41
C LEU C 192 -46.55 -11.40 -17.16
N LEU C 193 -46.58 -12.71 -16.98
CA LEU C 193 -45.89 -13.36 -15.87
C LEU C 193 -44.78 -14.29 -16.32
N ALA C 194 -45.03 -15.13 -17.32
CA ALA C 194 -43.97 -16.04 -17.75
C ALA C 194 -44.09 -16.33 -19.24
N LYS C 195 -43.01 -16.87 -19.80
CA LYS C 195 -43.01 -17.44 -21.13
C LYS C 195 -42.55 -18.88 -21.04
N LEU C 196 -43.07 -19.74 -21.91
CA LEU C 196 -42.82 -21.16 -21.78
C LEU C 196 -42.37 -21.75 -23.11
N ARG C 197 -41.88 -22.97 -23.02
CA ARG C 197 -41.42 -23.81 -24.12
C ARG C 197 -41.92 -25.22 -23.81
N PRO C 198 -42.04 -26.10 -24.83
CA PRO C 198 -42.75 -27.38 -24.63
C PRO C 198 -42.10 -28.30 -23.60
N GLY C 199 -42.87 -28.65 -22.59
CA GLY C 199 -42.42 -29.47 -21.49
C GLY C 199 -42.25 -28.74 -20.19
N GLN C 200 -42.56 -27.44 -20.15
CA GLN C 200 -42.22 -26.58 -19.01
C GLN C 200 -43.50 -26.19 -18.27
N GLU C 201 -43.85 -26.98 -17.27
CA GLU C 201 -45.06 -26.76 -16.50
C GLU C 201 -44.80 -25.86 -15.29
N ILE C 202 -45.86 -25.22 -14.82
CA ILE C 202 -45.84 -24.34 -13.66
C ILE C 202 -47.08 -24.66 -12.82
N SER C 203 -46.88 -24.89 -11.53
CA SER C 203 -47.96 -25.28 -10.63
C SER C 203 -47.76 -24.59 -9.29
N LEU C 204 -48.76 -23.82 -8.84
CA LEU C 204 -48.57 -23.06 -7.62
C LEU C 204 -49.91 -22.70 -6.98
N LYS C 205 -49.87 -22.55 -5.66
CA LYS C 205 -50.97 -22.00 -4.87
C LYS C 205 -50.46 -20.74 -4.18
N ALA C 206 -51.05 -19.59 -4.51
CA ALA C 206 -50.58 -18.31 -4.00
C ALA C 206 -51.61 -17.75 -3.03
N HIS C 207 -51.21 -17.58 -1.77
CA HIS C 207 -52.08 -16.96 -0.79
C HIS C 207 -51.96 -15.45 -0.86
N CYS C 208 -53.06 -14.76 -0.56
CA CYS C 208 -53.13 -13.31 -0.70
C CYS C 208 -53.78 -12.76 0.56
N ILE C 209 -53.11 -11.86 1.26
CA ILE C 209 -53.60 -11.36 2.53
C ILE C 209 -53.55 -9.83 2.54
N LEU C 210 -53.95 -9.28 3.69
CA LEU C 210 -53.94 -7.84 3.95
C LEU C 210 -52.61 -7.35 4.49
N GLY C 211 -52.31 -6.10 4.19
CA GLY C 211 -51.20 -5.42 4.84
C GLY C 211 -51.28 -3.94 4.59
N ILE C 212 -50.57 -3.20 5.42
CA ILE C 212 -50.37 -1.79 5.15
C ILE C 212 -49.19 -1.64 4.21
N GLY C 213 -49.18 -0.56 3.43
CA GLY C 213 -48.15 -0.39 2.43
C GLY C 213 -46.80 0.01 2.95
N GLY C 214 -46.72 0.37 4.24
CA GLY C 214 -45.47 0.66 4.91
C GLY C 214 -44.69 -0.54 5.36
N ASP C 215 -45.18 -1.74 5.07
CA ASP C 215 -44.43 -2.97 5.28
C ASP C 215 -43.75 -3.44 4.01
N HIS C 216 -44.41 -3.34 2.86
CA HIS C 216 -43.80 -3.68 1.59
C HIS C 216 -44.52 -2.91 0.50
N ALA C 217 -43.82 -2.63 -0.61
CA ALA C 217 -44.39 -1.77 -1.64
C ALA C 217 -45.42 -2.46 -2.51
N LYS C 218 -45.57 -3.77 -2.40
CA LYS C 218 -46.61 -4.45 -3.17
C LYS C 218 -48.00 -4.16 -2.63
N PHE C 219 -48.09 -3.76 -1.36
CA PHE C 219 -49.37 -3.48 -0.73
C PHE C 219 -49.84 -2.06 -0.98
N SER C 220 -49.13 -1.31 -1.84
CA SER C 220 -49.38 0.09 -2.14
C SER C 220 -50.77 0.28 -2.72
N PRO C 221 -51.67 0.96 -2.02
CA PRO C 221 -53.02 1.15 -2.55
C PRO C 221 -53.07 2.12 -3.72
N VAL C 222 -52.18 3.10 -3.76
CA VAL C 222 -52.19 4.08 -4.83
C VAL C 222 -50.88 3.98 -5.60
N SER C 223 -50.91 4.45 -6.85
CA SER C 223 -49.67 4.74 -7.55
C SER C 223 -48.95 5.89 -6.85
N THR C 224 -49.56 7.07 -6.85
CA THR C 224 -48.95 8.27 -6.31
C THR C 224 -50.05 9.23 -5.87
N ALA C 225 -49.99 9.67 -4.62
CA ALA C 225 -50.96 10.58 -4.04
C ALA C 225 -50.21 11.86 -3.72
N SER C 226 -50.15 12.77 -4.68
CA SER C 226 -49.29 13.94 -4.57
C SER C 226 -50.13 15.18 -4.32
N TYR C 227 -49.52 16.19 -3.70
CA TYR C 227 -50.05 17.53 -3.78
C TYR C 227 -49.05 18.48 -4.39
N ARG C 228 -49.59 19.63 -4.78
CA ARG C 228 -48.76 20.76 -5.16
C ARG C 228 -49.45 22.04 -4.72
N LEU C 229 -48.65 23.02 -4.34
CA LEU C 229 -49.18 24.32 -3.97
C LEU C 229 -49.70 25.03 -5.22
N LEU C 230 -50.79 25.73 -5.05
CA LEU C 230 -51.29 26.59 -6.11
C LEU C 230 -50.29 27.72 -6.35
N PRO C 231 -49.81 27.91 -7.58
CA PRO C 231 -48.93 29.06 -7.86
C PRO C 231 -49.65 30.38 -7.65
N GLN C 232 -48.84 31.44 -7.64
CA GLN C 232 -49.38 32.79 -7.51
C GLN C 232 -48.43 33.70 -8.28
N ILE C 233 -48.77 33.93 -9.54
CA ILE C 233 -48.04 34.87 -10.36
C ILE C 233 -48.66 36.23 -10.15
N ASN C 234 -47.85 37.22 -9.81
CA ASN C 234 -48.34 38.58 -9.72
C ASN C 234 -47.37 39.52 -10.41
N ILE C 235 -47.93 40.61 -10.93
CA ILE C 235 -47.22 41.52 -11.82
C ILE C 235 -46.98 42.83 -11.08
N LEU C 236 -45.72 43.28 -11.10
CA LEU C 236 -45.32 44.46 -10.35
C LEU C 236 -45.55 45.74 -11.13
N GLN C 237 -45.49 45.70 -12.46
CA GLN C 237 -45.91 46.80 -13.30
C GLN C 237 -46.39 46.21 -14.62
N PRO C 238 -47.52 46.68 -15.13
CA PRO C 238 -48.17 46.00 -16.26
C PRO C 238 -47.38 46.09 -17.55
N ILE C 239 -47.65 45.13 -18.44
CA ILE C 239 -46.87 44.90 -19.65
C ILE C 239 -47.78 45.13 -20.84
N LYS C 240 -47.29 45.89 -21.83
CA LYS C 240 -48.08 46.28 -22.98
C LYS C 240 -47.28 46.07 -24.26
N GLY C 241 -47.89 46.47 -25.38
CA GLY C 241 -47.20 46.48 -26.65
C GLY C 241 -47.02 45.10 -27.25
N GLU C 242 -45.95 44.95 -28.02
CA GLU C 242 -45.58 43.65 -28.57
C GLU C 242 -45.06 42.72 -27.48
N SER C 243 -44.32 43.28 -26.52
CA SER C 243 -43.72 42.50 -25.43
C SER C 243 -44.73 42.03 -24.40
N ALA C 244 -46.02 42.32 -24.57
CA ALA C 244 -47.06 41.65 -23.81
C ALA C 244 -47.49 40.33 -24.42
N ARG C 245 -46.81 39.89 -25.48
CA ARG C 245 -47.14 38.62 -26.13
C ARG C 245 -46.04 37.58 -26.02
N ARG C 246 -44.77 38.00 -26.04
CA ARG C 246 -43.68 37.08 -25.71
C ARG C 246 -43.81 36.60 -24.28
N PHE C 247 -44.22 37.49 -23.38
CA PHE C 247 -44.57 37.10 -22.02
C PHE C 247 -45.77 36.15 -21.99
N GLN C 248 -46.62 36.19 -23.01
CA GLN C 248 -47.67 35.18 -23.11
C GLN C 248 -47.09 33.82 -23.44
N LYS C 249 -46.01 33.76 -24.22
CA LYS C 249 -45.50 32.50 -24.73
C LYS C 249 -44.49 31.82 -23.80
N CYS C 250 -43.90 32.54 -22.86
CA CYS C 250 -42.98 31.91 -21.91
C CYS C 250 -43.72 31.02 -20.93
N PHE C 251 -44.91 31.43 -20.53
CA PHE C 251 -45.82 30.58 -19.79
C PHE C 251 -46.46 29.57 -20.74
N PRO C 252 -47.04 28.48 -20.21
CA PRO C 252 -47.70 27.52 -21.09
C PRO C 252 -48.85 28.13 -21.83
N PRO C 253 -49.10 27.71 -23.09
CA PRO C 253 -50.14 28.33 -23.92
C PRO C 253 -51.53 28.07 -23.37
N GLY C 254 -52.23 29.13 -23.03
CA GLY C 254 -53.57 29.03 -22.50
C GLY C 254 -53.64 29.30 -21.01
N VAL C 255 -52.84 30.23 -20.52
CA VAL C 255 -52.91 30.64 -19.12
C VAL C 255 -53.20 32.14 -19.04
N ILE C 256 -52.35 32.93 -19.68
CA ILE C 256 -52.35 34.38 -19.51
C ILE C 256 -53.14 35.01 -20.65
N GLY C 257 -54.10 35.87 -20.30
CA GLY C 257 -54.91 36.55 -21.30
C GLY C 257 -54.42 37.96 -21.57
N ILE C 258 -54.92 38.52 -22.67
CA ILE C 258 -54.58 39.89 -23.07
C ILE C 258 -55.86 40.72 -23.01
N ASP C 259 -55.88 41.69 -22.11
CA ASP C 259 -56.92 42.71 -22.13
C ASP C 259 -56.65 43.66 -23.29
N GLU C 260 -57.62 43.76 -24.19
CA GLU C 260 -57.45 44.47 -25.45
C GLU C 260 -57.55 45.98 -25.28
N GLY C 261 -58.48 46.42 -24.41
CA GLY C 261 -58.68 47.85 -24.19
C GLY C 261 -57.52 48.51 -23.47
N SER C 262 -56.71 47.75 -22.75
CA SER C 262 -55.51 48.27 -22.11
C SER C 262 -54.24 47.57 -22.57
N ASP C 263 -54.37 46.52 -23.41
CA ASP C 263 -53.25 45.73 -23.95
C ASP C 263 -52.42 45.12 -22.83
N GLU C 264 -53.08 44.64 -21.78
CA GLU C 264 -52.40 44.21 -20.57
C GLU C 264 -52.56 42.72 -20.35
N ALA C 265 -51.45 42.05 -20.05
CA ALA C 265 -51.48 40.63 -19.77
C ALA C 265 -52.01 40.41 -18.35
N TYR C 266 -53.07 39.61 -18.23
CA TYR C 266 -53.68 39.32 -16.95
C TYR C 266 -53.64 37.83 -16.67
N VAL C 267 -53.59 37.50 -15.38
CA VAL C 267 -53.48 36.13 -14.91
C VAL C 267 -54.87 35.62 -14.60
N LYS C 268 -55.33 34.64 -15.37
CA LYS C 268 -56.66 34.09 -15.17
C LYS C 268 -56.70 33.22 -13.91
N ASP C 269 -55.97 32.11 -13.93
CA ASP C 269 -55.84 31.25 -12.76
C ASP C 269 -54.53 30.49 -12.88
N ALA C 270 -54.10 29.93 -11.75
CA ALA C 270 -52.78 29.33 -11.67
C ALA C 270 -52.82 27.81 -11.54
N ARG C 271 -53.99 27.19 -11.68
CA ARG C 271 -54.01 25.73 -11.67
C ARG C 271 -53.48 25.14 -12.97
N LYS C 272 -53.37 25.95 -14.02
CA LYS C 272 -52.84 25.51 -15.30
C LYS C 272 -51.38 25.82 -15.50
N ASP C 273 -50.88 26.89 -14.89
CA ASP C 273 -49.52 27.34 -15.15
C ASP C 273 -48.54 26.49 -14.35
N THR C 274 -47.49 26.05 -15.01
CA THR C 274 -46.46 25.24 -14.35
C THR C 274 -45.48 26.15 -13.62
N VAL C 275 -44.39 25.57 -13.14
CA VAL C 275 -43.45 26.30 -12.28
C VAL C 275 -42.14 26.34 -13.06
N SER C 276 -42.24 26.47 -14.38
CA SER C 276 -41.11 26.27 -15.26
C SER C 276 -40.05 27.35 -15.13
N ARG C 277 -40.43 28.56 -14.70
CA ARG C 277 -39.54 29.72 -14.53
C ARG C 277 -38.80 30.06 -15.83
N GLU C 278 -39.53 30.04 -16.94
CA GLU C 278 -38.98 30.45 -18.22
C GLU C 278 -38.93 31.97 -18.34
N VAL C 279 -39.80 32.66 -17.60
CA VAL C 279 -39.77 34.12 -17.58
C VAL C 279 -38.50 34.62 -16.89
N LEU C 280 -38.10 33.95 -15.81
CA LEU C 280 -36.90 34.35 -15.07
C LEU C 280 -35.61 34.15 -15.84
N ARG C 281 -35.64 33.42 -16.96
CA ARG C 281 -34.52 33.40 -17.90
C ARG C 281 -34.38 34.71 -18.65
N TYR C 282 -35.43 35.52 -18.69
CA TYR C 282 -35.45 36.79 -19.41
C TYR C 282 -35.49 37.91 -18.39
N GLU C 283 -34.39 38.65 -18.26
CA GLU C 283 -34.29 39.73 -17.28
C GLU C 283 -35.26 40.87 -17.58
N GLU C 284 -35.56 41.09 -18.86
CA GLU C 284 -36.51 42.13 -19.24
C GLU C 284 -37.94 41.81 -18.82
N PHE C 285 -38.24 40.54 -18.54
CA PHE C 285 -39.55 40.15 -18.06
C PHE C 285 -39.55 39.68 -16.61
N ALA C 286 -38.36 39.52 -16.01
CA ALA C 286 -38.27 38.97 -14.67
C ALA C 286 -38.46 39.99 -13.57
N ASP C 287 -38.10 41.25 -13.83
CA ASP C 287 -38.22 42.29 -12.81
C ASP C 287 -39.66 42.69 -12.58
N LYS C 288 -40.53 42.51 -13.56
CA LYS C 288 -41.90 42.98 -13.49
C LYS C 288 -42.85 42.00 -12.83
N VAL C 289 -42.42 40.78 -12.52
CA VAL C 289 -43.30 39.69 -12.10
C VAL C 289 -42.65 38.90 -10.97
N LYS C 290 -43.39 38.69 -9.88
CA LYS C 290 -43.00 37.69 -8.88
C LYS C 290 -43.80 36.42 -9.08
N LEU C 291 -43.15 35.30 -8.77
CA LEU C 291 -43.69 33.94 -8.94
C LEU C 291 -43.68 33.29 -7.57
N GLY C 292 -44.73 33.55 -6.77
CA GLY C 292 -44.84 32.97 -5.46
C GLY C 292 -45.81 31.80 -5.44
N ARG C 293 -46.18 31.39 -4.23
CA ARG C 293 -47.15 30.32 -4.06
C ARG C 293 -48.09 30.64 -2.91
N VAL C 294 -49.31 30.15 -3.02
CA VAL C 294 -50.27 30.23 -1.93
C VAL C 294 -49.98 29.09 -0.97
N ARG C 295 -49.67 29.43 0.28
CA ARG C 295 -49.09 28.48 1.21
C ARG C 295 -50.12 27.65 1.97
N ASN C 296 -51.39 27.71 1.61
CA ASN C 296 -52.38 26.87 2.26
C ASN C 296 -53.41 26.27 1.32
N HIS C 297 -53.37 26.58 0.02
CA HIS C 297 -54.29 26.02 -0.96
C HIS C 297 -53.55 24.95 -1.75
N PHE C 298 -53.99 23.71 -1.58
CA PHE C 298 -53.31 22.54 -2.13
C PHE C 298 -54.11 21.94 -3.28
N ILE C 299 -53.40 21.29 -4.19
CA ILE C 299 -54.01 20.58 -5.31
C ILE C 299 -53.55 19.13 -5.24
N PHE C 300 -54.47 18.24 -4.88
CA PHE C 300 -54.20 16.81 -4.87
C PHE C 300 -54.36 16.22 -6.26
N ASN C 301 -53.48 15.27 -6.59
CA ASN C 301 -53.62 14.38 -7.73
C ASN C 301 -53.42 12.97 -7.21
N VAL C 302 -54.46 12.13 -7.34
CA VAL C 302 -54.48 10.79 -6.78
C VAL C 302 -54.88 9.82 -7.88
N GLU C 303 -53.93 9.05 -8.39
CA GLU C 303 -54.25 7.95 -9.29
C GLU C 303 -54.54 6.71 -8.46
N SER C 304 -54.77 5.57 -9.11
CA SER C 304 -54.96 4.32 -8.39
C SER C 304 -54.48 3.17 -9.24
N ALA C 305 -54.37 1.99 -8.61
CA ALA C 305 -53.86 0.79 -9.24
C ALA C 305 -54.98 -0.11 -9.76
N GLY C 306 -56.13 0.46 -10.08
CA GLY C 306 -57.26 -0.35 -10.49
C GLY C 306 -57.87 -1.16 -9.37
N ALA C 307 -57.86 -0.65 -8.16
CA ALA C 307 -58.38 -1.37 -6.99
C ALA C 307 -59.62 -0.70 -6.41
N MET C 308 -59.53 0.58 -6.05
CA MET C 308 -60.63 1.29 -5.43
C MET C 308 -60.76 2.67 -6.04
N THR C 309 -61.88 3.31 -5.75
CA THR C 309 -62.06 4.69 -6.15
C THR C 309 -61.20 5.59 -5.28
N PRO C 310 -60.65 6.67 -5.85
CA PRO C 310 -59.82 7.59 -5.05
C PRO C 310 -60.56 8.29 -3.92
N GLU C 311 -61.87 8.52 -4.06
CA GLU C 311 -62.61 9.16 -2.98
C GLU C 311 -62.78 8.22 -1.78
N GLU C 312 -62.88 6.91 -2.04
CA GLU C 312 -62.89 5.96 -0.94
C GLU C 312 -61.52 5.87 -0.27
N ILE C 313 -60.45 6.03 -1.06
CA ILE C 313 -59.09 6.08 -0.52
C ILE C 313 -58.93 7.27 0.42
N PHE C 314 -59.46 8.43 0.02
CA PHE C 314 -59.32 9.62 0.85
C PHE C 314 -60.19 9.54 2.10
N PHE C 315 -61.38 8.94 1.98
CA PHE C 315 -62.21 8.67 3.15
C PHE C 315 -61.49 7.77 4.14
N LYS C 316 -60.87 6.69 3.64
CA LYS C 316 -60.12 5.79 4.51
C LYS C 316 -58.91 6.48 5.12
N SER C 317 -58.31 7.44 4.41
CA SER C 317 -57.12 8.11 4.94
C SER C 317 -57.47 9.03 6.10
N VAL C 318 -58.50 9.86 5.91
CA VAL C 318 -58.99 10.71 7.00
C VAL C 318 -59.52 9.86 8.15
N ARG C 319 -60.13 8.72 7.85
CA ARG C 319 -60.63 7.82 8.88
C ARG C 319 -59.50 7.21 9.69
N ILE C 320 -58.41 6.81 9.02
CA ILE C 320 -57.28 6.22 9.73
C ILE C 320 -56.58 7.25 10.60
N LEU C 321 -56.53 8.50 10.14
CA LEU C 321 -55.95 9.56 10.98
C LEU C 321 -56.81 9.81 12.22
N LYS C 322 -58.12 9.81 12.05
CA LYS C 322 -59.06 9.87 13.18
C LYS C 322 -58.88 8.68 14.11
N ASN C 323 -58.65 7.48 13.56
CA ASN C 323 -58.51 6.30 14.41
C ASN C 323 -57.19 6.33 15.18
N LYS C 324 -56.13 6.86 14.57
CA LYS C 324 -54.87 7.11 15.26
C LYS C 324 -55.08 7.99 16.49
N ALA C 325 -55.66 9.17 16.26
CA ALA C 325 -55.82 10.12 17.35
C ALA C 325 -56.81 9.62 18.40
N GLU C 326 -57.84 8.87 17.99
CA GLU C 326 -58.83 8.40 18.95
C GLU C 326 -58.30 7.23 19.78
N TYR C 327 -57.50 6.35 19.17
CA TYR C 327 -56.88 5.28 19.92
C TYR C 327 -55.82 5.83 20.87
N LEU C 328 -55.11 6.87 20.45
CA LEU C 328 -54.11 7.45 21.34
C LEU C 328 -54.76 8.25 22.46
N LYS C 329 -55.96 8.78 22.24
CA LYS C 329 -56.68 9.48 23.28
C LYS C 329 -57.16 8.52 24.37
N ASN C 330 -57.31 7.24 24.07
CA ASN C 330 -57.75 6.25 25.05
C ASN C 330 -56.65 5.25 25.39
N CYS C 331 -55.42 5.75 25.55
CA CYS C 331 -54.34 4.94 26.10
C CYS C 331 -53.97 5.47 27.48
N PRO C 332 -53.93 4.61 28.49
CA PRO C 332 -53.41 5.05 29.79
C PRO C 332 -51.91 5.20 29.74
N ILE C 333 -51.40 6.08 30.60
CA ILE C 333 -49.99 6.47 30.61
C ILE C 333 -49.36 5.97 31.89
N THR C 334 -48.24 5.25 31.77
CA THR C 334 -47.61 4.61 32.90
C THR C 334 -46.44 5.44 33.40
N GLN C 335 -45.70 4.90 34.37
CA GLN C 335 -44.51 5.55 34.91
C GLN C 335 -43.30 4.65 34.74
N THR D 12 -5.41 -31.04 38.32
CA THR D 12 -4.42 -30.58 39.30
C THR D 12 -4.90 -29.32 40.01
N ALA D 13 -4.32 -29.06 41.18
CA ALA D 13 -4.73 -27.93 41.99
C ALA D 13 -4.18 -26.63 41.44
N THR D 14 -4.83 -25.53 41.81
CA THR D 14 -4.54 -24.22 41.26
C THR D 14 -3.67 -23.42 42.23
N THR D 15 -3.49 -22.14 41.93
CA THR D 15 -2.68 -21.24 42.74
C THR D 15 -3.46 -20.58 43.85
N LEU D 16 -4.54 -21.21 44.35
CA LEU D 16 -5.29 -20.62 45.43
C LEU D 16 -5.79 -21.64 46.45
N ASN D 17 -5.24 -22.86 46.47
CA ASN D 17 -5.58 -23.83 47.50
C ASN D 17 -4.44 -24.08 48.47
N THR D 18 -3.29 -24.48 47.96
CA THR D 18 -2.03 -24.71 48.63
C THR D 18 -1.03 -23.67 48.13
N PRO D 19 -0.25 -23.04 49.01
CA PRO D 19 0.57 -21.89 48.60
C PRO D 19 1.66 -22.24 47.60
N VAL D 20 2.11 -21.21 46.89
CA VAL D 20 2.96 -21.39 45.72
C VAL D 20 4.36 -21.80 46.14
N VAL D 21 4.99 -21.01 47.00
CA VAL D 21 6.39 -21.20 47.38
C VAL D 21 6.43 -21.41 48.89
N ILE D 22 7.01 -22.53 49.32
CA ILE D 22 7.23 -22.79 50.73
C ILE D 22 8.71 -23.10 50.92
N HIS D 23 9.37 -22.33 51.78
CA HIS D 23 10.72 -22.64 52.21
C HIS D 23 10.74 -22.72 53.74
N ALA D 24 11.93 -22.80 54.30
CA ALA D 24 12.11 -22.82 55.74
C ALA D 24 13.00 -21.66 56.16
N THR D 25 12.69 -21.09 57.32
CA THR D 25 13.46 -20.00 57.90
C THR D 25 14.43 -20.48 58.97
N GLN D 26 13.98 -21.35 59.87
CA GLN D 26 14.81 -21.83 60.95
C GLN D 26 14.60 -23.34 61.09
N LEU D 27 15.68 -24.03 61.48
CA LEU D 27 15.64 -25.45 61.78
C LEU D 27 14.64 -25.74 62.90
N PRO D 28 13.92 -26.86 62.81
CA PRO D 28 12.81 -27.10 63.75
C PRO D 28 13.30 -27.52 65.13
N GLN D 29 12.49 -27.23 66.13
CA GLN D 29 12.82 -27.46 67.52
C GLN D 29 11.64 -28.12 68.22
N HIS D 30 11.94 -29.13 69.03
CA HIS D 30 10.90 -29.91 69.72
C HIS D 30 10.21 -29.08 70.79
N VAL D 31 8.99 -29.50 71.12
CA VAL D 31 8.25 -28.94 72.24
C VAL D 31 8.07 -30.03 73.28
N SER D 32 7.84 -29.60 74.52
CA SER D 32 7.66 -30.53 75.62
C SER D 32 6.24 -31.07 75.64
N THR D 33 5.96 -31.95 76.59
CA THR D 33 4.65 -32.60 76.65
C THR D 33 3.58 -31.65 77.18
N ASP D 34 3.90 -30.89 78.22
CA ASP D 34 2.92 -29.99 78.81
C ASP D 34 2.72 -28.72 77.99
N GLU D 35 3.63 -28.40 77.07
CA GLU D 35 3.46 -27.25 76.18
C GLU D 35 2.70 -27.61 74.92
N VAL D 36 2.20 -28.84 74.81
CA VAL D 36 1.35 -29.21 73.68
C VAL D 36 -0.01 -28.52 73.80
N LEU D 37 -0.66 -28.68 74.96
CA LEU D 37 -2.02 -28.22 75.19
C LEU D 37 -2.12 -26.74 75.58
N GLN D 38 -1.08 -25.94 75.29
CA GLN D 38 -1.16 -24.51 75.54
C GLN D 38 -2.07 -23.80 74.53
N PHE D 39 -2.12 -24.30 73.30
CA PHE D 39 -3.09 -23.80 72.32
C PHE D 39 -3.85 -24.97 71.72
N LEU D 40 -3.21 -26.14 71.63
CA LEU D 40 -3.81 -27.30 70.98
C LEU D 40 -4.88 -27.98 71.83
N GLU D 41 -5.15 -27.48 73.03
CA GLU D 41 -6.38 -27.76 73.76
C GLU D 41 -7.43 -26.68 73.56
N SER D 42 -7.03 -25.42 73.60
CA SER D 42 -7.93 -24.30 73.35
C SER D 42 -8.28 -24.12 71.88
N PHE D 43 -7.59 -24.82 70.97
CA PHE D 43 -7.99 -24.83 69.57
C PHE D 43 -9.33 -25.54 69.40
N ILE D 44 -9.60 -26.56 70.22
CA ILE D 44 -10.91 -27.21 70.21
C ILE D 44 -11.89 -26.46 71.10
N ASP D 45 -11.41 -25.80 72.16
CA ASP D 45 -12.27 -25.00 73.02
C ASP D 45 -12.71 -23.68 72.36
N GLU D 46 -12.06 -23.26 71.28
CA GLU D 46 -12.42 -22.02 70.60
C GLU D 46 -13.22 -22.26 69.32
N LYS D 47 -13.01 -23.38 68.64
CA LYS D 47 -13.75 -23.71 67.42
C LYS D 47 -15.02 -24.48 67.74
N GLU D 48 -15.86 -23.91 68.60
CA GLU D 48 -17.16 -24.49 68.94
C GLU D 48 -18.24 -23.41 68.98
N THR D 80 -14.84 -31.68 57.50
CA THR D 80 -13.91 -32.79 57.35
C THR D 80 -12.47 -32.27 57.39
N ASN D 81 -12.21 -31.18 56.68
CA ASN D 81 -10.89 -30.57 56.70
C ASN D 81 -10.61 -29.81 57.99
N LEU D 82 -11.62 -29.58 58.82
CA LEU D 82 -11.43 -28.89 60.09
C LEU D 82 -12.04 -29.69 61.25
N SER D 83 -13.15 -30.37 61.00
CA SER D 83 -13.85 -31.09 62.07
C SER D 83 -13.28 -32.48 62.28
N SER D 84 -13.05 -33.24 61.20
CA SER D 84 -12.39 -34.53 61.35
C SER D 84 -10.92 -34.37 61.71
N SER D 85 -10.36 -33.18 61.46
CA SER D 85 -9.03 -32.82 61.94
C SER D 85 -8.94 -32.97 63.46
N ILE D 86 -9.79 -32.26 64.20
CA ILE D 86 -9.76 -32.39 65.65
C ILE D 86 -10.37 -33.71 66.12
N SER D 87 -11.26 -34.31 65.31
CA SER D 87 -11.81 -35.63 65.66
C SER D 87 -10.74 -36.71 65.60
N GLN D 88 -9.70 -36.52 64.79
CA GLN D 88 -8.55 -37.40 64.82
C GLN D 88 -7.43 -36.90 65.74
N LEU D 89 -7.40 -35.59 66.03
CA LEU D 89 -6.47 -35.07 67.03
C LEU D 89 -6.84 -35.48 68.44
N LYS D 90 -8.10 -35.87 68.68
CA LYS D 90 -8.49 -36.41 69.98
C LYS D 90 -7.77 -37.72 70.32
N ARG D 91 -7.25 -38.43 69.33
CA ARG D 91 -6.53 -39.68 69.56
C ARG D 91 -5.04 -39.57 69.30
N ILE D 92 -4.53 -38.38 68.95
CA ILE D 92 -3.10 -38.20 68.66
C ILE D 92 -2.41 -37.54 69.85
N GLN D 93 -2.82 -36.30 70.16
CA GLN D 93 -2.13 -35.49 71.15
C GLN D 93 -2.48 -35.87 72.59
N ARG D 94 -3.51 -36.68 72.78
CA ARG D 94 -3.93 -37.07 74.12
C ARG D 94 -2.98 -38.09 74.73
N ASP D 95 -2.38 -38.95 73.89
CA ASP D 95 -1.58 -40.05 74.40
C ASP D 95 -0.23 -39.57 74.93
N PHE D 96 0.25 -38.41 74.51
CA PHE D 96 1.48 -37.83 75.05
C PHE D 96 1.28 -37.37 76.49
N GLU E 4 51.40 35.71 1.66
CA GLU E 4 51.89 36.94 2.25
C GLU E 4 52.12 36.75 3.74
N ASN E 5 53.25 37.28 4.24
CA ASN E 5 53.64 37.06 5.62
C ASN E 5 52.71 37.78 6.60
N GLU E 6 52.05 38.85 6.16
CA GLU E 6 51.14 39.59 7.02
C GLU E 6 49.93 38.74 7.42
N ARG E 7 49.42 37.94 6.47
CA ARG E 7 48.35 37.00 6.80
C ARG E 7 48.85 35.93 7.76
N ASN E 8 50.12 35.54 7.66
CA ASN E 8 50.66 34.56 8.60
C ASN E 8 50.78 35.13 10.00
N ILE E 9 51.18 36.40 10.11
CA ILE E 9 51.21 37.10 11.39
C ILE E 9 49.80 37.20 11.96
N SER E 10 48.82 37.50 11.10
CA SER E 10 47.45 37.66 11.57
C SER E 10 46.87 36.33 12.03
N ARG E 11 47.18 35.23 11.33
CA ARG E 11 46.70 33.92 11.76
C ARG E 11 47.37 33.48 13.05
N LEU E 12 48.67 33.80 13.21
CA LEU E 12 49.35 33.47 14.46
C LEU E 12 48.79 34.26 15.64
N TRP E 13 48.54 35.55 15.44
CA TRP E 13 47.91 36.38 16.46
C TRP E 13 46.51 35.89 16.78
N ARG E 14 45.79 35.41 15.77
CA ARG E 14 44.42 34.97 15.98
C ARG E 14 44.39 33.66 16.76
N ALA E 15 45.36 32.77 16.49
CA ALA E 15 45.52 31.57 17.28
C ALA E 15 45.91 31.90 18.72
N PHE E 16 46.74 32.93 18.90
CA PHE E 16 47.16 33.32 20.24
C PHE E 16 45.99 33.92 21.03
N ARG E 17 45.15 34.69 20.34
CA ARG E 17 43.91 35.19 20.91
C ARG E 17 42.98 34.05 21.31
N THR E 18 42.95 32.98 20.49
CA THR E 18 42.13 31.82 20.81
C THR E 18 42.66 31.09 22.04
N VAL E 19 43.98 31.03 22.19
CA VAL E 19 44.57 30.40 23.38
C VAL E 19 44.24 31.21 24.63
N LYS E 20 44.32 32.53 24.53
CA LYS E 20 43.93 33.39 25.66
C LYS E 20 42.47 33.23 26.02
N GLU E 21 41.59 33.13 25.01
CA GLU E 21 40.17 32.90 25.28
C GLU E 21 39.91 31.54 25.89
N MET E 22 40.71 30.53 25.51
CA MET E 22 40.56 29.21 26.09
C MET E 22 40.96 29.19 27.56
N VAL E 23 42.08 29.84 27.88
CA VAL E 23 42.54 29.86 29.27
C VAL E 23 41.63 30.74 30.11
N LYS E 24 41.03 31.78 29.52
CA LYS E 24 40.05 32.59 30.23
C LYS E 24 38.76 31.81 30.48
N ASP E 25 38.32 31.02 29.50
CA ASP E 25 37.10 30.24 29.67
C ASP E 25 37.28 29.07 30.61
N ARG E 26 38.50 28.55 30.73
CA ARG E 26 38.70 27.47 31.70
C ARG E 26 38.70 28.01 33.12
N GLY E 27 39.15 29.25 33.30
CA GLY E 27 39.02 29.91 34.58
C GLY E 27 40.33 30.27 35.24
N TYR E 28 41.44 30.06 34.55
CA TYR E 28 42.74 30.44 35.09
C TYR E 28 42.92 31.94 34.98
N PHE E 29 43.70 32.49 35.92
CA PHE E 29 43.73 33.93 36.11
C PHE E 29 44.45 34.66 34.99
N ILE E 30 43.69 35.09 33.99
CA ILE E 30 44.11 36.10 33.02
C ILE E 30 43.01 37.14 32.97
N THR E 31 43.40 38.42 32.99
CA THR E 31 42.47 39.52 33.18
C THR E 31 41.57 39.70 31.96
N GLN E 32 40.60 40.62 32.11
CA GLN E 32 39.60 40.83 31.07
C GLN E 32 40.18 41.50 29.85
N GLU E 33 41.05 42.49 30.05
CA GLU E 33 41.59 43.27 28.94
C GLU E 33 42.92 42.74 28.44
N GLU E 34 43.41 41.62 28.98
CA GLU E 34 44.60 41.00 28.40
C GLU E 34 44.26 40.20 27.15
N VAL E 35 43.01 39.71 27.07
CA VAL E 35 42.59 38.94 25.90
C VAL E 35 42.45 39.85 24.68
N GLU E 36 41.64 40.90 24.80
CA GLU E 36 41.45 41.80 23.67
C GLU E 36 42.68 42.66 23.46
N LEU E 37 43.60 42.14 22.65
CA LEU E 37 44.85 42.72 22.19
C LEU E 37 44.65 43.29 20.80
N PRO E 38 45.24 44.41 20.45
CA PRO E 38 45.18 44.89 19.06
C PRO E 38 46.17 44.12 18.19
N LEU E 39 46.12 44.40 16.89
CA LEU E 39 47.13 43.89 15.98
C LEU E 39 48.45 44.62 16.18
N GLU E 40 48.39 45.91 16.47
CA GLU E 40 49.59 46.74 16.55
C GLU E 40 50.44 46.37 17.75
N ASP E 41 49.82 46.04 18.88
CA ASP E 41 50.58 45.59 20.04
C ASP E 41 51.16 44.20 19.82
N PHE E 42 50.50 43.38 18.99
CA PHE E 42 51.09 42.09 18.64
C PHE E 42 52.30 42.26 17.74
N LYS E 43 52.23 43.21 16.81
CA LYS E 43 53.40 43.50 15.98
C LYS E 43 54.53 44.11 16.80
N ALA E 44 54.20 44.89 17.82
CA ALA E 44 55.21 45.53 18.64
C ALA E 44 55.89 44.54 19.58
N LYS E 45 55.10 43.95 20.50
CA LYS E 45 55.67 43.17 21.58
C LYS E 45 56.22 41.83 21.10
N TYR E 46 55.62 41.25 20.06
CA TYR E 46 55.80 39.85 19.75
C TYR E 46 56.41 39.62 18.36
N CYS E 47 56.92 40.67 17.71
CA CYS E 47 57.59 40.54 16.43
C CYS E 47 58.80 41.48 16.42
N ASP E 48 59.75 41.19 15.52
CA ASP E 48 60.91 42.05 15.34
C ASP E 48 60.62 43.08 14.26
N SER E 49 61.62 43.89 13.91
CA SER E 49 61.46 44.85 12.82
C SER E 49 61.55 44.18 11.45
N MET E 50 62.08 42.96 11.38
CA MET E 50 62.07 42.19 10.15
C MET E 50 60.73 41.51 9.89
N GLY E 51 59.82 41.51 10.87
CA GLY E 51 58.54 40.85 10.69
C GLY E 51 58.58 39.36 10.90
N ARG E 52 59.35 38.90 11.88
CA ARG E 52 59.45 37.47 12.18
C ARG E 52 59.17 37.30 13.68
N PRO E 53 58.10 36.60 14.06
CA PRO E 53 57.71 36.54 15.46
C PRO E 53 58.42 35.43 16.22
N GLN E 54 58.47 35.61 17.54
CA GLN E 54 59.12 34.66 18.43
C GLN E 54 58.09 34.11 19.40
N ARG E 55 58.13 32.80 19.60
CA ARG E 55 57.08 32.12 20.36
C ARG E 55 57.47 31.89 21.82
N LYS E 56 58.74 32.06 22.18
CA LYS E 56 59.12 31.97 23.58
C LYS E 56 58.69 33.21 24.35
N MET E 57 58.46 34.32 23.66
CA MET E 57 57.73 35.42 24.25
C MET E 57 56.22 35.20 24.21
N MET E 58 55.77 34.17 23.49
CA MET E 58 54.36 33.83 23.43
C MET E 58 54.00 32.67 24.35
N SER E 59 54.96 31.80 24.68
CA SER E 59 54.76 30.80 25.71
C SER E 59 54.61 31.47 27.06
N PHE E 60 53.69 30.99 27.88
CA PHE E 60 53.45 31.66 29.15
C PHE E 60 52.98 30.68 30.20
N GLN E 61 52.79 31.18 31.41
CA GLN E 61 52.30 30.42 32.55
C GLN E 61 51.05 31.10 33.09
N ALA E 62 49.99 30.33 33.29
CA ALA E 62 48.75 30.84 33.86
C ALA E 62 48.48 30.11 35.17
N ASN E 63 47.94 30.84 36.12
CA ASN E 63 47.62 30.34 37.44
C ASN E 63 46.12 30.38 37.67
N PRO E 64 45.59 29.56 38.59
CA PRO E 64 44.16 29.64 38.91
C PRO E 64 43.78 30.89 39.70
N THR E 65 42.51 30.99 40.06
CA THR E 65 41.98 32.05 40.91
C THR E 65 41.68 31.47 42.29
N GLU E 66 41.22 32.33 43.19
CA GLU E 66 41.02 31.92 44.58
C GLU E 66 39.77 31.06 44.75
N GLU E 67 38.65 31.50 44.15
CA GLU E 67 37.40 30.77 44.27
C GLU E 67 37.46 29.42 43.59
N SER E 68 38.24 29.31 42.52
CA SER E 68 38.42 28.04 41.84
C SER E 68 39.14 27.03 42.73
N ILE E 69 40.21 27.46 43.39
CA ILE E 69 40.97 26.55 44.23
C ILE E 69 40.19 26.19 45.50
N SER E 70 39.42 27.14 46.03
CA SER E 70 38.55 26.82 47.16
C SER E 70 37.41 25.91 46.73
N LYS E 71 37.02 25.97 45.46
CA LYS E 71 36.00 25.08 44.92
C LYS E 71 36.59 23.75 44.50
N PHE E 72 37.78 23.78 43.87
CA PHE E 72 38.42 22.58 43.34
C PHE E 72 39.65 22.26 44.20
N PRO E 73 39.59 21.26 45.06
CA PRO E 73 40.72 20.97 45.95
C PRO E 73 41.95 20.39 45.26
N ASP E 74 41.87 20.05 43.98
CA ASP E 74 42.96 19.43 43.23
C ASP E 74 43.17 20.21 41.93
N MET E 75 44.05 21.21 41.98
CA MET E 75 44.33 22.00 40.79
C MET E 75 45.71 22.62 40.91
N GLY E 76 46.53 22.45 39.86
CA GLY E 76 47.85 23.04 39.82
C GLY E 76 47.95 24.20 38.85
N SER E 77 49.15 24.45 38.32
CA SER E 77 49.38 25.59 37.45
C SER E 77 49.08 25.20 36.01
N LEU E 78 49.45 26.07 35.07
CA LEU E 78 49.35 25.76 33.65
C LEU E 78 50.52 26.38 32.92
N TRP E 79 51.19 25.57 32.10
CA TRP E 79 52.17 26.09 31.14
C TRP E 79 51.59 25.94 29.74
N VAL E 80 51.77 26.98 28.94
CA VAL E 80 51.35 26.99 27.54
C VAL E 80 52.59 27.22 26.70
N GLU E 81 52.87 26.29 25.81
CA GLU E 81 54.09 26.30 25.01
C GLU E 81 53.72 26.20 23.54
N PHE E 82 54.37 27.01 22.71
CA PHE E 82 54.13 26.95 21.28
C PHE E 82 55.27 26.22 20.60
N CYS E 83 55.29 26.25 19.26
CA CYS E 83 56.37 25.66 18.48
C CYS E 83 56.77 26.65 17.39
N ASP E 84 57.92 27.30 17.58
CA ASP E 84 58.44 28.21 16.57
C ASP E 84 59.12 27.43 15.44
N GLU E 85 59.44 26.16 15.68
CA GLU E 85 60.06 25.34 14.65
C GLU E 85 59.06 25.02 13.54
N PRO E 86 59.53 24.84 12.31
CA PRO E 86 58.60 24.51 11.21
C PRO E 86 57.95 23.13 11.32
N SER E 87 58.52 22.22 12.12
CA SER E 87 57.94 20.90 12.30
C SER E 87 58.09 20.50 13.77
N VAL E 88 57.70 19.27 14.09
CA VAL E 88 57.80 18.72 15.42
C VAL E 88 58.60 17.43 15.36
N GLY E 89 59.66 17.34 16.16
CA GLY E 89 60.43 16.13 16.31
C GLY E 89 60.18 15.47 17.67
N VAL E 90 60.85 14.34 17.86
CA VAL E 90 60.74 13.63 19.12
C VAL E 90 61.62 14.30 20.18
N LYS E 91 62.69 14.97 19.74
CA LYS E 91 63.56 15.69 20.66
C LYS E 91 62.83 16.87 21.32
N THR E 92 62.00 17.56 20.55
CA THR E 92 61.27 18.72 21.08
C THR E 92 60.22 18.28 22.11
N MET E 93 59.46 17.23 21.79
CA MET E 93 58.49 16.69 22.73
C MET E 93 59.18 16.15 23.98
N LYS E 94 60.34 15.51 23.81
CA LYS E 94 61.08 14.98 24.95
C LYS E 94 61.60 16.09 25.86
N THR E 95 62.10 17.16 25.25
CA THR E 95 62.55 18.33 26.01
C THR E 95 61.40 18.97 26.76
N PHE E 96 60.23 19.06 26.12
CA PHE E 96 59.05 19.62 26.78
C PHE E 96 58.56 18.74 27.92
N VAL E 97 58.60 17.42 27.74
CA VAL E 97 58.17 16.49 28.80
C VAL E 97 59.11 16.57 30.00
N ILE E 98 60.42 16.65 29.75
CA ILE E 98 61.37 16.84 30.84
C ILE E 98 61.17 18.19 31.52
N HIS E 99 60.79 19.22 30.75
CA HIS E 99 60.49 20.52 31.35
C HIS E 99 59.28 20.47 32.28
N ILE E 100 58.20 19.83 31.84
CA ILE E 100 57.00 19.76 32.67
C ILE E 100 57.24 18.84 33.88
N GLN E 101 58.08 17.82 33.72
CA GLN E 101 58.37 16.94 34.85
C GLN E 101 59.28 17.63 35.87
N GLU E 102 60.19 18.48 35.41
CA GLU E 102 61.08 19.18 36.32
C GLU E 102 60.39 20.34 37.03
N LYS E 103 59.54 21.08 36.31
CA LYS E 103 58.87 22.22 36.94
C LYS E 103 57.71 21.82 37.83
N ASN E 104 57.26 20.56 37.74
CA ASN E 104 56.22 19.97 38.58
C ASN E 104 54.89 20.74 38.46
N PHE E 105 54.35 20.75 37.24
CA PHE E 105 53.05 21.34 36.99
C PHE E 105 51.95 20.32 37.31
N GLN E 106 50.74 20.63 36.87
CA GLN E 106 49.67 19.66 36.74
C GLN E 106 49.16 19.53 35.31
N THR E 107 49.19 20.61 34.52
CA THR E 107 48.62 20.61 33.19
C THR E 107 49.57 21.33 32.24
N GLY E 108 49.79 20.75 31.06
CA GLY E 108 50.61 21.38 30.06
C GLY E 108 49.90 21.42 28.72
N ILE E 109 50.33 22.36 27.88
CA ILE E 109 49.74 22.60 26.56
C ILE E 109 50.85 22.79 25.55
N PHE E 110 50.82 22.02 24.47
CA PHE E 110 51.69 22.24 23.32
C PHE E 110 50.84 22.72 22.16
N VAL E 111 51.43 23.55 21.30
CA VAL E 111 50.76 24.03 20.10
C VAL E 111 51.74 23.84 18.94
N TYR E 112 51.43 22.90 18.05
CA TYR E 112 52.28 22.61 16.92
C TYR E 112 51.96 23.54 15.75
N GLN E 113 52.61 23.30 14.62
CA GLN E 113 52.33 24.07 13.41
C GLN E 113 51.75 23.19 12.31
N ASN E 114 52.47 22.14 11.89
CA ASN E 114 51.96 21.30 10.83
C ASN E 114 51.78 19.83 11.23
N ASN E 115 52.83 19.16 11.68
CA ASN E 115 52.84 17.71 11.77
C ASN E 115 53.66 17.26 12.97
N ILE E 116 53.19 16.20 13.63
CA ILE E 116 53.87 15.60 14.77
C ILE E 116 54.11 14.12 14.47
N THR E 117 55.30 13.64 14.78
CA THR E 117 55.60 12.22 14.66
C THR E 117 54.71 11.41 15.61
N PRO E 118 54.25 10.23 15.21
CA PRO E 118 53.28 9.49 16.03
C PRO E 118 53.85 8.95 17.33
N SER E 119 55.16 8.72 17.43
CA SER E 119 55.76 8.38 18.71
C SER E 119 55.69 9.55 19.67
N ALA E 120 55.81 10.77 19.17
CA ALA E 120 55.57 11.95 20.00
C ALA E 120 54.08 12.12 20.27
N MET E 121 53.22 11.66 19.35
CA MET E 121 51.79 11.61 19.62
C MET E 121 51.46 10.51 20.62
N LYS E 122 52.35 9.54 20.81
CA LYS E 122 52.22 8.58 21.91
C LYS E 122 52.75 9.13 23.22
N LEU E 123 53.45 10.27 23.19
CA LEU E 123 54.03 10.84 24.39
C LEU E 123 53.09 11.80 25.11
N VAL E 124 51.79 11.64 24.93
CA VAL E 124 50.83 12.38 25.76
C VAL E 124 50.69 11.64 27.10
N PRO E 125 50.56 10.28 27.14
CA PRO E 125 50.83 9.68 28.46
C PRO E 125 52.33 9.53 28.68
N SER E 126 52.97 10.61 29.10
CA SER E 126 54.41 10.60 29.35
C SER E 126 54.72 10.71 30.84
N ILE E 127 54.22 11.74 31.51
CA ILE E 127 54.52 11.98 32.91
C ILE E 127 53.26 12.16 33.75
N PRO E 128 52.55 11.09 34.08
CA PRO E 128 51.27 11.24 34.79
C PRO E 128 51.48 11.63 36.24
N PRO E 129 50.59 12.46 36.81
CA PRO E 129 49.50 13.15 36.10
C PRO E 129 49.91 14.50 35.48
N ALA E 130 50.01 14.53 34.15
CA ALA E 130 50.23 15.78 33.43
C ALA E 130 49.73 15.59 32.00
N THR E 131 48.55 16.10 31.70
CA THR E 131 48.04 15.99 30.36
C THR E 131 48.71 17.00 29.44
N ILE E 132 48.76 16.66 28.16
CA ILE E 132 49.42 17.46 27.14
C ILE E 132 48.51 17.51 25.93
N GLU E 133 48.11 18.71 25.54
CA GLU E 133 47.31 18.88 24.33
C GLU E 133 48.20 19.35 23.18
N THR E 134 47.73 19.11 21.96
CA THR E 134 48.42 19.55 20.75
C THR E 134 47.38 20.22 19.87
N PHE E 135 47.48 21.54 19.73
CA PHE E 135 46.55 22.32 18.92
C PHE E 135 47.27 22.92 17.74
N ASN E 136 46.49 23.27 16.72
CA ASN E 136 47.01 23.68 15.43
C ASN E 136 46.72 25.14 15.17
N GLU E 137 47.53 25.75 14.31
CA GLU E 137 47.27 27.12 13.86
C GLU E 137 45.98 27.19 13.07
N ALA E 138 45.84 26.34 12.04
CA ALA E 138 44.66 26.34 11.20
C ALA E 138 43.42 25.81 11.91
N ALA E 139 43.57 25.15 13.06
CA ALA E 139 42.44 24.72 13.86
C ALA E 139 42.04 25.74 14.92
N LEU E 140 42.93 26.69 15.23
CA LEU E 140 42.62 27.74 16.21
C LEU E 140 42.48 29.11 15.55
N VAL E 141 42.11 29.14 14.27
CA VAL E 141 41.81 30.42 13.64
C VAL E 141 40.55 31.03 14.22
N VAL E 142 39.48 30.25 14.29
CA VAL E 142 38.20 30.74 14.79
C VAL E 142 37.89 30.02 16.09
N ASN E 143 37.61 30.79 17.14
CA ASN E 143 37.14 30.22 18.40
C ASN E 143 35.75 29.65 18.19
N ILE E 144 35.63 28.33 18.33
CA ILE E 144 34.40 27.66 17.97
C ILE E 144 33.27 27.88 18.96
N THR E 145 33.57 28.26 20.20
CA THR E 145 32.52 28.44 21.20
C THR E 145 32.01 29.88 21.25
N HIS E 146 32.26 30.67 20.22
CA HIS E 146 31.60 31.96 20.04
C HIS E 146 30.58 31.93 18.92
N HIS E 147 30.54 30.84 18.16
CA HIS E 147 29.57 30.61 17.11
C HIS E 147 28.16 30.51 17.70
N GLU E 148 27.15 30.81 16.86
CA GLU E 148 25.78 30.89 17.35
C GLU E 148 25.17 29.55 17.73
N LEU E 149 25.77 28.43 17.31
CA LEU E 149 25.21 27.12 17.62
C LEU E 149 25.71 26.55 18.92
N VAL E 150 26.96 26.83 19.29
CA VAL E 150 27.57 26.17 20.43
C VAL E 150 27.11 26.84 21.73
N PRO E 151 26.49 26.10 22.62
CA PRO E 151 26.03 26.68 23.89
C PRO E 151 27.16 26.95 24.89
N LYS E 152 26.78 27.33 26.10
CA LYS E 152 27.74 27.60 27.15
C LYS E 152 28.03 26.32 27.94
N HIS E 153 29.30 26.14 28.33
CA HIS E 153 29.76 24.92 28.98
C HIS E 153 30.34 25.25 30.34
N ILE E 154 29.81 24.61 31.38
CA ILE E 154 30.23 24.86 32.77
C ILE E 154 30.61 23.54 33.42
N ARG E 155 31.90 23.35 33.69
CA ARG E 155 32.35 22.15 34.38
C ARG E 155 31.86 22.16 35.83
N LEU E 156 31.52 20.98 36.36
CA LEU E 156 31.01 20.90 37.72
C LEU E 156 32.13 20.70 38.72
N SER E 157 31.75 20.34 39.95
CA SER E 157 32.66 20.05 41.05
C SER E 157 32.33 18.68 41.61
N SER E 158 32.86 18.35 42.80
CA SER E 158 32.56 17.06 43.41
C SER E 158 31.24 17.09 44.16
N ASP E 159 31.00 18.14 44.95
CA ASP E 159 29.80 18.21 45.78
C ASP E 159 28.58 18.55 44.95
N GLU E 160 28.73 19.45 43.97
CA GLU E 160 27.63 19.75 43.06
C GLU E 160 27.20 18.53 42.26
N LYS E 161 28.16 17.73 41.81
CA LYS E 161 27.81 16.55 41.02
C LYS E 161 27.30 15.43 41.90
N ARG E 162 27.73 15.37 43.16
CA ARG E 162 27.10 14.47 44.14
C ARG E 162 25.63 14.81 44.34
N GLU E 163 25.32 16.11 44.46
CA GLU E 163 23.93 16.54 44.59
C GLU E 163 23.14 16.27 43.32
N LEU E 164 23.76 16.43 42.15
CA LEU E 164 23.11 16.16 40.88
C LEU E 164 22.76 14.69 40.72
N LEU E 165 23.70 13.81 41.03
CA LEU E 165 23.41 12.39 40.93
C LEU E 165 22.55 11.88 42.07
N LYS E 166 22.43 12.63 43.16
CA LYS E 166 21.48 12.21 44.19
C LYS E 166 20.06 12.63 43.83
N ARG E 167 19.90 13.79 43.19
CA ARG E 167 18.57 14.33 42.94
C ARG E 167 17.89 13.66 41.74
N TYR E 168 18.66 13.30 40.71
CA TYR E 168 18.10 12.61 39.55
C TYR E 168 18.21 11.10 39.63
N ARG E 169 19.00 10.58 40.58
CA ARG E 169 19.18 9.16 40.86
C ARG E 169 19.71 8.42 39.62
N LEU E 170 20.93 8.78 39.25
CA LEU E 170 21.57 8.26 38.05
C LEU E 170 22.87 7.56 38.40
N LYS E 171 23.48 6.99 37.37
CA LYS E 171 24.86 6.53 37.37
C LYS E 171 25.60 7.24 36.24
N GLU E 172 26.90 7.00 36.15
CA GLU E 172 27.74 7.84 35.31
C GLU E 172 27.58 7.56 33.82
N SER E 173 26.99 6.43 33.45
CA SER E 173 26.87 6.06 32.05
C SER E 173 25.46 6.27 31.50
N GLN E 174 24.49 6.52 32.35
CA GLN E 174 23.13 6.77 31.90
C GLN E 174 22.94 8.19 31.38
N LEU E 175 23.87 9.09 31.67
CA LEU E 175 23.83 10.44 31.14
C LEU E 175 24.08 10.46 29.64
N PRO E 176 23.77 11.55 28.96
CA PRO E 176 24.17 11.69 27.57
C PRO E 176 25.67 11.88 27.44
N ARG E 177 26.39 10.77 27.33
CA ARG E 177 27.84 10.73 27.18
C ARG E 177 28.35 11.64 26.07
N ILE E 178 29.46 12.34 26.33
CA ILE E 178 30.08 13.24 25.37
C ILE E 178 31.51 12.76 25.13
N GLN E 179 32.05 13.06 23.96
CA GLN E 179 33.33 12.49 23.57
C GLN E 179 34.49 13.19 24.27
N ARG E 180 35.66 12.55 24.22
CA ARG E 180 36.90 13.18 24.60
C ARG E 180 37.61 13.81 23.40
N ALA E 181 37.44 13.23 22.21
CA ALA E 181 37.89 13.84 20.96
C ALA E 181 36.96 14.94 20.46
N ASP E 182 36.00 15.33 21.27
CA ASP E 182 35.09 16.42 20.96
C ASP E 182 35.88 17.72 20.91
N PRO E 183 35.71 18.55 19.86
CA PRO E 183 36.43 19.84 19.80
C PRO E 183 36.07 20.83 20.90
N VAL E 184 35.01 20.60 21.66
CA VAL E 184 34.75 21.41 22.84
C VAL E 184 35.26 20.74 24.11
N ALA E 185 35.35 19.41 24.15
CA ALA E 185 36.05 18.76 25.24
C ALA E 185 37.57 18.90 25.12
N LEU E 186 38.09 19.12 23.91
CA LEU E 186 39.46 19.58 23.76
C LEU E 186 39.61 21.01 24.26
N TYR E 187 38.56 21.81 24.12
CA TYR E 187 38.61 23.22 24.50
C TYR E 187 38.62 23.38 26.01
N LEU E 188 37.70 22.71 26.71
CA LEU E 188 37.67 22.86 28.15
C LEU E 188 38.82 22.14 28.86
N GLY E 189 39.45 21.19 28.19
CA GLY E 189 40.45 20.36 28.87
C GLY E 189 39.79 19.47 29.88
N LEU E 190 38.75 18.76 29.44
CA LEU E 190 37.98 17.91 30.33
C LEU E 190 38.71 16.60 30.60
N LYS E 191 38.35 15.98 31.72
CA LYS E 191 38.86 14.69 32.10
C LYS E 191 37.71 13.70 32.15
N ARG E 192 38.05 12.41 32.14
CA ARG E 192 37.05 11.35 32.04
C ARG E 192 36.26 11.26 33.34
N GLY E 193 34.96 11.51 33.24
CA GLY E 193 34.09 11.55 34.40
C GLY E 193 33.56 12.93 34.75
N GLU E 194 33.92 13.95 33.97
CA GLU E 194 33.57 15.33 34.29
C GLU E 194 32.29 15.71 33.54
N VAL E 195 31.22 15.88 34.30
CA VAL E 195 29.92 16.29 33.78
C VAL E 195 29.93 17.78 33.54
N VAL E 196 29.67 18.19 32.30
CA VAL E 196 29.52 19.61 31.98
C VAL E 196 28.06 20.01 32.17
N LYS E 197 27.81 21.31 32.20
CA LYS E 197 26.47 21.88 32.22
C LYS E 197 26.30 22.73 30.96
N ILE E 198 25.15 22.60 30.33
CA ILE E 198 24.88 23.18 29.02
C ILE E 198 23.59 23.98 29.08
N ILE E 199 23.66 25.24 28.67
CA ILE E 199 22.52 26.14 28.65
C ILE E 199 22.07 26.29 27.19
N ARG E 200 20.91 25.75 26.89
CA ARG E 200 20.39 25.68 25.53
C ARG E 200 19.35 26.78 25.33
N LYS E 201 19.47 27.50 24.21
CA LYS E 201 18.48 28.48 23.80
C LYS E 201 17.51 27.79 22.85
N SER E 202 16.23 27.82 23.18
CA SER E 202 15.22 27.10 22.41
C SER E 202 14.13 28.05 21.95
N GLU E 203 13.27 27.51 21.08
CA GLU E 203 12.04 28.17 20.70
C GLU E 203 10.89 27.72 21.59
N THR E 204 11.01 26.51 22.15
CA THR E 204 10.06 26.05 23.16
C THR E 204 10.16 26.87 24.44
N SER E 205 11.38 27.05 24.94
CA SER E 205 11.61 27.76 26.19
C SER E 205 12.90 28.57 26.06
N GLY E 206 13.15 29.39 27.08
CA GLY E 206 14.30 30.27 27.04
C GLY E 206 15.64 29.59 27.22
N ARG E 207 15.89 29.08 28.41
CA ARG E 207 17.19 28.50 28.76
C ARG E 207 16.97 27.13 29.39
N TYR E 208 17.63 26.13 28.81
CA TYR E 208 17.44 24.73 29.16
C TYR E 208 18.76 24.20 29.71
N ALA E 209 18.72 23.70 30.95
CA ALA E 209 19.93 23.24 31.63
C ALA E 209 20.03 21.74 31.47
N SER E 210 20.98 21.31 30.65
CA SER E 210 21.26 19.90 30.41
C SER E 210 22.68 19.59 30.85
N TYR E 211 23.06 18.32 30.76
CA TYR E 211 24.38 17.88 31.20
C TYR E 211 24.90 16.85 30.22
N ARG E 212 26.21 16.60 30.29
CA ARG E 212 26.84 15.51 29.56
C ARG E 212 27.71 14.70 30.49
N ILE E 213 28.51 13.78 29.96
CA ILE E 213 29.65 13.21 30.70
C ILE E 213 30.69 12.77 29.69
N CYS E 214 31.95 13.06 29.99
CA CYS E 214 33.05 12.75 29.07
C CYS E 214 33.61 11.37 29.37
N MET E 215 33.84 10.60 28.31
CA MET E 215 34.49 9.29 28.42
C MET E 215 35.59 9.14 27.36
N PRO F 55 18.19 -23.69 56.14
CA PRO F 55 17.39 -22.52 56.50
C PRO F 55 18.25 -21.29 56.74
N GLU F 56 19.57 -21.48 56.78
CA GLU F 56 20.46 -20.34 56.96
C GLU F 56 20.53 -19.51 55.69
N ASP F 57 20.71 -20.17 54.53
CA ASP F 57 20.92 -19.47 53.28
C ASP F 57 19.67 -18.75 52.80
N PHE F 58 18.50 -19.34 53.04
CA PHE F 58 17.27 -18.69 52.61
C PHE F 58 16.93 -17.50 53.48
N GLN F 59 17.13 -17.61 54.79
CA GLN F 59 16.90 -16.47 55.67
C GLN F 59 17.91 -15.37 55.40
N GLN F 60 19.14 -15.75 55.06
CA GLN F 60 20.18 -14.80 54.69
C GLN F 60 19.80 -14.04 53.42
N HIS F 61 19.38 -14.76 52.37
CA HIS F 61 18.97 -14.10 51.13
C HIS F 61 17.68 -13.31 51.29
N GLU F 62 16.81 -13.73 52.21
CA GLU F 62 15.61 -12.98 52.54
C GLU F 62 15.97 -11.62 53.12
N GLN F 63 16.89 -11.60 54.08
CA GLN F 63 17.32 -10.33 54.66
C GLN F 63 18.10 -9.49 53.65
N ILE F 64 18.81 -10.14 52.72
CA ILE F 64 19.48 -9.43 51.63
C ILE F 64 18.48 -8.70 50.74
N ARG F 65 17.42 -9.40 50.32
CA ARG F 65 16.44 -8.79 49.42
C ARG F 65 15.62 -7.71 50.13
N ARG F 66 15.26 -7.94 51.40
CA ARG F 66 14.53 -6.92 52.14
C ARG F 66 15.39 -5.70 52.42
N LYS F 67 16.70 -5.88 52.58
CA LYS F 67 17.58 -4.72 52.75
C LYS F 67 17.74 -3.96 51.44
N THR F 68 17.87 -4.67 50.31
CA THR F 68 17.98 -3.98 49.02
C THR F 68 16.67 -3.34 48.59
N LEU F 69 15.54 -3.78 49.14
CA LEU F 69 14.28 -3.11 48.86
C LEU F 69 14.06 -1.91 49.79
N LYS F 70 14.46 -2.03 51.06
CA LYS F 70 14.27 -0.94 52.01
C LYS F 70 15.20 0.23 51.72
N GLU F 71 16.36 -0.03 51.11
CA GLU F 71 17.25 1.05 50.70
C GLU F 71 16.66 1.89 49.57
N LYS F 72 15.68 1.37 48.86
CA LYS F 72 14.99 2.12 47.82
C LYS F 72 13.75 2.84 48.35
N ALA F 73 13.15 2.35 49.43
CA ALA F 73 11.89 2.88 49.93
C ALA F 73 12.07 4.28 50.51
N ILE F 74 11.22 5.20 50.09
CA ILE F 74 11.34 6.62 50.42
C ILE F 74 10.21 6.98 51.39
N PRO F 75 10.52 7.58 52.54
CA PRO F 75 9.48 7.94 53.50
C PRO F 75 8.68 9.16 53.05
N LYS F 76 7.71 9.52 53.87
CA LYS F 76 6.78 10.61 53.56
C LYS F 76 7.33 11.98 53.93
N ASP F 77 8.63 12.07 54.22
CA ASP F 77 9.31 13.33 54.49
C ASP F 77 10.06 13.83 53.25
N GLN F 78 10.04 13.07 52.17
CA GLN F 78 11.00 13.26 51.08
C GLN F 78 10.37 13.31 49.70
N ARG F 79 9.14 12.81 49.53
CA ARG F 79 8.52 12.51 48.23
C ARG F 79 8.43 13.70 47.30
N ALA F 80 9.22 13.67 46.21
CA ALA F 80 9.33 14.77 45.28
C ALA F 80 8.50 14.57 44.02
N THR F 81 7.36 13.89 44.14
CA THR F 81 6.43 13.71 43.03
C THR F 81 5.17 14.51 43.29
N THR F 82 4.54 14.94 42.21
CA THR F 82 3.37 15.81 42.30
C THR F 82 2.16 15.02 42.80
N PRO F 83 1.27 15.66 43.57
CA PRO F 83 0.08 14.97 44.07
C PRO F 83 -1.09 14.97 43.10
N TYR F 84 -0.92 15.42 41.87
CA TYR F 84 -1.92 15.21 40.84
C TYR F 84 -1.88 13.77 40.38
N MET F 85 -3.03 13.10 40.40
CA MET F 85 -3.16 11.86 39.65
C MET F 85 -3.05 12.16 38.17
N THR F 86 -2.23 11.38 37.48
CA THR F 86 -2.25 11.43 36.03
C THR F 86 -3.46 10.66 35.51
N LYS F 87 -3.68 10.73 34.21
CA LYS F 87 -4.77 9.99 33.58
C LYS F 87 -4.58 8.47 33.74
N TYR F 88 -3.33 8.03 33.78
CA TYR F 88 -3.01 6.61 33.80
C TYR F 88 -3.32 6.02 35.17
N GLU F 89 -3.01 6.77 36.22
CA GLU F 89 -3.28 6.31 37.57
C GLU F 89 -4.78 6.28 37.84
N ARG F 90 -5.53 7.25 37.32
CA ARG F 90 -6.98 7.25 37.47
C ARG F 90 -7.60 6.06 36.75
N ALA F 91 -7.11 5.76 35.55
CA ALA F 91 -7.63 4.63 34.79
C ALA F 91 -7.35 3.30 35.50
N ARG F 92 -6.11 3.12 35.98
CA ARG F 92 -5.79 1.84 36.62
C ARG F 92 -6.46 1.69 37.97
N ILE F 93 -6.65 2.78 38.72
CA ILE F 93 -7.36 2.68 40.00
C ILE F 93 -8.82 2.34 39.77
N LEU F 94 -9.46 2.96 38.76
CA LEU F 94 -10.84 2.61 38.43
C LEU F 94 -10.96 1.17 37.94
N GLY F 95 -9.99 0.71 37.14
CA GLY F 95 -10.02 -0.66 36.67
C GLY F 95 -9.84 -1.68 37.77
N THR F 96 -8.87 -1.44 38.66
CA THR F 96 -8.60 -2.40 39.71
C THR F 96 -9.70 -2.42 40.75
N ARG F 97 -10.31 -1.26 41.03
CA ARG F 97 -11.45 -1.27 41.93
C ARG F 97 -12.67 -1.90 41.26
N ALA F 98 -12.77 -1.81 39.92
CA ALA F 98 -13.83 -2.52 39.21
C ALA F 98 -13.67 -4.03 39.33
N LEU F 99 -12.45 -4.53 39.16
CA LEU F 99 -12.22 -5.97 39.33
C LEU F 99 -12.45 -6.42 40.76
N GLN F 100 -12.12 -5.58 41.74
CA GLN F 100 -12.31 -5.98 43.13
C GLN F 100 -13.79 -6.02 43.50
N ILE F 101 -14.56 -5.00 43.10
CA ILE F 101 -16.00 -5.01 43.36
C ILE F 101 -16.68 -6.12 42.57
N SER F 102 -16.15 -6.44 41.38
CA SER F 102 -16.65 -7.56 40.58
C SER F 102 -16.41 -8.91 41.24
N MET F 103 -15.50 -8.99 42.21
CA MET F 103 -15.16 -10.26 42.86
C MET F 103 -15.51 -10.23 44.34
N ASN F 104 -16.72 -9.74 44.66
CA ASN F 104 -17.30 -9.76 46.00
C ASN F 104 -16.51 -8.94 47.02
N ALA F 105 -16.24 -7.67 46.68
CA ALA F 105 -15.69 -6.80 47.70
C ALA F 105 -16.80 -6.10 48.45
N PRO F 106 -16.57 -5.72 49.71
CA PRO F 106 -17.55 -4.87 50.41
C PRO F 106 -17.61 -3.47 49.80
N VAL F 107 -18.73 -3.14 49.19
CA VAL F 107 -18.91 -1.86 48.51
C VAL F 107 -19.08 -0.77 49.56
N PHE F 108 -18.26 0.28 49.47
CA PHE F 108 -18.29 1.38 50.43
C PHE F 108 -19.26 2.48 50.05
N VAL F 109 -20.08 2.28 49.03
CA VAL F 109 -21.10 3.24 48.64
C VAL F 109 -22.44 2.51 48.62
N ASP F 110 -23.52 3.28 48.69
CA ASP F 110 -24.86 2.74 48.55
C ASP F 110 -25.34 3.09 47.15
N LEU F 111 -25.00 2.25 46.18
CA LEU F 111 -25.29 2.50 44.78
C LEU F 111 -26.79 2.36 44.51
N GLU F 112 -27.29 3.19 43.61
CA GLU F 112 -28.72 3.29 43.35
C GLU F 112 -28.99 2.74 41.95
N GLY F 113 -29.17 1.43 41.86
CA GLY F 113 -29.49 0.78 40.61
C GLY F 113 -28.37 0.83 39.60
N GLU F 114 -27.24 0.20 39.92
CA GLU F 114 -26.09 0.18 39.04
C GLU F 114 -25.63 -1.25 38.85
N THR F 115 -25.45 -1.65 37.59
CA THR F 115 -24.90 -2.96 37.26
C THR F 115 -23.50 -2.87 36.68
N ASP F 116 -23.14 -1.76 36.08
CA ASP F 116 -21.79 -1.53 35.61
C ASP F 116 -20.86 -1.41 36.80
N PRO F 117 -19.89 -2.31 37.00
CA PRO F 117 -18.99 -2.17 38.14
C PRO F 117 -18.02 -1.02 37.99
N LEU F 118 -17.73 -0.60 36.75
CA LEU F 118 -16.90 0.57 36.55
C LEU F 118 -17.60 1.84 37.01
N ARG F 119 -18.93 1.91 36.88
CA ARG F 119 -19.66 3.05 37.41
C ARG F 119 -19.70 3.02 38.93
N ILE F 120 -19.70 1.82 39.52
CA ILE F 120 -19.61 1.69 40.98
C ILE F 120 -18.26 2.21 41.46
N ALA F 121 -17.21 1.95 40.68
CA ALA F 121 -15.89 2.47 41.02
C ALA F 121 -15.84 3.99 40.84
N MET F 122 -16.48 4.52 39.80
CA MET F 122 -16.50 5.96 39.60
C MET F 122 -17.39 6.67 40.62
N LYS F 123 -18.32 5.96 41.25
CA LYS F 123 -19.10 6.56 42.31
C LYS F 123 -18.37 6.49 43.66
N GLU F 124 -17.60 5.43 43.90
CA GLU F 124 -16.82 5.34 45.13
C GLU F 124 -15.68 6.35 45.19
N LEU F 125 -15.21 6.85 44.04
CA LEU F 125 -14.16 7.84 44.03
C LEU F 125 -14.65 9.23 44.46
N ALA F 126 -15.97 9.44 44.49
CA ALA F 126 -16.52 10.75 44.83
C ALA F 126 -16.28 11.12 46.28
N GLU F 127 -16.30 10.15 47.20
CA GLU F 127 -15.92 10.37 48.58
C GLU F 127 -14.60 9.71 48.93
N LYS F 128 -13.82 9.32 47.90
CA LYS F 128 -12.49 8.73 48.02
C LYS F 128 -12.49 7.47 48.88
N LYS F 129 -13.55 6.68 48.77
CA LYS F 129 -13.65 5.44 49.53
C LYS F 129 -13.09 4.26 48.75
N ILE F 130 -11.88 4.42 48.23
CA ILE F 130 -11.20 3.38 47.47
C ILE F 130 -9.92 3.01 48.22
N PRO F 131 -9.95 1.92 48.98
CA PRO F 131 -8.74 1.51 49.72
C PRO F 131 -7.68 0.89 48.82
N LEU F 132 -6.99 1.73 48.05
CA LEU F 132 -5.83 1.32 47.28
C LEU F 132 -4.72 2.34 47.48
N VAL F 133 -3.49 1.94 47.17
CA VAL F 133 -2.32 2.80 47.29
C VAL F 133 -1.48 2.65 46.04
N ILE F 134 -1.19 3.76 45.36
CA ILE F 134 -0.31 3.75 44.20
C ILE F 134 1.13 3.68 44.68
N ARG F 135 1.89 2.73 44.11
CA ARG F 135 3.32 2.62 44.36
C ARG F 135 4.06 3.19 43.14
N ARG F 136 4.40 4.47 43.22
CA ARG F 136 5.00 5.16 42.09
C ARG F 136 6.47 4.78 41.99
N TYR F 137 6.87 4.35 40.79
CA TYR F 137 8.21 3.84 40.52
C TYR F 137 9.08 4.92 39.87
N LEU F 138 10.06 5.41 40.62
CA LEU F 138 11.20 6.10 40.07
C LEU F 138 12.07 5.10 39.31
N PRO F 139 12.94 5.55 38.39
CA PRO F 139 13.62 4.60 37.48
C PRO F 139 14.52 3.56 38.13
N ASP F 140 15.10 3.84 39.30
CA ASP F 140 15.94 2.86 39.96
C ASP F 140 15.21 2.00 40.96
N GLY F 141 13.89 1.84 40.81
CA GLY F 141 13.12 1.05 41.75
C GLY F 141 12.86 1.71 43.07
N SER F 142 13.28 2.96 43.26
CA SER F 142 13.04 3.68 44.51
C SER F 142 11.58 4.13 44.51
N PHE F 143 10.74 3.40 45.22
CA PHE F 143 9.31 3.54 45.09
C PHE F 143 8.73 4.39 46.20
N GLU F 144 7.71 5.18 45.85
CA GLU F 144 6.98 5.99 46.79
C GLU F 144 5.57 5.44 46.94
N ASP F 145 4.97 5.64 48.10
CA ASP F 145 3.59 5.22 48.36
C ASP F 145 2.71 6.45 48.49
N TRP F 146 1.75 6.59 47.60
CA TRP F 146 0.71 7.60 47.70
C TRP F 146 -0.61 6.89 47.82
N SER F 147 -1.35 7.11 48.91
CA SER F 147 -2.69 6.59 48.95
C SER F 147 -3.60 7.41 48.04
N VAL F 148 -4.75 6.83 47.71
CA VAL F 148 -5.73 7.52 46.87
C VAL F 148 -6.32 8.71 47.61
N GLU F 149 -6.50 8.58 48.92
CA GLU F 149 -7.04 9.65 49.76
C GLU F 149 -5.98 10.62 50.26
N GLU F 150 -4.85 10.74 49.56
CA GLU F 150 -3.88 11.81 49.75
C GLU F 150 -3.52 12.47 48.42
N LEU F 151 -4.44 12.47 47.46
CA LEU F 151 -4.12 12.91 46.12
C LEU F 151 -5.13 13.92 45.60
N ILE F 152 -4.66 14.76 44.68
CA ILE F 152 -5.51 15.69 43.94
C ILE F 152 -6.15 14.90 42.82
N VAL F 153 -7.41 14.50 43.00
CA VAL F 153 -8.09 13.66 42.03
C VAL F 153 -8.49 14.56 40.84
N ASP F 154 -7.70 14.49 39.78
CA ASP F 154 -8.02 15.13 38.53
C ASP F 154 -7.92 14.12 37.39
N ASN G 36 8.77 -38.68 70.55
CA ASN G 36 9.07 -37.26 70.48
C ASN G 36 9.18 -36.74 69.04
N CYS G 37 8.03 -36.61 68.39
CA CYS G 37 7.97 -36.15 67.01
C CYS G 37 6.98 -35.01 66.82
N ILE G 38 6.55 -34.35 67.89
CA ILE G 38 5.69 -33.18 67.81
C ILE G 38 6.64 -31.98 67.77
N VAL G 39 7.06 -31.60 66.57
CA VAL G 39 8.07 -30.57 66.42
C VAL G 39 7.37 -29.30 65.92
N ARG G 40 8.01 -28.15 66.10
CA ARG G 40 7.52 -26.89 65.58
C ARG G 40 8.54 -26.31 64.61
N VAL G 41 8.06 -25.87 63.45
CA VAL G 41 8.97 -25.28 62.46
C VAL G 41 8.40 -23.95 61.94
N PRO G 42 9.23 -22.91 61.83
CA PRO G 42 8.77 -21.66 61.22
C PRO G 42 8.98 -21.68 59.72
N ILE G 43 7.94 -21.40 58.94
CA ILE G 43 8.08 -21.37 57.50
C ILE G 43 7.64 -20.01 56.96
N ALA G 44 8.15 -19.71 55.78
CA ALA G 44 7.88 -18.47 55.06
C ALA G 44 7.17 -18.86 53.78
N LEU G 45 5.85 -18.96 53.83
CA LEU G 45 5.08 -19.27 52.65
C LEU G 45 4.66 -17.99 51.93
N TYR G 46 3.94 -18.15 50.83
CA TYR G 46 3.66 -17.05 49.91
C TYR G 46 2.26 -17.28 49.33
N VAL G 47 1.27 -16.68 49.96
CA VAL G 47 -0.12 -17.00 49.67
C VAL G 47 -0.68 -15.99 48.68
N SER G 48 -1.72 -16.42 47.99
CA SER G 48 -2.56 -15.52 47.22
C SER G 48 -3.81 -15.22 48.02
N LEU G 49 -4.20 -13.96 48.02
CA LEU G 49 -5.31 -13.45 48.81
C LEU G 49 -6.46 -13.07 47.88
N ALA G 50 -7.66 -13.51 48.24
CA ALA G 50 -8.84 -13.28 47.43
C ALA G 50 -9.42 -11.89 47.70
N PRO G 51 -10.01 -11.26 46.68
CA PRO G 51 -10.68 -9.96 46.91
C PRO G 51 -11.93 -10.04 47.75
N MET G 52 -12.48 -11.24 47.98
CA MET G 52 -13.58 -11.37 48.92
C MET G 52 -13.10 -11.20 50.37
N TYR G 53 -11.80 -11.32 50.61
CA TYR G 53 -11.25 -11.06 51.94
C TYR G 53 -10.16 -10.00 51.91
N LEU G 54 -10.43 -8.86 51.26
CA LEU G 54 -9.59 -7.68 51.42
C LEU G 54 -9.95 -6.88 52.66
N GLU G 55 -10.81 -7.41 53.53
CA GLU G 55 -11.19 -6.76 54.77
C GLU G 55 -10.92 -7.62 56.00
N ASN G 56 -10.75 -8.93 55.83
CA ASN G 56 -10.23 -9.80 56.90
C ASN G 56 -9.19 -10.74 56.31
N PRO G 57 -7.96 -10.25 56.07
CA PRO G 57 -6.94 -11.12 55.48
C PRO G 57 -6.42 -12.19 56.39
N LEU G 58 -6.52 -12.01 57.72
CA LEU G 58 -6.12 -13.06 58.66
C LEU G 58 -6.98 -14.31 58.49
N GLN G 59 -8.29 -14.17 58.68
CA GLN G 59 -9.19 -15.28 58.41
C GLN G 59 -9.25 -15.66 56.94
N GLY G 60 -8.93 -14.72 56.04
CA GLY G 60 -8.88 -15.04 54.63
C GLY G 60 -7.80 -16.04 54.28
N VAL G 61 -6.60 -15.86 54.83
CA VAL G 61 -5.54 -16.82 54.58
C VAL G 61 -5.72 -18.06 55.46
N MET G 62 -6.31 -17.92 56.65
CA MET G 62 -6.57 -19.08 57.50
C MET G 62 -7.62 -20.01 56.90
N LYS G 63 -8.55 -19.48 56.12
CA LYS G 63 -9.51 -20.32 55.42
C LYS G 63 -9.08 -20.70 54.02
N GLN G 64 -8.19 -19.92 53.40
CA GLN G 64 -7.88 -20.13 52.00
C GLN G 64 -6.69 -21.07 51.79
N HIS G 65 -5.69 -21.05 52.67
CA HIS G 65 -4.48 -21.83 52.42
C HIS G 65 -4.07 -22.70 53.61
N LEU G 66 -4.29 -22.22 54.83
CA LEU G 66 -3.76 -22.90 56.01
C LEU G 66 -4.63 -24.06 56.45
N ASN G 67 -5.95 -23.87 56.45
CA ASN G 67 -6.88 -24.97 56.75
C ASN G 67 -6.79 -26.13 55.76
N PRO G 68 -6.61 -25.95 54.40
CA PRO G 68 -6.40 -27.14 53.57
C PRO G 68 -4.99 -27.72 53.59
N LEU G 69 -4.16 -27.35 54.56
CA LEU G 69 -2.89 -28.02 54.81
C LEU G 69 -2.91 -28.83 56.10
N VAL G 70 -4.06 -28.94 56.75
CA VAL G 70 -4.16 -29.74 57.96
C VAL G 70 -4.19 -31.20 57.57
N MET G 71 -3.38 -32.03 58.24
CA MET G 71 -3.35 -33.49 58.10
C MET G 71 -2.93 -33.92 56.69
N LYS G 72 -1.88 -33.28 56.18
CA LYS G 72 -1.38 -33.59 54.84
C LYS G 72 0.14 -33.61 54.83
N TYR G 73 0.67 -34.44 53.94
CA TYR G 73 2.10 -34.41 53.67
C TYR G 73 2.45 -33.18 52.84
N ASN G 74 3.69 -32.71 53.00
CA ASN G 74 4.19 -31.59 52.24
C ASN G 74 5.61 -31.93 51.78
N ASN G 75 5.93 -31.58 50.54
CA ASN G 75 7.23 -31.91 49.96
C ASN G 75 8.36 -31.02 50.46
N LYS G 76 8.06 -29.92 51.15
CA LYS G 76 9.10 -29.00 51.60
C LYS G 76 9.39 -29.08 53.08
N VAL G 77 8.52 -29.69 53.87
CA VAL G 77 8.82 -30.00 55.26
C VAL G 77 8.88 -31.49 55.53
N GLY G 78 8.30 -32.33 54.68
CA GLY G 78 8.38 -33.76 54.87
C GLY G 78 7.56 -34.31 56.01
N GLY G 79 6.51 -33.61 56.45
CA GLY G 79 5.75 -34.07 57.59
C GLY G 79 4.25 -33.86 57.49
N VAL G 80 3.56 -34.14 58.58
CA VAL G 80 2.10 -34.02 58.66
C VAL G 80 1.79 -32.90 59.65
N VAL G 81 1.04 -31.91 59.18
CA VAL G 81 0.77 -30.72 59.97
C VAL G 81 -0.42 -30.99 60.89
N LEU G 82 -0.28 -30.61 62.17
CA LEU G 82 -1.32 -30.81 63.16
C LEU G 82 -1.97 -29.51 63.63
N GLY G 83 -1.17 -28.45 63.83
CA GLY G 83 -1.71 -27.16 64.22
C GLY G 83 -0.87 -26.05 63.65
N TYR G 84 -1.51 -24.89 63.48
CA TYR G 84 -0.86 -23.71 62.96
C TYR G 84 -0.99 -22.58 63.98
N GLU G 85 0.08 -21.79 64.13
CA GLU G 85 0.01 -20.64 65.01
C GLU G 85 1.05 -19.61 64.58
N GLY G 86 0.70 -18.34 64.70
CA GLY G 86 1.66 -17.29 64.49
C GLY G 86 1.61 -16.75 63.08
N LEU G 87 0.40 -16.51 62.58
CA LEU G 87 0.24 -15.91 61.26
C LEU G 87 0.65 -14.45 61.32
N LYS G 88 1.91 -14.16 61.01
CA LYS G 88 2.40 -12.78 60.96
C LYS G 88 2.71 -12.48 59.50
N ILE G 89 1.75 -11.84 58.83
CA ILE G 89 1.90 -11.51 57.43
C ILE G 89 2.92 -10.39 57.29
N LEU G 90 3.89 -10.58 56.39
CA LEU G 90 4.81 -9.50 56.08
C LEU G 90 4.11 -8.40 55.31
N ASP G 91 4.78 -7.27 55.18
CA ASP G 91 4.25 -6.11 54.49
C ASP G 91 5.20 -5.70 53.38
N ALA G 92 4.64 -5.19 52.30
CA ALA G 92 5.44 -4.64 51.22
C ALA G 92 5.81 -3.18 51.45
N ASP G 93 5.48 -2.64 52.61
CA ASP G 93 5.93 -1.32 53.03
C ASP G 93 7.15 -1.49 53.91
N PRO G 94 8.35 -1.12 53.43
CA PRO G 94 9.56 -1.37 54.23
C PRO G 94 9.72 -0.42 55.40
N LEU G 95 8.98 0.68 55.43
CA LEU G 95 9.08 1.65 56.52
C LEU G 95 7.93 1.56 57.49
N SER G 96 7.16 0.48 57.42
CA SER G 96 6.02 0.28 58.30
C SER G 96 6.44 -0.52 59.54
N LYS G 97 5.50 -0.63 60.49
CA LYS G 97 5.80 -1.21 61.79
C LYS G 97 4.80 -2.32 62.11
N GLU G 98 4.79 -2.81 63.35
CA GLU G 98 3.81 -3.83 63.73
C GLU G 98 2.46 -3.24 64.10
N ASP G 99 2.41 -1.94 64.41
CA ASP G 99 1.14 -1.30 64.77
C ASP G 99 0.58 -0.47 63.63
N THR G 100 1.40 -0.08 62.66
CA THR G 100 0.88 0.48 61.42
C THR G 100 0.26 -0.66 60.62
N SER G 101 -1.03 -0.92 60.83
CA SER G 101 -1.72 -2.03 60.20
C SER G 101 -2.24 -1.70 58.80
N GLU G 102 -1.67 -0.69 58.13
CA GLU G 102 -1.92 -0.40 56.72
C GLU G 102 -1.13 -1.36 55.82
N LYS G 103 -1.41 -2.65 56.00
CA LYS G 103 -0.60 -3.73 55.45
C LYS G 103 -0.78 -3.77 53.94
N LEU G 104 0.17 -3.19 53.22
CA LEU G 104 0.07 -3.07 51.78
C LEU G 104 0.32 -4.41 51.11
N ILE G 105 -0.64 -4.85 50.30
CA ILE G 105 -0.64 -6.17 49.69
C ILE G 105 -0.65 -6.00 48.18
N LYS G 106 0.31 -6.61 47.50
CA LYS G 106 0.59 -6.29 46.11
C LYS G 106 -0.43 -6.91 45.16
N ILE G 107 -0.90 -6.11 44.20
CA ILE G 107 -1.94 -6.51 43.26
C ILE G 107 -1.29 -6.95 41.96
N THR G 108 -1.70 -8.11 41.46
CA THR G 108 -1.26 -8.64 40.19
C THR G 108 -1.64 -7.69 39.06
N PRO G 109 -0.82 -7.55 38.01
CA PRO G 109 -1.19 -6.69 36.87
C PRO G 109 -2.44 -7.12 36.12
N ASP G 110 -2.89 -8.37 36.22
CA ASP G 110 -4.10 -8.78 35.53
C ASP G 110 -5.22 -9.14 36.50
N THR G 111 -4.99 -10.08 37.40
CA THR G 111 -6.02 -10.57 38.29
C THR G 111 -6.13 -9.63 39.50
N PRO G 112 -7.26 -9.63 40.21
CA PRO G 112 -7.36 -8.82 41.43
C PRO G 112 -6.82 -9.47 42.68
N PHE G 113 -6.08 -10.56 42.56
CA PHE G 113 -5.61 -11.32 43.71
C PHE G 113 -4.29 -10.76 44.23
N GLY G 114 -4.09 -10.92 45.53
CA GLY G 114 -2.86 -10.49 46.16
C GLY G 114 -1.89 -11.65 46.32
N PHE G 115 -0.62 -11.32 46.48
CA PHE G 115 0.44 -12.31 46.65
C PHE G 115 1.39 -11.81 47.73
N THR G 116 1.19 -12.29 48.95
CA THR G 116 1.94 -11.80 50.09
C THR G 116 2.78 -12.90 50.73
N TRP G 117 3.89 -12.47 51.34
CA TRP G 117 4.74 -13.35 52.12
C TRP G 117 4.22 -13.48 53.54
N CYS G 118 4.38 -14.66 54.12
CA CYS G 118 3.93 -14.90 55.48
C CYS G 118 4.90 -15.79 56.22
N HIS G 119 5.06 -15.53 57.50
CA HIS G 119 5.84 -16.35 58.41
C HIS G 119 4.87 -16.97 59.40
N VAL G 120 4.96 -18.29 59.61
CA VAL G 120 4.01 -18.97 60.49
C VAL G 120 4.67 -20.23 61.06
N ASN G 121 4.34 -20.55 62.31
CA ASN G 121 4.84 -21.74 62.97
C ASN G 121 3.86 -22.90 62.81
N LEU G 122 4.39 -24.08 62.51
CA LEU G 122 3.58 -25.28 62.33
C LEU G 122 4.01 -26.36 63.30
N TYR G 123 3.02 -27.13 63.76
CA TYR G 123 3.24 -28.29 64.63
C TYR G 123 3.24 -29.54 63.76
N VAL G 124 4.41 -29.90 63.29
CA VAL G 124 4.61 -30.98 62.34
C VAL G 124 4.86 -32.28 63.11
N TRP G 125 4.23 -33.36 62.65
CA TRP G 125 4.52 -34.70 63.15
C TRP G 125 5.18 -35.49 62.03
N GLN G 126 6.42 -35.95 62.28
CA GLN G 126 7.15 -36.69 61.28
C GLN G 126 8.19 -37.65 61.86
N PRO G 127 8.17 -38.92 61.47
CA PRO G 127 9.31 -39.80 61.72
C PRO G 127 10.28 -39.82 60.54
N GLN G 128 11.51 -40.21 60.83
CA GLN G 128 12.52 -40.33 59.79
C GLN G 128 12.98 -41.77 59.58
N VAL G 129 13.57 -42.41 60.61
CA VAL G 129 13.98 -43.82 60.57
C VAL G 129 13.70 -44.40 61.95
N GLY G 130 12.72 -45.30 62.05
CA GLY G 130 12.49 -46.12 63.23
C GLY G 130 12.17 -45.41 64.52
N ASP G 131 11.00 -44.78 64.60
CA ASP G 131 10.53 -44.15 65.84
C ASP G 131 9.50 -45.05 66.51
N VAL G 132 9.82 -45.53 67.70
CA VAL G 132 9.00 -46.50 68.42
C VAL G 132 7.87 -45.75 69.10
N LEU G 133 6.68 -45.77 68.51
CA LEU G 133 5.52 -45.08 69.05
C LEU G 133 4.35 -46.06 69.13
N GLU G 134 3.46 -45.81 70.09
CA GLU G 134 2.34 -46.69 70.36
C GLU G 134 1.31 -46.62 69.23
N GLY G 135 0.36 -47.55 69.23
CA GLY G 135 -0.55 -47.68 68.11
C GLY G 135 -1.91 -48.21 68.48
N TYR G 136 -2.80 -48.19 67.49
CA TYR G 136 -4.18 -48.65 67.61
C TYR G 136 -4.44 -49.79 66.64
N ILE G 137 -5.18 -50.79 67.08
CA ILE G 137 -5.54 -51.95 66.27
C ILE G 137 -7.05 -52.15 66.37
N PHE G 138 -7.72 -52.23 65.22
CA PHE G 138 -9.16 -52.47 65.18
C PHE G 138 -9.47 -53.97 65.15
N ILE G 139 -8.91 -54.68 64.18
CA ILE G 139 -9.08 -56.13 64.06
C ILE G 139 -7.73 -56.76 63.73
N GLN G 140 -7.29 -57.70 64.56
CA GLN G 140 -6.16 -58.54 64.18
C GLN G 140 -6.60 -59.51 63.08
N SER G 141 -5.82 -59.58 62.00
CA SER G 141 -6.18 -60.37 60.85
C SER G 141 -5.11 -61.44 60.58
N ALA G 142 -5.34 -62.24 59.55
CA ALA G 142 -4.53 -63.44 59.34
C ALA G 142 -3.22 -63.14 58.62
N SER G 143 -3.31 -62.68 57.37
CA SER G 143 -2.12 -62.49 56.54
C SER G 143 -1.48 -61.11 56.69
N HIS G 144 -2.25 -60.13 57.17
CA HIS G 144 -1.72 -58.83 57.54
C HIS G 144 -2.15 -58.55 58.98
N ILE G 145 -1.78 -57.38 59.48
CA ILE G 145 -2.15 -56.95 60.82
C ILE G 145 -3.01 -55.68 60.78
N GLY G 146 -2.53 -54.65 60.06
CA GLY G 146 -3.32 -53.46 59.85
C GLY G 146 -3.39 -52.49 61.01
N LEU G 147 -2.25 -51.88 61.35
CA LEU G 147 -2.23 -50.90 62.43
C LEU G 147 -2.67 -49.53 61.94
N LEU G 148 -3.52 -48.89 62.73
CA LEU G 148 -3.93 -47.51 62.51
C LEU G 148 -3.13 -46.63 63.45
N ILE G 149 -2.34 -45.71 62.88
CA ILE G 149 -1.36 -44.96 63.66
C ILE G 149 -2.05 -43.79 64.32
N HIS G 150 -2.64 -44.03 65.50
CA HIS G 150 -3.31 -43.02 66.34
C HIS G 150 -4.42 -42.29 65.57
N ASP G 151 -5.18 -43.06 64.77
CA ASP G 151 -6.30 -42.56 63.96
C ASP G 151 -5.82 -41.50 62.97
N ALA G 152 -4.62 -41.69 62.43
CA ALA G 152 -4.10 -40.78 61.40
C ALA G 152 -3.86 -41.49 60.08
N PHE G 153 -3.03 -42.52 60.05
CA PHE G 153 -2.63 -43.17 58.80
C PHE G 153 -2.49 -44.67 59.06
N ASN G 154 -1.91 -45.39 58.11
CA ASN G 154 -1.81 -46.85 58.18
C ASN G 154 -0.37 -47.29 58.34
N ALA G 155 -0.20 -48.48 58.92
CA ALA G 155 1.09 -49.10 59.18
C ALA G 155 1.06 -50.55 58.73
N SER G 156 0.65 -50.76 57.48
CA SER G 156 0.39 -52.10 56.95
C SER G 156 1.68 -52.92 56.84
N ILE G 157 1.58 -54.19 57.20
CA ILE G 157 2.72 -55.10 57.31
C ILE G 157 2.53 -56.24 56.32
N LYS G 158 3.54 -56.46 55.49
CA LYS G 158 3.43 -57.37 54.34
C LYS G 158 3.61 -58.82 54.78
N LYS G 159 3.77 -59.70 53.79
CA LYS G 159 3.86 -61.13 54.03
C LYS G 159 5.20 -61.51 54.65
N ASN G 160 6.30 -61.15 53.98
CA ASN G 160 7.63 -61.56 54.42
C ASN G 160 8.09 -60.85 55.69
N ASN G 161 7.45 -59.73 56.03
CA ASN G 161 7.77 -59.03 57.28
C ASN G 161 7.24 -59.77 58.50
N ILE G 162 6.30 -60.70 58.32
CA ILE G 162 5.86 -61.58 59.39
C ILE G 162 6.99 -62.56 59.68
N PRO G 163 7.50 -62.63 60.91
CA PRO G 163 8.65 -63.49 61.20
C PRO G 163 8.33 -64.98 61.27
N VAL G 164 9.33 -65.78 61.65
CA VAL G 164 9.17 -67.22 61.66
C VAL G 164 8.34 -67.67 62.85
N ASP G 165 8.51 -67.03 64.01
CA ASP G 165 7.78 -67.42 65.20
C ASP G 165 6.31 -67.01 65.12
N TRP G 166 6.01 -65.88 64.50
CA TRP G 166 4.64 -65.38 64.46
C TRP G 166 3.86 -66.07 63.34
N THR G 167 2.85 -66.84 63.72
CA THR G 167 1.91 -67.41 62.76
C THR G 167 0.49 -67.06 63.21
N PHE G 168 -0.40 -66.91 62.23
CA PHE G 168 -1.78 -66.55 62.51
C PHE G 168 -2.57 -67.79 62.92
N VAL G 169 -3.50 -67.61 63.86
CA VAL G 169 -4.37 -68.67 64.34
C VAL G 169 -5.81 -68.27 64.09
N HIS G 170 -6.65 -69.28 63.86
CA HIS G 170 -8.05 -69.05 63.52
C HIS G 170 -8.94 -69.10 64.75
N GLY G 215 -10.15 -62.88 65.31
CA GLY G 215 -8.74 -62.89 64.96
C GLY G 215 -7.83 -62.38 66.05
N HIS G 216 -6.85 -63.20 66.42
CA HIS G 216 -5.92 -62.83 67.49
C HIS G 216 -4.58 -63.50 67.22
N TRP G 217 -3.57 -63.07 67.98
CA TRP G 217 -2.20 -63.55 67.82
C TRP G 217 -1.71 -64.20 69.11
N VAL G 218 -1.01 -65.31 68.96
CA VAL G 218 -0.28 -65.95 70.05
C VAL G 218 1.18 -65.91 69.63
N ASP G 219 1.93 -64.96 70.20
CA ASP G 219 3.31 -64.71 69.81
C ASP G 219 4.23 -65.60 70.65
N SER G 220 5.53 -65.27 70.67
CA SER G 220 6.52 -66.06 71.40
C SER G 220 6.30 -66.06 72.91
N ASN G 221 5.50 -65.12 73.44
CA ASN G 221 5.12 -65.17 74.85
C ASN G 221 4.12 -66.29 75.09
N GLY G 222 2.96 -66.22 74.45
CA GLY G 222 1.89 -67.16 74.68
C GLY G 222 0.71 -66.61 75.47
N GLU G 223 0.81 -65.35 75.93
CA GLU G 223 -0.21 -64.68 76.70
C GLU G 223 -0.71 -63.46 75.94
N PRO G 224 -1.97 -63.05 76.13
CA PRO G 224 -2.46 -61.85 75.44
C PRO G 224 -1.87 -60.58 76.02
N ILE G 225 -1.82 -59.55 75.18
CA ILE G 225 -1.19 -58.28 75.52
C ILE G 225 -2.23 -57.16 75.50
N ASP G 226 -1.79 -55.94 75.79
CA ASP G 226 -2.66 -54.78 75.72
C ASP G 226 -3.01 -54.46 74.27
N GLY G 227 -4.12 -53.73 74.08
CA GLY G 227 -4.57 -53.35 72.75
C GLY G 227 -3.65 -52.37 72.06
N LYS G 228 -2.85 -51.62 72.80
CA LYS G 228 -1.84 -50.78 72.18
C LYS G 228 -0.68 -51.61 71.69
N LEU G 229 0.11 -51.03 70.79
CA LEU G 229 1.27 -51.71 70.23
C LEU G 229 2.29 -50.69 69.77
N ARG G 230 3.54 -50.88 70.18
CA ARG G 230 4.65 -50.06 69.72
C ARG G 230 5.27 -50.70 68.49
N PHE G 231 5.81 -49.85 67.60
CA PHE G 231 6.25 -50.33 66.29
C PHE G 231 7.29 -49.38 65.73
N THR G 232 8.18 -49.94 64.91
CA THR G 232 9.24 -49.16 64.28
C THR G 232 8.74 -48.53 62.98
N VAL G 233 9.63 -47.78 62.33
CA VAL G 233 9.33 -47.09 61.09
C VAL G 233 10.36 -47.51 60.05
N ARG G 234 9.89 -47.92 58.87
CA ARG G 234 10.79 -48.32 57.78
C ARG G 234 10.96 -47.22 56.72
N ASN G 235 9.87 -46.81 56.08
CA ASN G 235 10.01 -45.91 54.94
C ASN G 235 8.72 -45.11 54.78
N VAL G 236 8.87 -43.91 54.20
CA VAL G 236 7.79 -42.94 54.07
C VAL G 236 7.39 -42.90 52.60
N HIS G 237 6.18 -43.37 52.29
CA HIS G 237 5.70 -43.50 50.91
C HIS G 237 4.53 -42.56 50.70
N THR G 238 4.75 -41.50 49.92
CA THR G 238 3.79 -40.40 49.81
C THR G 238 3.20 -40.27 48.41
N THR G 239 3.31 -41.31 47.57
CA THR G 239 2.78 -41.22 46.22
C THR G 239 1.25 -41.29 46.23
N GLY G 240 0.69 -42.17 47.05
CA GLY G 240 -0.75 -42.39 47.09
C GLY G 240 -1.57 -41.31 47.75
N ARG G 241 -2.79 -41.67 48.14
CA ARG G 241 -3.69 -40.69 48.75
C ARG G 241 -3.27 -40.34 50.17
N VAL G 242 -2.72 -41.30 50.90
CA VAL G 242 -2.19 -41.07 52.24
C VAL G 242 -0.74 -41.52 52.26
N VAL G 243 -0.05 -41.21 53.35
CA VAL G 243 1.33 -41.64 53.52
C VAL G 243 1.37 -43.09 54.00
N SER G 244 2.15 -43.92 53.32
CA SER G 244 2.32 -45.32 53.68
C SER G 244 3.61 -45.46 54.47
N VAL G 245 3.51 -45.83 55.74
CA VAL G 245 4.64 -45.98 56.64
C VAL G 245 4.74 -47.44 57.02
N ASP G 246 5.86 -48.07 56.70
CA ASP G 246 6.09 -49.47 57.00
C ASP G 246 6.87 -49.60 58.30
N GLY G 247 6.75 -50.76 58.93
CA GLY G 247 7.46 -51.03 60.17
C GLY G 247 7.64 -52.51 60.46
N THR G 248 8.87 -52.91 60.73
CA THR G 248 9.18 -54.29 61.11
C THR G 248 9.36 -54.39 62.62
N LEU G 249 9.13 -55.59 63.15
CA LEU G 249 9.12 -55.85 64.60
C LEU G 249 10.10 -56.98 64.90
N ILE G 250 11.37 -56.63 65.08
CA ILE G 250 12.39 -57.62 65.40
C ILE G 250 13.06 -57.26 66.73
N ASN H 3 -38.43 52.90 29.51
CA ASN H 3 -38.59 54.29 29.10
C ASN H 3 -37.55 54.61 28.03
N THR H 4 -37.84 55.65 27.24
CA THR H 4 -37.00 56.01 26.11
C THR H 4 -35.63 56.51 26.57
N LEU H 5 -34.58 55.90 26.05
CA LEU H 5 -33.22 56.36 26.26
C LEU H 5 -32.70 57.20 25.10
N PHE H 6 -33.37 57.13 23.95
CA PHE H 6 -32.97 57.88 22.76
C PHE H 6 -34.15 57.94 21.81
N ASP H 7 -34.35 59.11 21.20
CA ASP H 7 -35.34 59.26 20.14
C ASP H 7 -34.94 60.45 19.27
N ASP H 8 -35.24 60.35 17.98
CA ASP H 8 -34.84 61.38 17.03
C ASP H 8 -35.73 61.25 15.80
N ILE H 9 -35.43 62.04 14.76
CA ILE H 9 -36.11 62.00 13.47
C ILE H 9 -35.03 61.88 12.40
N PHE H 10 -35.13 60.83 11.58
CA PHE H 10 -34.11 60.53 10.58
C PHE H 10 -34.73 60.53 9.19
N GLN H 11 -34.00 61.06 8.22
CA GLN H 11 -34.38 61.00 6.82
C GLN H 11 -33.49 59.99 6.11
N VAL H 12 -34.09 59.03 5.43
CA VAL H 12 -33.36 57.92 4.82
C VAL H 12 -32.59 58.43 3.61
N SER H 13 -31.27 58.34 3.67
CA SER H 13 -30.45 58.75 2.54
C SER H 13 -30.25 57.62 1.54
N GLU H 14 -30.05 56.39 2.01
CA GLU H 14 -29.75 55.31 1.08
C GLU H 14 -30.19 53.97 1.62
N VAL H 15 -30.73 53.12 0.74
CA VAL H 15 -31.06 51.74 1.04
C VAL H 15 -30.26 50.85 0.10
N ASP H 16 -29.56 49.85 0.65
CA ASP H 16 -28.76 48.93 -0.14
C ASP H 16 -29.24 47.51 0.13
N PRO H 17 -29.74 46.79 -0.88
CA PRO H 17 -30.16 45.40 -0.66
C PRO H 17 -29.00 44.43 -0.55
N GLY H 18 -27.99 44.58 -1.41
CA GLY H 18 -26.84 43.71 -1.41
C GLY H 18 -27.14 42.30 -1.85
N ARG H 19 -27.03 41.33 -0.93
CA ARG H 19 -27.30 39.93 -1.22
C ARG H 19 -28.36 39.35 -0.30
N TYR H 20 -29.19 40.20 0.30
CA TYR H 20 -30.20 39.76 1.24
C TYR H 20 -31.57 40.12 0.67
N ASN H 21 -32.39 39.10 0.44
CA ASN H 21 -33.74 39.34 -0.08
C ASN H 21 -34.65 39.97 0.96
N LYS H 22 -34.48 39.60 2.22
CA LYS H 22 -35.35 40.09 3.28
C LYS H 22 -34.77 41.25 4.07
N VAL H 23 -33.46 41.46 4.03
CA VAL H 23 -32.78 42.44 4.86
C VAL H 23 -32.17 43.51 3.95
N CYS H 24 -32.21 44.76 4.38
CA CYS H 24 -31.50 45.83 3.67
C CYS H 24 -30.73 46.67 4.67
N ARG H 25 -29.67 47.31 4.18
CA ARG H 25 -28.85 48.21 4.97
C ARG H 25 -29.25 49.65 4.66
N ILE H 26 -29.54 50.43 5.71
CA ILE H 26 -30.18 51.74 5.56
C ILE H 26 -29.33 52.78 6.24
N GLU H 27 -28.94 53.81 5.47
CA GLU H 27 -28.16 54.95 5.93
C GLU H 27 -29.08 56.16 6.00
N ALA H 28 -29.23 56.72 7.20
CA ALA H 28 -30.18 57.80 7.44
C ALA H 28 -29.58 58.82 8.40
N ALA H 29 -29.45 60.06 7.94
CA ALA H 29 -28.98 61.14 8.78
C ALA H 29 -30.15 61.84 9.45
N SER H 30 -29.85 62.66 10.44
CA SER H 30 -30.87 63.41 11.16
C SER H 30 -31.03 64.79 10.57
N THR H 31 -32.26 65.13 10.20
CA THR H 31 -32.57 66.52 9.85
C THR H 31 -32.70 67.39 11.09
N THR H 32 -33.00 66.79 12.24
CA THR H 32 -33.07 67.55 13.49
C THR H 32 -31.67 67.92 13.97
N GLN H 33 -30.86 66.90 14.27
CA GLN H 33 -29.49 67.11 14.73
C GLN H 33 -28.58 67.34 13.53
N ASP H 34 -27.27 67.37 13.79
CA ASP H 34 -26.30 67.42 12.72
C ASP H 34 -25.09 66.54 13.02
N GLN H 35 -25.09 65.82 14.13
CA GLN H 35 -24.02 64.90 14.47
C GLN H 35 -24.52 63.48 14.68
N CYS H 36 -25.83 63.24 14.60
CA CYS H 36 -26.41 61.93 14.82
C CYS H 36 -26.87 61.34 13.50
N LYS H 37 -26.43 60.13 13.20
CA LYS H 37 -26.87 59.41 12.02
C LYS H 37 -26.82 57.92 12.28
N LEU H 38 -27.47 57.17 11.40
CA LEU H 38 -27.90 55.80 11.66
C LEU H 38 -27.54 54.90 10.48
N THR H 39 -26.93 53.77 10.79
CA THR H 39 -26.71 52.69 9.82
C THR H 39 -27.34 51.43 10.40
N LEU H 40 -28.39 50.93 9.76
CA LEU H 40 -29.21 49.91 10.39
C LEU H 40 -29.66 48.87 9.37
N ASP H 41 -29.56 47.59 9.73
CA ASP H 41 -30.11 46.50 8.92
C ASP H 41 -31.55 46.24 9.34
N ILE H 42 -32.48 46.39 8.39
CA ILE H 42 -33.91 46.25 8.66
C ILE H 42 -34.48 45.17 7.76
N ASN H 43 -35.37 44.34 8.32
CA ASN H 43 -36.24 43.46 7.56
C ASN H 43 -37.05 44.27 6.56
N VAL H 44 -36.77 44.10 5.27
CA VAL H 44 -37.49 44.85 4.23
C VAL H 44 -38.81 44.19 3.90
N GLU H 45 -39.07 42.99 4.41
CA GLU H 45 -40.32 42.31 4.13
C GLU H 45 -41.48 42.88 4.95
N LEU H 46 -41.29 43.01 6.26
CA LEU H 46 -42.39 43.45 7.11
C LEU H 46 -42.53 44.97 7.11
N PHE H 47 -41.42 45.70 7.20
CA PHE H 47 -41.44 47.15 7.32
C PHE H 47 -40.70 47.74 6.13
N PRO H 48 -41.38 48.03 5.03
CA PRO H 48 -40.70 48.47 3.81
C PRO H 48 -40.18 49.90 3.95
N VAL H 49 -38.90 50.09 3.61
CA VAL H 49 -38.25 51.39 3.67
C VAL H 49 -37.55 51.64 2.35
N ALA H 50 -37.81 52.80 1.76
CA ALA H 50 -37.16 53.22 0.51
C ALA H 50 -36.48 54.57 0.72
N ALA H 51 -36.04 55.18 -0.37
CA ALA H 51 -35.26 56.41 -0.30
C ALA H 51 -36.13 57.60 0.12
N GLN H 52 -35.51 58.52 0.84
CA GLN H 52 -36.08 59.82 1.23
C GLN H 52 -37.34 59.67 2.08
N ASP H 53 -37.35 58.68 2.96
CA ASP H 53 -38.47 58.49 3.88
C ASP H 53 -38.21 59.25 5.17
N SER H 54 -39.12 59.07 6.14
CA SER H 54 -39.00 59.70 7.45
C SER H 54 -39.41 58.68 8.50
N LEU H 55 -38.46 58.25 9.32
CA LEU H 55 -38.65 57.15 10.24
C LEU H 55 -38.31 57.61 11.65
N THR H 56 -39.31 57.64 12.52
CA THR H 56 -39.10 58.09 13.89
C THR H 56 -38.55 56.92 14.71
N VAL H 57 -37.27 57.02 15.04
CA VAL H 57 -36.54 56.02 15.80
C VAL H 57 -36.69 56.32 17.28
N THR H 58 -36.84 55.27 18.08
CA THR H 58 -36.92 55.43 19.53
C THR H 58 -36.25 54.20 20.15
N ILE H 59 -35.07 54.37 20.72
CA ILE H 59 -34.43 53.31 21.47
C ILE H 59 -34.94 53.39 22.90
N ALA H 60 -35.70 52.38 23.32
CA ALA H 60 -36.21 52.33 24.68
C ALA H 60 -35.51 51.23 25.44
N SER H 61 -35.83 51.15 26.73
CA SER H 61 -35.31 50.10 27.59
C SER H 61 -36.34 49.03 27.91
N SER H 62 -37.62 49.31 27.66
CA SER H 62 -38.71 48.38 27.89
C SER H 62 -39.87 48.83 27.02
N LEU H 63 -41.08 48.34 27.34
CA LEU H 63 -42.28 48.76 26.65
C LEU H 63 -43.34 49.39 27.54
N ASN H 64 -43.25 49.19 28.85
CA ASN H 64 -44.27 49.67 29.78
C ASN H 64 -44.27 51.19 29.94
N SER H 78 -38.90 36.96 30.04
CA SER H 78 -40.14 36.19 29.97
C SER H 78 -41.03 36.68 28.84
N TRP H 79 -40.56 36.50 27.61
CA TRP H 79 -41.36 36.86 26.45
C TRP H 79 -42.55 35.92 26.31
N ARG H 80 -43.65 36.46 25.81
CA ARG H 80 -44.85 35.68 25.61
C ARG H 80 -45.53 36.20 24.35
N PRO H 81 -46.22 35.36 23.60
CA PRO H 81 -47.03 35.85 22.49
C PRO H 81 -48.11 36.78 22.98
N PRO H 82 -48.55 37.76 22.13
CA PRO H 82 -49.31 38.92 22.62
C PRO H 82 -50.67 38.62 23.24
N GLN H 83 -50.76 38.87 24.54
CA GLN H 83 -51.98 38.68 25.31
C GLN H 83 -52.74 40.01 25.37
N ALA H 84 -54.07 39.92 25.40
CA ALA H 84 -54.91 41.12 25.41
C ALA H 84 -54.81 41.81 26.77
N GLY H 85 -54.52 43.12 26.74
CA GLY H 85 -54.39 43.89 27.96
C GLY H 85 -52.98 44.06 28.48
N ASP H 86 -52.06 44.54 27.64
CA ASP H 86 -50.72 44.85 28.08
C ASP H 86 -50.35 46.32 27.91
N ARG H 87 -50.83 46.97 26.84
CA ARG H 87 -50.61 48.40 26.55
C ARG H 87 -49.11 48.73 26.44
N SER H 88 -48.47 48.13 25.45
CA SER H 88 -47.06 48.34 25.24
C SER H 88 -46.81 49.63 24.46
N LEU H 89 -45.54 50.07 24.49
CA LEU H 89 -45.10 51.12 23.60
C LEU H 89 -44.98 50.62 22.17
N ALA H 90 -44.91 49.30 21.98
CA ALA H 90 -44.89 48.73 20.64
C ALA H 90 -46.22 48.93 19.94
N ASP H 91 -47.33 48.83 20.68
CA ASP H 91 -48.67 48.94 20.11
C ASP H 91 -48.94 50.33 19.55
N ASP H 92 -48.22 51.35 20.03
CA ASP H 92 -48.32 52.67 19.46
C ASP H 92 -47.57 52.80 18.14
N TYR H 93 -46.58 51.94 17.90
CA TYR H 93 -45.62 52.16 16.83
C TYR H 93 -45.83 51.13 15.72
N ASP H 94 -44.92 51.15 14.74
CA ASP H 94 -45.03 50.28 13.58
C ASP H 94 -44.16 49.04 13.72
N TYR H 95 -42.86 49.21 13.94
CA TYR H 95 -41.88 48.13 13.80
C TYR H 95 -40.91 48.19 14.97
N VAL H 96 -40.80 47.10 15.71
CA VAL H 96 -40.10 47.06 16.98
C VAL H 96 -39.17 45.85 16.98
N MET H 97 -37.86 46.09 16.99
CA MET H 97 -36.91 45.01 17.10
C MET H 97 -36.41 44.84 18.54
N TYR H 98 -35.35 44.03 18.70
CA TYR H 98 -34.76 43.72 19.99
C TYR H 98 -33.28 43.40 19.80
N GLY H 99 -32.43 43.91 20.69
CA GLY H 99 -31.02 43.67 20.57
C GLY H 99 -30.23 43.91 21.83
N THR H 100 -28.92 44.07 21.65
CA THR H 100 -27.97 44.15 22.76
C THR H 100 -26.81 45.05 22.36
N ALA H 101 -26.42 45.95 23.26
CA ALA H 101 -25.23 46.77 23.05
C ALA H 101 -23.98 45.92 23.09
N TYR H 102 -23.05 46.18 22.15
CA TYR H 102 -21.81 45.44 22.35
C TYR H 102 -20.55 46.29 22.30
N LYS H 103 -20.49 47.29 21.44
CA LYS H 103 -19.28 48.08 21.25
C LYS H 103 -19.56 49.55 21.51
N PHE H 104 -18.72 50.17 22.34
CA PHE H 104 -18.79 51.59 22.66
C PHE H 104 -17.52 52.24 22.13
N GLU H 105 -17.65 53.37 21.44
CA GLU H 105 -16.50 53.93 20.75
C GLU H 105 -16.69 55.42 20.53
N GLU H 106 -15.59 56.16 20.59
CA GLU H 106 -15.58 57.59 20.27
C GLU H 106 -14.50 57.88 19.24
N VAL H 107 -14.85 58.69 18.24
CA VAL H 107 -13.90 59.12 17.20
C VAL H 107 -13.29 60.47 17.54
N SER H 108 -14.11 61.44 17.92
CA SER H 108 -13.63 62.71 18.42
C SER H 108 -14.21 62.93 19.82
N LYS H 109 -14.05 64.15 20.33
CA LYS H 109 -14.42 64.42 21.72
C LYS H 109 -15.93 64.55 21.90
N ASP H 110 -16.64 65.04 20.90
CA ASP H 110 -18.03 65.43 21.05
C ASP H 110 -18.99 64.47 20.34
N LEU H 111 -18.58 63.22 20.15
CA LEU H 111 -19.46 62.26 19.50
C LEU H 111 -19.19 60.85 20.02
N ILE H 112 -20.27 60.14 20.28
CA ILE H 112 -20.25 58.74 20.66
C ILE H 112 -20.83 57.93 19.50
N ALA H 113 -20.19 56.81 19.18
CA ALA H 113 -20.70 55.87 18.17
C ALA H 113 -20.94 54.55 18.87
N VAL H 114 -22.19 54.16 18.98
CA VAL H 114 -22.55 52.91 19.64
C VAL H 114 -22.91 51.87 18.59
N TYR H 115 -22.74 50.61 18.97
CA TYR H 115 -23.00 49.45 18.12
C TYR H 115 -24.00 48.54 18.81
N TYR H 116 -25.15 48.36 18.19
CA TYR H 116 -26.19 47.48 18.69
C TYR H 116 -26.36 46.30 17.76
N SER H 117 -26.54 45.12 18.35
CA SER H 117 -26.74 43.88 17.61
C SER H 117 -28.18 43.44 17.85
N PHE H 118 -29.00 43.52 16.81
CA PHE H 118 -30.40 43.11 16.88
C PHE H 118 -30.52 41.70 16.32
N GLY H 119 -30.20 40.73 17.19
CA GLY H 119 -30.29 39.32 16.86
C GLY H 119 -29.40 38.86 15.73
N GLY H 120 -28.35 39.63 15.42
CA GLY H 120 -27.54 39.42 14.23
C GLY H 120 -27.56 40.59 13.28
N LEU H 121 -28.66 41.34 13.26
CA LEU H 121 -28.68 42.57 12.47
C LEU H 121 -27.85 43.63 13.17
N LEU H 122 -27.40 44.63 12.43
CA LEU H 122 -26.43 45.57 12.95
C LEU H 122 -26.94 47.00 12.92
N MET H 123 -26.55 47.77 13.94
CA MET H 123 -26.81 49.19 14.02
C MET H 123 -25.56 49.92 14.50
N ARG H 124 -25.12 50.90 13.72
CA ARG H 124 -24.16 51.90 14.18
C ARG H 124 -24.89 53.22 14.32
N LEU H 125 -24.81 53.80 15.51
CA LEU H 125 -25.48 55.07 15.80
C LEU H 125 -24.45 56.09 16.27
N GLU H 126 -24.29 57.17 15.51
CA GLU H 126 -23.33 58.21 15.81
C GLU H 126 -24.09 59.44 16.29
N GLY H 127 -23.62 60.06 17.37
CA GLY H 127 -24.33 61.23 17.84
C GLY H 127 -23.49 62.03 18.80
N ASN H 128 -24.11 63.06 19.37
CA ASN H 128 -23.42 63.92 20.33
C ASN H 128 -23.18 63.18 21.65
N TYR H 129 -22.31 63.77 22.47
CA TYR H 129 -21.84 63.11 23.67
C TYR H 129 -22.92 63.02 24.73
N ARG H 130 -23.44 64.16 25.18
CA ARG H 130 -24.43 64.17 26.25
C ARG H 130 -25.83 63.81 25.77
N ASN H 131 -26.05 63.71 24.46
CA ASN H 131 -27.31 63.18 23.96
C ASN H 131 -27.36 61.67 24.14
N LEU H 132 -26.25 60.98 23.88
CA LEU H 132 -26.18 59.54 23.95
C LEU H 132 -25.65 59.07 25.30
N ASN H 133 -25.86 59.84 26.35
CA ASN H 133 -25.25 59.54 27.63
C ASN H 133 -25.95 58.37 28.33
N ASN H 134 -27.24 58.19 28.08
CA ASN H 134 -27.99 57.15 28.76
C ASN H 134 -27.83 55.77 28.15
N LEU H 135 -27.19 55.67 26.98
CA LEU H 135 -27.10 54.41 26.25
C LEU H 135 -26.05 53.53 26.92
N LYS H 136 -26.51 52.58 27.71
CA LYS H 136 -25.66 51.73 28.53
C LYS H 136 -25.63 50.31 27.99
N GLN H 137 -24.67 49.53 28.47
CA GLN H 137 -24.52 48.15 28.02
C GLN H 137 -25.61 47.27 28.63
N GLU H 138 -26.74 47.19 27.94
CA GLU H 138 -27.93 46.47 28.39
C GLU H 138 -28.60 45.87 27.16
N ASN H 139 -29.86 45.46 27.31
CA ASN H 139 -30.65 44.93 26.22
C ASN H 139 -31.67 46.00 25.82
N ALA H 140 -31.35 46.75 24.77
CA ALA H 140 -32.10 47.95 24.41
C ALA H 140 -33.09 47.63 23.30
N TYR H 141 -34.38 47.89 23.55
CA TYR H 141 -35.38 47.66 22.52
C TYR H 141 -35.30 48.77 21.47
N LEU H 142 -35.28 48.39 20.19
CA LEU H 142 -35.44 49.37 19.13
C LEU H 142 -36.91 49.49 18.78
N LEU H 143 -37.38 50.71 18.56
CA LEU H 143 -38.76 50.93 18.16
C LEU H 143 -38.74 51.92 17.01
N ILE H 144 -39.61 51.70 16.03
CA ILE H 144 -39.72 52.59 14.88
C ILE H 144 -41.19 52.86 14.61
N ARG H 145 -41.56 54.13 14.56
CA ARG H 145 -42.85 54.48 13.97
C ARG H 145 -42.59 55.37 12.76
N ARG H 146 -43.68 55.79 12.13
CA ARG H 146 -43.59 56.74 11.04
C ARG H 146 -44.48 57.95 11.31
N SER I 2 48.28 1.36 -51.79
CA SER I 2 48.22 2.73 -51.28
C SER I 2 48.04 2.74 -49.78
N VAL I 3 48.36 3.87 -49.17
CA VAL I 3 48.31 4.04 -47.72
C VAL I 3 46.99 4.71 -47.38
N VAL I 4 46.06 3.96 -46.82
CA VAL I 4 44.73 4.46 -46.52
C VAL I 4 44.64 4.66 -45.01
N GLY I 5 44.55 5.92 -44.58
CA GLY I 5 44.65 6.21 -43.16
C GLY I 5 46.05 5.94 -42.67
N SER I 6 46.14 5.27 -41.51
CA SER I 6 47.39 4.76 -41.00
C SER I 6 47.55 3.26 -41.26
N LEU I 7 46.83 2.73 -42.24
CA LEU I 7 46.82 1.30 -42.54
C LEU I 7 47.23 1.11 -43.98
N ILE I 8 48.04 0.09 -44.24
CA ILE I 8 48.50 -0.22 -45.59
C ILE I 8 47.94 -1.57 -45.99
N PHE I 9 47.11 -1.57 -47.05
CA PHE I 9 46.54 -2.79 -47.57
C PHE I 9 47.29 -3.24 -48.82
N CYS I 10 47.19 -4.53 -49.10
CA CYS I 10 47.71 -5.06 -50.34
C CYS I 10 46.86 -4.59 -51.51
N LEU I 11 47.51 -4.37 -52.65
CA LEU I 11 46.83 -3.94 -53.86
C LEU I 11 46.50 -5.11 -54.78
N ASP I 12 46.77 -6.33 -54.33
CA ASP I 12 46.36 -7.54 -55.05
C ASP I 12 45.32 -8.33 -54.28
N CYS I 13 45.62 -8.71 -53.05
CA CYS I 13 44.63 -9.30 -52.16
C CYS I 13 44.11 -8.22 -51.22
N GLY I 14 43.14 -8.59 -50.39
CA GLY I 14 42.53 -7.60 -49.52
C GLY I 14 43.11 -7.58 -48.13
N ASP I 15 44.33 -8.10 -47.99
CA ASP I 15 44.91 -8.25 -46.66
C ASP I 15 45.45 -6.93 -46.14
N LEU I 16 45.40 -6.80 -44.81
CA LEU I 16 46.06 -5.71 -44.11
C LEU I 16 47.51 -6.10 -43.84
N LEU I 17 48.43 -5.34 -44.43
CA LEU I 17 49.85 -5.64 -44.30
C LEU I 17 50.34 -5.31 -42.90
N GLU I 18 51.59 -5.66 -42.63
CA GLU I 18 52.16 -5.46 -41.32
C GLU I 18 52.47 -3.97 -41.10
N ASN I 19 52.82 -3.64 -39.86
CA ASN I 19 53.24 -2.28 -39.55
C ASN I 19 54.73 -2.15 -39.84
N PRO I 20 55.14 -1.28 -40.78
CA PRO I 20 56.56 -1.26 -41.22
C PRO I 20 57.55 -0.78 -40.15
N ASN I 21 57.08 -0.25 -39.02
CA ASN I 21 57.99 -0.02 -37.90
C ASN I 21 58.26 -1.30 -37.12
N ALA I 22 57.27 -2.19 -37.04
CA ALA I 22 57.49 -3.50 -36.45
C ALA I 22 58.24 -4.44 -37.39
N VAL I 23 58.21 -4.16 -38.70
CA VAL I 23 58.96 -4.95 -39.66
C VAL I 23 60.44 -4.63 -39.51
N LEU I 24 61.27 -5.68 -39.45
CA LEU I 24 62.71 -5.47 -39.39
C LEU I 24 63.25 -4.97 -40.73
N GLY I 25 62.72 -5.51 -41.84
CA GLY I 25 63.26 -5.24 -43.15
C GLY I 25 62.55 -4.11 -43.87
N SER I 26 62.89 -3.95 -45.14
CA SER I 26 62.38 -2.89 -45.99
C SER I 26 61.22 -3.35 -46.87
N ASN I 27 61.32 -4.54 -47.46
CA ASN I 27 60.25 -5.05 -48.31
C ASN I 27 59.08 -5.48 -47.44
N VAL I 28 57.91 -4.87 -47.68
CA VAL I 28 56.73 -5.17 -46.87
C VAL I 28 56.17 -6.51 -47.28
N GLU I 29 56.03 -7.42 -46.31
CA GLU I 29 55.60 -8.78 -46.56
C GLU I 29 54.22 -9.01 -45.95
N CYS I 30 53.35 -9.69 -46.70
CA CYS I 30 51.97 -9.89 -46.31
C CYS I 30 51.86 -10.98 -45.24
N SER I 31 50.62 -11.27 -44.85
CA SER I 31 50.34 -12.32 -43.88
C SER I 31 49.76 -13.58 -44.50
N GLN I 32 49.30 -13.52 -45.76
CA GLN I 32 48.82 -14.71 -46.44
C GLN I 32 49.62 -15.02 -47.69
N CYS I 33 49.77 -14.07 -48.61
CA CYS I 33 50.42 -14.32 -49.89
C CYS I 33 51.88 -13.91 -49.91
N LYS I 34 52.28 -13.00 -49.02
CA LYS I 34 53.67 -12.62 -48.74
C LYS I 34 54.34 -12.02 -49.98
N ALA I 35 53.81 -10.89 -50.42
CA ALA I 35 54.21 -10.23 -51.66
C ALA I 35 55.36 -9.27 -51.41
N ILE I 36 55.66 -8.43 -52.41
CA ILE I 36 56.85 -7.58 -52.43
C ILE I 36 56.42 -6.14 -52.63
N TYR I 37 56.90 -5.25 -51.76
CA TYR I 37 56.57 -3.84 -51.79
C TYR I 37 57.81 -3.00 -51.54
N PRO I 38 57.90 -1.82 -52.16
CA PRO I 38 58.98 -0.89 -51.82
C PRO I 38 58.81 -0.33 -50.41
N LYS I 39 59.92 0.17 -49.87
CA LYS I 39 59.90 0.77 -48.54
C LYS I 39 59.71 2.28 -48.60
N SER I 40 60.64 2.98 -49.26
CA SER I 40 60.66 4.44 -49.28
C SER I 40 59.58 4.95 -50.23
N GLN I 41 58.34 4.92 -49.76
CA GLN I 41 57.22 5.35 -50.58
C GLN I 41 56.18 6.14 -49.79
N PHE I 42 56.35 6.27 -48.48
CA PHE I 42 55.31 6.80 -47.61
C PHE I 42 55.93 7.22 -46.28
N SER I 43 55.08 7.58 -45.32
CA SER I 43 55.46 7.78 -43.93
C SER I 43 54.20 7.62 -43.08
N ASN I 44 54.39 7.59 -41.77
CA ASN I 44 53.24 7.56 -40.87
C ASN I 44 52.55 8.92 -40.83
N LEU I 45 51.60 9.10 -41.74
CA LEU I 45 50.98 10.38 -42.05
C LEU I 45 50.14 10.90 -40.88
N LYS I 46 49.75 12.17 -40.99
CA LYS I 46 49.18 12.92 -39.87
C LYS I 46 47.73 12.54 -39.66
N VAL I 47 47.51 11.60 -38.73
CA VAL I 47 46.22 11.44 -38.08
C VAL I 47 45.84 12.77 -37.44
N VAL I 48 44.58 13.17 -37.60
CA VAL I 48 44.06 14.40 -37.00
C VAL I 48 42.82 14.02 -36.21
N THR I 49 42.88 14.12 -34.89
CA THR I 49 41.82 13.63 -34.02
C THR I 49 41.34 14.78 -33.12
N THR I 50 40.43 15.58 -33.63
CA THR I 50 39.86 16.68 -32.87
C THR I 50 38.71 16.15 -32.02
N THR I 51 37.99 17.05 -31.34
CA THR I 51 36.77 16.69 -30.64
C THR I 51 35.68 17.72 -30.93
N ALA I 52 34.47 17.23 -31.16
CA ALA I 52 33.32 18.11 -31.17
C ALA I 52 33.01 18.55 -29.74
N ASP I 53 32.24 19.63 -29.61
CA ASP I 53 31.90 20.19 -28.31
C ASP I 53 30.78 19.39 -27.63
N ASP I 54 31.11 18.13 -27.34
CA ASP I 54 30.22 17.23 -26.60
C ASP I 54 30.72 16.95 -25.21
N ALA I 55 32.04 16.87 -25.02
CA ALA I 55 32.64 16.88 -23.69
C ALA I 55 32.85 18.33 -23.28
N PHE I 56 33.58 18.52 -22.17
CA PHE I 56 34.01 19.81 -21.63
C PHE I 56 32.85 20.74 -21.30
N PRO I 57 32.04 20.48 -20.25
CA PRO I 57 31.00 21.45 -19.89
C PRO I 57 31.57 22.71 -19.26
N SER I 58 31.56 23.82 -20.01
CA SER I 58 32.25 25.02 -19.59
C SER I 58 31.38 26.26 -19.74
N SER I 59 31.99 27.44 -19.59
CA SER I 59 31.26 28.70 -19.65
C SER I 59 30.83 29.03 -21.07
N LEU I 60 31.74 28.88 -22.03
CA LEU I 60 31.40 29.20 -23.41
C LEU I 60 30.46 28.17 -24.01
N ARG I 61 30.52 26.92 -23.52
CA ARG I 61 29.51 25.95 -23.88
C ARG I 61 28.14 26.36 -23.32
N ALA I 62 28.12 27.04 -22.18
CA ALA I 62 26.89 27.58 -21.62
C ALA I 62 26.51 28.93 -22.22
N LYS I 63 27.38 29.55 -23.00
CA LYS I 63 27.10 30.85 -23.58
C LYS I 63 27.05 30.83 -25.11
N LYS I 64 28.10 30.33 -25.76
CA LYS I 64 28.13 30.39 -27.22
C LYS I 64 28.85 29.19 -27.82
N MET J 1 -34.73 -8.63 -19.06
CA MET J 1 -35.25 -9.98 -19.21
C MET J 1 -36.74 -9.91 -19.53
N ILE J 2 -37.56 -9.86 -18.49
CA ILE J 2 -39.01 -9.89 -18.62
C ILE J 2 -39.57 -8.64 -17.95
N VAL J 3 -40.60 -8.07 -18.57
CA VAL J 3 -41.14 -6.73 -18.26
C VAL J 3 -41.64 -6.69 -16.83
N PRO J 4 -41.30 -5.68 -16.04
CA PRO J 4 -41.75 -5.64 -14.65
C PRO J 4 -43.21 -5.27 -14.55
N VAL J 5 -43.84 -5.74 -13.47
CA VAL J 5 -45.23 -5.41 -13.22
C VAL J 5 -45.39 -3.92 -12.96
N ARG J 6 -44.68 -3.40 -11.97
CA ARG J 6 -44.84 -2.02 -11.58
C ARG J 6 -43.64 -1.18 -12.01
N CYS J 7 -43.83 0.13 -11.98
CA CYS J 7 -42.74 1.07 -12.14
C CYS J 7 -41.92 1.14 -10.87
N PHE J 8 -40.63 1.44 -11.03
CA PHE J 8 -39.75 1.50 -9.86
C PHE J 8 -40.03 2.75 -9.04
N SER J 9 -40.18 3.88 -9.71
CA SER J 9 -40.19 5.17 -9.02
C SER J 9 -41.53 5.40 -8.32
N CYS J 10 -42.64 5.16 -9.01
CA CYS J 10 -43.96 5.50 -8.50
C CYS J 10 -44.77 4.25 -8.14
N GLY J 11 -44.96 3.34 -9.09
CA GLY J 11 -45.68 2.11 -8.77
C GLY J 11 -46.81 1.81 -9.74
N LYS J 12 -46.85 2.52 -10.87
CA LYS J 12 -47.90 2.33 -11.84
C LYS J 12 -47.70 1.02 -12.59
N VAL J 13 -48.76 0.21 -12.66
CA VAL J 13 -48.69 -1.14 -13.21
C VAL J 13 -48.49 -1.09 -14.71
N VAL J 14 -47.27 -1.38 -15.15
CA VAL J 14 -46.84 -1.05 -16.50
C VAL J 14 -46.51 -2.27 -17.35
N GLY J 15 -46.50 -3.47 -16.76
CA GLY J 15 -46.20 -4.68 -17.51
C GLY J 15 -47.29 -5.11 -18.46
N ASP J 16 -48.53 -4.67 -18.24
CA ASP J 16 -49.60 -5.00 -19.16
C ASP J 16 -49.51 -4.21 -20.46
N LYS J 17 -48.72 -3.14 -20.49
CA LYS J 17 -48.60 -2.28 -21.65
C LYS J 17 -47.39 -2.60 -22.50
N TRP J 18 -46.96 -3.87 -22.51
CA TRP J 18 -45.80 -4.24 -23.30
C TRP J 18 -46.15 -4.85 -24.66
N GLU J 19 -47.04 -5.85 -24.67
CA GLU J 19 -47.45 -6.44 -25.94
C GLU J 19 -48.24 -5.44 -26.78
N SER J 20 -49.01 -4.58 -26.12
CA SER J 20 -49.65 -3.49 -26.84
C SER J 20 -48.64 -2.46 -27.33
N TYR J 21 -47.50 -2.33 -26.65
CA TYR J 21 -46.48 -1.40 -27.09
C TYR J 21 -45.81 -1.88 -28.38
N LEU J 22 -45.47 -3.16 -28.44
CA LEU J 22 -44.93 -3.71 -29.67
C LEU J 22 -45.99 -3.78 -30.77
N ASN J 23 -47.26 -3.97 -30.37
CA ASN J 23 -48.39 -3.89 -31.30
C ASN J 23 -48.43 -2.52 -31.97
N LEU J 24 -48.38 -1.44 -31.17
CA LEU J 24 -48.40 -0.09 -31.70
C LEU J 24 -47.16 0.24 -32.52
N LEU J 25 -46.01 -0.33 -32.15
CA LEU J 25 -44.80 -0.08 -32.92
C LEU J 25 -44.84 -0.77 -34.28
N GLN J 26 -45.29 -2.02 -34.33
CA GLN J 26 -45.18 -2.76 -35.57
C GLN J 26 -46.34 -2.49 -36.51
N GLU J 27 -47.58 -2.52 -36.00
CA GLU J 27 -48.74 -2.47 -36.87
C GLU J 27 -49.03 -1.08 -37.42
N ASP J 28 -48.59 -0.02 -36.73
CA ASP J 28 -49.05 1.32 -37.03
C ASP J 28 -47.94 2.29 -37.41
N GLU J 29 -46.66 1.90 -37.24
CA GLU J 29 -45.48 2.75 -37.41
C GLU J 29 -45.54 4.01 -36.56
N LEU J 30 -46.00 3.86 -35.32
CA LEU J 30 -45.95 4.95 -34.36
C LEU J 30 -44.53 5.14 -33.86
N ASP J 31 -44.09 6.39 -33.77
CA ASP J 31 -42.87 6.66 -33.05
C ASP J 31 -43.16 6.55 -31.56
N GLU J 32 -42.09 6.29 -30.79
CA GLU J 32 -42.23 5.83 -29.41
C GLU J 32 -42.74 6.91 -28.48
N GLY J 33 -42.57 8.19 -28.84
CA GLY J 33 -43.20 9.24 -28.06
C GLY J 33 -44.71 9.21 -28.19
N THR J 34 -45.20 9.14 -29.42
CA THR J 34 -46.64 9.06 -29.65
C THR J 34 -47.19 7.71 -29.18
N ALA J 35 -46.36 6.66 -29.23
CA ALA J 35 -46.78 5.35 -28.78
C ALA J 35 -46.97 5.32 -27.26
N LEU J 36 -46.00 5.84 -26.53
CA LEU J 36 -46.13 5.89 -25.08
C LEU J 36 -47.15 6.93 -24.65
N SER J 37 -47.44 7.92 -25.48
CA SER J 37 -48.52 8.84 -25.17
C SER J 37 -49.88 8.18 -25.35
N ARG J 38 -50.02 7.32 -26.36
CA ARG J 38 -51.29 6.63 -26.58
C ARG J 38 -51.53 5.56 -25.53
N LEU J 39 -50.47 4.95 -25.02
CA LEU J 39 -50.62 3.98 -23.94
C LEU J 39 -51.00 4.61 -22.61
N GLY J 40 -50.90 5.94 -22.49
CA GLY J 40 -51.33 6.60 -21.28
C GLY J 40 -50.23 6.83 -20.27
N LEU J 41 -48.97 6.69 -20.67
CA LEU J 41 -47.85 6.94 -19.77
C LEU J 41 -47.44 8.41 -19.92
N LYS J 42 -47.70 9.20 -18.89
CA LYS J 42 -47.44 10.63 -18.92
C LYS J 42 -46.16 11.00 -18.20
N ARG J 43 -45.97 10.48 -16.98
CA ARG J 43 -44.72 10.71 -16.25
C ARG J 43 -43.59 9.97 -16.92
N TYR J 44 -42.41 10.61 -16.97
CA TYR J 44 -41.26 9.95 -17.58
C TYR J 44 -40.69 8.85 -16.69
N CYS J 45 -41.04 8.84 -15.40
CA CYS J 45 -40.65 7.74 -14.53
C CYS J 45 -41.30 6.44 -14.99
N CYS J 46 -42.54 6.50 -15.45
CA CYS J 46 -43.17 5.34 -16.06
C CYS J 46 -42.62 5.07 -17.46
N ARG J 47 -42.22 6.11 -18.18
CA ARG J 47 -41.81 5.95 -19.56
C ARG J 47 -40.46 5.28 -19.70
N ARG J 48 -39.58 5.46 -18.71
CA ARG J 48 -38.29 4.77 -18.75
C ARG J 48 -38.41 3.27 -18.51
N MET J 49 -39.56 2.78 -18.05
CA MET J 49 -39.72 1.36 -17.79
C MET J 49 -39.93 0.58 -19.07
N ILE J 50 -40.65 1.16 -20.04
CA ILE J 50 -41.07 0.48 -21.25
C ILE J 50 -40.20 0.94 -22.41
N LEU J 51 -39.74 2.18 -22.33
CA LEU J 51 -38.91 2.73 -23.39
C LEU J 51 -37.56 2.03 -23.47
N THR J 52 -37.05 1.50 -22.35
CA THR J 52 -35.70 1.00 -22.28
C THR J 52 -35.60 -0.51 -22.18
N HIS J 53 -36.70 -1.20 -21.87
CA HIS J 53 -36.67 -2.59 -21.48
C HIS J 53 -36.22 -3.50 -22.62
N VAL J 54 -35.51 -4.57 -22.26
CA VAL J 54 -34.92 -5.52 -23.20
C VAL J 54 -35.50 -6.89 -22.94
N ASP J 55 -36.06 -7.51 -23.97
CA ASP J 55 -36.58 -8.87 -23.86
C ASP J 55 -35.42 -9.85 -23.95
N LEU J 56 -34.73 -10.03 -22.84
CA LEU J 56 -33.63 -10.96 -22.81
C LEU J 56 -34.09 -12.40 -22.61
N ILE J 57 -35.36 -12.59 -22.21
CA ILE J 57 -35.90 -13.93 -22.01
C ILE J 57 -36.09 -14.66 -23.32
N GLU J 58 -36.16 -13.92 -24.44
CA GLU J 58 -36.25 -14.54 -25.76
C GLU J 58 -35.00 -15.35 -26.06
N LYS J 59 -33.83 -14.86 -25.66
CA LYS J 59 -32.60 -15.59 -25.85
C LYS J 59 -32.48 -16.74 -24.86
N PHE J 60 -33.14 -16.64 -23.71
CA PHE J 60 -33.12 -17.72 -22.73
C PHE J 60 -34.06 -18.85 -23.10
N LEU J 61 -35.07 -18.59 -23.92
CA LEU J 61 -35.99 -19.67 -24.28
C LEU J 61 -35.40 -20.62 -25.29
N ARG J 62 -34.45 -20.16 -26.11
CA ARG J 62 -33.91 -20.95 -27.21
C ARG J 62 -33.04 -22.12 -26.76
N TYR J 63 -32.73 -22.24 -25.47
CA TYR J 63 -31.87 -23.29 -24.93
C TYR J 63 -32.73 -24.15 -24.02
N ASN J 64 -33.44 -25.11 -24.60
CA ASN J 64 -34.43 -25.86 -23.85
C ASN J 64 -33.89 -27.26 -23.56
N PRO J 65 -33.76 -27.65 -22.28
CA PRO J 65 -33.31 -29.01 -21.98
C PRO J 65 -34.40 -30.06 -22.04
N LEU J 66 -35.65 -29.68 -22.32
CA LEU J 66 -36.76 -30.62 -22.31
C LEU J 66 -37.32 -30.87 -23.70
N GLU J 67 -36.50 -30.68 -24.73
CA GLU J 67 -36.96 -30.81 -26.10
C GLU J 67 -35.75 -31.04 -27.00
N LYS J 68 -35.96 -31.84 -28.05
CA LYS J 68 -34.96 -32.04 -29.08
C LYS J 68 -34.82 -30.78 -29.95
N ARG J 69 -33.98 -30.86 -30.96
CA ARG J 69 -33.73 -29.71 -31.82
C ARG J 69 -34.89 -29.48 -32.78
N PRO K 42 -54.94 -2.94 28.29
CA PRO K 42 -54.28 -4.01 27.56
C PRO K 42 -53.13 -3.49 26.70
N ASP K 43 -53.00 -2.18 26.61
CA ASP K 43 -51.92 -1.53 25.86
C ASP K 43 -51.34 -0.44 26.76
N ARG K 44 -50.38 -0.81 27.59
CA ARG K 44 -49.59 0.17 28.33
C ARG K 44 -48.33 0.57 27.57
N GLU K 45 -48.19 0.12 26.33
CA GLU K 45 -46.95 0.26 25.59
C GLU K 45 -47.16 1.02 24.27
N LYS K 46 -48.13 1.92 24.26
CA LYS K 46 -48.28 2.88 23.17
C LYS K 46 -47.71 4.24 23.53
N ILE K 47 -48.09 4.77 24.69
CA ILE K 47 -47.58 6.03 25.20
C ILE K 47 -47.06 5.81 26.61
N LYS K 48 -45.92 6.41 26.93
CA LYS K 48 -45.34 6.34 28.27
C LYS K 48 -44.81 7.70 28.66
N LEU K 49 -44.97 8.04 29.94
CA LEU K 49 -44.42 9.28 30.48
C LEU K 49 -42.98 9.06 30.88
N LEU K 50 -42.08 9.86 30.31
CA LEU K 50 -40.66 9.78 30.64
C LEU K 50 -40.45 10.55 31.93
N THR K 51 -40.15 9.83 33.03
CA THR K 51 -40.04 10.42 34.36
C THR K 51 -38.83 11.34 34.50
N GLN K 52 -37.89 11.28 33.56
CA GLN K 52 -36.68 12.10 33.63
C GLN K 52 -36.95 13.56 33.31
N ALA K 53 -38.10 13.86 32.71
CA ALA K 53 -38.46 15.23 32.37
C ALA K 53 -39.79 15.60 33.00
N THR K 54 -39.97 15.28 34.27
CA THR K 54 -41.20 15.56 35.00
C THR K 54 -40.91 16.39 36.23
N SER K 55 -41.60 17.51 36.36
CA SER K 55 -41.56 18.32 37.57
C SER K 55 -42.65 17.85 38.52
N GLU K 56 -42.93 18.64 39.56
CA GLU K 56 -44.03 18.31 40.45
C GLU K 56 -45.38 18.61 39.81
N ASP K 57 -45.54 19.83 39.28
CA ASP K 57 -46.78 20.18 38.60
C ASP K 57 -46.89 19.48 37.25
N GLY K 58 -45.77 19.28 36.58
CA GLY K 58 -45.82 18.70 35.25
C GLY K 58 -46.19 19.70 34.18
N THR K 59 -45.71 20.94 34.30
CA THR K 59 -45.84 21.95 33.26
C THR K 59 -44.74 21.86 32.22
N SER K 60 -44.05 20.72 32.19
CA SER K 60 -43.01 20.40 31.22
C SER K 60 -42.87 18.90 31.24
N ALA K 61 -43.10 18.25 30.11
CA ALA K 61 -43.03 16.80 30.06
C ALA K 61 -42.67 16.33 28.66
N SER K 62 -42.06 15.15 28.61
CA SER K 62 -41.77 14.45 27.37
C SER K 62 -42.52 13.13 27.36
N PHE K 63 -43.25 12.87 26.29
CA PHE K 63 -43.99 11.63 26.13
C PHE K 63 -43.34 10.78 25.05
N GLN K 64 -43.27 9.47 25.32
CA GLN K 64 -42.72 8.49 24.38
C GLN K 64 -43.87 7.75 23.72
N ILE K 65 -44.01 7.91 22.41
CA ILE K 65 -45.08 7.31 21.64
C ILE K 65 -44.48 6.24 20.74
N VAL K 66 -44.99 5.02 20.87
CA VAL K 66 -44.36 3.84 20.29
C VAL K 66 -44.99 3.53 18.95
N GLU K 67 -44.14 3.20 17.97
CA GLU K 67 -44.52 2.71 16.63
C GLU K 67 -45.30 3.77 15.84
N GLU K 68 -44.74 4.96 15.75
CA GLU K 68 -45.31 6.05 14.95
C GLU K 68 -44.17 6.74 14.21
N ASP K 69 -44.45 7.92 13.67
CA ASP K 69 -43.60 8.50 12.63
C ASP K 69 -43.86 9.99 12.53
N HIS K 70 -43.46 10.60 11.41
CA HIS K 70 -43.73 12.00 11.12
C HIS K 70 -45.24 12.32 11.05
N THR K 71 -46.06 11.31 10.73
CA THR K 71 -47.49 11.50 10.48
C THR K 71 -48.19 12.08 11.69
N LEU K 72 -48.14 11.36 12.80
CA LEU K 72 -48.84 11.77 14.00
C LEU K 72 -48.18 12.97 14.64
N GLY K 73 -46.84 13.02 14.61
CA GLY K 73 -46.13 14.05 15.33
C GLY K 73 -46.21 15.42 14.68
N ASN K 74 -46.01 15.48 13.35
CA ASN K 74 -45.96 16.76 12.66
C ASN K 74 -47.32 17.47 12.64
N ALA K 75 -48.40 16.74 12.87
CA ALA K 75 -49.72 17.36 13.01
C ALA K 75 -50.13 17.52 14.46
N LEU K 76 -49.65 16.65 15.36
CA LEU K 76 -49.99 16.80 16.76
C LEU K 76 -49.31 18.03 17.34
N ARG K 77 -48.10 18.34 16.87
CA ARG K 77 -47.48 19.60 17.25
C ARG K 77 -48.24 20.80 16.68
N TYR K 78 -48.83 20.67 15.49
CA TYR K 78 -49.58 21.78 14.93
C TYR K 78 -50.85 22.05 15.71
N VAL K 79 -51.46 21.00 16.26
CA VAL K 79 -52.67 21.23 17.03
C VAL K 79 -52.33 21.70 18.46
N ILE K 80 -51.25 21.21 19.06
CA ILE K 80 -50.90 21.65 20.40
C ILE K 80 -50.30 23.06 20.39
N MET K 81 -49.59 23.45 19.33
CA MET K 81 -49.04 24.82 19.25
C MET K 81 -50.11 25.88 19.03
N LYS K 82 -51.32 25.52 18.62
CA LYS K 82 -52.42 26.48 18.49
C LYS K 82 -53.20 26.52 19.80
N ASN K 83 -52.54 27.05 20.81
CA ASN K 83 -53.03 27.02 22.18
C ASN K 83 -52.32 28.11 22.96
N PRO K 84 -53.05 29.00 23.64
CA PRO K 84 -52.39 30.08 24.39
C PRO K 84 -51.78 29.66 25.72
N ASP K 85 -51.62 28.36 25.95
CA ASP K 85 -51.05 27.88 27.20
C ASP K 85 -49.74 27.13 27.03
N VAL K 86 -49.55 26.40 25.94
CA VAL K 86 -48.32 25.65 25.72
C VAL K 86 -47.21 26.61 25.28
N GLU K 87 -46.14 26.68 26.07
CA GLU K 87 -45.00 27.54 25.75
C GLU K 87 -44.10 26.90 24.72
N PHE K 88 -43.78 25.61 24.91
CA PHE K 88 -42.82 24.91 24.07
C PHE K 88 -43.39 23.56 23.67
N CYS K 89 -43.32 23.24 22.38
CA CYS K 89 -43.82 21.95 21.94
C CYS K 89 -43.06 21.52 20.70
N GLY K 90 -42.63 20.27 20.68
CA GLY K 90 -41.87 19.77 19.55
C GLY K 90 -41.64 18.27 19.63
N TYR K 91 -41.48 17.64 18.47
CA TYR K 91 -41.31 16.20 18.41
C TYR K 91 -39.87 15.89 18.04
N SER K 92 -39.45 14.69 18.40
CA SER K 92 -38.16 14.17 17.98
C SER K 92 -38.34 12.73 17.55
N ILE K 93 -37.85 12.42 16.36
CA ILE K 93 -37.61 11.05 15.92
C ILE K 93 -36.12 10.80 16.14
N PRO K 94 -35.73 10.04 17.18
CA PRO K 94 -34.31 9.90 17.51
C PRO K 94 -33.48 9.19 16.45
N HIS K 95 -33.84 7.96 16.11
CA HIS K 95 -33.12 7.24 15.08
C HIS K 95 -34.14 6.46 14.27
N PRO K 96 -34.43 6.90 13.04
CA PRO K 96 -35.60 6.38 12.33
C PRO K 96 -35.47 4.98 11.76
N SER K 97 -34.41 4.23 12.11
CA SER K 97 -34.43 2.79 11.90
C SER K 97 -35.32 2.08 12.92
N GLU K 98 -35.55 2.70 14.07
CA GLU K 98 -36.56 2.25 15.01
C GLU K 98 -37.66 3.30 15.08
N ASN K 99 -38.90 2.84 15.25
CA ASN K 99 -40.07 3.71 15.14
C ASN K 99 -40.53 4.10 16.55
N LEU K 100 -40.03 5.24 17.02
CA LEU K 100 -40.48 5.84 18.27
C LEU K 100 -40.67 7.33 18.01
N LEU K 101 -41.29 8.00 18.96
CA LEU K 101 -41.55 9.43 18.82
C LEU K 101 -41.51 10.04 20.21
N ASN K 102 -41.02 11.28 20.31
CA ASN K 102 -41.01 11.96 21.60
C ASN K 102 -41.61 13.35 21.46
N ILE K 103 -42.41 13.73 22.46
CA ILE K 103 -43.23 14.95 22.40
C ILE K 103 -42.92 15.83 23.60
N ARG K 104 -42.60 17.10 23.35
CA ARG K 104 -42.49 18.12 24.39
C ARG K 104 -43.82 18.81 24.64
N ILE K 105 -44.14 19.02 25.91
CA ILE K 105 -45.21 19.93 26.31
C ILE K 105 -44.68 20.76 27.47
N GLN K 106 -44.39 22.03 27.21
CA GLN K 106 -44.09 23.00 28.25
C GLN K 106 -45.18 24.05 28.25
N THR K 107 -45.94 24.09 29.34
CA THR K 107 -47.00 25.05 29.56
C THR K 107 -46.55 26.08 30.58
N TYR K 108 -47.17 27.25 30.51
CA TYR K 108 -46.85 28.31 31.47
C TYR K 108 -47.36 27.96 32.85
N GLY K 109 -48.67 27.79 32.98
CA GLY K 109 -49.26 27.45 34.26
C GLY K 109 -50.66 26.92 34.05
N GLU K 110 -51.30 26.58 35.17
CA GLU K 110 -52.73 26.27 35.32
C GLU K 110 -53.16 24.96 34.69
N THR K 111 -52.28 24.30 33.94
CA THR K 111 -52.56 22.99 33.37
C THR K 111 -51.32 22.12 33.50
N THR K 112 -51.53 20.82 33.38
CA THR K 112 -50.43 19.87 33.25
C THR K 112 -50.15 19.68 31.77
N ALA K 113 -49.39 18.64 31.44
CA ALA K 113 -49.11 18.32 30.04
C ALA K 113 -50.20 17.45 29.43
N VAL K 114 -50.76 16.54 30.23
CA VAL K 114 -51.72 15.55 29.73
C VAL K 114 -52.99 16.22 29.23
N ASP K 115 -53.40 17.32 29.87
CA ASP K 115 -54.53 18.11 29.39
C ASP K 115 -54.26 18.68 28.00
N ALA K 116 -53.05 19.21 27.78
CA ALA K 116 -52.72 19.81 26.50
C ALA K 116 -52.60 18.75 25.41
N LEU K 117 -52.05 17.59 25.75
CA LEU K 117 -51.92 16.50 24.78
C LEU K 117 -53.27 15.95 24.37
N GLN K 118 -54.17 15.77 25.35
CA GLN K 118 -55.49 15.24 25.00
C GLN K 118 -56.33 16.27 24.29
N LYS K 119 -56.14 17.57 24.56
CA LYS K 119 -56.84 18.57 23.79
C LYS K 119 -56.29 18.65 22.37
N GLY K 120 -54.98 18.45 22.21
CA GLY K 120 -54.39 18.38 20.87
C GLY K 120 -54.78 17.14 20.10
N LEU K 121 -55.17 16.07 20.79
CA LEU K 121 -55.74 14.92 20.09
C LEU K 121 -57.21 15.15 19.74
N LYS K 122 -57.96 15.74 20.68
CA LYS K 122 -59.40 15.92 20.49
C LYS K 122 -59.70 16.90 19.38
N ASP K 123 -58.92 17.99 19.30
CA ASP K 123 -59.20 18.97 18.26
C ASP K 123 -58.76 18.50 16.90
N LEU K 124 -57.74 17.62 16.83
CA LEU K 124 -57.37 17.06 15.54
C LEU K 124 -58.39 16.03 15.08
N MET K 125 -58.97 15.25 16.01
CA MET K 125 -60.11 14.41 15.68
C MET K 125 -61.28 15.23 15.15
N ASP K 126 -61.55 16.38 15.77
CA ASP K 126 -62.64 17.23 15.32
C ASP K 126 -62.36 17.82 13.94
N LEU K 127 -61.10 18.16 13.66
CA LEU K 127 -60.76 18.69 12.34
C LEU K 127 -60.86 17.61 11.28
N CYS K 128 -60.48 16.37 11.62
CA CYS K 128 -60.66 15.27 10.70
C CYS K 128 -62.14 14.99 10.46
N ASP K 129 -62.98 15.16 11.48
CA ASP K 129 -64.42 15.05 11.31
C ASP K 129 -64.97 16.13 10.40
N VAL K 130 -64.41 17.34 10.50
CA VAL K 130 -64.85 18.44 9.65
C VAL K 130 -64.51 18.17 8.20
N VAL K 131 -63.26 17.77 7.91
CA VAL K 131 -62.90 17.52 6.52
C VAL K 131 -63.59 16.25 5.97
N GLU K 132 -63.82 15.25 6.84
CA GLU K 132 -64.55 14.05 6.46
C GLU K 132 -66.00 14.35 6.13
N SER K 133 -66.61 15.30 6.83
CA SER K 133 -67.97 15.69 6.51
C SER K 133 -68.02 16.54 5.24
N LYS K 134 -67.09 17.50 5.10
CA LYS K 134 -67.20 18.45 4.01
C LYS K 134 -66.83 17.84 2.67
N PHE K 135 -65.88 16.90 2.64
CA PHE K 135 -65.52 16.28 1.36
C PHE K 135 -66.65 15.38 0.87
N THR K 136 -67.32 14.69 1.80
CA THR K 136 -68.51 13.91 1.47
C THR K 136 -69.65 14.79 0.97
N GLU K 137 -69.88 15.92 1.65
CA GLU K 137 -70.94 16.82 1.22
C GLU K 137 -70.62 17.52 -0.10
N LYS K 138 -69.35 17.60 -0.49
CA LYS K 138 -69.01 18.12 -1.81
C LYS K 138 -69.01 17.05 -2.90
N ILE K 139 -68.92 15.76 -2.53
CA ILE K 139 -69.06 14.72 -3.55
C ILE K 139 -70.52 14.50 -3.91
N LYS K 140 -71.35 14.21 -2.91
CA LYS K 140 -72.72 13.78 -3.16
C LYS K 140 -73.67 14.93 -3.46
N SER K 141 -73.16 16.17 -3.51
CA SER K 141 -73.91 17.28 -4.05
C SER K 141 -73.39 17.74 -5.40
N MET K 142 -72.26 17.21 -5.86
CA MET K 142 -71.72 17.54 -7.17
C MET K 142 -72.55 16.92 -8.27
N LEU L 27 -39.34 -42.43 -14.61
CA LEU L 27 -38.39 -41.58 -15.30
C LEU L 27 -37.65 -40.68 -14.32
N LYS L 28 -36.49 -41.13 -13.83
CA LYS L 28 -35.73 -40.33 -12.87
C LYS L 28 -34.99 -39.19 -13.57
N TYR L 29 -34.24 -39.50 -14.62
CA TYR L 29 -33.23 -38.61 -15.17
C TYR L 29 -33.63 -38.18 -16.57
N ILE L 30 -32.82 -37.31 -17.15
CA ILE L 30 -33.03 -36.80 -18.51
C ILE L 30 -31.68 -36.88 -19.22
N CYS L 31 -31.69 -37.19 -20.51
CA CYS L 31 -30.47 -37.09 -21.30
C CYS L 31 -30.10 -35.63 -21.52
N ALA L 32 -28.89 -35.42 -22.02
CA ALA L 32 -28.34 -34.07 -22.20
C ALA L 32 -27.95 -33.77 -23.64
N GLU L 33 -28.21 -34.67 -24.56
CA GLU L 33 -27.98 -34.35 -25.96
C GLU L 33 -29.20 -34.60 -26.83
N CYS L 34 -29.94 -35.68 -26.58
CA CYS L 34 -31.12 -35.99 -27.35
C CYS L 34 -32.41 -35.86 -26.53
N SER L 35 -32.30 -35.51 -25.25
CA SER L 35 -33.42 -35.22 -24.35
C SER L 35 -34.38 -36.41 -24.23
N SER L 36 -33.81 -37.55 -23.85
CA SER L 36 -34.56 -38.79 -23.72
C SER L 36 -34.67 -39.14 -22.24
N LYS L 37 -35.88 -39.09 -21.70
CA LYS L 37 -36.11 -39.37 -20.30
C LYS L 37 -35.94 -40.85 -20.01
N LEU L 38 -35.32 -41.17 -18.89
CA LEU L 38 -34.94 -42.54 -18.59
C LEU L 38 -34.79 -42.71 -17.08
N SER L 39 -34.24 -43.84 -16.67
CA SER L 39 -33.95 -44.14 -15.28
C SER L 39 -32.79 -45.12 -15.22
N LEU L 40 -32.05 -45.09 -14.11
CA LEU L 40 -30.89 -45.94 -13.92
C LEU L 40 -30.95 -46.61 -12.55
N SER L 41 -30.16 -47.68 -12.41
CA SER L 41 -30.08 -48.42 -11.14
C SER L 41 -28.64 -48.59 -10.69
N ARG L 42 -28.42 -49.40 -9.65
CA ARG L 42 -27.07 -49.67 -9.19
C ARG L 42 -26.36 -50.60 -10.16
N THR L 43 -25.12 -50.24 -10.50
CA THR L 43 -24.29 -50.88 -11.53
C THR L 43 -25.08 -50.98 -12.84
N ASP L 44 -25.40 -49.81 -13.38
CA ASP L 44 -26.12 -49.68 -14.63
C ASP L 44 -25.27 -48.84 -15.57
N ALA L 45 -25.58 -48.93 -16.85
CA ALA L 45 -24.82 -48.21 -17.88
C ALA L 45 -25.09 -46.72 -17.76
N VAL L 46 -24.15 -45.97 -17.18
CA VAL L 46 -24.32 -44.53 -17.07
C VAL L 46 -23.94 -43.96 -18.43
N ARG L 47 -24.93 -43.93 -19.31
CA ARG L 47 -24.81 -43.57 -20.71
C ARG L 47 -26.23 -43.51 -21.25
N CYS L 48 -26.45 -42.65 -22.25
CA CYS L 48 -27.77 -42.57 -22.85
C CYS L 48 -28.10 -43.86 -23.60
N LYS L 49 -29.39 -44.16 -23.67
CA LYS L 49 -29.83 -45.41 -24.26
C LYS L 49 -30.05 -45.30 -25.76
N ASP L 50 -30.65 -44.20 -26.21
CA ASP L 50 -30.94 -44.04 -27.62
C ASP L 50 -29.71 -43.67 -28.43
N CYS L 51 -28.75 -43.00 -27.79
CA CYS L 51 -27.51 -42.61 -28.48
C CYS L 51 -26.35 -42.76 -27.51
N GLY L 52 -25.14 -42.65 -28.04
CA GLY L 52 -23.97 -42.75 -27.20
C GLY L 52 -23.62 -41.42 -26.59
N HIS L 53 -24.04 -41.20 -25.36
CA HIS L 53 -23.80 -39.93 -24.68
C HIS L 53 -23.84 -40.18 -23.18
N ARG L 54 -22.92 -39.55 -22.46
CA ARG L 54 -22.58 -39.99 -21.12
C ARG L 54 -23.07 -39.09 -19.98
N ILE L 55 -23.18 -37.78 -20.20
CA ILE L 55 -23.63 -36.89 -19.13
C ILE L 55 -25.15 -36.83 -19.14
N LEU L 56 -25.73 -36.97 -17.94
CA LEU L 56 -27.17 -37.00 -17.77
C LEU L 56 -27.56 -35.97 -16.72
N LEU L 57 -28.74 -35.38 -16.89
CA LEU L 57 -29.22 -34.34 -16.00
C LEU L 57 -30.05 -34.99 -14.90
N LYS L 58 -30.81 -34.18 -14.17
CA LYS L 58 -31.80 -34.70 -13.24
C LYS L 58 -33.11 -33.94 -13.45
N ALA L 59 -34.21 -34.66 -13.46
CA ALA L 59 -35.50 -34.05 -13.74
C ALA L 59 -36.04 -33.32 -12.51
N ARG L 60 -36.69 -32.19 -12.73
CA ARG L 60 -37.40 -31.53 -11.64
C ARG L 60 -38.83 -32.03 -11.61
N THR L 61 -39.26 -32.53 -10.45
CA THR L 61 -40.54 -33.20 -10.30
C THR L 61 -41.48 -32.36 -9.44
N LYS L 62 -42.64 -32.92 -9.17
CA LYS L 62 -43.61 -32.29 -8.28
C LYS L 62 -43.15 -32.44 -6.84
N ARG L 63 -43.03 -31.31 -6.13
CA ARG L 63 -42.52 -31.27 -4.77
C ARG L 63 -42.85 -29.91 -4.16
N LEU L 64 -43.25 -29.93 -2.89
CA LEU L 64 -43.71 -28.71 -2.22
C LEU L 64 -42.55 -27.76 -1.93
N VAL L 65 -42.58 -26.59 -2.56
CA VAL L 65 -41.56 -25.56 -2.36
C VAL L 65 -42.26 -24.29 -1.93
N GLN L 66 -41.76 -23.65 -0.86
CA GLN L 66 -42.37 -22.47 -0.27
C GLN L 66 -41.49 -21.24 -0.47
N PHE L 67 -42.10 -20.12 -0.86
CA PHE L 67 -41.40 -18.85 -1.00
C PHE L 67 -42.14 -17.75 -0.26
N GLU L 68 -41.56 -16.54 -0.34
CA GLU L 68 -42.21 -15.32 0.08
C GLU L 68 -42.17 -14.36 -1.10
N ALA L 69 -43.30 -13.73 -1.38
CA ALA L 69 -43.38 -12.84 -2.53
C ALA L 69 -42.83 -11.44 -2.24
N ARG L 70 -42.29 -11.21 -1.05
CA ARG L 70 -41.72 -9.92 -0.70
C ARG L 70 -40.45 -9.62 -1.48
N SER M 8 21.70 18.90 -72.82
CA SER M 8 22.17 18.49 -74.13
C SER M 8 21.55 17.15 -74.51
N GLU M 9 21.78 16.72 -75.76
CA GLU M 9 21.29 15.45 -76.26
C GLU M 9 22.44 14.47 -76.40
N ILE M 10 22.18 13.22 -76.08
CA ILE M 10 23.20 12.16 -76.09
C ILE M 10 22.67 11.10 -77.03
N GLU M 11 23.07 11.17 -78.31
CA GLU M 11 22.40 10.45 -79.37
C GLU M 11 22.73 8.96 -79.33
N ILE M 12 21.70 8.14 -79.48
CA ILE M 12 21.82 6.69 -79.33
C ILE M 12 22.23 6.08 -80.66
N GLU M 13 23.42 5.49 -80.71
CA GLU M 13 23.91 4.87 -81.94
C GLU M 13 23.61 3.38 -81.99
N SER M 14 24.16 2.62 -81.05
CA SER M 14 24.12 1.16 -81.11
C SER M 14 23.47 0.58 -79.86
N VAL M 15 22.61 -0.41 -80.07
CA VAL M 15 21.94 -1.14 -79.00
C VAL M 15 22.39 -2.59 -79.11
N GLN M 16 23.20 -3.03 -78.14
CA GLN M 16 23.79 -4.35 -78.14
C GLN M 16 22.94 -5.30 -77.30
N ASP M 17 22.87 -6.56 -77.73
CA ASP M 17 22.16 -7.59 -76.98
C ASP M 17 23.07 -8.65 -76.38
N GLN M 18 24.36 -8.76 -76.84
CA GLN M 18 25.33 -9.76 -76.41
C GLN M 18 26.32 -9.16 -75.42
N PRO M 19 26.89 -9.97 -74.52
CA PRO M 19 27.91 -9.48 -73.59
C PRO M 19 29.18 -9.08 -74.31
N SER M 20 29.61 -7.85 -74.11
CA SER M 20 30.87 -7.39 -74.70
C SER M 20 31.79 -6.73 -73.69
N VAL M 21 31.25 -5.95 -72.75
CA VAL M 21 32.05 -5.13 -71.83
C VAL M 21 31.67 -5.46 -70.39
N ALA M 22 32.42 -6.36 -69.77
CA ALA M 22 32.13 -6.72 -68.39
C ALA M 22 32.67 -5.65 -67.44
N VAL M 23 32.12 -5.63 -66.22
CA VAL M 23 32.50 -4.68 -65.18
C VAL M 23 32.61 -5.44 -63.87
N GLY M 24 33.81 -5.47 -63.29
CA GLY M 24 34.00 -6.03 -61.97
C GLY M 24 33.92 -4.96 -60.89
N SER M 25 34.10 -5.42 -59.65
CA SER M 25 34.06 -4.52 -58.49
C SER M 25 34.82 -5.19 -57.35
N PHE M 26 35.98 -4.64 -56.98
CA PHE M 26 36.78 -5.21 -55.90
C PHE M 26 36.87 -4.27 -54.70
N PHE M 27 37.46 -3.09 -54.89
CA PHE M 27 37.55 -2.00 -53.91
C PHE M 27 38.07 -0.76 -54.63
N LYS M 28 38.38 0.27 -53.87
CA LYS M 28 38.90 1.51 -54.42
C LYS M 28 40.42 1.44 -54.44
N GLY M 29 41.00 1.44 -55.64
CA GLY M 29 42.44 1.36 -55.79
C GLY M 29 42.99 -0.01 -56.15
N PHE M 30 42.16 -0.92 -56.63
CA PHE M 30 42.62 -2.26 -56.98
C PHE M 30 43.40 -2.22 -58.27
N ARG M 31 44.71 -2.43 -58.18
CA ARG M 31 45.54 -2.58 -59.35
C ARG M 31 45.35 -3.97 -59.95
N ALA M 32 45.90 -4.17 -61.15
CA ALA M 32 45.67 -5.42 -61.83
C ALA M 32 46.98 -6.13 -62.16
N PRO M 33 47.06 -7.44 -61.94
CA PRO M 33 48.18 -8.22 -62.47
C PRO M 33 48.09 -8.34 -63.98
N SER M 34 49.20 -8.76 -64.58
CA SER M 34 49.30 -8.76 -66.04
C SER M 34 48.64 -9.99 -66.65
N ASP M 35 49.15 -11.19 -66.32
CA ASP M 35 48.76 -12.42 -66.99
C ASP M 35 47.54 -13.08 -66.34
N THR M 36 46.68 -12.31 -65.69
CA THR M 36 45.48 -12.87 -65.08
C THR M 36 44.48 -13.16 -66.18
N THR M 37 44.31 -14.44 -66.51
CA THR M 37 43.31 -14.85 -67.49
C THR M 37 41.92 -14.76 -66.87
N PHE M 38 40.96 -14.31 -67.67
CA PHE M 38 39.57 -14.17 -67.29
C PHE M 38 38.71 -14.95 -68.26
N ASP M 39 37.79 -15.75 -67.74
CA ASP M 39 36.82 -16.48 -68.55
C ASP M 39 35.44 -16.35 -67.93
N LEU M 40 34.47 -15.97 -68.74
CA LEU M 40 33.09 -15.78 -68.31
C LEU M 40 32.23 -16.93 -68.79
N TYR M 41 31.35 -17.40 -67.91
CA TYR M 41 30.46 -18.53 -68.14
C TYR M 41 29.03 -18.03 -68.00
N LYS M 42 28.21 -18.27 -69.02
CA LYS M 42 26.89 -17.67 -69.12
C LYS M 42 25.80 -18.74 -69.03
N LYS M 43 24.88 -18.57 -68.08
CA LYS M 43 23.65 -19.35 -68.03
C LYS M 43 22.52 -18.48 -68.58
N LYS M 44 21.85 -18.99 -69.61
CA LYS M 44 20.83 -18.22 -70.34
C LYS M 44 19.44 -18.71 -69.95
N LYS M 45 18.72 -17.88 -69.20
CA LYS M 45 17.29 -18.04 -68.99
C LYS M 45 16.59 -17.20 -70.06
N SER M 46 15.29 -16.90 -69.89
CA SER M 46 14.56 -16.12 -70.88
C SER M 46 15.12 -14.70 -71.02
N GLU M 47 15.23 -13.98 -69.91
CA GLU M 47 15.82 -12.64 -69.94
C GLU M 47 16.97 -12.54 -68.94
N LYS M 48 16.88 -13.27 -67.84
CA LYS M 48 17.94 -13.26 -66.84
C LYS M 48 19.14 -14.07 -67.35
N ASP M 49 20.32 -13.48 -67.26
CA ASP M 49 21.54 -14.12 -67.74
C ASP M 49 22.55 -14.12 -66.61
N GLU M 50 22.90 -15.30 -66.10
CA GLU M 50 23.86 -15.42 -65.01
C GLU M 50 25.28 -15.46 -65.57
N PHE M 51 26.13 -14.58 -65.06
CA PHE M 51 27.49 -14.40 -65.54
C PHE M 51 28.44 -14.78 -64.41
N VAL M 52 29.28 -15.79 -64.65
CA VAL M 52 30.23 -16.26 -63.65
C VAL M 52 31.63 -16.09 -64.22
N LEU M 53 32.43 -15.25 -63.56
CA LEU M 53 33.80 -14.97 -64.00
C LEU M 53 34.78 -15.78 -63.18
N HIS M 54 35.72 -16.42 -63.86
CA HIS M 54 36.83 -17.10 -63.19
C HIS M 54 38.12 -16.62 -63.82
N GLY M 55 39.05 -16.14 -62.98
CA GLY M 55 40.33 -15.72 -63.45
C GLY M 55 41.44 -16.34 -62.62
N GLU M 56 42.64 -16.34 -63.19
CA GLU M 56 43.80 -16.81 -62.44
C GLU M 56 45.08 -16.18 -62.95
N ASN M 57 46.05 -16.07 -62.04
CA ASN M 57 47.44 -15.79 -62.37
C ASN M 57 48.26 -16.86 -61.64
N GLU M 58 49.57 -16.61 -61.50
CA GLU M 58 50.48 -17.57 -60.89
C GLU M 58 50.13 -17.89 -59.44
N ARG M 59 49.61 -16.93 -58.66
CA ARG M 59 49.41 -17.20 -57.25
C ARG M 59 48.09 -16.69 -56.67
N LEU M 60 47.10 -16.32 -57.50
CA LEU M 60 45.80 -15.89 -56.98
C LEU M 60 44.71 -16.45 -57.87
N GLU M 61 43.50 -16.56 -57.32
CA GLU M 61 42.35 -17.14 -58.01
C GLU M 61 41.17 -16.21 -57.82
N TYR M 62 40.62 -15.70 -58.92
CA TYR M 62 39.68 -14.58 -58.90
C TYR M 62 38.29 -15.13 -59.20
N GLU M 63 37.41 -15.11 -58.19
CA GLU M 63 36.07 -15.59 -58.38
C GLU M 63 35.14 -14.43 -58.70
N GLY M 64 34.01 -14.74 -59.34
CA GLY M 64 32.96 -13.77 -59.51
C GLY M 64 31.67 -14.38 -59.99
N TYR M 65 30.54 -13.84 -59.51
CA TYR M 65 29.23 -14.30 -59.93
C TYR M 65 28.35 -13.08 -60.18
N THR M 66 27.05 -13.33 -60.39
CA THR M 66 26.03 -12.29 -60.40
C THR M 66 24.90 -12.70 -59.47
N ASP M 67 24.27 -11.71 -58.86
CA ASP M 67 23.19 -11.97 -57.93
C ASP M 67 21.92 -12.33 -58.69
N SER M 68 20.97 -12.93 -57.96
CA SER M 68 19.74 -13.43 -58.58
C SER M 68 18.77 -12.30 -58.90
N SER M 69 18.31 -11.58 -57.87
CA SER M 69 17.21 -10.64 -58.05
C SER M 69 17.68 -9.29 -58.56
N SER M 70 18.81 -8.79 -58.06
CA SER M 70 19.20 -7.41 -58.30
C SER M 70 19.74 -7.17 -59.71
N GLN M 71 20.37 -8.18 -60.32
CA GLN M 71 21.06 -7.95 -61.59
C GLN M 71 20.07 -7.83 -62.75
N ALA M 72 18.95 -8.55 -62.70
CA ALA M 72 17.94 -8.42 -63.74
C ALA M 72 17.18 -7.11 -63.66
N SER M 73 17.12 -6.50 -62.49
CA SER M 73 16.48 -5.20 -62.32
C SER M 73 17.40 -4.06 -62.72
N ASN M 74 18.69 -4.32 -62.86
CA ASN M 74 19.69 -3.29 -63.12
C ASN M 74 20.20 -3.48 -64.53
N GLN M 75 19.60 -2.75 -65.47
CA GLN M 75 20.02 -2.80 -66.86
C GLN M 75 21.08 -1.71 -67.08
N TYR M 76 22.28 -1.98 -66.56
CA TYR M 76 23.38 -1.05 -66.69
C TYR M 76 23.84 -0.95 -68.14
N VAL M 77 24.29 0.24 -68.52
CA VAL M 77 24.63 0.54 -69.90
C VAL M 77 25.95 1.29 -69.93
N VAL M 78 26.93 0.74 -70.65
CA VAL M 78 28.21 1.40 -70.86
C VAL M 78 28.09 2.38 -72.04
N GLY M 79 28.48 3.63 -71.81
CA GLY M 79 28.34 4.63 -72.84
C GLY M 79 29.60 5.40 -73.18
N LEU M 80 30.04 5.28 -74.44
CA LEU M 80 31.24 5.97 -74.94
C LEU M 80 30.80 7.20 -75.72
N PHE M 81 30.77 8.35 -75.05
CA PHE M 81 30.27 9.56 -75.68
C PHE M 81 31.31 10.18 -76.60
N ASN M 82 30.88 10.55 -77.81
CA ASN M 82 31.72 11.26 -78.75
C ASN M 82 31.54 12.76 -78.53
N PRO M 83 32.58 13.51 -78.17
CA PRO M 83 32.41 14.95 -77.92
C PRO M 83 32.27 15.77 -79.19
N GLU M 84 32.91 15.30 -80.27
CA GLU M 84 32.82 15.99 -81.56
C GLU M 84 31.40 15.89 -82.12
N LYS M 85 30.84 14.69 -82.09
CA LYS M 85 29.41 14.50 -82.34
C LYS M 85 28.65 14.77 -81.05
N LYS M 86 27.39 14.34 -81.00
CA LYS M 86 26.65 14.24 -79.76
C LYS M 86 26.12 12.83 -79.57
N SER M 87 26.85 11.84 -80.10
CA SER M 87 26.40 10.46 -80.14
C SER M 87 27.08 9.63 -79.05
N ILE M 88 26.55 8.42 -78.86
CA ILE M 88 27.06 7.51 -77.84
C ILE M 88 26.67 6.10 -78.26
N GLN M 89 27.48 5.12 -77.85
CA GLN M 89 27.09 3.73 -77.95
C GLN M 89 26.40 3.32 -76.66
N LEU M 90 25.39 2.46 -76.78
CA LEU M 90 24.71 1.92 -75.61
C LEU M 90 24.84 0.41 -75.63
N TYR M 91 25.95 -0.09 -75.11
CA TYR M 91 26.10 -1.51 -74.85
C TYR M 91 25.35 -1.88 -73.58
N LYS M 92 24.78 -3.09 -73.56
CA LYS M 92 24.38 -3.64 -72.28
C LYS M 92 25.61 -4.01 -71.48
N ALA M 93 25.51 -3.90 -70.16
CA ALA M 93 26.68 -4.06 -69.31
C ALA M 93 26.58 -5.31 -68.46
N PRO M 94 27.36 -6.33 -68.74
CA PRO M 94 27.53 -7.42 -67.77
C PRO M 94 28.33 -6.96 -66.57
N VAL M 95 27.67 -6.70 -65.45
CA VAL M 95 28.30 -6.17 -64.24
C VAL M 95 28.28 -7.26 -63.19
N LEU M 96 29.46 -7.62 -62.70
CA LEU M 96 29.62 -8.82 -61.91
C LEU M 96 30.19 -8.46 -60.55
N VAL M 97 29.94 -9.34 -59.59
CA VAL M 97 30.47 -9.23 -58.23
C VAL M 97 31.65 -10.19 -58.14
N SER M 98 32.86 -9.65 -58.07
CA SER M 98 34.07 -10.44 -58.15
C SER M 98 34.96 -10.14 -56.96
N LYS M 99 35.60 -11.18 -56.42
CA LYS M 99 36.55 -11.02 -55.33
C LYS M 99 37.76 -11.92 -55.60
N VAL M 100 38.73 -11.83 -54.71
CA VAL M 100 40.04 -12.47 -54.86
C VAL M 100 40.19 -13.53 -53.78
N VAL M 101 40.76 -14.67 -54.15
CA VAL M 101 41.08 -15.76 -53.23
C VAL M 101 42.56 -16.03 -53.37
N SER M 102 43.25 -16.19 -52.25
CA SER M 102 44.66 -16.57 -52.30
C SER M 102 44.78 -18.02 -52.70
N LYS M 103 45.76 -18.32 -53.56
CA LYS M 103 45.96 -19.69 -54.02
C LYS M 103 46.50 -20.57 -52.89
N SER M 104 47.25 -19.99 -51.95
CA SER M 104 47.70 -20.73 -50.78
C SER M 104 46.60 -20.87 -49.74
N SER M 105 45.56 -20.05 -49.80
CA SER M 105 44.50 -20.10 -48.80
C SER M 105 43.59 -21.29 -49.00
N LYS M 106 43.46 -21.77 -50.25
CA LYS M 106 42.57 -22.89 -50.52
C LYS M 106 43.11 -24.19 -49.93
N ASN M 107 44.42 -24.30 -49.81
CA ASN M 107 45.05 -25.46 -49.20
C ASN M 107 45.16 -25.36 -47.68
N LEU M 108 44.68 -24.24 -47.09
CA LEU M 108 44.75 -24.05 -45.65
C LEU M 108 43.58 -24.76 -44.99
N ARG M 109 43.86 -25.86 -44.31
CA ARG M 109 42.84 -26.63 -43.62
C ARG M 109 43.54 -27.54 -42.60
N GLY M 110 42.98 -27.59 -41.39
CA GLY M 110 43.46 -28.54 -40.40
C GLY M 110 42.81 -29.90 -40.57
N PRO M 111 42.89 -30.74 -39.55
CA PRO M 111 42.25 -32.06 -39.63
C PRO M 111 40.75 -31.95 -39.38
N LYS M 112 40.08 -33.11 -39.37
CA LYS M 112 38.63 -33.12 -39.23
C LYS M 112 38.21 -32.85 -37.79
N ILE M 113 38.60 -33.72 -36.86
CA ILE M 113 38.23 -33.60 -35.46
C ILE M 113 39.51 -33.59 -34.63
N LYS M 114 39.57 -32.71 -33.63
CA LYS M 114 40.66 -32.70 -32.65
C LYS M 114 40.11 -32.81 -31.23
N SER M 115 39.11 -33.66 -31.04
CA SER M 115 38.53 -33.84 -29.72
C SER M 115 39.38 -34.80 -28.88
N SER N 24 34.32 -28.02 -63.02
CA SER N 24 34.29 -27.60 -61.62
C SER N 24 33.33 -26.44 -61.41
N ILE N 25 32.35 -26.33 -62.30
CA ILE N 25 31.34 -25.28 -62.23
C ILE N 25 29.98 -25.93 -62.03
N PRO N 26 29.00 -25.19 -61.48
CA PRO N 26 27.64 -25.74 -61.37
C PRO N 26 26.90 -25.86 -62.70
N ASP N 27 25.60 -26.13 -62.62
CA ASP N 27 24.84 -26.61 -63.77
C ASP N 27 24.62 -25.52 -64.82
N GLY N 28 24.95 -25.85 -66.07
CA GLY N 28 24.50 -25.09 -67.22
C GLY N 28 25.13 -23.73 -67.45
N PHE N 29 26.45 -23.67 -67.54
CA PHE N 29 27.15 -22.42 -67.79
C PHE N 29 27.98 -22.56 -69.06
N LYS N 30 27.86 -21.58 -69.95
CA LYS N 30 28.42 -21.66 -71.29
C LYS N 30 29.25 -20.41 -71.57
N LYS N 31 30.46 -20.61 -72.08
CA LYS N 31 31.35 -19.49 -72.36
C LYS N 31 30.91 -18.74 -73.60
N CYS N 32 31.04 -17.42 -73.58
CA CYS N 32 30.90 -16.61 -74.79
C CYS N 32 32.01 -16.95 -75.77
N LYS N 33 31.65 -17.48 -76.94
CA LYS N 33 32.65 -17.87 -77.92
C LYS N 33 33.26 -16.65 -78.60
N HIS N 34 32.42 -15.71 -79.05
CA HIS N 34 32.90 -14.55 -79.78
C HIS N 34 32.36 -13.28 -79.14
N LEU N 35 33.13 -12.20 -79.26
CA LEU N 35 32.79 -10.91 -78.70
C LEU N 35 32.59 -9.90 -79.82
N LYS N 36 32.04 -8.74 -79.45
CA LYS N 36 31.69 -7.70 -80.41
C LYS N 36 32.77 -6.62 -80.45
N ASN N 37 32.49 -5.53 -81.14
CA ASN N 37 33.45 -4.47 -81.40
C ASN N 37 33.49 -3.50 -80.22
N PHE N 38 34.64 -2.82 -80.07
CA PHE N 38 34.81 -1.84 -79.00
C PHE N 38 35.74 -0.72 -79.45
N PRO N 39 35.24 0.51 -79.57
CA PRO N 39 36.10 1.61 -79.99
C PRO N 39 36.86 2.23 -78.84
N LEU N 40 38.01 2.83 -79.17
CA LEU N 40 38.85 3.50 -78.18
C LEU N 40 39.71 4.54 -78.88
N ASN N 41 39.82 5.72 -78.26
CA ASN N 41 40.63 6.80 -78.79
C ASN N 41 41.47 7.40 -77.68
N GLN N 50 39.02 13.79 -76.17
CA GLN N 50 39.14 12.45 -75.61
C GLN N 50 37.76 11.79 -75.54
N GLN N 51 37.73 10.54 -75.08
CA GLN N 51 36.48 9.80 -74.94
C GLN N 51 35.96 9.88 -73.51
N GLN N 52 34.64 9.80 -73.39
CA GLN N 52 33.96 9.96 -72.11
C GLN N 52 33.13 8.72 -71.84
N VAL N 53 33.26 8.18 -70.62
CA VAL N 53 32.65 6.90 -70.25
C VAL N 53 31.64 7.16 -69.14
N TRP N 54 30.39 6.74 -69.35
CA TRP N 54 29.31 6.96 -68.42
C TRP N 54 28.69 5.63 -68.00
N LEU N 55 27.92 5.67 -66.91
CA LEU N 55 27.20 4.48 -66.43
C LEU N 55 25.78 4.89 -66.08
N ILE N 56 24.80 4.22 -66.67
CA ILE N 56 23.39 4.56 -66.49
C ILE N 56 22.64 3.31 -66.06
N LYS N 57 21.83 3.44 -65.01
CA LYS N 57 20.89 2.40 -64.64
C LYS N 57 19.62 2.59 -65.46
N PHE N 58 18.96 1.47 -65.76
CA PHE N 58 17.65 1.51 -66.41
C PHE N 58 16.69 0.54 -65.72
N PRO N 59 15.40 0.83 -65.75
CA PRO N 59 14.43 -0.11 -65.18
C PRO N 59 14.36 -1.41 -65.98
N SER N 60 13.98 -2.48 -65.28
CA SER N 60 13.95 -3.80 -65.90
C SER N 60 12.83 -3.93 -66.91
N ASN N 61 11.66 -3.36 -66.62
CA ASN N 61 10.55 -3.41 -67.55
C ASN N 61 10.73 -2.49 -68.75
N VAL N 62 11.65 -1.54 -68.66
CA VAL N 62 11.86 -0.55 -69.72
C VAL N 62 12.95 -1.06 -70.66
N ASP N 63 12.64 -1.09 -71.95
CA ASP N 63 13.58 -1.46 -73.00
C ASP N 63 13.98 -0.20 -73.77
N ILE N 64 15.15 -0.25 -74.39
CA ILE N 64 15.69 0.88 -75.14
C ILE N 64 15.67 0.46 -76.61
N SER N 65 14.67 -0.35 -76.97
CA SER N 65 14.57 -0.87 -78.33
C SER N 65 14.31 0.24 -79.35
N LYS N 66 13.37 1.15 -79.05
CA LYS N 66 13.09 2.30 -79.92
C LYS N 66 13.07 3.56 -79.06
N LEU N 67 14.25 4.12 -78.80
CA LEU N 67 14.37 5.37 -78.05
C LEU N 67 15.49 6.20 -78.65
N LYS N 68 15.36 7.53 -78.52
CA LYS N 68 16.30 8.48 -79.10
C LYS N 68 16.95 9.39 -78.07
N SER N 69 16.17 9.98 -77.17
CA SER N 69 16.63 11.11 -76.38
C SER N 69 17.24 10.68 -75.05
N LEU N 70 18.18 11.48 -74.57
CA LEU N 70 18.81 11.27 -73.27
C LEU N 70 19.29 12.62 -72.77
N PRO N 71 18.43 13.37 -72.07
CA PRO N 71 18.80 14.71 -71.63
C PRO N 71 19.81 14.69 -70.47
N VAL N 72 20.40 15.86 -70.24
CA VAL N 72 21.36 16.04 -69.16
C VAL N 72 20.89 17.15 -68.23
N THR N 78 16.96 17.76 -64.49
CA THR N 78 17.44 16.43 -64.81
C THR N 78 16.31 15.43 -64.79
N THR N 79 15.48 15.45 -65.83
CA THR N 79 14.38 14.50 -65.95
C THR N 79 14.03 14.35 -67.43
N MET N 80 13.48 13.18 -67.76
CA MET N 80 13.14 12.86 -69.14
C MET N 80 11.81 12.13 -69.16
N THR N 81 11.32 11.87 -70.37
CA THR N 81 10.05 11.19 -70.59
C THR N 81 10.32 9.89 -71.32
N ILE N 82 10.61 8.85 -70.56
CA ILE N 82 10.59 7.49 -71.09
C ILE N 82 9.12 7.07 -71.16
N ASP N 83 8.83 6.03 -71.94
CA ASP N 83 7.51 5.76 -72.50
C ASP N 83 6.43 5.55 -71.46
N LYS N 84 5.47 6.48 -71.42
CA LYS N 84 4.14 6.42 -70.82
C LYS N 84 4.15 6.53 -69.30
N HIS N 85 5.29 6.77 -68.67
CA HIS N 85 5.36 6.94 -67.23
C HIS N 85 6.42 7.98 -66.88
N ASP N 86 6.38 8.43 -65.64
CA ASP N 86 7.30 9.46 -65.16
C ASP N 86 8.58 8.81 -64.65
N TYR N 87 9.72 9.31 -65.13
CA TYR N 87 11.01 8.80 -64.71
C TYR N 87 11.95 9.94 -64.33
N LYS N 88 13.22 9.62 -64.11
CA LYS N 88 14.11 10.55 -63.43
C LYS N 88 15.52 10.39 -63.99
N ILE N 89 16.29 11.48 -63.96
CA ILE N 89 17.70 11.48 -64.29
C ILE N 89 18.44 12.01 -63.07
N MET N 90 19.53 11.35 -62.70
CA MET N 90 20.39 11.87 -61.64
C MET N 90 21.84 11.80 -62.09
N ASP N 91 22.68 12.56 -61.40
CA ASP N 91 24.12 12.56 -61.60
C ASP N 91 24.73 12.21 -60.25
N ASP N 92 24.83 10.93 -59.96
CA ASP N 92 25.27 10.44 -58.66
C ASP N 92 26.67 9.85 -58.84
N THR N 93 27.67 10.73 -58.80
CA THR N 93 29.06 10.36 -59.01
C THR N 93 29.89 10.44 -57.75
N ASP N 94 29.81 11.56 -57.02
CA ASP N 94 30.59 11.81 -55.81
C ASP N 94 30.16 10.96 -54.61
N ILE N 95 29.11 10.14 -54.74
CA ILE N 95 28.87 9.09 -53.76
C ILE N 95 29.99 8.06 -53.81
N GLU N 96 30.31 7.56 -55.01
CA GLU N 96 31.38 6.59 -55.16
C GLU N 96 32.73 7.28 -55.25
N SER N 97 32.92 8.13 -56.26
CA SER N 97 34.19 8.81 -56.49
C SER N 97 33.92 10.30 -56.67
N SER N 98 34.49 11.12 -55.80
CA SER N 98 34.29 12.56 -55.87
C SER N 98 35.06 13.15 -57.04
N LEU N 99 34.69 14.38 -57.40
CA LEU N 99 35.33 15.10 -58.50
C LEU N 99 36.70 15.67 -58.12
N THR N 100 37.02 15.72 -56.84
CA THR N 100 38.24 16.37 -56.37
C THR N 100 39.42 15.43 -56.25
N GLN N 101 39.25 14.14 -56.56
CA GLN N 101 40.34 13.18 -56.42
C GLN N 101 40.10 12.02 -57.37
N ASP N 102 41.18 11.51 -57.96
CA ASP N 102 41.12 10.51 -59.01
C ASP N 102 41.36 9.12 -58.44
N ASN N 103 40.76 8.11 -59.12
CA ASN N 103 40.86 6.68 -58.80
C ASN N 103 40.33 6.38 -57.39
N LEU N 104 39.03 6.61 -57.22
CA LEU N 104 38.34 6.27 -55.99
C LEU N 104 37.00 5.61 -56.30
N SER N 105 36.96 4.76 -57.32
CA SER N 105 35.75 4.06 -57.73
C SER N 105 35.82 2.59 -57.35
N ASN N 106 34.67 2.03 -56.98
CA ASN N 106 34.63 0.62 -56.62
C ASN N 106 34.75 -0.28 -57.84
N MET N 107 34.31 0.20 -59.00
CA MET N 107 34.14 -0.63 -60.18
C MET N 107 35.41 -0.73 -60.99
N THR N 108 35.60 -1.88 -61.64
CA THR N 108 36.71 -2.13 -62.54
C THR N 108 36.17 -2.64 -63.87
N LEU N 109 36.55 -1.98 -64.96
CA LEU N 109 36.03 -2.30 -66.29
C LEU N 109 36.83 -3.41 -66.96
N LEU N 110 36.13 -4.32 -67.63
CA LEU N 110 36.71 -5.50 -68.27
C LEU N 110 36.40 -5.42 -69.76
N VAL N 111 37.30 -4.76 -70.52
CA VAL N 111 37.10 -4.50 -71.94
C VAL N 111 37.41 -5.78 -72.74
N PRO N 112 36.85 -5.96 -73.93
CA PRO N 112 37.22 -7.12 -74.74
C PRO N 112 38.64 -6.98 -75.29
N SER N 113 39.43 -8.04 -75.14
CA SER N 113 40.84 -8.01 -75.47
C SER N 113 41.04 -8.19 -76.98
N GLU N 114 42.30 -8.43 -77.37
CA GLU N 114 42.61 -8.63 -78.79
C GLU N 114 42.07 -9.98 -79.28
N SER N 115 42.11 -11.00 -78.43
CA SER N 115 41.70 -12.34 -78.83
C SER N 115 40.19 -12.50 -78.93
N LYS N 116 39.41 -11.51 -78.47
CA LYS N 116 37.94 -11.57 -78.36
C LYS N 116 37.47 -12.77 -77.55
N GLU N 117 38.27 -13.18 -76.57
CA GLU N 117 38.03 -14.31 -75.68
C GLU N 117 38.20 -13.94 -74.22
N SER N 118 39.17 -13.09 -73.90
CA SER N 118 39.45 -12.67 -72.54
C SER N 118 39.02 -11.23 -72.34
N LEU N 119 38.82 -10.86 -71.07
CA LEU N 119 38.30 -9.55 -70.68
C LEU N 119 39.29 -8.92 -69.71
N LYS N 120 40.23 -8.15 -70.25
CA LYS N 120 41.24 -7.50 -69.43
C LYS N 120 40.82 -6.08 -69.07
N ILE N 121 41.64 -5.42 -68.27
CA ILE N 121 41.43 -4.05 -67.84
C ILE N 121 42.43 -3.16 -68.57
N ALA N 122 41.97 -2.05 -69.13
CA ALA N 122 42.78 -1.19 -69.97
C ALA N 122 43.16 0.09 -69.25
N SER N 123 43.90 0.94 -69.99
CA SER N 123 44.38 2.22 -69.49
C SER N 123 44.29 3.27 -70.59
N THR N 124 44.96 4.42 -70.40
CA THR N 124 44.96 5.45 -71.43
C THR N 124 46.37 5.89 -71.81
N ALA N 125 47.34 5.80 -70.89
CA ALA N 125 48.70 6.22 -71.17
C ALA N 125 49.72 5.29 -70.51
N LYS N 126 49.37 4.01 -70.37
CA LYS N 126 50.16 2.97 -69.69
C LYS N 126 50.45 3.39 -68.24
N ASP N 127 49.36 3.49 -67.48
CA ASP N 127 49.45 3.76 -66.05
C ASP N 127 48.90 2.63 -65.20
N ASN N 128 48.06 1.76 -65.78
CA ASN N 128 47.52 0.53 -65.17
C ASN N 128 46.65 0.81 -63.94
N ALA N 129 46.15 2.02 -63.80
CA ALA N 129 45.11 2.30 -62.83
C ALA N 129 43.80 1.67 -63.30
N PRO N 130 42.93 1.29 -62.37
CA PRO N 130 41.61 0.78 -62.79
C PRO N 130 40.78 1.89 -63.42
N LEU N 131 40.27 1.61 -64.61
CA LEU N 131 39.52 2.61 -65.37
C LEU N 131 38.16 2.84 -64.73
N GLN N 132 37.93 4.06 -64.29
CA GLN N 132 36.72 4.44 -63.57
C GLN N 132 35.70 5.01 -64.56
N PHE N 133 34.59 5.53 -64.04
CA PHE N 133 33.53 6.11 -64.85
C PHE N 133 33.44 7.60 -64.57
N ASP N 134 33.15 8.38 -65.61
CA ASP N 134 33.19 9.83 -65.49
C ASP N 134 31.93 10.35 -64.81
N LYS N 135 30.78 10.12 -65.41
CA LYS N 135 29.50 10.63 -64.91
C LYS N 135 28.55 9.45 -64.74
N VAL N 136 28.52 8.90 -63.53
CA VAL N 136 27.61 7.80 -63.20
C VAL N 136 26.19 8.36 -63.06
N PHE N 137 25.29 7.90 -63.91
CA PHE N 137 23.90 8.34 -63.90
C PHE N 137 23.03 7.37 -63.11
N SER N 138 21.72 7.58 -63.18
CA SER N 138 20.71 6.68 -62.65
C SER N 138 19.39 7.02 -63.31
N VAL N 139 18.44 6.08 -63.25
CA VAL N 139 17.06 6.33 -63.66
C VAL N 139 16.14 5.79 -62.57
N SER N 140 15.31 6.66 -62.02
CA SER N 140 14.37 6.32 -60.97
C SER N 140 12.96 6.38 -61.53
N GLU N 141 12.15 5.37 -61.25
CA GLU N 141 10.72 5.51 -61.50
C GLU N 141 10.14 6.45 -60.45
N THR N 142 9.17 7.26 -60.87
CA THR N 142 8.43 8.08 -59.92
C THR N 142 7.01 8.27 -60.43
N ALA N 143 6.13 8.66 -59.53
CA ALA N 143 4.76 9.03 -59.86
C ALA N 143 4.58 10.50 -59.50
N LYS N 144 3.35 10.98 -59.59
CA LYS N 144 3.00 12.33 -59.17
C LYS N 144 1.95 12.24 -58.09
N ILE N 145 2.27 12.73 -56.91
CA ILE N 145 1.30 12.80 -55.82
C ILE N 145 0.30 13.91 -56.16
N PRO N 146 -0.95 13.80 -55.74
CA PRO N 146 -1.89 14.89 -55.96
C PRO N 146 -1.89 15.89 -54.83
N ALA N 147 -2.31 17.10 -55.15
CA ALA N 147 -2.48 18.11 -54.11
C ALA N 147 -3.75 17.81 -53.32
N ILE N 148 -3.66 18.04 -52.00
CA ILE N 148 -4.78 17.81 -51.10
C ILE N 148 -5.80 18.92 -51.32
N ASP N 149 -6.87 18.64 -52.05
CA ASP N 149 -7.85 19.68 -52.37
C ASP N 149 -8.75 19.85 -51.16
N TYR N 150 -8.54 20.94 -50.42
CA TYR N 150 -9.20 21.12 -49.13
C TYR N 150 -10.67 21.48 -49.27
N SER N 151 -11.10 21.96 -50.44
CA SER N 151 -12.52 22.19 -50.68
C SER N 151 -13.30 20.89 -50.76
N LYS N 152 -12.62 19.77 -50.99
CA LYS N 152 -13.24 18.46 -50.91
C LYS N 152 -13.13 17.82 -49.53
N VAL N 153 -12.07 18.12 -48.78
CA VAL N 153 -11.73 17.30 -47.63
C VAL N 153 -11.84 18.06 -46.31
N ARG N 154 -11.62 19.39 -46.32
CA ARG N 154 -11.77 20.15 -45.10
C ARG N 154 -13.25 20.46 -44.88
N VAL N 155 -13.80 19.93 -43.81
CA VAL N 155 -15.24 19.93 -43.56
C VAL N 155 -15.51 20.82 -42.36
N PRO N 156 -16.47 21.75 -42.43
CA PRO N 156 -16.86 22.51 -41.24
C PRO N 156 -17.64 21.66 -40.26
N ARG N 157 -17.87 22.23 -39.08
CA ARG N 157 -18.45 21.50 -37.94
C ARG N 157 -19.93 21.23 -38.19
N LYS N 158 -20.28 19.96 -38.37
CA LYS N 158 -21.67 19.55 -38.42
C LYS N 158 -22.20 19.51 -36.99
N ASP N 159 -23.02 20.49 -36.63
CA ASP N 159 -23.55 20.58 -35.28
C ASP N 159 -24.54 19.45 -35.00
N VAL N 160 -24.71 19.14 -33.71
CA VAL N 160 -25.53 18.01 -33.27
C VAL N 160 -26.99 18.29 -33.62
N PRO N 161 -27.62 17.44 -34.43
CA PRO N 161 -28.88 17.81 -35.06
C PRO N 161 -30.05 17.81 -34.08
N LYS N 162 -31.05 18.60 -34.43
CA LYS N 162 -32.21 18.83 -33.58
C LYS N 162 -33.18 17.65 -33.68
N VAL N 163 -34.33 17.80 -33.02
CA VAL N 163 -35.40 16.82 -33.10
C VAL N 163 -36.62 17.56 -33.65
N GLU N 164 -37.13 17.09 -34.78
CA GLU N 164 -38.26 17.73 -35.43
C GLU N 164 -39.52 16.95 -35.07
N GLY N 165 -40.41 17.59 -34.30
CA GLY N 165 -41.57 16.92 -33.77
C GLY N 165 -41.64 17.02 -32.26
N LEU N 166 -40.97 18.04 -31.71
CA LEU N 166 -40.94 18.25 -30.27
C LEU N 166 -42.18 19.03 -29.85
N LYS N 167 -43.07 18.38 -29.10
CA LYS N 167 -44.25 19.03 -28.55
C LYS N 167 -44.17 19.05 -27.03
N LEU N 168 -45.08 19.81 -26.44
CA LEU N 168 -45.15 19.94 -24.98
C LEU N 168 -45.59 18.63 -24.37
N GLU N 169 -44.67 17.92 -23.74
CA GLU N 169 -44.98 16.56 -23.28
C GLU N 169 -45.74 16.58 -21.97
N HIS N 170 -45.13 17.10 -20.91
CA HIS N 170 -45.79 17.08 -19.61
C HIS N 170 -46.53 18.39 -19.36
N PHE N 171 -47.65 18.26 -18.65
CA PHE N 171 -48.57 19.35 -18.37
C PHE N 171 -48.70 19.51 -16.86
N ALA N 172 -49.64 20.35 -16.44
CA ALA N 172 -50.01 20.41 -15.04
C ALA N 172 -50.73 19.14 -14.63
N THR N 173 -50.82 18.92 -13.32
CA THR N 173 -51.34 17.66 -12.79
C THR N 173 -52.85 17.58 -13.02
N GLY N 174 -53.25 16.79 -14.02
CA GLY N 174 -54.63 16.51 -14.32
C GLY N 174 -55.15 17.17 -15.58
N TYR N 175 -54.57 18.30 -15.97
CA TYR N 175 -55.06 19.04 -17.12
C TYR N 175 -54.43 18.47 -18.38
N ASP N 176 -55.22 17.71 -19.13
CA ASP N 176 -54.73 16.90 -20.24
C ASP N 176 -54.50 17.74 -21.50
N ALA N 177 -54.30 17.06 -22.63
CA ALA N 177 -54.05 17.75 -23.89
C ALA N 177 -55.29 18.39 -24.47
N GLU N 178 -56.48 18.01 -24.00
CA GLU N 178 -57.71 18.65 -24.46
C GLU N 178 -57.82 20.07 -23.94
N ASP N 179 -57.38 20.32 -22.70
CA ASP N 179 -57.40 21.67 -22.16
C ASP N 179 -56.33 22.54 -22.80
N PHE N 180 -55.09 22.10 -22.75
CA PHE N 180 -54.00 22.81 -23.39
C PHE N 180 -54.00 22.57 -24.89
P TTD P 18 14.95 -7.59 5.98
OP1 TTD P 18 14.18 -7.12 7.18
OP2 TTD P 18 15.27 -9.05 6.15
O5' TTD P 18 14.12 -7.32 4.58
C5' TTD P 18 14.05 -6.07 3.93
C4R TTD P 18 13.29 -5.02 4.71
O4' TTD P 18 13.49 -3.71 4.18
C3R TTD P 18 11.82 -5.23 4.53
O3R TTD P 18 11.20 -4.67 5.75
C2' TTD P 18 11.54 -4.51 3.37
C1' TTD P 18 12.56 -3.52 3.07
N1 TTD P 18 13.14 -3.76 1.73
C2 TTD P 18 14.62 -3.65 1.48
O2 TTD P 18 15.43 -3.33 2.29
N3 TTD P 18 15.21 -3.93 0.14
C4 TTD P 18 14.35 -4.36 -0.94
O4 TTD P 18 14.78 -4.57 -2.02
C5 TTD P 18 12.87 -4.45 -0.68
C5A TTD P 18 12.29 -5.72 -1.31
C6 TTD P 18 12.23 -4.20 0.60
PB TTD P 18 9.57 -4.36 5.89
O5P TTD P 18 8.82 -5.28 4.97
O4P TTD P 18 8.96 -4.55 7.27
O5R TTD P 18 9.53 -2.83 5.27
C5R TTD P 18 8.23 -2.56 4.84
O4R TTD P 18 9.60 -1.96 2.85
C2R TTD P 18 8.64 -3.49 1.37
C1R TTD P 18 9.47 -2.20 1.45
N1T TTD P 18 10.61 -2.12 0.62
C2T TTD P 18 11.30 -0.81 0.52
O2T TTD P 18 10.91 0.10 1.16
N3T TTD P 18 12.47 -0.64 -0.38
C4T TTD P 18 12.97 -1.77 -1.16
O4T TTD P 18 13.89 -1.55 -1.87
C5T TTD P 18 12.20 -3.08 -1.15
C5M TTD P 18 11.56 -3.22 -2.53
C6T TTD P 18 11.14 -3.27 -0.15
C4' TTD P 18 8.27 -2.25 3.33
C3' TTD P 18 7.75 -3.38 2.59
O3' TTD P 18 6.40 -3.14 2.23
ZN ZN R . 4.89 -36.58 26.34
ZN ZN S . 54.06 -20.55 20.56
MG MG T . -12.17 4.16 1.53
ZN ZN U . 15.24 -28.46 36.54
ZN ZN V . 48.76 -9.71 -49.93
ZN ZN W . -43.27 5.67 -13.53
ZN ZN X . -28.82 -39.07 -25.69
#